data_2KBM
#
_entry.id   2KBM
#
loop_
_entity.id
_entity.type
_entity.pdbx_description
1 polymer 'F-actin-capping protein subunit alpha-2'
2 polymer 'Protein S100-A1'
3 non-polymer 'CALCIUM ION'
#
loop_
_entity_poly.entity_id
_entity_poly.type
_entity_poly.pdbx_seq_one_letter_code
_entity_poly.pdbx_strand_id
1 'polypeptide(L)' TRTKIDWNKILS X,Y
2 'polypeptide(L)'
;GSELETAMETLINVFHAHSGKEGDKYKLSKKELKDLLQTELSSFLDVQKDADAVDKIMKELDENGDGEVDFQEFVVLVAA
LTVACNNFFWENS
;
A,B
#
# COMPACT_ATOMS: atom_id res chain seq x y z
N THR A 1 -12.56 17.01 -27.73
CA THR A 1 -12.82 15.96 -26.71
C THR A 1 -11.69 15.98 -25.67
N ARG A 2 -11.98 15.55 -24.46
CA ARG A 2 -10.93 15.53 -23.40
C ARG A 2 -11.21 14.40 -22.42
N THR A 3 -10.25 14.02 -21.64
CA THR A 3 -10.45 12.91 -20.67
C THR A 3 -10.95 13.47 -19.33
N LYS A 4 -12.16 13.14 -18.98
CA LYS A 4 -12.75 13.64 -17.71
C LYS A 4 -11.90 13.18 -16.51
N ILE A 5 -11.44 11.94 -16.53
CA ILE A 5 -10.58 11.43 -15.40
C ILE A 5 -9.37 10.69 -15.99
N ASP A 6 -8.19 11.25 -15.82
CA ASP A 6 -6.93 10.62 -16.34
C ASP A 6 -5.93 10.60 -15.19
N TRP A 7 -6.43 10.72 -14.00
CA TRP A 7 -5.57 10.75 -12.79
C TRP A 7 -4.74 9.45 -12.67
N ASN A 8 -5.34 8.31 -12.78
CA ASN A 8 -4.54 7.05 -12.64
C ASN A 8 -3.31 7.15 -13.56
N LYS A 9 -3.43 7.84 -14.66
CA LYS A 9 -2.25 7.98 -15.55
C LYS A 9 -1.19 8.73 -14.75
N ILE A 10 -1.61 9.53 -13.80
CA ILE A 10 -0.64 10.28 -12.96
C ILE A 10 0.42 9.30 -12.48
N LEU A 11 0.01 8.13 -12.12
CA LEU A 11 1.00 7.12 -11.63
C LEU A 11 1.88 6.67 -12.80
N SER A 12 1.29 6.49 -13.96
CA SER A 12 2.09 6.04 -15.14
C SER A 12 2.66 7.27 -15.86
N THR B 1 18.41 -14.79 18.50
CA THR B 1 17.64 -13.93 17.56
C THR B 1 16.17 -14.31 17.60
N ARG B 2 15.87 -15.48 18.11
CA ARG B 2 14.44 -15.91 18.21
C ARG B 2 13.69 -14.92 19.10
N THR B 3 14.34 -14.49 20.15
CA THR B 3 13.68 -13.52 21.09
C THR B 3 13.34 -12.23 20.34
N LYS B 4 13.82 -12.09 19.14
CA LYS B 4 13.53 -10.84 18.36
C LYS B 4 13.17 -11.21 16.91
N ILE B 5 12.49 -10.33 16.22
CA ILE B 5 12.06 -10.63 14.82
C ILE B 5 12.81 -9.72 13.82
N ASP B 6 13.41 -10.32 12.82
CA ASP B 6 14.19 -9.55 11.79
C ASP B 6 13.45 -9.62 10.46
N TRP B 7 12.18 -9.90 10.49
CA TRP B 7 11.38 -10.01 9.25
C TRP B 7 11.39 -8.68 8.47
N ASN B 8 11.12 -7.57 9.10
CA ASN B 8 11.13 -6.29 8.32
C ASN B 8 12.44 -6.19 7.54
N LYS B 9 13.49 -6.72 8.10
CA LYS B 9 14.79 -6.68 7.42
C LYS B 9 14.60 -7.41 6.09
N ILE B 10 13.64 -8.29 6.04
CA ILE B 10 13.34 -9.00 4.78
C ILE B 10 13.14 -7.95 3.70
N LEU B 11 12.57 -6.85 4.09
CA LEU B 11 12.32 -5.75 3.13
C LEU B 11 13.67 -5.21 2.65
N SER B 12 14.60 -5.09 3.55
CA SER B 12 15.95 -4.57 3.17
C SER B 12 16.88 -5.75 2.85
N GLY C 1 -9.62 -5.89 15.27
CA GLY C 1 -8.44 -5.30 14.52
C GLY C 1 -8.15 -3.84 14.64
N SER C 2 -6.89 -3.47 14.66
CA SER C 2 -6.54 -2.03 14.78
C SER C 2 -6.76 -1.33 13.43
N GLU C 3 -6.91 -0.03 13.44
CA GLU C 3 -7.17 0.69 12.16
C GLU C 3 -6.20 0.22 11.07
N LEU C 4 -4.93 0.19 11.36
CA LEU C 4 -3.96 -0.24 10.31
C LEU C 4 -4.13 -1.74 10.01
N GLU C 5 -4.24 -2.55 11.02
CA GLU C 5 -4.41 -4.00 10.76
C GLU C 5 -5.67 -4.22 9.94
N THR C 6 -6.70 -3.49 10.24
CA THR C 6 -7.98 -3.63 9.48
C THR C 6 -7.71 -3.58 7.98
N ALA C 7 -6.98 -2.59 7.56
CA ALA C 7 -6.64 -2.39 6.12
C ALA C 7 -5.71 -3.48 5.55
N MET C 8 -4.88 -4.06 6.36
CA MET C 8 -3.95 -5.08 5.80
C MET C 8 -4.71 -6.33 5.38
N GLU C 9 -5.54 -6.82 6.24
CA GLU C 9 -6.29 -8.04 5.95
C GLU C 9 -7.32 -7.79 4.85
N THR C 10 -7.82 -6.59 4.73
CA THR C 10 -8.85 -6.33 3.68
C THR C 10 -8.24 -6.56 2.28
N LEU C 11 -7.19 -5.88 1.92
CA LEU C 11 -6.60 -6.09 0.55
C LEU C 11 -6.28 -7.57 0.34
N ILE C 12 -5.77 -8.23 1.32
CA ILE C 12 -5.40 -9.66 1.14
C ILE C 12 -6.63 -10.56 0.86
N ASN C 13 -7.76 -10.36 1.50
CA ASN C 13 -8.92 -11.26 1.24
C ASN C 13 -9.68 -10.88 -0.06
N VAL C 14 -9.89 -9.61 -0.31
CA VAL C 14 -10.63 -9.22 -1.55
C VAL C 14 -9.85 -9.72 -2.76
N PHE C 15 -8.56 -9.59 -2.72
CA PHE C 15 -7.72 -10.06 -3.84
C PHE C 15 -7.93 -11.58 -4.01
N HIS C 16 -8.04 -12.31 -2.95
CA HIS C 16 -8.26 -13.78 -3.05
C HIS C 16 -9.56 -14.06 -3.83
N ALA C 17 -10.59 -13.29 -3.58
CA ALA C 17 -11.91 -13.51 -4.25
C ALA C 17 -11.79 -13.55 -5.79
N HIS C 18 -11.23 -12.54 -6.40
CA HIS C 18 -11.14 -12.52 -7.90
C HIS C 18 -9.99 -13.40 -8.41
N SER C 19 -8.88 -13.34 -7.76
CA SER C 19 -7.65 -14.10 -8.16
C SER C 19 -7.81 -15.62 -8.08
N GLY C 20 -8.58 -16.15 -7.16
CA GLY C 20 -8.65 -17.64 -7.02
C GLY C 20 -9.90 -18.22 -7.70
N LYS C 21 -10.65 -17.45 -8.45
CA LYS C 21 -11.87 -18.01 -9.11
C LYS C 21 -11.74 -17.87 -10.63
N GLU C 22 -11.60 -16.67 -11.12
CA GLU C 22 -11.50 -16.45 -12.58
C GLU C 22 -10.04 -16.50 -13.06
N GLY C 23 -9.14 -17.03 -12.28
CA GLY C 23 -7.72 -17.06 -12.75
C GLY C 23 -6.85 -18.02 -11.94
N ASP C 24 -5.56 -17.82 -12.04
CA ASP C 24 -4.59 -18.69 -11.33
C ASP C 24 -4.82 -18.62 -9.81
N LYS C 25 -4.65 -19.71 -9.14
CA LYS C 25 -4.90 -19.74 -7.67
C LYS C 25 -4.15 -18.61 -6.95
N TYR C 26 -2.86 -18.46 -7.18
CA TYR C 26 -2.09 -17.39 -6.45
C TYR C 26 -1.59 -16.29 -7.40
N LYS C 27 -2.14 -16.17 -8.58
CA LYS C 27 -1.67 -15.09 -9.52
C LYS C 27 -2.87 -14.44 -10.21
N LEU C 28 -2.72 -13.17 -10.46
CA LEU C 28 -3.81 -12.37 -11.09
C LEU C 28 -3.60 -12.36 -12.61
N SER C 29 -4.59 -11.95 -13.36
CA SER C 29 -4.48 -11.91 -14.85
C SER C 29 -4.98 -10.55 -15.37
N LYS C 30 -4.67 -10.21 -16.59
CA LYS C 30 -5.14 -8.89 -17.15
C LYS C 30 -6.64 -8.68 -16.86
N LYS C 31 -7.45 -9.69 -16.99
CA LYS C 31 -8.91 -9.48 -16.73
C LYS C 31 -9.20 -9.48 -15.23
N GLU C 32 -8.48 -10.22 -14.45
CA GLU C 32 -8.78 -10.22 -13.00
C GLU C 32 -8.41 -8.88 -12.36
N LEU C 33 -7.31 -8.27 -12.75
CA LEU C 33 -6.97 -6.94 -12.13
C LEU C 33 -8.05 -5.92 -12.46
N LYS C 34 -8.47 -5.88 -13.69
CA LYS C 34 -9.52 -4.88 -14.07
C LYS C 34 -10.81 -5.10 -13.27
N ASP C 35 -11.17 -6.32 -13.03
CA ASP C 35 -12.44 -6.62 -12.30
C ASP C 35 -12.33 -6.28 -10.80
N LEU C 36 -11.23 -6.61 -10.21
CA LEU C 36 -11.02 -6.35 -8.76
C LEU C 36 -11.04 -4.85 -8.47
N LEU C 37 -10.29 -4.09 -9.21
CA LEU C 37 -10.22 -2.62 -8.97
C LEU C 37 -11.52 -1.90 -9.36
N GLN C 38 -12.10 -2.25 -10.48
CA GLN C 38 -13.32 -1.54 -10.95
C GLN C 38 -14.55 -1.81 -10.07
N THR C 39 -14.72 -3.04 -9.68
CA THR C 39 -15.94 -3.41 -8.91
C THR C 39 -16.15 -2.48 -7.73
N GLU C 40 -15.13 -2.24 -6.95
CA GLU C 40 -15.32 -1.37 -5.74
C GLU C 40 -14.82 0.06 -6.00
N LEU C 41 -13.95 0.25 -6.95
CA LEU C 41 -13.45 1.63 -7.25
C LEU C 41 -13.80 1.96 -8.70
N SER C 42 -14.88 1.42 -9.18
CA SER C 42 -15.32 1.70 -10.58
C SER C 42 -15.32 3.19 -10.83
N SER C 43 -16.11 3.91 -10.10
CA SER C 43 -16.23 5.38 -10.30
C SER C 43 -14.96 6.13 -9.86
N PHE C 44 -14.13 5.56 -9.02
CA PHE C 44 -12.92 6.34 -8.59
C PHE C 44 -11.76 6.10 -9.58
N LEU C 45 -10.82 5.28 -9.14
CA LEU C 45 -9.63 4.83 -9.99
C LEU C 45 -9.89 5.13 -11.49
N ASP C 46 -8.95 5.33 -12.37
CA ASP C 46 -9.35 5.46 -13.83
C ASP C 46 -9.28 4.07 -14.51
N VAL C 47 -10.38 3.37 -14.68
CA VAL C 47 -10.34 2.03 -15.36
C VAL C 47 -11.39 2.02 -16.48
N GLN C 48 -12.61 1.81 -16.11
CA GLN C 48 -13.73 1.73 -17.10
C GLN C 48 -13.89 3.03 -17.88
N LYS C 49 -13.75 4.16 -17.23
CA LYS C 49 -13.90 5.46 -17.96
C LYS C 49 -12.74 5.56 -18.95
N ASP C 50 -11.73 4.78 -18.73
CA ASP C 50 -10.57 4.79 -19.66
C ASP C 50 -10.00 3.37 -19.72
N ALA C 51 -10.50 2.55 -20.61
CA ALA C 51 -9.96 1.17 -20.71
C ALA C 51 -8.46 1.31 -20.94
N ASP C 52 -8.08 2.34 -21.62
CA ASP C 52 -6.64 2.60 -21.85
C ASP C 52 -5.96 2.76 -20.49
N ALA C 53 -6.62 3.43 -19.58
CA ALA C 53 -5.97 3.67 -18.25
C ALA C 53 -5.60 2.34 -17.59
N VAL C 54 -6.43 1.34 -17.68
CA VAL C 54 -6.07 0.03 -17.05
C VAL C 54 -4.76 -0.47 -17.70
N ASP C 55 -4.65 -0.30 -18.99
CA ASP C 55 -3.44 -0.79 -19.72
C ASP C 55 -2.18 -0.07 -19.24
N LYS C 56 -2.25 1.21 -18.98
CA LYS C 56 -1.03 1.93 -18.52
C LYS C 56 -0.60 1.34 -17.18
N ILE C 57 -1.53 1.02 -16.34
CA ILE C 57 -1.20 0.43 -15.02
C ILE C 57 -0.52 -0.94 -15.21
N MET C 58 -1.05 -1.79 -16.05
CA MET C 58 -0.43 -3.13 -16.25
C MET C 58 1.00 -2.96 -16.74
N LYS C 59 1.22 -2.03 -17.59
CA LYS C 59 2.60 -1.83 -18.09
C LYS C 59 3.49 -1.52 -16.89
N GLU C 60 3.04 -0.63 -16.07
CA GLU C 60 3.81 -0.27 -14.87
C GLU C 60 3.95 -1.49 -13.96
N LEU C 61 2.97 -2.35 -13.96
CA LEU C 61 3.02 -3.56 -13.08
C LEU C 61 3.60 -4.75 -13.83
N ASP C 62 3.64 -4.69 -15.13
CA ASP C 62 4.19 -5.84 -15.89
C ASP C 62 5.70 -5.76 -15.79
N GLU C 63 6.20 -5.48 -14.62
CA GLU C 63 7.66 -5.36 -14.45
C GLU C 63 8.31 -6.68 -14.84
N ASN C 64 7.71 -7.76 -14.44
CA ASN C 64 8.28 -9.08 -14.81
C ASN C 64 7.97 -9.30 -16.28
N GLY C 65 7.00 -8.58 -16.80
CA GLY C 65 6.61 -8.76 -18.22
C GLY C 65 5.89 -10.10 -18.34
N ASP C 66 5.17 -10.48 -17.31
CA ASP C 66 4.48 -11.82 -17.34
C ASP C 66 3.03 -11.71 -17.86
N GLY C 67 2.52 -10.52 -18.05
CA GLY C 67 1.11 -10.37 -18.55
C GLY C 67 0.12 -10.71 -17.42
N GLU C 68 0.62 -10.83 -16.21
CA GLU C 68 -0.25 -11.15 -15.04
C GLU C 68 0.14 -10.17 -13.92
N VAL C 69 -0.57 -10.15 -12.81
CA VAL C 69 -0.19 -9.20 -11.72
C VAL C 69 -0.09 -9.99 -10.41
N ASP C 70 1.02 -9.87 -9.74
CA ASP C 70 1.20 -10.61 -8.45
C ASP C 70 0.77 -9.71 -7.29
N PHE C 71 0.39 -10.30 -6.19
CA PHE C 71 -0.07 -9.50 -5.02
C PHE C 71 0.99 -8.46 -4.67
N GLN C 72 2.22 -8.67 -5.06
CA GLN C 72 3.29 -7.69 -4.78
C GLN C 72 3.16 -6.53 -5.78
N GLU C 73 2.56 -6.81 -6.90
CA GLU C 73 2.36 -5.77 -7.93
C GLU C 73 1.08 -5.00 -7.61
N PHE C 74 0.01 -5.71 -7.36
CA PHE C 74 -1.30 -5.06 -7.06
C PHE C 74 -1.21 -4.18 -5.81
N VAL C 75 -0.67 -4.70 -4.75
CA VAL C 75 -0.56 -3.89 -3.49
C VAL C 75 0.27 -2.65 -3.75
N VAL C 76 1.31 -2.75 -4.53
CA VAL C 76 2.10 -1.53 -4.85
C VAL C 76 1.20 -0.50 -5.55
N LEU C 77 0.33 -0.96 -6.42
CA LEU C 77 -0.57 -0.05 -7.21
C LEU C 77 -1.56 0.73 -6.32
N VAL C 78 -2.35 0.06 -5.54
CA VAL C 78 -3.35 0.76 -4.67
C VAL C 78 -2.63 1.70 -3.71
N ALA C 79 -1.49 1.30 -3.25
CA ALA C 79 -0.69 2.15 -2.31
C ALA C 79 -0.22 3.45 -3.00
N ALA C 80 0.19 3.36 -4.23
CA ALA C 80 0.73 4.55 -4.94
C ALA C 80 -0.36 5.52 -5.46
N LEU C 81 -1.58 5.08 -5.69
CA LEU C 81 -2.59 6.07 -6.20
C LEU C 81 -3.18 6.86 -5.01
N THR C 82 -3.52 6.19 -3.95
CA THR C 82 -4.07 6.88 -2.74
C THR C 82 -3.13 8.00 -2.30
N VAL C 83 -1.85 7.75 -2.24
CA VAL C 83 -0.90 8.84 -1.86
C VAL C 83 -1.07 10.02 -2.81
N ALA C 84 -1.25 9.74 -4.08
CA ALA C 84 -1.44 10.84 -5.06
C ALA C 84 -2.73 11.59 -4.74
N CYS C 85 -3.67 10.93 -4.11
CA CYS C 85 -4.95 11.62 -3.79
C CYS C 85 -4.73 12.65 -2.68
N ASN C 86 -3.97 12.30 -1.68
CA ASN C 86 -3.72 13.25 -0.56
C ASN C 86 -3.02 14.52 -1.08
N ASN C 87 -2.06 14.35 -1.95
CA ASN C 87 -1.31 15.54 -2.50
C ASN C 87 -2.24 16.40 -3.36
N PHE C 88 -3.08 15.80 -4.14
CA PHE C 88 -3.99 16.59 -5.02
C PHE C 88 -5.18 17.11 -4.21
N PHE C 89 -5.36 16.62 -3.01
CA PHE C 89 -6.48 17.10 -2.17
C PHE C 89 -6.11 18.44 -1.56
N TRP C 90 -4.84 18.66 -1.32
CA TRP C 90 -4.40 19.94 -0.71
C TRP C 90 -4.23 21.01 -1.78
N GLU C 91 -4.26 20.63 -3.04
CA GLU C 91 -4.10 21.65 -4.11
C GLU C 91 -5.22 22.68 -4.03
N ASN C 92 -6.42 22.24 -3.76
CA ASN C 92 -7.58 23.19 -3.66
C ASN C 92 -7.87 23.48 -2.19
N SER C 93 -7.13 22.88 -1.30
CA SER C 93 -7.36 23.11 0.16
C SER C 93 -8.85 23.02 0.47
N GLY D 1 -18.60 2.33 3.03
CA GLY D 1 -17.36 2.03 2.18
C GLY D 1 -17.11 0.65 1.69
N SER D 2 -16.56 0.52 0.51
CA SER D 2 -16.28 -0.84 -0.03
C SER D 2 -15.03 -1.40 0.65
N GLU D 3 -14.86 -2.70 0.63
CA GLU D 3 -13.69 -3.30 1.30
C GLU D 3 -12.40 -2.56 0.94
N LEU D 4 -12.16 -2.33 -0.32
CA LEU D 4 -10.92 -1.62 -0.72
C LEU D 4 -10.97 -0.16 -0.27
N GLU D 5 -12.07 0.50 -0.48
CA GLU D 5 -12.15 1.92 -0.06
C GLU D 5 -11.95 2.00 1.45
N THR D 6 -12.50 1.06 2.17
CA THR D 6 -12.34 1.06 3.65
C THR D 6 -10.87 1.24 4.03
N ALA D 7 -10.03 0.44 3.42
CA ALA D 7 -8.56 0.47 3.71
C ALA D 7 -7.88 1.75 3.22
N MET D 8 -8.39 2.39 2.21
CA MET D 8 -7.69 3.61 1.71
C MET D 8 -7.83 4.74 2.72
N GLU D 9 -9.02 4.98 3.16
CA GLU D 9 -9.27 6.08 4.12
C GLU D 9 -8.63 5.77 5.47
N THR D 10 -8.51 4.53 5.83
CA THR D 10 -7.92 4.20 7.16
C THR D 10 -6.46 4.69 7.23
N LEU D 11 -5.60 4.25 6.34
CA LEU D 11 -4.18 4.71 6.41
C LEU D 11 -4.11 6.25 6.37
N ILE D 12 -4.92 6.87 5.59
CA ILE D 12 -4.87 8.36 5.49
C ILE D 12 -5.25 9.04 6.82
N ASN D 13 -6.23 8.56 7.55
CA ASN D 13 -6.61 9.27 8.82
C ASN D 13 -5.67 8.92 9.99
N VAL D 14 -5.30 7.67 10.15
CA VAL D 14 -4.40 7.29 11.28
C VAL D 14 -3.10 8.07 11.14
N PHE D 15 -2.61 8.15 9.94
CA PHE D 15 -1.36 8.91 9.70
C PHE D 15 -1.53 10.36 10.14
N HIS D 16 -2.67 10.94 9.89
CA HIS D 16 -2.90 12.35 10.30
C HIS D 16 -2.77 12.48 11.83
N ALA D 17 -3.27 11.52 12.56
CA ALA D 17 -3.21 11.56 14.05
C ALA D 17 -1.78 11.80 14.60
N HIS D 18 -0.84 10.98 14.22
CA HIS D 18 0.55 11.15 14.76
C HIS D 18 1.30 12.27 14.04
N SER D 19 1.18 12.32 12.75
CA SER D 19 1.88 13.34 11.91
C SER D 19 1.48 14.80 12.19
N GLY D 20 0.25 15.06 12.57
CA GLY D 20 -0.17 16.49 12.77
C GLY D 20 -0.15 16.92 14.24
N LYS D 21 0.36 16.11 15.12
CA LYS D 21 0.40 16.51 16.58
C LYS D 21 1.84 16.57 17.06
N GLU D 22 2.54 15.47 16.99
CA GLU D 22 3.95 15.45 17.49
C GLU D 22 4.94 15.81 16.38
N GLY D 23 4.49 16.41 15.30
CA GLY D 23 5.48 16.74 14.22
C GLY D 23 4.91 17.74 13.21
N ASP D 24 5.55 17.79 12.06
CA ASP D 24 5.12 18.73 10.99
C ASP D 24 3.68 18.44 10.58
N LYS D 25 2.95 19.48 10.27
CA LYS D 25 1.52 19.29 9.89
C LYS D 25 1.37 18.25 8.78
N TYR D 26 2.10 18.35 7.68
CA TYR D 26 1.93 17.36 6.57
C TYR D 26 3.17 16.48 6.38
N LYS D 27 4.06 16.40 7.35
CA LYS D 27 5.27 15.53 7.19
C LYS D 27 5.54 14.76 8.47
N LEU D 28 6.04 13.58 8.31
CA LEU D 28 6.33 12.67 9.46
C LEU D 28 7.80 12.88 9.89
N SER D 29 8.14 12.38 11.05
CA SER D 29 9.55 12.52 11.55
C SER D 29 10.06 11.16 12.06
N LYS D 30 11.35 11.03 12.25
CA LYS D 30 11.89 9.72 12.76
C LYS D 30 11.09 9.22 13.97
N LYS D 31 10.70 10.06 14.88
CA LYS D 31 9.94 9.55 16.05
C LYS D 31 8.47 9.35 15.69
N GLU D 32 7.92 10.11 14.81
CA GLU D 32 6.48 9.90 14.48
C GLU D 32 6.29 8.59 13.71
N LEU D 33 7.18 8.22 12.82
CA LEU D 33 6.98 6.93 12.09
C LEU D 33 7.03 5.77 13.08
N LYS D 34 7.98 5.79 13.98
CA LYS D 34 8.11 4.67 14.96
C LYS D 34 6.84 4.55 15.81
N ASP D 35 6.26 5.65 16.18
CA ASP D 35 5.05 5.64 17.07
C ASP D 35 3.81 5.15 16.30
N LEU D 36 3.65 5.61 15.10
CA LEU D 36 2.46 5.24 14.29
C LEU D 36 2.46 3.73 14.01
N LEU D 37 3.55 3.21 13.55
CA LEU D 37 3.62 1.76 13.22
C LEU D 37 3.59 0.87 14.46
N GLN D 38 4.30 1.23 15.48
CA GLN D 38 4.38 0.36 16.70
C GLN D 38 3.07 0.31 17.47
N THR D 39 2.42 1.44 17.61
CA THR D 39 1.19 1.49 18.43
C THR D 39 0.20 0.40 18.02
N GLU D 40 -0.07 0.26 16.76
CA GLU D 40 -1.08 -0.75 16.32
C GLU D 40 -0.40 -2.03 15.82
N LEU D 41 0.84 -1.95 15.40
CA LEU D 41 1.55 -3.18 14.90
C LEU D 41 2.78 -3.40 15.79
N SER D 42 2.69 -3.01 17.04
CA SER D 42 3.83 -3.19 17.97
C SER D 42 4.33 -4.63 17.90
N SER D 43 3.48 -5.56 18.22
CA SER D 43 3.89 -6.98 18.23
C SER D 43 4.12 -7.53 16.82
N PHE D 44 3.59 -6.92 15.78
CA PHE D 44 3.81 -7.52 14.41
C PHE D 44 5.08 -7.00 13.75
N LEU D 45 4.95 -5.91 13.01
CA LEU D 45 6.11 -5.33 12.25
C LEU D 45 7.38 -5.44 13.11
N ASP D 46 8.58 -5.37 12.59
CA ASP D 46 9.76 -5.42 13.51
C ASP D 46 10.17 -3.98 13.87
N VAL D 47 9.76 -3.48 15.02
CA VAL D 47 10.17 -2.09 15.42
C VAL D 47 10.77 -2.13 16.84
N GLN D 48 9.92 -2.20 17.82
CA GLN D 48 10.36 -2.21 19.23
C GLN D 48 11.23 -3.44 19.54
N LYS D 49 10.89 -4.58 19.02
CA LYS D 49 11.72 -5.80 19.30
C LYS D 49 13.08 -5.57 18.66
N ASP D 50 13.15 -4.65 17.75
CA ASP D 50 14.44 -4.34 17.08
C ASP D 50 14.47 -2.85 16.76
N ALA D 51 14.93 -2.05 17.67
CA ALA D 51 14.98 -0.59 17.39
C ALA D 51 15.81 -0.42 16.12
N ASP D 52 16.75 -1.29 15.93
CA ASP D 52 17.57 -1.26 14.70
C ASP D 52 16.64 -1.45 13.51
N ALA D 53 15.67 -2.32 13.64
CA ALA D 53 14.77 -2.59 12.49
C ALA D 53 14.10 -1.30 12.03
N VAL D 54 13.67 -0.46 12.94
CA VAL D 54 13.02 0.81 12.50
C VAL D 54 14.02 1.62 11.65
N ASP D 55 15.26 1.62 12.06
CA ASP D 55 16.31 2.39 11.34
C ASP D 55 16.50 1.86 9.90
N LYS D 56 16.46 0.57 9.72
CA LYS D 56 16.64 0.03 8.34
C LYS D 56 15.50 0.53 7.46
N ILE D 57 14.31 0.58 7.99
CA ILE D 57 13.15 1.07 7.21
C ILE D 57 13.34 2.56 6.84
N MET D 58 13.75 3.38 7.77
CA MET D 58 13.94 4.83 7.46
C MET D 58 14.98 4.98 6.35
N LYS D 59 16.00 4.20 6.39
CA LYS D 59 17.02 4.32 5.32
C LYS D 59 16.34 4.03 3.98
N GLU D 60 15.58 2.99 3.95
CA GLU D 60 14.86 2.64 2.71
C GLU D 60 13.85 3.74 2.36
N LEU D 61 13.35 4.42 3.35
CA LEU D 61 12.35 5.51 3.08
C LEU D 61 13.04 6.87 3.00
N ASP D 62 14.24 6.96 3.50
CA ASP D 62 14.96 8.26 3.45
C ASP D 62 15.47 8.44 2.04
N GLU D 63 14.65 8.13 1.08
CA GLU D 63 15.10 8.25 -0.33
C GLU D 63 15.46 9.70 -0.61
N ASN D 64 14.68 10.61 -0.10
CA ASN D 64 15.01 12.04 -0.30
C ASN D 64 16.17 12.37 0.62
N GLY D 65 16.38 11.55 1.62
CA GLY D 65 17.49 11.82 2.58
C GLY D 65 17.07 13.01 3.43
N ASP D 66 15.80 13.13 3.71
CA ASP D 66 15.32 14.32 4.50
C ASP D 66 15.25 14.02 6.00
N GLY D 67 15.43 12.78 6.40
CA GLY D 67 15.34 12.44 7.86
C GLY D 67 13.88 12.47 8.33
N GLU D 68 12.95 12.54 7.39
CA GLU D 68 11.51 12.55 7.73
C GLU D 68 10.82 11.55 6.80
N VAL D 69 9.56 11.28 6.99
CA VAL D 69 8.87 10.29 6.08
C VAL D 69 7.60 10.93 5.53
N ASP D 70 7.44 10.93 4.24
CA ASP D 70 6.22 11.55 3.63
C ASP D 70 5.16 10.46 3.43
N PHE D 71 3.92 10.85 3.39
CA PHE D 71 2.82 9.85 3.22
C PHE D 71 3.10 8.98 2.00
N GLN D 72 3.90 9.47 1.08
CA GLN D 72 4.24 8.65 -0.13
C GLN D 72 5.29 7.62 0.27
N GLU D 73 6.02 7.91 1.31
CA GLU D 73 7.06 6.97 1.79
C GLU D 73 6.41 5.94 2.73
N PHE D 74 5.64 6.42 3.67
CA PHE D 74 4.96 5.52 4.65
C PHE D 74 4.03 4.53 3.94
N VAL D 75 3.19 5.01 3.08
CA VAL D 75 2.24 4.11 2.38
C VAL D 75 3.02 3.07 1.58
N VAL D 76 4.11 3.45 0.98
CA VAL D 76 4.92 2.44 0.25
C VAL D 76 5.39 1.34 1.24
N LEU D 77 5.75 1.74 2.43
CA LEU D 77 6.27 0.77 3.47
C LEU D 77 5.21 -0.27 3.89
N VAL D 78 4.08 0.16 4.36
CA VAL D 78 3.02 -0.81 4.83
C VAL D 78 2.61 -1.71 3.67
N ALA D 79 2.57 -1.17 2.50
CA ALA D 79 2.19 -1.95 1.28
C ALA D 79 3.22 -3.07 0.99
N ALA D 80 4.48 -2.76 1.13
CA ALA D 80 5.54 -3.76 0.80
C ALA D 80 5.74 -4.83 1.89
N LEU D 81 5.40 -4.60 3.14
CA LEU D 81 5.64 -5.68 4.16
C LEU D 81 4.48 -6.70 4.10
N THR D 82 3.27 -6.22 4.03
CA THR D 82 2.07 -7.13 3.96
C THR D 82 2.25 -8.11 2.79
N VAL D 83 2.65 -7.65 1.64
CA VAL D 83 2.88 -8.57 0.49
C VAL D 83 3.88 -9.65 0.91
N ALA D 84 4.89 -9.27 1.63
CA ALA D 84 5.91 -10.26 2.08
C ALA D 84 5.24 -11.27 3.02
N CYS D 85 4.19 -10.86 3.70
CA CYS D 85 3.52 -11.81 4.63
C CYS D 85 2.78 -12.90 3.85
N ASN D 86 2.12 -12.53 2.79
CA ASN D 86 1.37 -13.54 1.98
C ASN D 86 2.34 -14.59 1.41
N ASN D 87 3.48 -14.16 0.93
CA ASN D 87 4.46 -15.12 0.35
C ASN D 87 5.03 -16.05 1.44
N PHE D 88 5.30 -15.52 2.60
CA PHE D 88 5.88 -16.36 3.68
C PHE D 88 4.77 -17.16 4.36
N PHE D 89 3.53 -16.85 4.08
CA PHE D 89 2.42 -17.61 4.69
C PHE D 89 2.25 -18.93 3.94
N TRP D 90 2.57 -18.93 2.68
CA TRP D 90 2.41 -20.18 1.87
C TRP D 90 3.65 -21.07 2.04
N GLU D 91 4.70 -20.57 2.62
CA GLU D 91 5.91 -21.42 2.80
C GLU D 91 5.57 -22.63 3.67
N ASN D 92 4.78 -22.45 4.70
CA ASN D 92 4.41 -23.60 5.58
C ASN D 92 3.01 -24.09 5.21
N SER D 93 2.40 -23.48 4.23
CA SER D 93 1.03 -23.90 3.81
C SER D 93 0.15 -24.12 5.04
N THR A 1 -16.99 14.40 -14.75
CA THR A 1 -15.61 14.74 -15.17
C THR A 1 -15.65 15.53 -16.48
N ARG A 2 -14.79 16.49 -16.64
CA ARG A 2 -14.79 17.29 -17.89
C ARG A 2 -14.55 16.37 -19.09
N THR A 3 -13.56 15.52 -19.01
CA THR A 3 -13.27 14.60 -20.14
C THR A 3 -12.17 13.62 -19.74
N LYS A 4 -12.49 12.36 -19.62
CA LYS A 4 -11.46 11.35 -19.23
C LYS A 4 -10.71 11.80 -17.97
N ILE A 5 -10.99 11.19 -16.85
CA ILE A 5 -10.29 11.57 -15.60
C ILE A 5 -8.78 11.37 -15.76
N ASP A 6 -8.37 10.30 -16.41
CA ASP A 6 -6.90 10.04 -16.61
C ASP A 6 -6.13 10.32 -15.32
N TRP A 7 -6.80 10.34 -14.20
CA TRP A 7 -6.09 10.61 -12.93
C TRP A 7 -5.01 9.55 -12.69
N ASN A 8 -5.37 8.30 -12.80
CA ASN A 8 -4.37 7.23 -12.56
C ASN A 8 -3.17 7.46 -13.46
N LYS A 9 -3.39 8.05 -14.59
CA LYS A 9 -2.25 8.35 -15.49
C LYS A 9 -1.30 9.27 -14.70
N ILE A 10 -1.84 9.99 -13.74
CA ILE A 10 -0.97 10.87 -12.91
C ILE A 10 0.14 10.01 -12.33
N LEU A 11 -0.20 8.82 -11.93
CA LEU A 11 0.84 7.91 -11.37
C LEU A 11 1.85 7.54 -12.46
N SER A 12 1.38 7.28 -13.64
CA SER A 12 2.29 6.92 -14.76
C SER A 12 2.87 8.20 -15.38
N THR B 1 10.25 -11.10 23.99
CA THR B 1 10.68 -12.51 23.69
C THR B 1 12.20 -12.59 23.73
N ARG B 2 12.72 -13.77 23.93
CA ARG B 2 14.21 -13.94 23.98
C ARG B 2 14.82 -13.73 22.60
N THR B 3 14.07 -13.97 21.55
CA THR B 3 14.60 -13.79 20.16
C THR B 3 13.84 -12.67 19.45
N LYS B 4 14.55 -11.80 18.79
CA LYS B 4 13.89 -10.67 18.06
C LYS B 4 13.44 -11.15 16.69
N ILE B 5 12.51 -10.46 16.09
CA ILE B 5 12.01 -10.86 14.74
C ILE B 5 12.79 -10.07 13.68
N ASP B 6 13.36 -10.73 12.72
CA ASP B 6 14.14 -10.02 11.66
C ASP B 6 13.34 -10.04 10.36
N TRP B 7 12.07 -10.30 10.46
CA TRP B 7 11.22 -10.38 9.25
C TRP B 7 11.21 -9.06 8.46
N ASN B 8 10.98 -7.95 9.08
CA ASN B 8 10.96 -6.69 8.28
C ASN B 8 12.27 -6.56 7.51
N LYS B 9 13.34 -7.04 8.06
CA LYS B 9 14.61 -6.95 7.31
C LYS B 9 14.40 -7.73 6.01
N ILE B 10 13.47 -8.67 6.01
CA ILE B 10 13.19 -9.44 4.76
C ILE B 10 12.97 -8.41 3.66
N LEU B 11 12.34 -7.33 4.01
CA LEU B 11 12.09 -6.25 3.02
C LEU B 11 13.43 -5.69 2.56
N SER B 12 14.35 -5.52 3.48
CA SER B 12 15.69 -4.97 3.12
C SER B 12 16.76 -5.65 3.96
N GLY C 1 -7.52 -6.47 14.14
CA GLY C 1 -8.67 -5.48 14.36
C GLY C 1 -8.36 -4.03 14.54
N SER C 2 -7.11 -3.68 14.59
CA SER C 2 -6.75 -2.24 14.79
C SER C 2 -6.93 -1.49 13.46
N GLU C 3 -7.11 -0.20 13.51
CA GLU C 3 -7.34 0.59 12.27
C GLU C 3 -6.39 0.12 11.16
N LEU C 4 -5.11 0.18 11.39
CA LEU C 4 -4.14 -0.26 10.33
C LEU C 4 -4.30 -1.76 10.08
N GLU C 5 -4.45 -2.54 11.11
CA GLU C 5 -4.58 -4.01 10.90
C GLU C 5 -5.83 -4.31 10.09
N THR C 6 -6.86 -3.52 10.26
CA THR C 6 -8.11 -3.74 9.51
C THR C 6 -7.83 -3.67 8.01
N ALA C 7 -7.13 -2.64 7.62
CA ALA C 7 -6.79 -2.41 6.19
C ALA C 7 -5.85 -3.47 5.63
N MET C 8 -5.03 -4.07 6.44
CA MET C 8 -4.08 -5.08 5.89
C MET C 8 -4.82 -6.34 5.46
N GLU C 9 -5.66 -6.83 6.32
CA GLU C 9 -6.39 -8.07 6.01
C GLU C 9 -7.42 -7.83 4.90
N THR C 10 -7.88 -6.63 4.75
CA THR C 10 -8.89 -6.37 3.68
C THR C 10 -8.24 -6.56 2.29
N LEU C 11 -7.20 -5.84 1.97
CA LEU C 11 -6.57 -6.00 0.62
C LEU C 11 -6.22 -7.47 0.38
N ILE C 12 -5.73 -8.15 1.37
CA ILE C 12 -5.33 -9.57 1.19
C ILE C 12 -6.53 -10.51 0.92
N ASN C 13 -7.65 -10.34 1.58
CA ASN C 13 -8.78 -11.30 1.36
C ASN C 13 -9.59 -10.97 0.09
N VAL C 14 -9.87 -9.72 -0.16
CA VAL C 14 -10.66 -9.37 -1.38
C VAL C 14 -9.88 -9.84 -2.60
N PHE C 15 -8.61 -9.66 -2.57
CA PHE C 15 -7.74 -10.12 -3.69
C PHE C 15 -7.88 -11.65 -3.84
N HIS C 16 -7.95 -12.37 -2.78
CA HIS C 16 -8.12 -13.86 -2.87
C HIS C 16 -9.42 -14.20 -3.62
N ALA C 17 -10.47 -13.47 -3.36
CA ALA C 17 -11.80 -13.77 -3.99
C ALA C 17 -11.76 -13.75 -5.53
N HIS C 18 -11.33 -12.68 -6.13
CA HIS C 18 -11.31 -12.61 -7.63
C HIS C 18 -10.11 -13.37 -8.20
N SER C 19 -8.97 -13.17 -7.61
CA SER C 19 -7.73 -13.85 -8.06
C SER C 19 -7.82 -15.37 -7.98
N GLY C 20 -8.64 -15.91 -7.12
CA GLY C 20 -8.72 -17.41 -6.98
C GLY C 20 -9.92 -17.97 -7.73
N LYS C 21 -10.65 -17.15 -8.43
CA LYS C 21 -11.84 -17.65 -9.19
C LYS C 21 -11.70 -17.25 -10.66
N GLU C 22 -11.72 -16.00 -10.94
CA GLU C 22 -11.60 -15.57 -12.36
C GLU C 22 -10.18 -15.83 -12.87
N GLY C 23 -9.44 -16.72 -12.23
CA GLY C 23 -8.06 -17.00 -12.72
C GLY C 23 -7.30 -17.95 -11.81
N ASP C 24 -6.04 -18.14 -12.12
CA ASP C 24 -5.16 -19.07 -11.34
C ASP C 24 -5.46 -18.94 -9.85
N LYS C 25 -5.23 -19.98 -9.11
CA LYS C 25 -5.56 -19.99 -7.66
C LYS C 25 -4.97 -18.78 -6.92
N TYR C 26 -3.75 -18.35 -7.21
CA TYR C 26 -3.16 -17.19 -6.45
C TYR C 26 -2.45 -16.19 -7.38
N LYS C 27 -2.95 -15.97 -8.58
CA LYS C 27 -2.29 -14.98 -9.48
C LYS C 27 -3.35 -14.18 -10.22
N LEU C 28 -3.05 -12.93 -10.49
CA LEU C 28 -4.00 -12.04 -11.20
C LEU C 28 -3.68 -12.07 -12.70
N SER C 29 -4.60 -11.65 -13.50
CA SER C 29 -4.42 -11.58 -14.96
C SER C 29 -4.87 -10.18 -15.37
N LYS C 30 -4.48 -9.70 -16.52
CA LYS C 30 -4.93 -8.32 -16.87
C LYS C 30 -6.43 -8.13 -16.61
N LYS C 31 -7.24 -9.13 -16.79
CA LYS C 31 -8.70 -8.95 -16.55
C LYS C 31 -9.01 -9.06 -15.04
N GLU C 32 -8.26 -9.81 -14.29
CA GLU C 32 -8.59 -9.91 -12.83
C GLU C 32 -8.19 -8.62 -12.11
N LEU C 33 -7.08 -8.04 -12.43
CA LEU C 33 -6.69 -6.77 -11.74
C LEU C 33 -7.78 -5.72 -12.00
N LYS C 34 -8.21 -5.63 -13.24
CA LYS C 34 -9.24 -4.63 -13.62
C LYS C 34 -10.59 -4.90 -12.91
N ASP C 35 -10.99 -6.13 -12.78
CA ASP C 35 -12.30 -6.44 -12.12
C ASP C 35 -12.23 -6.14 -10.61
N LEU C 36 -11.14 -6.47 -10.01
CA LEU C 36 -10.97 -6.27 -8.55
C LEU C 36 -11.03 -4.77 -8.20
N LEU C 37 -10.41 -3.95 -8.99
CA LEU C 37 -10.35 -2.48 -8.72
C LEU C 37 -11.64 -1.73 -9.12
N GLN C 38 -12.14 -1.99 -10.29
CA GLN C 38 -13.34 -1.25 -10.81
C GLN C 38 -14.60 -1.53 -10.00
N THR C 39 -14.77 -2.75 -9.60
CA THR C 39 -16.02 -3.13 -8.89
C THR C 39 -16.26 -2.21 -7.70
N GLU C 40 -15.26 -1.94 -6.92
CA GLU C 40 -15.47 -1.07 -5.71
C GLU C 40 -15.00 0.36 -5.94
N LEU C 41 -14.20 0.61 -6.95
CA LEU C 41 -13.71 2.00 -7.21
C LEU C 41 -13.87 2.33 -8.69
N SER C 42 -15.03 2.10 -9.23
CA SER C 42 -15.27 2.38 -10.67
C SER C 42 -15.11 3.87 -10.96
N SER C 43 -15.75 4.71 -10.19
CA SER C 43 -15.69 6.18 -10.44
C SER C 43 -14.28 6.74 -10.16
N PHE C 44 -13.64 6.29 -9.11
CA PHE C 44 -12.30 6.84 -8.79
C PHE C 44 -11.19 6.13 -9.60
N LEU C 45 -10.41 5.28 -8.98
CA LEU C 45 -9.32 4.49 -9.68
C LEU C 45 -9.46 4.66 -11.21
N ASP C 46 -8.54 5.02 -12.08
CA ASP C 46 -8.94 5.05 -13.55
C ASP C 46 -8.65 3.70 -14.21
N VAL C 47 -9.66 3.00 -14.67
CA VAL C 47 -9.40 1.69 -15.35
C VAL C 47 -10.44 1.43 -16.43
N GLN C 48 -11.69 1.77 -16.18
CA GLN C 48 -12.75 1.51 -17.21
C GLN C 48 -13.01 2.74 -18.09
N LYS C 49 -13.03 3.93 -17.55
CA LYS C 49 -13.23 5.12 -18.45
C LYS C 49 -12.09 5.10 -19.44
N ASP C 50 -10.89 5.04 -18.94
CA ASP C 50 -9.70 4.99 -19.83
C ASP C 50 -9.16 3.57 -19.87
N ALA C 51 -9.55 2.79 -20.84
CA ALA C 51 -9.02 1.42 -20.92
C ALA C 51 -7.51 1.54 -21.04
N ASP C 52 -7.08 2.58 -21.70
CA ASP C 52 -5.64 2.87 -21.84
C ASP C 52 -5.04 3.05 -20.46
N ALA C 53 -5.75 3.67 -19.56
CA ALA C 53 -5.15 3.90 -18.22
C ALA C 53 -4.80 2.56 -17.58
N VAL C 54 -5.64 1.57 -17.70
CA VAL C 54 -5.30 0.26 -17.08
C VAL C 54 -4.02 -0.27 -17.73
N ASP C 55 -3.82 0.00 -18.98
CA ASP C 55 -2.60 -0.53 -19.67
C ASP C 55 -1.33 0.11 -19.07
N LYS C 56 -1.38 1.39 -18.77
CA LYS C 56 -0.17 2.09 -18.22
C LYS C 56 0.12 1.60 -16.79
N ILE C 57 -0.89 1.47 -15.99
CA ILE C 57 -0.72 1.01 -14.58
C ILE C 57 -0.22 -0.45 -14.56
N MET C 58 -0.94 -1.33 -15.19
CA MET C 58 -0.53 -2.75 -15.21
C MET C 58 0.85 -2.89 -15.84
N LYS C 59 1.18 -2.06 -16.78
CA LYS C 59 2.52 -2.19 -17.42
C LYS C 59 3.59 -2.02 -16.32
N GLU C 60 3.49 -0.98 -15.54
CA GLU C 60 4.48 -0.78 -14.45
C GLU C 60 4.26 -1.86 -13.39
N LEU C 61 3.06 -2.37 -13.31
CA LEU C 61 2.75 -3.42 -12.30
C LEU C 61 3.24 -4.75 -12.83
N ASP C 62 3.52 -4.81 -14.11
CA ASP C 62 4.07 -6.05 -14.72
C ASP C 62 5.58 -5.91 -14.63
N GLU C 63 6.09 -5.90 -13.44
CA GLU C 63 7.55 -5.72 -13.24
C GLU C 63 8.30 -6.92 -13.80
N ASN C 64 7.74 -8.09 -13.70
CA ASN C 64 8.45 -9.27 -14.26
C ASN C 64 8.36 -9.16 -15.77
N GLY C 65 7.52 -8.27 -16.24
CA GLY C 65 7.40 -8.05 -17.71
C GLY C 65 6.61 -9.17 -18.36
N ASP C 66 5.76 -9.85 -17.64
CA ASP C 66 4.96 -10.94 -18.28
C ASP C 66 3.63 -10.33 -18.72
N GLY C 67 2.53 -10.80 -18.17
CA GLY C 67 1.20 -10.23 -18.52
C GLY C 67 0.22 -10.57 -17.40
N GLU C 68 0.72 -10.75 -16.19
CA GLU C 68 -0.16 -11.09 -15.02
C GLU C 68 0.25 -10.17 -13.86
N VAL C 69 -0.45 -10.18 -12.75
CA VAL C 69 -0.04 -9.31 -11.58
C VAL C 69 0.13 -10.18 -10.34
N ASP C 70 1.23 -10.06 -9.65
CA ASP C 70 1.43 -10.86 -8.41
C ASP C 70 1.03 -10.01 -7.21
N PHE C 71 0.55 -10.61 -6.15
CA PHE C 71 0.13 -9.82 -4.96
C PHE C 71 1.17 -8.75 -4.63
N GLN C 72 2.43 -9.02 -4.88
CA GLN C 72 3.48 -7.99 -4.61
C GLN C 72 3.31 -6.85 -5.63
N GLU C 73 2.89 -7.21 -6.80
CA GLU C 73 2.68 -6.22 -7.88
C GLU C 73 1.36 -5.48 -7.66
N PHE C 74 0.30 -6.21 -7.43
CA PHE C 74 -1.03 -5.57 -7.23
C PHE C 74 -1.05 -4.61 -6.03
N VAL C 75 -0.57 -5.04 -4.91
CA VAL C 75 -0.58 -4.18 -3.69
C VAL C 75 0.18 -2.88 -3.93
N VAL C 76 1.23 -2.92 -4.71
CA VAL C 76 1.99 -1.66 -4.97
C VAL C 76 1.08 -0.63 -5.65
N LEU C 77 0.23 -1.04 -6.57
CA LEU C 77 -0.67 -0.07 -7.27
C LEU C 77 -1.68 0.58 -6.32
N VAL C 78 -2.35 -0.19 -5.50
CA VAL C 78 -3.37 0.41 -4.59
C VAL C 78 -2.70 1.41 -3.66
N ALA C 79 -1.54 1.08 -3.20
CA ALA C 79 -0.78 1.96 -2.28
C ALA C 79 -0.40 3.28 -2.95
N ALA C 80 0.03 3.23 -4.18
CA ALA C 80 0.50 4.45 -4.88
C ALA C 80 -0.65 5.36 -5.38
N LEU C 81 -1.85 4.87 -5.60
CA LEU C 81 -2.92 5.82 -6.08
C LEU C 81 -3.50 6.60 -4.89
N THR C 82 -3.72 5.93 -3.79
CA THR C 82 -4.27 6.63 -2.57
C THR C 82 -3.37 7.81 -2.20
N VAL C 83 -2.08 7.62 -2.19
CA VAL C 83 -1.17 8.76 -1.87
C VAL C 83 -1.36 9.89 -2.87
N ALA C 84 -1.52 9.56 -4.12
CA ALA C 84 -1.71 10.60 -5.15
C ALA C 84 -2.97 11.39 -4.84
N CYS C 85 -3.89 10.78 -4.16
CA CYS C 85 -5.17 11.48 -3.84
C CYS C 85 -4.93 12.54 -2.76
N ASN C 86 -4.25 12.21 -1.70
CA ASN C 86 -4.01 13.20 -0.62
C ASN C 86 -3.19 14.39 -1.14
N ASN C 87 -2.17 14.12 -1.92
CA ASN C 87 -1.30 15.22 -2.45
C ASN C 87 -2.11 16.19 -3.32
N PHE C 88 -3.01 15.68 -4.12
CA PHE C 88 -3.81 16.57 -5.02
C PHE C 88 -5.07 17.04 -4.30
N PHE C 89 -5.36 16.48 -3.17
CA PHE C 89 -6.57 16.90 -2.41
C PHE C 89 -6.30 18.27 -1.78
N TRP C 90 -5.09 18.49 -1.33
CA TRP C 90 -4.77 19.80 -0.70
C TRP C 90 -4.51 20.86 -1.76
N GLU C 91 -4.39 20.47 -3.00
CA GLU C 91 -4.15 21.49 -4.07
C GLU C 91 -5.39 22.36 -4.22
N ASN C 92 -6.56 21.76 -4.14
CA ASN C 92 -7.82 22.55 -4.28
C ASN C 92 -8.31 22.99 -2.90
N SER C 93 -7.60 22.63 -1.85
CA SER C 93 -8.05 23.03 -0.48
C SER C 93 -9.52 22.65 -0.28
N GLY D 1 -16.89 3.33 1.66
CA GLY D 1 -17.32 2.14 2.52
C GLY D 1 -17.13 0.75 1.99
N SER D 2 -16.63 0.62 0.80
CA SER D 2 -16.41 -0.73 0.23
C SER D 2 -15.15 -1.35 0.85
N GLU D 3 -15.04 -2.66 0.85
CA GLU D 3 -13.86 -3.32 1.47
C GLU D 3 -12.57 -2.57 1.14
N LEU D 4 -12.28 -2.41 -0.14
CA LEU D 4 -11.02 -1.71 -0.51
C LEU D 4 -11.11 -0.23 -0.09
N GLU D 5 -12.24 0.38 -0.29
CA GLU D 5 -12.36 1.82 0.07
C GLU D 5 -12.18 1.98 1.58
N THR D 6 -12.60 1.01 2.34
CA THR D 6 -12.45 1.10 3.82
C THR D 6 -10.98 1.25 4.17
N ALA D 7 -10.16 0.42 3.58
CA ALA D 7 -8.70 0.41 3.84
C ALA D 7 -8.01 1.69 3.33
N MET D 8 -8.52 2.33 2.33
CA MET D 8 -7.84 3.54 1.81
C MET D 8 -7.97 4.69 2.80
N GLU D 9 -9.16 4.92 3.27
CA GLU D 9 -9.39 6.05 4.19
C GLU D 9 -8.74 5.76 5.55
N THR D 10 -8.57 4.52 5.89
CA THR D 10 -7.95 4.21 7.22
C THR D 10 -6.48 4.66 7.22
N LEU D 11 -5.65 4.18 6.34
CA LEU D 11 -4.22 4.62 6.35
C LEU D 11 -4.13 6.15 6.30
N ILE D 12 -4.94 6.78 5.52
CA ILE D 12 -4.87 8.26 5.39
C ILE D 12 -5.27 8.99 6.69
N ASN D 13 -6.28 8.55 7.42
CA ASN D 13 -6.69 9.31 8.64
C ASN D 13 -5.80 8.99 9.86
N VAL D 14 -5.46 7.75 10.07
CA VAL D 14 -4.60 7.42 11.24
C VAL D 14 -3.29 8.16 11.11
N PHE D 15 -2.79 8.21 9.92
CA PHE D 15 -1.51 8.94 9.65
C PHE D 15 -1.69 10.43 10.02
N HIS D 16 -2.83 10.99 9.72
CA HIS D 16 -3.07 12.43 10.08
C HIS D 16 -2.96 12.63 11.60
N ALA D 17 -3.48 11.70 12.36
CA ALA D 17 -3.48 11.83 13.86
C ALA D 17 -2.06 12.00 14.46
N HIS D 18 -1.17 11.09 14.19
CA HIS D 18 0.21 11.21 14.78
C HIS D 18 1.05 12.23 14.02
N SER D 19 1.00 12.16 12.73
CA SER D 19 1.77 13.10 11.86
C SER D 19 1.40 14.55 12.08
N GLY D 20 0.20 14.85 12.53
CA GLY D 20 -0.21 16.28 12.71
C GLY D 20 -0.11 16.70 14.17
N LYS D 21 0.38 15.85 15.03
CA LYS D 21 0.50 16.21 16.48
C LYS D 21 1.96 16.03 16.91
N GLU D 22 2.43 14.83 16.91
CA GLU D 22 3.83 14.60 17.34
C GLU D 22 4.80 15.17 16.29
N GLY D 23 4.36 16.08 15.46
CA GLY D 23 5.29 16.65 14.45
C GLY D 23 4.60 17.61 13.49
N ASP D 24 5.34 18.06 12.51
CA ASP D 24 4.81 19.03 11.50
C ASP D 24 3.37 18.67 11.13
N LYS D 25 2.61 19.66 10.75
CA LYS D 25 1.16 19.43 10.44
C LYS D 25 0.95 18.26 9.45
N TYR D 26 1.77 18.10 8.43
CA TYR D 26 1.51 16.98 7.45
C TYR D 26 2.81 16.23 7.09
N LYS D 27 3.73 16.06 8.00
CA LYS D 27 4.99 15.31 7.67
C LYS D 27 5.38 14.43 8.84
N LEU D 28 5.95 13.30 8.54
CA LEU D 28 6.38 12.34 9.60
C LEU D 28 7.86 12.61 9.93
N SER D 29 8.29 12.13 11.04
CA SER D 29 9.70 12.26 11.49
C SER D 29 10.14 10.87 11.89
N LYS D 30 11.42 10.59 11.97
CA LYS D 30 11.81 9.21 12.36
C LYS D 30 11.02 8.72 13.59
N LYS D 31 10.69 9.59 14.51
CA LYS D 31 9.93 9.12 15.70
C LYS D 31 8.44 8.99 15.38
N GLU D 32 7.91 9.78 14.47
CA GLU D 32 6.46 9.65 14.18
C GLU D 32 6.17 8.38 13.37
N LEU D 33 7.01 8.04 12.43
CA LEU D 33 6.76 6.78 11.65
C LEU D 33 6.75 5.60 12.63
N LYS D 34 7.73 5.59 13.52
CA LYS D 34 7.84 4.47 14.51
C LYS D 34 6.63 4.40 15.45
N ASP D 35 6.13 5.53 15.89
CA ASP D 35 4.96 5.52 16.84
C ASP D 35 3.68 5.07 16.13
N LEU D 36 3.51 5.51 14.93
CA LEU D 36 2.29 5.16 14.15
C LEU D 36 2.23 3.65 13.89
N LEU D 37 3.33 3.06 13.56
CA LEU D 37 3.37 1.60 13.23
C LEU D 37 3.35 0.69 14.47
N GLN D 38 4.17 0.99 15.44
CA GLN D 38 4.30 0.12 16.66
C GLN D 38 3.02 0.06 17.49
N THR D 39 2.38 1.19 17.62
CA THR D 39 1.18 1.27 18.49
C THR D 39 0.18 0.18 18.12
N GLU D 40 -0.09 -0.01 16.85
CA GLU D 40 -1.11 -1.04 16.45
C GLU D 40 -0.45 -2.33 15.96
N LEU D 41 0.81 -2.30 15.62
CA LEU D 41 1.49 -3.56 15.13
C LEU D 41 2.82 -3.73 15.86
N SER D 42 2.82 -3.63 17.15
CA SER D 42 4.08 -3.78 17.92
C SER D 42 4.66 -5.18 17.74
N SER D 43 3.86 -6.20 17.91
CA SER D 43 4.38 -7.60 17.78
C SER D 43 4.76 -7.93 16.33
N PHE D 44 4.00 -7.50 15.37
CA PHE D 44 4.32 -7.85 13.95
C PHE D 44 5.34 -6.89 13.32
N LEU D 45 4.92 -5.83 12.66
CA LEU D 45 5.89 -4.93 11.93
C LEU D 45 7.22 -4.90 12.73
N ASP D 46 8.43 -5.01 12.20
CA ASP D 46 9.61 -4.94 13.15
C ASP D 46 10.07 -3.50 13.29
N VAL D 47 9.99 -2.93 14.46
CA VAL D 47 10.47 -1.53 14.64
C VAL D 47 10.99 -1.34 16.07
N GLN D 48 10.33 -1.91 17.05
CA GLN D 48 10.80 -1.73 18.46
C GLN D 48 11.71 -2.89 18.91
N LYS D 49 11.43 -4.12 18.57
CA LYS D 49 12.37 -5.21 18.99
C LYS D 49 13.72 -4.87 18.38
N ASP D 50 13.72 -4.66 17.10
CA ASP D 50 14.98 -4.30 16.39
C ASP D 50 14.96 -2.81 16.08
N ALA D 51 15.56 -2.01 16.92
CA ALA D 51 15.59 -0.55 16.63
C ALA D 51 16.32 -0.40 15.30
N ASP D 52 17.26 -1.27 15.07
CA ASP D 52 18.01 -1.28 13.80
C ASP D 52 17.02 -1.51 12.66
N ALA D 53 16.05 -2.35 12.86
CA ALA D 53 15.10 -2.62 11.74
C ALA D 53 14.44 -1.32 11.31
N VAL D 54 14.02 -0.49 12.24
CA VAL D 54 13.37 0.78 11.82
C VAL D 54 14.37 1.59 10.99
N ASP D 55 15.63 1.52 11.29
CA ASP D 55 16.62 2.32 10.53
C ASP D 55 16.70 1.84 9.07
N LYS D 56 16.63 0.56 8.85
CA LYS D 56 16.73 0.02 7.45
C LYS D 56 15.48 0.38 6.64
N ILE D 57 14.33 0.24 7.25
CA ILE D 57 13.03 0.56 6.56
C ILE D 57 12.96 2.06 6.27
N MET D 58 13.10 2.88 7.26
CA MET D 58 13.01 4.35 7.06
C MET D 58 14.11 4.80 6.10
N LYS D 59 15.22 4.16 6.09
CA LYS D 59 16.30 4.59 5.16
C LYS D 59 15.77 4.48 3.73
N GLU D 60 15.20 3.36 3.38
CA GLU D 60 14.64 3.21 2.01
C GLU D 60 13.39 4.07 1.88
N LEU D 61 12.78 4.39 3.00
CA LEU D 61 11.56 5.24 2.98
C LEU D 61 11.99 6.69 2.91
N ASP D 62 13.24 6.94 3.20
CA ASP D 62 13.78 8.31 3.09
C ASP D 62 14.32 8.44 1.67
N GLU D 63 13.44 8.37 0.71
CA GLU D 63 13.87 8.43 -0.71
C GLU D 63 14.46 9.80 -1.02
N ASN D 64 13.94 10.83 -0.43
CA ASN D 64 14.51 12.17 -0.69
C ASN D 64 15.87 12.23 0.00
N GLY D 65 16.12 11.27 0.84
CA GLY D 65 17.42 11.19 1.53
C GLY D 65 17.52 12.24 2.65
N ASP D 66 16.40 12.67 3.19
CA ASP D 66 16.49 13.67 4.30
C ASP D 66 16.46 12.90 5.61
N GLY D 67 15.46 13.10 6.43
CA GLY D 67 15.36 12.34 7.71
C GLY D 67 13.90 12.36 8.18
N GLU D 68 12.97 12.49 7.25
CA GLU D 68 11.51 12.54 7.60
C GLU D 68 10.78 11.57 6.65
N VAL D 69 9.50 11.33 6.82
CA VAL D 69 8.77 10.41 5.87
C VAL D 69 7.56 11.15 5.31
N ASP D 70 7.39 11.15 4.00
CA ASP D 70 6.20 11.83 3.40
C ASP D 70 5.12 10.77 3.18
N PHE D 71 3.87 11.16 3.24
CA PHE D 71 2.77 10.17 3.04
C PHE D 71 3.06 9.28 1.83
N GLN D 72 3.74 9.79 0.84
CA GLN D 72 4.09 8.93 -0.34
C GLN D 72 5.14 7.90 0.11
N GLU D 73 5.97 8.31 1.01
CA GLU D 73 7.04 7.44 1.52
C GLU D 73 6.45 6.46 2.55
N PHE D 74 5.70 6.96 3.50
CA PHE D 74 5.12 6.08 4.54
C PHE D 74 4.19 4.99 3.95
N VAL D 75 3.29 5.37 3.10
CA VAL D 75 2.34 4.38 2.53
C VAL D 75 3.10 3.27 1.77
N VAL D 76 4.19 3.59 1.15
CA VAL D 76 4.95 2.54 0.44
C VAL D 76 5.39 1.43 1.42
N LEU D 77 5.82 1.79 2.61
CA LEU D 77 6.27 0.76 3.62
C LEU D 77 5.12 -0.16 4.05
N VAL D 78 4.00 0.38 4.42
CA VAL D 78 2.87 -0.49 4.89
C VAL D 78 2.48 -1.46 3.79
N ALA D 79 2.46 -0.98 2.58
CA ALA D 79 2.08 -1.82 1.42
C ALA D 79 3.08 -2.97 1.19
N ALA D 80 4.34 -2.70 1.33
CA ALA D 80 5.37 -3.73 1.05
C ALA D 80 5.53 -4.75 2.19
N LEU D 81 5.18 -4.46 3.43
CA LEU D 81 5.38 -5.53 4.49
C LEU D 81 4.20 -6.52 4.44
N THR D 82 3.01 -6.05 4.24
CA THR D 82 1.82 -6.95 4.17
C THR D 82 2.03 -8.00 3.07
N VAL D 83 2.50 -7.59 1.92
CA VAL D 83 2.76 -8.57 0.83
C VAL D 83 3.80 -9.60 1.29
N ALA D 84 4.80 -9.15 1.99
CA ALA D 84 5.85 -10.09 2.47
C ALA D 84 5.21 -11.12 3.39
N CYS D 85 4.13 -10.76 4.01
CA CYS D 85 3.47 -11.71 4.95
C CYS D 85 2.76 -12.84 4.17
N ASN D 86 2.02 -12.50 3.16
CA ASN D 86 1.31 -13.57 2.38
C ASN D 86 2.32 -14.51 1.71
N ASN D 87 3.38 -13.99 1.16
CA ASN D 87 4.39 -14.84 0.46
C ASN D 87 5.03 -15.83 1.45
N PHE D 88 5.31 -15.40 2.64
CA PHE D 88 5.97 -16.31 3.64
C PHE D 88 4.92 -17.07 4.42
N PHE D 89 3.67 -16.71 4.28
CA PHE D 89 2.60 -17.42 5.01
C PHE D 89 2.38 -18.78 4.36
N TRP D 90 2.48 -18.84 3.06
CA TRP D 90 2.26 -20.13 2.36
C TRP D 90 3.52 -21.00 2.44
N GLU D 91 4.62 -20.46 2.89
CA GLU D 91 5.86 -21.28 2.99
C GLU D 91 5.66 -22.33 4.09
N ASN D 92 5.02 -21.97 5.17
CA ASN D 92 4.80 -22.94 6.28
C ASN D 92 3.43 -23.62 6.11
N SER D 93 2.71 -23.27 5.07
CA SER D 93 1.36 -23.90 4.86
C SER D 93 0.55 -23.81 6.15
N THR A 1 -8.12 15.55 -25.19
CA THR A 1 -9.13 14.60 -24.66
C THR A 1 -10.17 15.38 -23.84
N ARG A 2 -11.27 14.75 -23.50
CA ARG A 2 -12.33 15.46 -22.72
C ARG A 2 -12.96 14.48 -21.73
N THR A 3 -13.55 14.98 -20.67
CA THR A 3 -14.17 14.09 -19.64
C THR A 3 -13.14 13.06 -19.17
N LYS A 4 -13.60 11.98 -18.58
CA LYS A 4 -12.35 11.02 -18.23
C LYS A 4 -11.72 11.52 -17.05
N ILE A 5 -11.75 10.98 -15.86
CA ILE A 5 -10.88 11.50 -14.78
C ILE A 5 -9.39 11.35 -15.15
N ASP A 6 -9.02 10.26 -15.77
CA ASP A 6 -7.59 10.07 -16.18
C ASP A 6 -6.65 10.41 -15.02
N TRP A 7 -7.16 10.45 -13.82
CA TRP A 7 -6.29 10.77 -12.66
C TRP A 7 -5.16 9.73 -12.54
N ASN A 8 -5.45 8.47 -12.57
CA ASN A 8 -4.35 7.47 -12.44
C ASN A 8 -3.25 7.80 -13.44
N LYS A 9 -3.63 8.28 -14.60
CA LYS A 9 -2.59 8.62 -15.59
C LYS A 9 -1.65 9.63 -14.90
N ILE A 10 -2.15 10.31 -13.90
CA ILE A 10 -1.29 11.28 -13.15
C ILE A 10 -0.07 10.50 -12.67
N LEU A 11 -0.30 9.27 -12.27
CA LEU A 11 0.84 8.43 -11.81
C LEU A 11 1.85 8.29 -12.95
N SER A 12 1.35 8.04 -14.15
CA SER A 12 2.26 7.89 -15.32
C SER A 12 2.21 9.16 -16.17
N THR B 1 14.79 -13.09 24.10
CA THR B 1 15.98 -13.04 23.22
C THR B 1 15.79 -14.01 22.05
N ARG B 2 16.51 -13.82 20.98
CA ARG B 2 16.37 -14.74 19.82
C ARG B 2 14.93 -14.70 19.31
N THR B 3 14.22 -13.64 19.63
CA THR B 3 12.79 -13.52 19.19
C THR B 3 12.50 -12.05 18.86
N LYS B 4 13.41 -11.39 18.18
CA LYS B 4 13.21 -9.96 17.82
C LYS B 4 12.57 -9.84 16.43
N ILE B 5 12.08 -10.94 15.90
CA ILE B 5 11.44 -10.94 14.54
C ILE B 5 12.16 -9.96 13.61
N ASP B 6 13.06 -10.47 12.81
CA ASP B 6 13.82 -9.60 11.86
C ASP B 6 13.16 -9.71 10.49
N TRP B 7 11.88 -9.98 10.51
CA TRP B 7 11.12 -10.13 9.24
C TRP B 7 11.18 -8.85 8.41
N ASN B 8 10.93 -7.71 8.99
CA ASN B 8 10.97 -6.45 8.19
C ASN B 8 12.27 -6.43 7.39
N LYS B 9 13.32 -6.89 7.99
CA LYS B 9 14.62 -6.88 7.29
C LYS B 9 14.45 -7.73 6.03
N ILE B 10 13.51 -8.65 6.03
CA ILE B 10 13.27 -9.45 4.79
C ILE B 10 13.08 -8.45 3.66
N LEU B 11 12.50 -7.33 3.99
CA LEU B 11 12.28 -6.26 2.99
C LEU B 11 13.66 -5.73 2.56
N SER B 12 14.57 -5.63 3.49
CA SER B 12 15.94 -5.14 3.15
C SER B 12 16.91 -5.49 4.28
N GLY C 1 -9.63 -5.17 16.22
CA GLY C 1 -8.36 -4.65 15.52
C GLY C 1 -8.16 -3.18 15.35
N SER C 2 -6.95 -2.74 15.17
CA SER C 2 -6.70 -1.28 14.99
C SER C 2 -7.00 -0.90 13.54
N GLU C 3 -7.09 0.36 13.24
CA GLU C 3 -7.41 0.79 11.85
C GLU C 3 -6.37 0.27 10.85
N LEU C 4 -5.09 0.35 11.16
CA LEU C 4 -4.08 -0.11 10.17
C LEU C 4 -4.16 -1.64 9.94
N GLU C 5 -4.35 -2.42 10.97
CA GLU C 5 -4.42 -3.89 10.74
C GLU C 5 -5.71 -4.23 10.01
N THR C 6 -6.70 -3.39 10.13
CA THR C 6 -7.99 -3.63 9.44
C THR C 6 -7.76 -3.71 7.93
N ALA C 7 -6.93 -2.81 7.44
CA ALA C 7 -6.63 -2.76 5.98
C ALA C 7 -5.67 -3.85 5.52
N MET C 8 -4.82 -4.34 6.38
CA MET C 8 -3.84 -5.37 5.93
C MET C 8 -4.58 -6.64 5.55
N GLU C 9 -5.39 -7.10 6.44
CA GLU C 9 -6.12 -8.35 6.22
C GLU C 9 -7.18 -8.18 5.14
N THR C 10 -7.75 -7.01 4.99
CA THR C 10 -8.80 -6.86 3.95
C THR C 10 -8.18 -6.97 2.54
N LEU C 11 -7.21 -6.16 2.20
CA LEU C 11 -6.58 -6.26 0.85
C LEU C 11 -6.26 -7.72 0.54
N ILE C 12 -5.79 -8.42 1.52
CA ILE C 12 -5.43 -9.84 1.32
C ILE C 12 -6.65 -10.72 1.04
N ASN C 13 -7.76 -10.53 1.72
CA ASN C 13 -8.95 -11.42 1.45
C ASN C 13 -9.68 -11.05 0.15
N VAL C 14 -9.87 -9.79 -0.15
CA VAL C 14 -10.59 -9.43 -1.42
C VAL C 14 -9.80 -9.98 -2.61
N PHE C 15 -8.51 -9.80 -2.58
CA PHE C 15 -7.66 -10.29 -3.69
C PHE C 15 -7.80 -11.81 -3.84
N HIS C 16 -7.86 -12.54 -2.77
CA HIS C 16 -8.05 -14.01 -2.89
C HIS C 16 -9.39 -14.31 -3.59
N ALA C 17 -10.37 -13.50 -3.32
CA ALA C 17 -11.73 -13.72 -3.90
C ALA C 17 -11.73 -13.78 -5.44
N HIS C 18 -11.23 -12.76 -6.10
CA HIS C 18 -11.25 -12.78 -7.60
C HIS C 18 -10.05 -13.55 -8.17
N SER C 19 -8.91 -13.39 -7.59
CA SER C 19 -7.68 -14.08 -8.06
C SER C 19 -7.79 -15.61 -8.05
N GLY C 20 -8.57 -16.18 -7.16
CA GLY C 20 -8.65 -17.68 -7.08
C GLY C 20 -9.96 -18.23 -7.62
N LYS C 21 -10.78 -17.44 -8.27
CA LYS C 21 -12.07 -17.99 -8.82
C LYS C 21 -12.05 -17.90 -10.35
N GLU C 22 -11.97 -16.72 -10.88
CA GLU C 22 -11.91 -16.58 -12.38
C GLU C 22 -10.46 -16.37 -12.77
N GLY C 23 -9.67 -17.43 -12.78
CA GLY C 23 -8.24 -17.27 -13.15
C GLY C 23 -7.38 -18.35 -12.50
N ASP C 24 -6.12 -18.07 -12.33
CA ASP C 24 -5.19 -19.04 -11.70
C ASP C 24 -5.34 -18.95 -10.18
N LYS C 25 -5.06 -20.01 -9.49
CA LYS C 25 -5.24 -19.99 -8.01
C LYS C 25 -4.42 -18.88 -7.33
N TYR C 26 -3.13 -18.79 -7.55
CA TYR C 26 -2.31 -17.73 -6.84
C TYR C 26 -1.66 -16.73 -7.80
N LYS C 27 -2.19 -16.56 -9.00
CA LYS C 27 -1.59 -15.57 -9.95
C LYS C 27 -2.72 -14.74 -10.54
N LEU C 28 -2.49 -13.47 -10.69
CA LEU C 28 -3.53 -12.56 -11.24
C LEU C 28 -3.29 -12.44 -12.77
N SER C 29 -4.29 -12.06 -13.50
CA SER C 29 -4.16 -11.94 -14.99
C SER C 29 -4.71 -10.59 -15.44
N LYS C 30 -4.46 -10.22 -16.68
CA LYS C 30 -4.98 -8.90 -17.20
C LYS C 30 -6.48 -8.74 -16.87
N LYS C 31 -7.26 -9.77 -16.94
CA LYS C 31 -8.72 -9.62 -16.64
C LYS C 31 -8.97 -9.66 -15.13
N GLU C 32 -8.17 -10.38 -14.39
CA GLU C 32 -8.43 -10.43 -12.94
C GLU C 32 -8.11 -9.08 -12.28
N LEU C 33 -7.05 -8.44 -12.69
CA LEU C 33 -6.69 -7.11 -12.10
C LEU C 33 -7.75 -6.07 -12.43
N LYS C 34 -8.22 -6.08 -13.64
CA LYS C 34 -9.22 -5.06 -14.07
C LYS C 34 -10.52 -5.16 -13.27
N ASP C 35 -10.96 -6.34 -12.97
CA ASP C 35 -12.25 -6.49 -12.24
C ASP C 35 -12.07 -6.27 -10.73
N LEU C 36 -10.98 -6.71 -10.18
CA LEU C 36 -10.74 -6.53 -8.72
C LEU C 36 -10.73 -5.02 -8.40
N LEU C 37 -9.97 -4.27 -9.16
CA LEU C 37 -9.88 -2.80 -8.95
C LEU C 37 -11.19 -2.12 -9.32
N GLN C 38 -11.77 -2.53 -10.41
CA GLN C 38 -13.04 -1.92 -10.90
C GLN C 38 -14.19 -2.29 -9.99
N THR C 39 -14.20 -3.48 -9.48
CA THR C 39 -15.36 -3.93 -8.67
C THR C 39 -15.60 -3.05 -7.44
N GLU C 40 -14.59 -2.80 -6.65
CA GLU C 40 -14.81 -1.99 -5.40
C GLU C 40 -14.42 -0.53 -5.61
N LEU C 41 -13.72 -0.21 -6.68
CA LEU C 41 -13.33 1.21 -6.94
C LEU C 41 -13.75 1.56 -8.36
N SER C 42 -14.94 1.18 -8.73
CA SER C 42 -15.44 1.46 -10.11
C SER C 42 -15.47 2.97 -10.35
N SER C 43 -16.06 3.69 -9.45
CA SER C 43 -16.18 5.17 -9.63
C SER C 43 -14.88 5.90 -9.28
N PHE C 44 -13.97 5.30 -8.56
CA PHE C 44 -12.72 6.06 -8.19
C PHE C 44 -11.58 5.76 -9.18
N LEU C 45 -10.62 4.97 -8.72
CA LEU C 45 -9.45 4.47 -9.55
C LEU C 45 -9.71 4.74 -11.06
N ASP C 46 -8.76 4.90 -11.96
CA ASP C 46 -9.18 5.02 -13.40
C ASP C 46 -9.17 3.63 -14.08
N VAL C 47 -10.31 3.10 -14.46
CA VAL C 47 -10.32 1.76 -15.17
C VAL C 47 -11.43 1.74 -16.23
N GLN C 48 -12.63 1.43 -15.82
CA GLN C 48 -13.76 1.35 -16.80
C GLN C 48 -13.97 2.69 -17.53
N LYS C 49 -13.87 3.77 -16.83
CA LYS C 49 -14.06 5.10 -17.49
C LYS C 49 -12.92 5.32 -18.46
N ASP C 50 -11.85 4.60 -18.26
CA ASP C 50 -10.70 4.71 -19.18
C ASP C 50 -10.05 3.34 -19.31
N ALA C 51 -10.48 2.57 -20.28
CA ALA C 51 -9.89 1.21 -20.46
C ALA C 51 -8.41 1.37 -20.71
N ASP C 52 -8.03 2.40 -21.42
CA ASP C 52 -6.59 2.65 -21.68
C ASP C 52 -5.91 2.82 -20.32
N ALA C 53 -6.59 3.38 -19.37
CA ALA C 53 -5.93 3.59 -18.06
C ALA C 53 -5.49 2.24 -17.48
N VAL C 54 -6.28 1.21 -17.64
CA VAL C 54 -5.83 -0.12 -17.10
C VAL C 54 -4.51 -0.50 -17.78
N ASP C 55 -4.38 -0.19 -19.04
CA ASP C 55 -3.14 -0.57 -19.81
C ASP C 55 -1.91 0.21 -19.30
N LYS C 56 -2.05 1.47 -19.00
CA LYS C 56 -0.87 2.27 -18.54
C LYS C 56 -0.45 1.82 -17.14
N ILE C 57 -1.41 1.56 -16.31
CA ILE C 57 -1.14 1.13 -14.91
C ILE C 57 -0.50 -0.26 -14.89
N MET C 58 -1.14 -1.20 -15.52
CA MET C 58 -0.62 -2.59 -15.56
C MET C 58 0.75 -2.62 -16.21
N LYS C 59 0.95 -1.81 -17.20
CA LYS C 59 2.28 -1.81 -17.88
C LYS C 59 3.31 -1.43 -16.84
N GLU C 60 3.01 -0.43 -16.08
CA GLU C 60 3.94 -0.02 -15.02
C GLU C 60 4.15 -1.22 -14.09
N LEU C 61 3.19 -2.12 -14.07
CA LEU C 61 3.31 -3.33 -13.19
C LEU C 61 3.87 -4.50 -13.98
N ASP C 62 3.78 -4.47 -15.28
CA ASP C 62 4.33 -5.61 -16.08
C ASP C 62 5.84 -5.51 -16.04
N GLU C 63 6.38 -5.24 -14.89
CA GLU C 63 7.85 -5.08 -14.79
C GLU C 63 8.54 -6.37 -15.20
N ASN C 64 8.00 -7.49 -14.81
CA ASN C 64 8.61 -8.76 -15.23
C ASN C 64 8.19 -9.00 -16.67
N GLY C 65 7.15 -8.34 -17.10
CA GLY C 65 6.66 -8.54 -18.49
C GLY C 65 5.98 -9.89 -18.54
N ASP C 66 5.29 -10.27 -17.48
CA ASP C 66 4.65 -11.63 -17.45
C ASP C 66 3.20 -11.57 -17.94
N GLY C 67 2.66 -10.39 -18.14
CA GLY C 67 1.23 -10.29 -18.60
C GLY C 67 0.29 -10.67 -17.45
N GLU C 68 0.82 -10.77 -16.24
CA GLU C 68 -0.02 -11.13 -15.06
C GLU C 68 0.34 -10.16 -13.94
N VAL C 69 -0.33 -10.18 -12.82
CA VAL C 69 0.01 -9.22 -11.72
C VAL C 69 0.14 -9.98 -10.40
N ASP C 70 1.22 -9.77 -9.69
CA ASP C 70 1.41 -10.50 -8.40
C ASP C 70 1.03 -9.57 -7.25
N PHE C 71 0.62 -10.13 -6.15
CA PHE C 71 0.21 -9.30 -4.99
C PHE C 71 1.31 -8.27 -4.70
N GLN C 72 2.51 -8.51 -5.16
CA GLN C 72 3.62 -7.51 -4.94
C GLN C 72 3.43 -6.36 -5.94
N GLU C 73 2.78 -6.65 -7.03
CA GLU C 73 2.54 -5.61 -8.06
C GLU C 73 1.26 -4.84 -7.74
N PHE C 74 0.20 -5.55 -7.46
CA PHE C 74 -1.10 -4.89 -7.14
C PHE C 74 -0.98 -4.06 -5.86
N VAL C 75 -0.42 -4.62 -4.83
CA VAL C 75 -0.31 -3.85 -3.55
C VAL C 75 0.52 -2.59 -3.78
N VAL C 76 1.58 -2.67 -4.55
CA VAL C 76 2.38 -1.44 -4.83
C VAL C 76 1.50 -0.38 -5.52
N LEU C 77 0.65 -0.79 -6.44
CA LEU C 77 -0.22 0.17 -7.20
C LEU C 77 -1.20 0.91 -6.28
N VAL C 78 -1.95 0.23 -5.46
CA VAL C 78 -2.93 0.94 -4.56
C VAL C 78 -2.17 1.91 -3.66
N ALA C 79 -1.04 1.51 -3.18
CA ALA C 79 -0.21 2.39 -2.32
C ALA C 79 0.17 3.67 -3.09
N ALA C 80 0.46 3.54 -4.35
CA ALA C 80 0.90 4.71 -5.15
C ALA C 80 -0.26 5.62 -5.62
N LEU C 81 -1.48 5.15 -5.78
CA LEU C 81 -2.56 6.11 -6.23
C LEU C 81 -3.13 6.84 -5.01
N THR C 82 -3.45 6.09 -3.98
CA THR C 82 -3.99 6.71 -2.73
C THR C 82 -3.12 7.89 -2.32
N VAL C 83 -1.82 7.73 -2.35
CA VAL C 83 -0.91 8.86 -2.00
C VAL C 83 -1.14 10.02 -2.96
N ALA C 84 -1.29 9.74 -4.22
CA ALA C 84 -1.48 10.84 -5.20
C ALA C 84 -2.75 11.63 -4.84
N CYS C 85 -3.68 10.99 -4.20
CA CYS C 85 -4.94 11.70 -3.81
C CYS C 85 -4.67 12.67 -2.65
N ASN C 86 -3.97 12.22 -1.64
CA ASN C 86 -3.70 13.11 -0.47
C ASN C 86 -2.92 14.35 -0.91
N ASN C 87 -1.97 14.19 -1.79
CA ASN C 87 -1.16 15.37 -2.25
C ASN C 87 -2.08 16.40 -2.91
N PHE C 88 -3.04 15.96 -3.68
CA PHE C 88 -3.95 16.94 -4.35
C PHE C 88 -5.15 17.22 -3.45
N PHE C 89 -5.20 16.60 -2.30
CA PHE C 89 -6.33 16.86 -1.37
C PHE C 89 -6.03 18.18 -0.64
N TRP C 90 -4.78 18.58 -0.65
CA TRP C 90 -4.38 19.85 0.02
C TRP C 90 -4.43 21.00 -1.00
N GLU C 91 -4.74 20.69 -2.23
CA GLU C 91 -4.78 21.75 -3.28
C GLU C 91 -5.80 22.84 -2.92
N ASN C 92 -6.94 22.45 -2.40
CA ASN C 92 -7.97 23.48 -2.02
C ASN C 92 -7.92 23.71 -0.51
N SER C 93 -7.04 23.04 0.17
CA SER C 93 -6.93 23.23 1.64
C SER C 93 -8.31 23.04 2.28
N GLY D 1 -19.31 1.49 2.53
CA GLY D 1 -18.12 1.29 1.59
C GLY D 1 -17.61 -0.09 1.32
N SER D 2 -16.91 -0.28 0.25
CA SER D 2 -16.38 -1.64 -0.06
C SER D 2 -15.12 -1.89 0.77
N GLU D 3 -14.66 -3.11 0.82
CA GLU D 3 -13.47 -3.43 1.65
C GLU D 3 -12.24 -2.62 1.18
N LEU D 4 -12.01 -2.52 -0.10
CA LEU D 4 -10.80 -1.77 -0.55
C LEU D 4 -10.89 -0.28 -0.21
N GLU D 5 -12.02 0.35 -0.39
CA GLU D 5 -12.11 1.80 -0.06
C GLU D 5 -12.02 1.98 1.46
N THR D 6 -12.37 0.97 2.20
CA THR D 6 -12.30 1.05 3.67
C THR D 6 -10.86 1.34 4.10
N ALA D 7 -9.92 0.67 3.46
CA ALA D 7 -8.49 0.83 3.80
C ALA D 7 -7.89 2.13 3.23
N MET D 8 -8.41 2.65 2.16
CA MET D 8 -7.81 3.89 1.59
C MET D 8 -7.97 5.04 2.56
N GLU D 9 -9.18 5.25 2.97
CA GLU D 9 -9.49 6.36 3.87
C GLU D 9 -8.89 6.13 5.26
N THR D 10 -8.79 4.91 5.70
CA THR D 10 -8.23 4.68 7.07
C THR D 10 -6.73 5.06 7.10
N LEU D 11 -5.91 4.48 6.26
CA LEU D 11 -4.44 4.85 6.28
C LEU D 11 -4.31 6.37 6.28
N ILE D 12 -5.13 7.03 5.54
CA ILE D 12 -5.04 8.51 5.46
C ILE D 12 -5.45 9.18 6.79
N ASN D 13 -6.45 8.71 7.48
CA ASN D 13 -6.85 9.40 8.75
C ASN D 13 -5.88 9.07 9.92
N VAL D 14 -5.46 7.83 10.07
CA VAL D 14 -4.55 7.49 11.20
C VAL D 14 -3.26 8.31 11.06
N PHE D 15 -2.75 8.36 9.87
CA PHE D 15 -1.48 9.12 9.61
C PHE D 15 -1.69 10.59 9.97
N HIS D 16 -2.82 11.17 9.66
CA HIS D 16 -3.04 12.59 10.04
C HIS D 16 -2.98 12.73 11.57
N ALA D 17 -3.47 11.73 12.27
CA ALA D 17 -3.52 11.76 13.76
C ALA D 17 -2.14 12.00 14.41
N HIS D 18 -1.16 11.18 14.12
CA HIS D 18 0.18 11.36 14.76
C HIS D 18 1.03 12.40 14.00
N SER D 19 0.98 12.37 12.72
CA SER D 19 1.78 13.31 11.89
C SER D 19 1.45 14.78 12.15
N GLY D 20 0.23 15.11 12.55
CA GLY D 20 -0.14 16.55 12.75
C GLY D 20 -0.25 16.92 14.23
N LYS D 21 0.16 16.08 15.14
CA LYS D 21 0.04 16.45 16.60
C LYS D 21 1.44 16.54 17.20
N GLU D 22 2.16 15.46 17.22
CA GLU D 22 3.55 15.50 17.77
C GLU D 22 4.52 15.61 16.60
N GLY D 23 4.65 16.77 16.02
CA GLY D 23 5.59 16.91 14.86
C GLY D 23 5.14 18.05 13.95
N ASP D 24 5.53 17.97 12.71
CA ASP D 24 5.16 19.02 11.73
C ASP D 24 3.75 18.73 11.21
N LYS D 25 3.04 19.73 10.80
CA LYS D 25 1.64 19.51 10.34
C LYS D 25 1.55 18.50 9.19
N TYR D 26 2.28 18.67 8.10
CA TYR D 26 2.13 17.70 6.94
C TYR D 26 3.44 16.94 6.65
N LYS D 27 4.34 16.83 7.60
CA LYS D 27 5.61 16.07 7.34
C LYS D 27 5.84 15.12 8.51
N LEU D 28 6.29 13.95 8.22
CA LEU D 28 6.54 12.93 9.27
C LEU D 28 8.02 13.02 9.68
N SER D 29 8.37 12.57 10.85
CA SER D 29 9.79 12.63 11.34
C SER D 29 10.22 11.27 11.87
N LYS D 30 11.50 11.08 12.11
CA LYS D 30 11.99 9.77 12.65
C LYS D 30 11.13 9.31 13.84
N LYS D 31 10.70 10.19 14.70
CA LYS D 31 9.88 9.75 15.88
C LYS D 31 8.43 9.58 15.46
N GLU D 32 7.94 10.33 14.53
CA GLU D 32 6.51 10.17 14.16
C GLU D 32 6.29 8.83 13.44
N LEU D 33 7.20 8.44 12.58
CA LEU D 33 7.03 7.14 11.86
C LEU D 33 7.10 5.97 12.84
N LYS D 34 8.01 6.04 13.77
CA LYS D 34 8.18 4.91 14.72
C LYS D 34 6.93 4.68 15.58
N ASP D 35 6.27 5.73 15.99
CA ASP D 35 5.08 5.57 16.86
C ASP D 35 3.84 5.21 16.04
N LEU D 36 3.69 5.77 14.89
CA LEU D 36 2.49 5.46 14.05
C LEU D 36 2.48 3.97 13.73
N LEU D 37 3.59 3.46 13.28
CA LEU D 37 3.69 2.00 12.93
C LEU D 37 3.65 1.15 14.20
N GLN D 38 4.33 1.58 15.21
CA GLN D 38 4.37 0.81 16.49
C GLN D 38 3.04 0.85 17.20
N THR D 39 2.36 1.97 17.13
CA THR D 39 1.09 2.10 17.90
C THR D 39 0.05 1.06 17.51
N GLU D 40 -0.23 0.91 16.23
CA GLU D 40 -1.29 -0.06 15.81
C GLU D 40 -0.69 -1.40 15.37
N LEU D 41 0.59 -1.46 15.16
CA LEU D 41 1.24 -2.76 14.75
C LEU D 41 2.42 -3.01 15.68
N SER D 42 2.21 -2.81 16.95
CA SER D 42 3.30 -3.02 17.94
C SER D 42 3.78 -4.47 17.90
N SER D 43 2.87 -5.38 17.97
CA SER D 43 3.25 -6.82 17.98
C SER D 43 3.57 -7.34 16.58
N PHE D 44 3.18 -6.66 15.53
CA PHE D 44 3.47 -7.23 14.16
C PHE D 44 4.74 -6.66 13.52
N LEU D 45 4.58 -5.60 12.74
CA LEU D 45 5.74 -4.99 11.98
C LEU D 45 6.99 -5.06 12.86
N ASP D 46 8.21 -4.98 12.36
CA ASP D 46 9.36 -5.01 13.32
C ASP D 46 9.73 -3.58 13.72
N VAL D 47 9.55 -3.20 14.96
CA VAL D 47 9.94 -1.81 15.40
C VAL D 47 10.45 -1.86 16.85
N GLN D 48 9.56 -1.83 17.80
CA GLN D 48 10.00 -1.84 19.23
C GLN D 48 10.80 -3.10 19.56
N LYS D 49 10.39 -4.22 19.06
CA LYS D 49 11.15 -5.48 19.36
C LYS D 49 12.51 -5.38 18.70
N ASP D 50 12.63 -4.52 17.74
CA ASP D 50 13.93 -4.33 17.06
C ASP D 50 14.06 -2.84 16.70
N ALA D 51 14.64 -2.06 17.57
CA ALA D 51 14.79 -0.61 17.28
C ALA D 51 15.63 -0.48 16.01
N ASP D 52 16.60 -1.35 15.86
CA ASP D 52 17.43 -1.31 14.63
C ASP D 52 16.52 -1.49 13.43
N ALA D 53 15.48 -2.27 13.59
CA ALA D 53 14.59 -2.51 12.43
C ALA D 53 14.02 -1.16 11.96
N VAL D 54 13.66 -0.29 12.84
CA VAL D 54 13.10 1.02 12.37
C VAL D 54 14.18 1.72 11.50
N ASP D 55 15.42 1.58 11.86
CA ASP D 55 16.53 2.24 11.11
C ASP D 55 16.70 1.65 9.70
N LYS D 56 16.60 0.36 9.56
CA LYS D 56 16.79 -0.27 8.21
C LYS D 56 15.61 0.08 7.30
N ILE D 57 14.44 0.07 7.85
CA ILE D 57 13.22 0.38 7.08
C ILE D 57 13.21 1.85 6.66
N MET D 58 13.34 2.73 7.60
CA MET D 58 13.34 4.19 7.31
C MET D 58 14.47 4.54 6.34
N LYS D 59 15.58 3.90 6.48
CA LYS D 59 16.72 4.20 5.56
C LYS D 59 16.25 3.91 4.15
N GLU D 60 15.63 2.79 4.00
CA GLU D 60 15.09 2.42 2.67
C GLU D 60 14.11 3.52 2.24
N LEU D 61 13.58 4.25 3.19
CA LEU D 61 12.62 5.34 2.86
C LEU D 61 13.35 6.68 2.81
N ASP D 62 14.49 6.78 3.43
CA ASP D 62 15.22 8.08 3.41
C ASP D 62 15.81 8.24 2.01
N GLU D 63 15.03 7.94 1.02
CA GLU D 63 15.54 8.03 -0.37
C GLU D 63 15.96 9.47 -0.67
N ASN D 64 15.20 10.41 -0.21
CA ASN D 64 15.59 11.82 -0.44
C ASN D 64 16.68 12.14 0.56
N GLY D 65 16.77 11.36 1.60
CA GLY D 65 17.80 11.63 2.64
C GLY D 65 17.34 12.84 3.44
N ASP D 66 16.05 12.97 3.65
CA ASP D 66 15.53 14.16 4.38
C ASP D 66 15.41 13.91 5.88
N GLY D 67 15.58 12.69 6.32
CA GLY D 67 15.46 12.39 7.78
C GLY D 67 13.98 12.46 8.20
N GLU D 68 13.08 12.51 7.23
CA GLU D 68 11.62 12.59 7.53
C GLU D 68 10.93 11.56 6.64
N VAL D 69 9.64 11.35 6.78
CA VAL D 69 8.95 10.35 5.90
C VAL D 69 7.68 10.96 5.32
N ASP D 70 7.50 10.88 4.03
CA ASP D 70 6.28 11.46 3.39
C ASP D 70 5.27 10.35 3.16
N PHE D 71 4.01 10.71 3.14
CA PHE D 71 2.95 9.69 2.93
C PHE D 71 3.31 8.85 1.70
N GLN D 72 4.16 9.34 0.83
CA GLN D 72 4.57 8.54 -0.37
C GLN D 72 5.60 7.50 0.08
N GLU D 73 6.27 7.78 1.16
CA GLU D 73 7.28 6.84 1.69
C GLU D 73 6.63 5.83 2.61
N PHE D 74 5.84 6.30 3.54
CA PHE D 74 5.16 5.39 4.50
C PHE D 74 4.19 4.45 3.76
N VAL D 75 3.38 4.98 2.89
CA VAL D 75 2.41 4.12 2.16
C VAL D 75 3.17 3.04 1.37
N VAL D 76 4.27 3.40 0.76
CA VAL D 76 5.04 2.38 0.01
C VAL D 76 5.51 1.26 0.96
N LEU D 77 5.94 1.62 2.16
CA LEU D 77 6.44 0.61 3.14
C LEU D 77 5.36 -0.40 3.58
N VAL D 78 4.20 0.04 3.99
CA VAL D 78 3.13 -0.92 4.41
C VAL D 78 2.80 -1.84 3.24
N ALA D 79 2.74 -1.30 2.06
CA ALA D 79 2.44 -2.11 0.85
C ALA D 79 3.50 -3.21 0.69
N ALA D 80 4.73 -2.89 0.96
CA ALA D 80 5.84 -3.87 0.76
C ALA D 80 5.95 -4.90 1.90
N LEU D 81 5.54 -4.64 3.12
CA LEU D 81 5.70 -5.70 4.18
C LEU D 81 4.50 -6.67 4.10
N THR D 82 3.32 -6.12 4.05
CA THR D 82 2.09 -6.96 3.95
C THR D 82 2.27 -8.01 2.85
N VAL D 83 2.77 -7.62 1.71
CA VAL D 83 3.01 -8.61 0.61
C VAL D 83 3.99 -9.68 1.08
N ALA D 84 5.03 -9.29 1.78
CA ALA D 84 6.03 -10.28 2.24
C ALA D 84 5.35 -11.31 3.14
N CYS D 85 4.28 -10.93 3.78
CA CYS D 85 3.57 -11.89 4.67
C CYS D 85 2.80 -12.92 3.84
N ASN D 86 2.09 -12.47 2.84
CA ASN D 86 1.29 -13.42 2.01
C ASN D 86 2.22 -14.44 1.35
N ASN D 87 3.35 -14.03 0.87
CA ASN D 87 4.29 -14.98 0.20
C ASN D 87 4.70 -16.09 1.18
N PHE D 88 4.95 -15.74 2.42
CA PHE D 88 5.36 -16.76 3.41
C PHE D 88 4.13 -17.36 4.09
N PHE D 89 2.96 -16.90 3.73
CA PHE D 89 1.73 -17.46 4.32
C PHE D 89 1.41 -18.77 3.60
N TRP D 90 1.98 -18.95 2.43
CA TRP D 90 1.76 -20.19 1.64
C TRP D 90 2.87 -21.20 1.97
N GLU D 91 3.80 -20.82 2.81
CA GLU D 91 4.92 -21.74 3.16
C GLU D 91 4.38 -23.03 3.80
N ASN D 92 3.41 -22.91 4.66
CA ASN D 92 2.84 -24.14 5.32
C ASN D 92 1.54 -24.54 4.62
N SER D 93 1.15 -23.80 3.61
CA SER D 93 -0.10 -24.13 2.88
C SER D 93 -1.26 -24.26 3.88
N THR A 1 -15.49 16.28 -23.80
CA THR A 1 -15.81 17.39 -22.84
C THR A 1 -14.63 17.60 -21.90
N ARG A 2 -13.60 18.25 -22.36
CA ARG A 2 -12.42 18.51 -21.50
C ARG A 2 -11.99 17.19 -20.83
N THR A 3 -11.55 17.24 -19.59
CA THR A 3 -11.11 16.00 -18.89
C THR A 3 -11.96 15.79 -17.63
N LYS A 4 -12.64 14.68 -17.53
CA LYS A 4 -13.48 14.41 -16.32
C LYS A 4 -12.64 13.69 -15.26
N ILE A 5 -11.76 12.81 -15.68
CA ILE A 5 -10.92 12.09 -14.69
C ILE A 5 -9.70 11.49 -15.42
N ASP A 6 -8.52 11.94 -15.09
CA ASP A 6 -7.29 11.40 -15.75
C ASP A 6 -6.11 11.45 -14.77
N TRP A 7 -6.36 11.75 -13.54
CA TRP A 7 -5.24 11.84 -12.59
C TRP A 7 -4.67 10.44 -12.32
N ASN A 8 -5.42 9.38 -12.52
CA ASN A 8 -4.80 8.04 -12.33
C ASN A 8 -3.54 8.01 -13.19
N LYS A 9 -3.60 8.72 -14.30
CA LYS A 9 -2.42 8.82 -15.19
C LYS A 9 -1.32 9.53 -14.40
N ILE A 10 -1.68 10.41 -13.48
CA ILE A 10 -0.64 11.12 -12.66
C ILE A 10 0.43 10.08 -12.26
N LEU A 11 -0.03 8.94 -11.80
CA LEU A 11 0.92 7.87 -11.40
C LEU A 11 1.67 7.40 -12.64
N SER A 12 0.98 7.29 -13.75
CA SER A 12 1.66 6.83 -15.01
C SER A 12 1.00 7.52 -16.21
N THR B 1 19.26 -14.88 20.68
CA THR B 1 19.48 -14.48 19.26
C THR B 1 18.14 -14.48 18.52
N ARG B 2 17.34 -15.48 18.72
CA ARG B 2 16.02 -15.57 18.03
C ARG B 2 14.90 -15.11 18.97
N THR B 3 15.25 -14.55 20.09
CA THR B 3 14.21 -14.10 21.05
C THR B 3 13.31 -13.07 20.37
N LYS B 4 13.89 -12.20 19.59
CA LYS B 4 13.10 -11.15 18.89
C LYS B 4 12.72 -11.65 17.49
N ILE B 5 11.92 -10.90 16.77
CA ILE B 5 11.49 -11.31 15.40
C ILE B 5 12.36 -10.55 14.37
N ASP B 6 12.81 -11.21 13.32
CA ASP B 6 13.67 -10.53 12.28
C ASP B 6 12.98 -10.61 10.92
N TRP B 7 11.77 -11.03 10.92
CA TRP B 7 11.03 -11.18 9.64
C TRP B 7 10.92 -9.82 8.90
N ASN B 8 10.49 -8.76 9.54
CA ASN B 8 10.37 -7.47 8.79
C ASN B 8 11.69 -7.18 8.07
N LYS B 9 12.81 -7.55 8.65
CA LYS B 9 14.09 -7.30 7.95
C LYS B 9 14.01 -8.02 6.61
N ILE B 10 13.16 -9.02 6.52
CA ILE B 10 12.98 -9.73 5.22
C ILE B 10 12.70 -8.66 4.17
N LEU B 11 11.91 -7.69 4.54
CA LEU B 11 11.58 -6.58 3.60
C LEU B 11 12.76 -5.61 3.51
N SER B 12 13.40 -5.34 4.63
CA SER B 12 14.54 -4.39 4.63
C SER B 12 14.02 -2.96 4.51
N GLY C 1 -7.65 -6.13 14.49
CA GLY C 1 -8.79 -5.16 14.84
C GLY C 1 -8.50 -3.69 14.94
N SER C 2 -7.26 -3.31 14.86
CA SER C 2 -6.90 -1.87 14.96
C SER C 2 -7.07 -1.21 13.59
N GLU C 3 -7.23 0.08 13.57
CA GLU C 3 -7.44 0.82 12.28
C GLU C 3 -6.51 0.28 11.19
N LEU C 4 -5.23 0.30 11.42
CA LEU C 4 -4.28 -0.20 10.39
C LEU C 4 -4.44 -1.71 10.18
N GLU C 5 -4.57 -2.45 11.24
CA GLU C 5 -4.70 -3.92 11.06
C GLU C 5 -5.93 -4.24 10.21
N THR C 6 -6.98 -3.50 10.40
CA THR C 6 -8.23 -3.72 9.63
C THR C 6 -7.93 -3.69 8.12
N ALA C 7 -7.22 -2.68 7.71
CA ALA C 7 -6.88 -2.49 6.26
C ALA C 7 -5.95 -3.59 5.73
N MET C 8 -5.16 -4.19 6.56
CA MET C 8 -4.22 -5.23 6.03
C MET C 8 -4.99 -6.47 5.60
N GLU C 9 -5.83 -6.95 6.45
CA GLU C 9 -6.58 -8.19 6.14
C GLU C 9 -7.59 -7.93 5.03
N THR C 10 -8.07 -6.72 4.90
CA THR C 10 -9.07 -6.45 3.82
C THR C 10 -8.41 -6.70 2.46
N LEU C 11 -7.32 -6.05 2.13
CA LEU C 11 -6.69 -6.28 0.79
C LEU C 11 -6.30 -7.76 0.64
N ILE C 12 -5.81 -8.39 1.65
CA ILE C 12 -5.41 -9.83 1.51
C ILE C 12 -6.60 -10.74 1.20
N ASN C 13 -7.75 -10.54 1.79
CA ASN C 13 -8.90 -11.47 1.50
C ASN C 13 -9.59 -11.13 0.16
N VAL C 14 -9.81 -9.88 -0.13
CA VAL C 14 -10.50 -9.52 -1.40
C VAL C 14 -9.67 -10.00 -2.58
N PHE C 15 -8.38 -9.82 -2.50
CA PHE C 15 -7.49 -10.28 -3.61
C PHE C 15 -7.63 -11.80 -3.80
N HIS C 16 -7.74 -12.55 -2.75
CA HIS C 16 -7.92 -14.03 -2.90
C HIS C 16 -9.24 -14.34 -3.64
N ALA C 17 -10.26 -13.57 -3.39
CA ALA C 17 -11.59 -13.81 -4.03
C ALA C 17 -11.50 -13.85 -5.57
N HIS C 18 -10.98 -12.82 -6.18
CA HIS C 18 -10.92 -12.77 -7.68
C HIS C 18 -9.71 -13.53 -8.23
N SER C 19 -8.59 -13.38 -7.60
CA SER C 19 -7.31 -14.02 -8.06
C SER C 19 -7.36 -15.55 -8.11
N GLY C 20 -8.10 -16.21 -7.26
CA GLY C 20 -8.08 -17.71 -7.25
C GLY C 20 -9.29 -18.33 -7.93
N LYS C 21 -10.05 -17.59 -8.72
CA LYS C 21 -11.26 -18.22 -9.39
C LYS C 21 -11.08 -18.21 -10.91
N GLU C 22 -10.90 -17.07 -11.50
CA GLU C 22 -10.76 -16.99 -12.99
C GLU C 22 -9.29 -16.83 -13.41
N GLY C 23 -8.35 -17.23 -12.58
CA GLY C 23 -6.92 -17.07 -13.01
C GLY C 23 -5.97 -17.91 -12.15
N ASP C 24 -4.70 -17.63 -12.26
CA ASP C 24 -3.68 -18.39 -11.49
C ASP C 24 -3.97 -18.26 -10.00
N LYS C 25 -3.80 -19.32 -9.25
CA LYS C 25 -4.13 -19.27 -7.81
C LYS C 25 -3.46 -18.08 -7.10
N TYR C 26 -2.17 -17.87 -7.28
CA TYR C 26 -1.50 -16.74 -6.56
C TYR C 26 -1.10 -15.60 -7.53
N LYS C 27 -1.71 -15.51 -8.69
CA LYS C 27 -1.33 -14.39 -9.63
C LYS C 27 -2.58 -13.76 -10.26
N LEU C 28 -2.51 -12.47 -10.47
CA LEU C 28 -3.65 -11.71 -11.06
C LEU C 28 -3.47 -11.64 -12.59
N SER C 29 -4.37 -12.19 -13.35
CA SER C 29 -4.22 -12.07 -14.82
C SER C 29 -4.65 -10.67 -15.26
N LYS C 30 -4.24 -10.22 -16.41
CA LYS C 30 -4.65 -8.86 -16.88
C LYS C 30 -6.15 -8.63 -16.59
N LYS C 31 -6.97 -9.63 -16.75
CA LYS C 31 -8.42 -9.42 -16.48
C LYS C 31 -8.69 -9.49 -14.98
N GLU C 32 -7.91 -10.21 -14.23
CA GLU C 32 -8.18 -10.28 -12.77
C GLU C 32 -7.86 -8.95 -12.09
N LEU C 33 -6.78 -8.29 -12.47
CA LEU C 33 -6.46 -6.98 -11.82
C LEU C 33 -7.55 -5.97 -12.12
N LYS C 34 -7.99 -5.92 -13.35
CA LYS C 34 -9.03 -4.92 -13.71
C LYS C 34 -10.35 -5.19 -12.96
N ASP C 35 -10.75 -6.43 -12.82
CA ASP C 35 -12.04 -6.72 -12.13
C ASP C 35 -11.93 -6.43 -10.62
N LEU C 36 -10.82 -6.75 -10.03
CA LEU C 36 -10.64 -6.54 -8.58
C LEU C 36 -10.72 -5.04 -8.24
N LEU C 37 -10.05 -4.22 -8.98
CA LEU C 37 -10.04 -2.76 -8.70
C LEU C 37 -11.40 -2.09 -9.00
N GLN C 38 -11.95 -2.34 -10.15
CA GLN C 38 -13.23 -1.66 -10.55
C GLN C 38 -14.43 -2.04 -9.68
N THR C 39 -14.54 -3.29 -9.33
CA THR C 39 -15.75 -3.74 -8.60
C THR C 39 -16.06 -2.84 -7.42
N GLU C 40 -15.09 -2.56 -6.59
CA GLU C 40 -15.35 -1.70 -5.40
C GLU C 40 -14.92 -0.26 -5.67
N LEU C 41 -14.17 -0.04 -6.73
CA LEU C 41 -13.73 1.36 -7.05
C LEU C 41 -13.99 1.60 -8.54
N SER C 42 -15.11 1.15 -9.03
CA SER C 42 -15.47 1.34 -10.47
C SER C 42 -15.53 2.83 -10.82
N SER C 43 -16.25 3.57 -10.04
CA SER C 43 -16.43 5.03 -10.32
C SER C 43 -15.24 5.86 -9.82
N PHE C 44 -14.41 5.35 -8.92
CA PHE C 44 -13.29 6.21 -8.44
C PHE C 44 -12.10 6.16 -9.41
N LEU C 45 -11.06 5.46 -8.99
CA LEU C 45 -9.83 5.17 -9.84
C LEU C 45 -10.13 5.44 -11.32
N ASP C 46 -9.22 5.78 -12.20
CA ASP C 46 -9.62 5.87 -13.64
C ASP C 46 -9.37 4.52 -14.33
N VAL C 47 -10.39 3.76 -14.68
CA VAL C 47 -10.13 2.46 -15.39
C VAL C 47 -11.31 2.17 -16.32
N GLN C 48 -12.49 2.02 -15.80
CA GLN C 48 -13.66 1.75 -16.66
C GLN C 48 -14.02 2.98 -17.50
N LYS C 49 -13.94 4.14 -16.92
CA LYS C 49 -14.23 5.38 -17.68
C LYS C 49 -13.11 5.60 -18.67
N ASP C 50 -11.98 5.03 -18.40
CA ASP C 50 -10.82 5.16 -19.34
C ASP C 50 -10.13 3.79 -19.40
N ALA C 51 -10.53 2.97 -20.33
CA ALA C 51 -9.90 1.62 -20.45
C ALA C 51 -8.41 1.81 -20.66
N ASP C 52 -8.04 2.87 -21.32
CA ASP C 52 -6.60 3.16 -21.53
C ASP C 52 -5.96 3.32 -20.16
N ALA C 53 -6.66 3.90 -19.24
CA ALA C 53 -6.04 4.11 -17.90
C ALA C 53 -5.63 2.76 -17.29
N VAL C 54 -6.41 1.72 -17.47
CA VAL C 54 -5.99 0.41 -16.88
C VAL C 54 -4.64 0.04 -17.51
N ASP C 55 -4.48 0.29 -18.77
CA ASP C 55 -3.22 -0.05 -19.49
C ASP C 55 -2.02 0.74 -18.94
N LYS C 56 -2.19 2.00 -18.64
CA LYS C 56 -1.03 2.82 -18.13
C LYS C 56 -0.53 2.26 -16.80
N ILE C 57 -1.44 1.87 -15.95
CA ILE C 57 -1.07 1.31 -14.62
C ILE C 57 -0.47 -0.10 -14.79
N MET C 58 -1.05 -0.88 -15.65
CA MET C 58 -0.58 -2.29 -15.84
C MET C 58 0.85 -2.33 -16.40
N LYS C 59 1.18 -1.47 -17.31
CA LYS C 59 2.58 -1.52 -17.83
C LYS C 59 3.50 -1.14 -16.67
N GLU C 60 3.06 -0.23 -15.86
CA GLU C 60 3.85 0.20 -14.68
C GLU C 60 4.00 -1.00 -13.74
N LEU C 61 3.02 -1.87 -13.74
CA LEU C 61 3.07 -3.06 -12.84
C LEU C 61 3.74 -4.24 -13.55
N ASP C 62 3.81 -4.23 -14.85
CA ASP C 62 4.45 -5.37 -15.55
C ASP C 62 5.96 -5.24 -15.43
N GLU C 63 6.42 -4.89 -14.26
CA GLU C 63 7.88 -4.70 -14.09
C GLU C 63 8.61 -6.00 -14.41
N ASN C 64 8.07 -7.11 -13.99
CA ASN C 64 8.71 -8.40 -14.30
C ASN C 64 8.40 -8.72 -15.76
N GLY C 65 7.38 -8.09 -16.30
CA GLY C 65 6.99 -8.36 -17.70
C GLY C 65 6.32 -9.72 -17.76
N ASP C 66 5.62 -10.08 -16.72
CA ASP C 66 4.99 -11.46 -16.69
C ASP C 66 3.57 -11.44 -17.30
N GLY C 67 3.02 -10.30 -17.59
CA GLY C 67 1.64 -10.26 -18.18
C GLY C 67 0.59 -10.43 -17.06
N GLU C 68 1.04 -10.44 -15.82
CA GLU C 68 0.10 -10.59 -14.68
C GLU C 68 0.61 -9.70 -13.55
N VAL C 69 -0.17 -9.51 -12.52
CA VAL C 69 0.25 -8.64 -11.39
C VAL C 69 0.49 -9.50 -10.15
N ASP C 70 1.65 -9.38 -9.56
CA ASP C 70 1.94 -10.14 -8.31
C ASP C 70 1.53 -9.25 -7.14
N PHE C 71 1.06 -9.83 -6.08
CA PHE C 71 0.62 -9.02 -4.91
C PHE C 71 1.61 -7.87 -4.64
N GLN C 72 2.87 -8.06 -4.88
CA GLN C 72 3.82 -6.93 -4.64
C GLN C 72 3.58 -5.84 -5.69
N GLU C 73 3.10 -6.22 -6.83
CA GLU C 73 2.81 -5.25 -7.92
C GLU C 73 1.45 -4.58 -7.67
N PHE C 74 0.47 -5.37 -7.29
CA PHE C 74 -0.89 -4.82 -7.05
C PHE C 74 -0.93 -3.89 -5.83
N VAL C 75 -0.39 -4.32 -4.73
CA VAL C 75 -0.42 -3.50 -3.49
C VAL C 75 0.29 -2.17 -3.71
N VAL C 76 1.31 -2.17 -4.50
CA VAL C 76 2.02 -0.89 -4.75
C VAL C 76 1.04 0.08 -5.44
N LEU C 77 0.15 -0.45 -6.26
CA LEU C 77 -0.82 0.42 -7.01
C LEU C 77 -1.86 1.06 -6.08
N VAL C 78 -2.57 0.28 -5.31
CA VAL C 78 -3.62 0.86 -4.40
C VAL C 78 -2.97 1.84 -3.43
N ALA C 79 -1.79 1.53 -3.03
CA ALA C 79 -1.05 2.39 -2.10
C ALA C 79 -0.71 3.73 -2.77
N ALA C 80 -0.35 3.69 -4.02
CA ALA C 80 0.07 4.92 -4.73
C ALA C 80 -1.10 5.84 -5.16
N LEU C 81 -2.25 5.33 -5.54
CA LEU C 81 -3.34 6.27 -5.98
C LEU C 81 -3.89 7.05 -4.77
N THR C 82 -4.05 6.41 -3.65
CA THR C 82 -4.57 7.11 -2.43
C THR C 82 -3.64 8.25 -2.00
N VAL C 83 -2.37 8.01 -1.91
CA VAL C 83 -1.41 9.13 -1.54
C VAL C 83 -1.48 10.23 -2.59
N ALA C 84 -1.58 9.87 -3.83
CA ALA C 84 -1.64 10.88 -4.91
C ALA C 84 -2.93 11.69 -4.75
N CYS C 85 -3.93 11.11 -4.15
CA CYS C 85 -5.21 11.87 -3.98
C CYS C 85 -5.02 13.01 -3.00
N ASN C 86 -4.32 12.79 -1.92
CA ASN C 86 -4.11 13.90 -0.93
C ASN C 86 -3.38 15.04 -1.64
N ASN C 87 -2.42 14.71 -2.45
CA ASN C 87 -1.66 15.76 -3.18
C ASN C 87 -2.61 16.55 -4.09
N PHE C 88 -3.53 15.88 -4.73
CA PHE C 88 -4.47 16.57 -5.65
C PHE C 88 -5.55 17.30 -4.84
N PHE C 89 -5.63 17.07 -3.56
CA PHE C 89 -6.65 17.77 -2.73
C PHE C 89 -6.04 19.07 -2.18
N TRP C 90 -4.74 19.16 -2.15
CA TRP C 90 -4.08 20.39 -1.61
C TRP C 90 -3.84 21.39 -2.74
N GLU C 91 -4.01 20.98 -3.97
CA GLU C 91 -3.78 21.93 -5.10
C GLU C 91 -4.76 23.10 -4.99
N ASN C 92 -5.99 22.82 -4.62
CA ASN C 92 -7.00 23.91 -4.49
C ASN C 92 -6.93 24.49 -3.09
N SER C 93 -6.07 23.97 -2.26
CA SER C 93 -5.95 24.48 -0.86
C SER C 93 -7.34 24.51 -0.22
N GLY D 1 -17.24 2.90 1.65
CA GLY D 1 -17.80 1.71 2.43
C GLY D 1 -17.52 0.33 1.95
N SER D 2 -16.90 0.19 0.81
CA SER D 2 -16.59 -1.17 0.29
C SER D 2 -15.30 -1.69 0.93
N GLU D 3 -15.11 -2.98 0.92
CA GLU D 3 -13.90 -3.58 1.56
C GLU D 3 -12.65 -2.76 1.22
N LEU D 4 -12.36 -2.59 -0.04
CA LEU D 4 -11.14 -1.81 -0.41
C LEU D 4 -11.28 -0.34 -0.01
N GLU D 5 -12.43 0.24 -0.22
CA GLU D 5 -12.60 1.68 0.13
C GLU D 5 -12.35 1.86 1.63
N THR D 6 -12.79 0.93 2.41
CA THR D 6 -12.61 1.01 3.89
C THR D 6 -11.13 1.21 4.23
N ALA D 7 -10.30 0.41 3.65
CA ALA D 7 -8.83 0.44 3.90
C ALA D 7 -8.17 1.74 3.40
N MET D 8 -8.72 2.39 2.42
CA MET D 8 -8.06 3.62 1.90
C MET D 8 -8.21 4.75 2.91
N GLU D 9 -9.39 4.97 3.39
CA GLU D 9 -9.62 6.08 4.34
C GLU D 9 -8.97 5.77 5.68
N THR D 10 -8.81 4.53 6.02
CA THR D 10 -8.18 4.21 7.33
C THR D 10 -6.73 4.73 7.33
N LEU D 11 -5.90 4.33 6.41
CA LEU D 11 -4.48 4.82 6.40
C LEU D 11 -4.44 6.35 6.29
N ILE D 12 -5.29 6.94 5.50
CA ILE D 12 -5.27 8.42 5.36
C ILE D 12 -5.61 9.14 6.68
N ASN D 13 -6.56 8.68 7.46
CA ASN D 13 -6.90 9.42 8.72
C ASN D 13 -5.91 9.12 9.86
N VAL D 14 -5.50 7.88 10.03
CA VAL D 14 -4.55 7.56 11.13
C VAL D 14 -3.25 8.32 10.92
N PHE D 15 -2.79 8.37 9.70
CA PHE D 15 -1.52 9.11 9.41
C PHE D 15 -1.68 10.58 9.80
N HIS D 16 -2.80 11.17 9.54
CA HIS D 16 -3.01 12.60 9.93
C HIS D 16 -2.90 12.75 11.46
N ALA D 17 -3.39 11.79 12.20
CA ALA D 17 -3.35 11.87 13.69
C ALA D 17 -1.93 12.10 14.25
N HIS D 18 -1.00 11.26 13.91
CA HIS D 18 0.39 11.40 14.47
C HIS D 18 1.22 12.42 13.68
N SER D 19 1.11 12.40 12.39
CA SER D 19 1.91 13.30 11.51
C SER D 19 1.66 14.79 11.74
N GLY D 20 0.49 15.20 12.14
CA GLY D 20 0.21 16.67 12.30
C GLY D 20 0.26 17.14 13.75
N LYS D 21 0.80 16.38 14.67
CA LYS D 21 0.83 16.85 16.10
C LYS D 21 2.28 17.05 16.57
N GLU D 22 3.08 16.03 16.51
CA GLU D 22 4.51 16.16 16.98
C GLU D 22 5.47 16.32 15.81
N GLY D 23 5.03 16.78 14.66
CA GLY D 23 5.99 16.92 13.53
C GLY D 23 5.43 17.82 12.43
N ASP D 24 6.08 17.79 11.28
CA ASP D 24 5.64 18.62 10.13
C ASP D 24 4.20 18.26 9.77
N LYS D 25 3.40 19.24 9.43
CA LYS D 25 1.97 18.97 9.13
C LYS D 25 1.81 17.84 8.10
N TYR D 26 2.50 17.89 6.99
CA TYR D 26 2.32 16.82 5.95
C TYR D 26 3.54 15.89 5.86
N LYS D 27 4.39 15.83 6.86
CA LYS D 27 5.58 14.91 6.77
C LYS D 27 5.78 14.14 8.09
N LEU D 28 6.22 12.93 7.96
CA LEU D 28 6.45 12.05 9.15
C LEU D 28 7.91 12.19 9.61
N SER D 29 8.16 12.65 10.79
CA SER D 29 9.57 12.74 11.25
C SER D 29 10.04 11.34 11.66
N LYS D 30 11.34 11.12 11.70
CA LYS D 30 11.84 9.75 12.11
C LYS D 30 11.04 9.23 13.32
N LYS D 31 10.69 10.08 14.24
CA LYS D 31 9.92 9.59 15.42
C LYS D 31 8.44 9.44 15.06
N GLU D 32 7.94 10.19 14.12
CA GLU D 32 6.50 10.04 13.77
C GLU D 32 6.25 8.72 13.05
N LEU D 33 7.12 8.30 12.16
CA LEU D 33 6.89 7.01 11.46
C LEU D 33 6.93 5.86 12.46
N LYS D 34 7.87 5.88 13.34
CA LYS D 34 7.97 4.76 14.31
C LYS D 34 6.75 4.70 15.23
N ASP D 35 6.23 5.83 15.68
CA ASP D 35 5.05 5.80 16.59
C ASP D 35 3.79 5.36 15.86
N LEU D 36 3.62 5.80 14.65
CA LEU D 36 2.42 5.45 13.85
C LEU D 36 2.35 3.94 13.61
N LEU D 37 3.42 3.34 13.21
CA LEU D 37 3.43 1.88 12.92
C LEU D 37 3.30 1.03 14.19
N GLN D 38 4.09 1.30 15.20
CA GLN D 38 4.06 0.45 16.43
C GLN D 38 2.75 0.52 17.21
N THR D 39 2.17 1.67 17.32
CA THR D 39 0.96 1.82 18.16
C THR D 39 -0.07 0.74 17.86
N GLU D 40 -0.39 0.55 16.61
CA GLU D 40 -1.43 -0.48 16.25
C GLU D 40 -0.75 -1.77 15.80
N LEU D 41 0.53 -1.73 15.53
CA LEU D 41 1.25 -2.98 15.10
C LEU D 41 2.55 -3.10 15.92
N SER D 42 2.47 -2.80 17.19
CA SER D 42 3.67 -2.89 18.07
C SER D 42 4.22 -4.31 18.10
N SER D 43 3.38 -5.26 18.35
CA SER D 43 3.83 -6.67 18.46
C SER D 43 3.98 -7.32 17.08
N PHE D 44 3.42 -6.77 16.02
CA PHE D 44 3.54 -7.49 14.71
C PHE D 44 4.85 -7.14 13.98
N LEU D 45 4.78 -6.13 13.12
CA LEU D 45 5.98 -5.71 12.31
C LEU D 45 7.22 -5.80 13.19
N ASP D 46 8.43 -5.87 12.68
CA ASP D 46 9.60 -5.87 13.61
C ASP D 46 10.09 -4.43 13.80
N VAL D 47 9.88 -3.83 14.93
CA VAL D 47 10.38 -2.43 15.15
C VAL D 47 10.73 -2.26 16.62
N GLN D 48 9.77 -2.40 17.49
CA GLN D 48 10.05 -2.24 18.95
C GLN D 48 10.89 -3.41 19.45
N LYS D 49 10.59 -4.60 19.01
CA LYS D 49 11.39 -5.78 19.45
C LYS D 49 12.76 -5.68 18.81
N ASP D 50 12.85 -4.94 17.74
CA ASP D 50 14.17 -4.75 17.07
C ASP D 50 14.26 -3.29 16.63
N ALA D 51 14.78 -2.45 17.47
CA ALA D 51 14.89 -1.00 17.10
C ALA D 51 15.71 -0.90 15.81
N ASP D 52 16.64 -1.80 15.63
CA ASP D 52 17.44 -1.81 14.38
C ASP D 52 16.47 -1.99 13.21
N ALA D 53 15.46 -2.79 13.41
CA ALA D 53 14.54 -3.04 12.28
C ALA D 53 13.91 -1.71 11.82
N VAL D 54 13.56 -0.83 12.72
CA VAL D 54 12.97 0.46 12.24
C VAL D 54 13.99 1.14 11.33
N ASP D 55 15.25 1.07 11.67
CA ASP D 55 16.32 1.71 10.85
C ASP D 55 16.43 1.08 9.46
N LYS D 56 16.31 -0.21 9.34
CA LYS D 56 16.46 -0.86 7.99
C LYS D 56 15.33 -0.39 7.06
N ILE D 57 14.16 -0.26 7.57
CA ILE D 57 13.00 0.19 6.76
C ILE D 57 13.12 1.69 6.44
N MET D 58 13.53 2.46 7.41
CA MET D 58 13.64 3.94 7.23
C MET D 58 14.69 4.30 6.18
N LYS D 59 15.79 3.63 6.14
CA LYS D 59 16.79 3.99 5.10
C LYS D 59 16.18 3.65 3.75
N GLU D 60 15.43 2.59 3.72
CA GLU D 60 14.75 2.16 2.47
C GLU D 60 13.73 3.24 2.09
N LEU D 61 13.22 3.94 3.07
CA LEU D 61 12.21 5.01 2.79
C LEU D 61 12.89 6.37 2.62
N ASP D 62 14.10 6.51 3.08
CA ASP D 62 14.78 7.82 2.93
C ASP D 62 15.28 7.95 1.49
N GLU D 63 14.46 7.55 0.56
CA GLU D 63 14.90 7.61 -0.85
C GLU D 63 15.23 9.04 -1.23
N ASN D 64 14.44 9.98 -0.78
CA ASN D 64 14.75 11.39 -1.08
C ASN D 64 15.89 11.82 -0.17
N GLY D 65 16.09 11.08 0.89
CA GLY D 65 17.18 11.44 1.85
C GLY D 65 16.72 12.66 2.63
N ASP D 66 15.44 12.77 2.90
CA ASP D 66 14.93 13.99 3.61
C ASP D 66 14.94 13.80 5.14
N GLY D 67 15.19 12.62 5.62
CA GLY D 67 15.19 12.40 7.11
C GLY D 67 13.75 12.25 7.62
N GLU D 68 12.80 12.19 6.71
CA GLU D 68 11.38 12.05 7.12
C GLU D 68 10.71 11.13 6.08
N VAL D 69 9.51 10.68 6.35
CA VAL D 69 8.81 9.78 5.40
C VAL D 69 7.62 10.51 4.78
N ASP D 70 7.56 10.53 3.47
CA ASP D 70 6.41 11.19 2.79
C ASP D 70 5.35 10.11 2.57
N PHE D 71 4.10 10.47 2.63
CA PHE D 71 3.02 9.46 2.46
C PHE D 71 3.35 8.49 1.31
N GLN D 72 4.03 8.92 0.30
CA GLN D 72 4.39 7.97 -0.80
C GLN D 72 5.43 6.96 -0.28
N GLU D 73 6.21 7.39 0.68
CA GLU D 73 7.25 6.52 1.25
C GLU D 73 6.63 5.60 2.31
N PHE D 74 5.76 6.14 3.13
CA PHE D 74 5.12 5.34 4.21
C PHE D 74 4.17 4.28 3.63
N VAL D 75 3.30 4.67 2.75
CA VAL D 75 2.32 3.72 2.17
C VAL D 75 3.02 2.57 1.46
N VAL D 76 4.13 2.84 0.86
CA VAL D 76 4.87 1.76 0.17
C VAL D 76 5.28 0.70 1.22
N LEU D 77 5.58 1.15 2.43
CA LEU D 77 6.04 0.22 3.51
C LEU D 77 4.91 -0.69 4.00
N VAL D 78 3.80 -0.15 4.42
CA VAL D 78 2.68 -1.01 4.93
C VAL D 78 2.23 -1.96 3.82
N ALA D 79 2.27 -1.49 2.63
CA ALA D 79 1.86 -2.31 1.47
C ALA D 79 2.83 -3.48 1.29
N ALA D 80 4.09 -3.23 1.49
CA ALA D 80 5.13 -4.28 1.25
C ALA D 80 5.22 -5.33 2.38
N LEU D 81 5.02 -5.00 3.64
CA LEU D 81 5.18 -6.07 4.68
C LEU D 81 4.02 -7.07 4.60
N THR D 82 2.83 -6.60 4.36
CA THR D 82 1.64 -7.51 4.25
C THR D 82 1.82 -8.52 3.11
N VAL D 83 2.18 -8.07 1.94
CA VAL D 83 2.42 -9.02 0.80
C VAL D 83 3.53 -10.00 1.16
N ALA D 84 4.56 -9.50 1.80
CA ALA D 84 5.69 -10.39 2.19
C ALA D 84 5.20 -11.42 3.20
N CYS D 85 4.16 -11.12 3.91
CA CYS D 85 3.64 -12.08 4.92
C CYS D 85 3.03 -13.29 4.21
N ASN D 86 2.28 -13.08 3.16
CA ASN D 86 1.67 -14.22 2.44
C ASN D 86 2.79 -15.14 1.93
N ASN D 87 3.84 -14.55 1.44
CA ASN D 87 4.99 -15.35 0.93
C ASN D 87 5.59 -16.19 2.06
N PHE D 88 5.67 -15.63 3.23
CA PHE D 88 6.27 -16.36 4.39
C PHE D 88 5.26 -17.36 4.94
N PHE D 89 4.03 -17.30 4.52
CA PHE D 89 3.00 -18.26 5.01
C PHE D 89 2.98 -19.50 4.10
N TRP D 90 3.46 -19.34 2.89
CA TRP D 90 3.45 -20.49 1.93
C TRP D 90 4.75 -21.29 2.07
N GLU D 91 5.72 -20.78 2.76
CA GLU D 91 7.00 -21.54 2.92
C GLU D 91 6.72 -22.87 3.63
N ASN D 92 5.88 -22.86 4.61
CA ASN D 92 5.56 -24.12 5.35
C ASN D 92 4.41 -24.84 4.64
N SER D 93 3.91 -24.27 3.59
CA SER D 93 2.78 -24.91 2.85
C SER D 93 1.67 -25.26 3.84
N THR A 1 -15.03 15.58 -27.31
CA THR A 1 -15.24 16.68 -26.32
C THR A 1 -14.44 16.36 -25.05
N ARG A 2 -14.61 17.15 -24.01
CA ARG A 2 -13.84 16.90 -22.74
C ARG A 2 -14.75 16.15 -21.75
N THR A 3 -14.30 15.04 -21.24
CA THR A 3 -15.14 14.28 -20.28
C THR A 3 -14.26 13.23 -19.58
N LYS A 4 -14.80 12.07 -19.33
CA LYS A 4 -14.02 10.97 -18.67
C LYS A 4 -13.10 11.52 -17.58
N ILE A 5 -12.16 10.74 -17.15
CA ILE A 5 -11.22 11.18 -16.07
C ILE A 5 -9.81 10.69 -16.42
N ASP A 6 -8.84 11.57 -16.44
CA ASP A 6 -7.43 11.16 -16.78
C ASP A 6 -6.56 11.27 -15.52
N TRP A 7 -7.17 11.32 -14.38
CA TRP A 7 -6.41 11.46 -13.12
C TRP A 7 -5.50 10.24 -12.85
N ASN A 8 -6.00 9.04 -12.84
CA ASN A 8 -5.09 7.88 -12.54
C ASN A 8 -3.87 7.95 -13.46
N LYS A 9 -4.03 8.45 -14.65
CA LYS A 9 -2.86 8.58 -15.54
C LYS A 9 -1.86 9.49 -14.84
N ILE A 10 -2.34 10.31 -13.92
CA ILE A 10 -1.42 11.18 -13.13
C ILE A 10 -0.33 10.25 -12.61
N LEU A 11 -0.74 9.07 -12.23
CA LEU A 11 0.24 8.05 -11.77
C LEU A 11 0.94 7.49 -13.02
N SER A 12 0.22 7.43 -14.11
CA SER A 12 0.79 6.90 -15.38
C SER A 12 1.31 5.49 -15.14
N THR B 1 19.57 -18.02 21.89
CA THR B 1 18.86 -16.72 21.84
C THR B 1 18.58 -16.36 20.38
N ARG B 2 19.62 -16.31 19.58
CA ARG B 2 19.44 -15.97 18.14
C ARG B 2 18.58 -14.70 18.01
N THR B 3 17.67 -14.66 17.06
CA THR B 3 16.81 -13.45 16.86
C THR B 3 15.33 -13.81 17.12
N LYS B 4 14.67 -13.07 17.97
CA LYS B 4 13.23 -13.36 18.27
C LYS B 4 12.34 -12.92 17.09
N ILE B 5 12.62 -11.79 16.50
CA ILE B 5 11.79 -11.32 15.35
C ILE B 5 12.64 -10.39 14.45
N ASP B 6 12.97 -10.85 13.25
CA ASP B 6 13.78 -10.01 12.31
C ASP B 6 13.19 -10.20 10.91
N TRP B 7 12.05 -10.79 10.84
CA TRP B 7 11.40 -11.03 9.54
C TRP B 7 11.18 -9.69 8.81
N ASN B 8 10.73 -8.66 9.48
CA ASN B 8 10.56 -7.37 8.75
C ASN B 8 11.88 -7.07 8.05
N LYS B 9 12.97 -7.50 8.63
CA LYS B 9 14.29 -7.27 7.99
C LYS B 9 14.19 -7.87 6.58
N ILE B 10 13.35 -8.88 6.44
CA ILE B 10 13.16 -9.49 5.09
C ILE B 10 12.87 -8.36 4.13
N LEU B 11 12.15 -7.39 4.59
CA LEU B 11 11.84 -6.22 3.71
C LEU B 11 13.15 -5.49 3.38
N SER B 12 14.03 -5.36 4.35
CA SER B 12 15.32 -4.67 4.09
C SER B 12 15.92 -5.15 2.78
N GLY C 1 -7.51 -5.88 13.77
CA GLY C 1 -8.59 -4.94 14.29
C GLY C 1 -8.29 -3.49 14.44
N SER C 2 -7.03 -3.11 14.37
CA SER C 2 -6.68 -1.68 14.51
C SER C 2 -6.92 -0.96 13.17
N GLU C 3 -7.17 0.31 13.21
CA GLU C 3 -7.44 1.06 11.96
C GLU C 3 -6.42 0.71 10.88
N LEU C 4 -5.16 0.83 11.18
CA LEU C 4 -4.13 0.50 10.17
C LEU C 4 -4.18 -1.02 9.88
N GLU C 5 -4.33 -1.83 10.90
CA GLU C 5 -4.40 -3.30 10.70
C GLU C 5 -5.63 -3.65 9.86
N THR C 6 -6.72 -2.99 10.12
CA THR C 6 -7.96 -3.25 9.35
C THR C 6 -7.64 -3.26 7.86
N ALA C 7 -6.87 -2.30 7.44
CA ALA C 7 -6.48 -2.13 6.01
C ALA C 7 -5.57 -3.26 5.50
N MET C 8 -4.80 -3.87 6.35
CA MET C 8 -3.87 -4.92 5.85
C MET C 8 -4.63 -6.16 5.42
N GLU C 9 -5.46 -6.66 6.27
CA GLU C 9 -6.20 -7.89 5.95
C GLU C 9 -7.19 -7.63 4.81
N THR C 10 -7.68 -6.43 4.70
CA THR C 10 -8.66 -6.14 3.62
C THR C 10 -8.02 -6.38 2.23
N LEU C 11 -6.92 -5.78 1.90
CA LEU C 11 -6.33 -6.04 0.55
C LEU C 11 -6.04 -7.53 0.38
N ILE C 12 -5.63 -8.19 1.40
CA ILE C 12 -5.29 -9.63 1.25
C ILE C 12 -6.54 -10.50 0.93
N ASN C 13 -7.68 -10.26 1.53
CA ASN C 13 -8.86 -11.17 1.23
C ASN C 13 -9.57 -10.77 -0.07
N VAL C 14 -9.71 -9.50 -0.35
CA VAL C 14 -10.41 -9.09 -1.61
C VAL C 14 -9.64 -9.65 -2.81
N PHE C 15 -8.36 -9.57 -2.75
CA PHE C 15 -7.50 -10.10 -3.85
C PHE C 15 -7.70 -11.62 -3.98
N HIS C 16 -7.83 -12.34 -2.92
CA HIS C 16 -8.04 -13.81 -3.02
C HIS C 16 -9.36 -14.12 -3.76
N ALA C 17 -10.37 -13.35 -3.53
CA ALA C 17 -11.72 -13.60 -4.15
C ALA C 17 -11.67 -13.63 -5.69
N HIS C 18 -11.18 -12.59 -6.31
CA HIS C 18 -11.14 -12.54 -7.81
C HIS C 18 -9.96 -13.34 -8.37
N SER C 19 -8.83 -13.19 -7.77
CA SER C 19 -7.59 -13.88 -8.24
C SER C 19 -7.76 -15.40 -8.37
N GLY C 20 -8.61 -16.02 -7.59
CA GLY C 20 -8.73 -17.52 -7.66
C GLY C 20 -10.08 -17.97 -8.21
N LYS C 21 -10.87 -17.09 -8.77
CA LYS C 21 -12.19 -17.52 -9.33
C LYS C 21 -12.24 -17.11 -10.80
N GLU C 22 -12.43 -15.86 -11.07
CA GLU C 22 -12.51 -15.41 -12.48
C GLU C 22 -11.17 -15.62 -13.21
N GLY C 23 -10.32 -16.49 -12.73
CA GLY C 23 -9.02 -16.68 -13.46
C GLY C 23 -8.14 -17.72 -12.76
N ASP C 24 -6.88 -17.75 -13.13
CA ASP C 24 -5.91 -18.73 -12.56
C ASP C 24 -6.06 -18.81 -11.03
N LYS C 25 -5.71 -19.93 -10.47
CA LYS C 25 -5.87 -20.13 -9.00
C LYS C 25 -5.22 -19.00 -8.18
N TYR C 26 -3.95 -18.71 -8.40
CA TYR C 26 -3.28 -17.64 -7.57
C TYR C 26 -2.51 -16.64 -8.45
N LYS C 27 -2.98 -16.36 -9.65
CA LYS C 27 -2.27 -15.38 -10.53
C LYS C 27 -3.31 -14.42 -11.12
N LEU C 28 -2.97 -13.18 -11.23
CA LEU C 28 -3.93 -12.15 -11.72
C LEU C 28 -3.68 -11.87 -13.22
N SER C 29 -4.59 -12.25 -14.08
CA SER C 29 -4.41 -11.95 -15.53
C SER C 29 -4.83 -10.52 -15.81
N LYS C 30 -4.43 -9.94 -16.92
CA LYS C 30 -4.86 -8.54 -17.21
C LYS C 30 -6.36 -8.36 -16.92
N LYS C 31 -7.14 -9.38 -17.08
CA LYS C 31 -8.60 -9.24 -16.80
C LYS C 31 -8.85 -9.40 -15.31
N GLU C 32 -8.05 -10.16 -14.62
CA GLU C 32 -8.29 -10.32 -13.16
C GLU C 32 -7.97 -9.02 -12.43
N LEU C 33 -6.90 -8.36 -12.79
CA LEU C 33 -6.55 -7.07 -12.13
C LEU C 33 -7.64 -6.04 -12.39
N LYS C 34 -8.09 -5.92 -13.60
CA LYS C 34 -9.11 -4.89 -13.93
C LYS C 34 -10.42 -5.12 -13.16
N ASP C 35 -10.85 -6.33 -13.01
CA ASP C 35 -12.13 -6.59 -12.29
C ASP C 35 -11.97 -6.35 -10.79
N LEU C 36 -10.85 -6.75 -10.24
CA LEU C 36 -10.61 -6.57 -8.78
C LEU C 36 -10.63 -5.08 -8.41
N LEU C 37 -9.90 -4.29 -9.12
CA LEU C 37 -9.85 -2.83 -8.85
C LEU C 37 -11.17 -2.16 -9.26
N GLN C 38 -11.71 -2.57 -10.37
CA GLN C 38 -12.98 -1.99 -10.92
C GLN C 38 -14.19 -2.25 -10.03
N THR C 39 -14.29 -3.45 -9.49
CA THR C 39 -15.51 -3.81 -8.72
C THR C 39 -15.74 -2.90 -7.51
N GLU C 40 -14.75 -2.68 -6.67
CA GLU C 40 -14.97 -1.80 -5.48
C GLU C 40 -14.56 -0.36 -5.78
N LEU C 41 -13.86 -0.14 -6.87
CA LEU C 41 -13.45 1.25 -7.24
C LEU C 41 -13.78 1.47 -8.72
N SER C 42 -14.86 0.87 -9.17
CA SER C 42 -15.28 1.02 -10.60
C SER C 42 -15.33 2.50 -10.99
N SER C 43 -16.13 3.27 -10.32
CA SER C 43 -16.29 4.70 -10.66
C SER C 43 -15.09 5.55 -10.20
N PHE C 44 -14.29 5.13 -9.24
CA PHE C 44 -13.18 6.03 -8.81
C PHE C 44 -11.96 5.86 -9.74
N LEU C 45 -10.95 5.17 -9.22
CA LEU C 45 -9.71 4.78 -9.99
C LEU C 45 -9.94 4.99 -11.51
N ASP C 46 -9.03 5.36 -12.36
CA ASP C 46 -9.41 5.38 -13.82
C ASP C 46 -9.10 4.01 -14.46
N VAL C 47 -10.09 3.17 -14.69
CA VAL C 47 -9.81 1.83 -15.33
C VAL C 47 -10.92 1.51 -16.33
N GLN C 48 -12.15 1.71 -15.97
CA GLN C 48 -13.27 1.40 -16.91
C GLN C 48 -13.40 2.51 -17.95
N LYS C 49 -13.63 3.71 -17.52
CA LYS C 49 -13.77 4.84 -18.48
C LYS C 49 -12.59 4.82 -19.45
N ASP C 50 -11.40 4.92 -18.94
CA ASP C 50 -10.21 4.90 -19.84
C ASP C 50 -9.62 3.50 -19.84
N ALA C 51 -10.13 2.62 -20.65
CA ALA C 51 -9.56 1.25 -20.69
C ALA C 51 -8.06 1.40 -20.91
N ASP C 52 -7.68 2.48 -21.53
CA ASP C 52 -6.25 2.79 -21.73
C ASP C 52 -5.60 2.94 -20.36
N ALA C 53 -6.31 3.51 -19.44
CA ALA C 53 -5.70 3.74 -18.11
C ALA C 53 -5.29 2.38 -17.52
N VAL C 54 -6.06 1.36 -17.70
CA VAL C 54 -5.65 0.03 -17.15
C VAL C 54 -4.31 -0.38 -17.78
N ASP C 55 -4.11 -0.05 -19.03
CA ASP C 55 -2.86 -0.46 -19.73
C ASP C 55 -1.64 0.28 -19.14
N LYS C 56 -1.78 1.53 -18.82
CA LYS C 56 -0.62 2.29 -18.24
C LYS C 56 -0.31 1.78 -16.83
N ILE C 57 -1.33 1.51 -16.05
CA ILE C 57 -1.12 1.02 -14.66
C ILE C 57 -0.52 -0.38 -14.67
N MET C 58 -1.13 -1.28 -15.38
CA MET C 58 -0.63 -2.67 -15.45
C MET C 58 0.79 -2.66 -16.03
N LYS C 59 1.05 -1.80 -16.96
CA LYS C 59 2.42 -1.75 -17.55
C LYS C 59 3.41 -1.44 -16.43
N GLU C 60 3.13 -0.45 -15.63
CA GLU C 60 4.04 -0.12 -14.51
C GLU C 60 4.13 -1.34 -13.59
N LEU C 61 3.12 -2.18 -13.62
CA LEU C 61 3.14 -3.40 -12.76
C LEU C 61 3.74 -4.57 -13.53
N ASP C 62 3.73 -4.50 -14.83
CA ASP C 62 4.32 -5.61 -15.60
C ASP C 62 5.84 -5.49 -15.49
N GLU C 63 6.30 -5.24 -14.29
CA GLU C 63 7.77 -5.06 -14.11
C GLU C 63 8.48 -6.33 -14.53
N ASN C 64 7.94 -7.46 -14.18
CA ASN C 64 8.58 -8.72 -14.59
C ASN C 64 8.24 -8.92 -16.06
N GLY C 65 7.22 -8.25 -16.54
CA GLY C 65 6.83 -8.42 -17.96
C GLY C 65 6.16 -9.76 -18.09
N ASP C 66 5.43 -10.16 -17.08
CA ASP C 66 4.76 -11.51 -17.12
C ASP C 66 3.35 -11.42 -17.70
N GLY C 67 2.83 -10.24 -17.91
CA GLY C 67 1.44 -10.12 -18.48
C GLY C 67 0.39 -10.37 -17.39
N GLU C 68 0.83 -10.51 -16.15
CA GLU C 68 -0.12 -10.75 -15.03
C GLU C 68 0.30 -9.84 -13.85
N VAL C 69 -0.42 -9.83 -12.76
CA VAL C 69 -0.06 -8.96 -11.60
C VAL C 69 0.05 -9.82 -10.35
N ASP C 70 1.15 -9.73 -9.66
CA ASP C 70 1.33 -10.53 -8.41
C ASP C 70 0.96 -9.67 -7.21
N PHE C 71 0.53 -10.29 -6.15
CA PHE C 71 0.11 -9.54 -4.95
C PHE C 71 1.17 -8.49 -4.59
N GLN C 72 2.40 -8.70 -4.97
CA GLN C 72 3.46 -7.70 -4.66
C GLN C 72 3.28 -6.49 -5.59
N GLU C 73 2.70 -6.74 -6.73
CA GLU C 73 2.45 -5.67 -7.72
C GLU C 73 1.14 -4.96 -7.39
N PHE C 74 0.12 -5.74 -7.12
CA PHE C 74 -1.23 -5.17 -6.83
C PHE C 74 -1.19 -4.28 -5.57
N VAL C 75 -0.66 -4.78 -4.50
CA VAL C 75 -0.60 -3.99 -3.24
C VAL C 75 0.20 -2.71 -3.45
N VAL C 76 1.26 -2.77 -4.20
CA VAL C 76 2.03 -1.52 -4.46
C VAL C 76 1.11 -0.49 -5.15
N LEU C 77 0.27 -0.94 -6.06
CA LEU C 77 -0.65 -0.02 -6.82
C LEU C 77 -1.66 0.70 -5.91
N VAL C 78 -2.40 -0.04 -5.12
CA VAL C 78 -3.43 0.60 -4.25
C VAL C 78 -2.75 1.66 -3.38
N ALA C 79 -1.59 1.35 -2.94
CA ALA C 79 -0.81 2.28 -2.09
C ALA C 79 -0.45 3.56 -2.88
N ALA C 80 -0.14 3.41 -4.14
CA ALA C 80 0.31 4.57 -4.97
C ALA C 80 -0.82 5.50 -5.47
N LEU C 81 -2.03 5.03 -5.77
CA LEU C 81 -3.06 6.02 -6.26
C LEU C 81 -3.61 6.82 -5.07
N THR C 82 -3.81 6.18 -3.95
CA THR C 82 -4.35 6.86 -2.74
C THR C 82 -3.41 8.00 -2.31
N VAL C 83 -2.14 7.77 -2.30
CA VAL C 83 -1.19 8.87 -1.92
C VAL C 83 -1.36 10.06 -2.87
N ALA C 84 -1.50 9.78 -4.14
CA ALA C 84 -1.66 10.87 -5.13
C ALA C 84 -2.97 11.61 -4.86
N CYS C 85 -3.92 10.92 -4.29
CA CYS C 85 -5.23 11.57 -4.00
C CYS C 85 -5.04 12.61 -2.89
N ASN C 86 -4.28 12.30 -1.89
CA ASN C 86 -4.06 13.30 -0.80
C ASN C 86 -3.44 14.56 -1.40
N ASN C 87 -2.52 14.37 -2.30
CA ASN C 87 -1.84 15.54 -2.94
C ASN C 87 -2.89 16.35 -3.71
N PHE C 88 -3.86 15.69 -4.28
CA PHE C 88 -4.89 16.41 -5.07
C PHE C 88 -5.93 17.04 -4.14
N PHE C 89 -5.89 16.72 -2.87
CA PHE C 89 -6.87 17.31 -1.91
C PHE C 89 -6.27 18.55 -1.25
N TRP C 90 -4.96 18.65 -1.21
CA TRP C 90 -4.31 19.84 -0.58
C TRP C 90 -4.29 21.00 -1.57
N GLU C 91 -4.59 20.74 -2.81
CA GLU C 91 -4.58 21.83 -3.83
C GLU C 91 -5.77 22.75 -3.56
N ASN C 92 -5.66 24.01 -3.88
CA ASN C 92 -6.80 24.94 -3.65
C ASN C 92 -7.24 24.87 -2.19
N SER C 93 -6.33 24.60 -1.29
CA SER C 93 -6.71 24.53 0.16
C SER C 93 -7.99 23.71 0.33
N GLY D 1 -16.42 2.85 1.73
CA GLY D 1 -17.14 1.68 2.40
C GLY D 1 -16.89 0.30 1.92
N SER D 2 -16.29 0.16 0.77
CA SER D 2 -16.02 -1.20 0.24
C SER D 2 -14.79 -1.78 0.92
N GLU D 3 -14.69 -3.08 0.97
CA GLU D 3 -13.54 -3.73 1.65
C GLU D 3 -12.23 -3.06 1.21
N LEU D 4 -11.97 -3.01 -0.06
CA LEU D 4 -10.72 -2.37 -0.53
C LEU D 4 -10.74 -0.88 -0.19
N GLU D 5 -11.87 -0.23 -0.39
CA GLU D 5 -11.98 1.23 -0.07
C GLU D 5 -11.77 1.44 1.43
N THR D 6 -12.30 0.57 2.23
CA THR D 6 -12.13 0.69 3.71
C THR D 6 -10.65 0.93 4.03
N ALA D 7 -9.81 0.18 3.38
CA ALA D 7 -8.34 0.25 3.59
C ALA D 7 -7.72 1.58 3.12
N MET D 8 -8.29 2.21 2.15
CA MET D 8 -7.67 3.47 1.64
C MET D 8 -7.80 4.59 2.66
N GLU D 9 -8.98 4.82 3.12
CA GLU D 9 -9.20 5.93 4.07
C GLU D 9 -8.52 5.63 5.39
N THR D 10 -8.38 4.38 5.75
CA THR D 10 -7.73 4.04 7.04
C THR D 10 -6.28 4.56 7.07
N LEU D 11 -5.44 4.20 6.14
CA LEU D 11 -4.04 4.71 6.18
C LEU D 11 -4.02 6.23 6.17
N ILE D 12 -4.91 6.83 5.46
CA ILE D 12 -4.91 8.33 5.38
C ILE D 12 -5.26 8.98 6.74
N ASN D 13 -6.19 8.47 7.50
CA ASN D 13 -6.54 9.16 8.80
C ASN D 13 -5.57 8.80 9.94
N VAL D 14 -5.14 7.57 10.04
CA VAL D 14 -4.21 7.18 11.14
C VAL D 14 -2.93 8.01 11.01
N PHE D 15 -2.47 8.17 9.81
CA PHE D 15 -1.24 8.98 9.54
C PHE D 15 -1.45 10.44 9.97
N HIS D 16 -2.61 10.98 9.72
CA HIS D 16 -2.86 12.40 10.12
C HIS D 16 -2.74 12.55 11.65
N ALA D 17 -3.22 11.59 12.39
CA ALA D 17 -3.21 11.66 13.89
C ALA D 17 -1.80 11.87 14.49
N HIS D 18 -0.87 11.01 14.16
CA HIS D 18 0.50 11.14 14.74
C HIS D 18 1.32 12.20 14.01
N SER D 19 1.25 12.20 12.72
CA SER D 19 2.03 13.16 11.89
C SER D 19 1.82 14.62 12.27
N GLY D 20 0.67 15.00 12.79
CA GLY D 20 0.43 16.45 13.09
C GLY D 20 0.32 16.70 14.59
N LYS D 21 0.67 15.76 15.43
CA LYS D 21 0.58 16.00 16.91
C LYS D 21 1.96 15.75 17.52
N GLU D 22 2.35 14.53 17.64
CA GLU D 22 3.68 14.24 18.25
C GLU D 22 4.82 14.77 17.37
N GLY D 23 4.56 15.71 16.49
CA GLY D 23 5.68 16.22 15.64
C GLY D 23 5.22 17.32 14.69
N ASP D 24 6.04 17.60 13.69
CA ASP D 24 5.73 18.67 12.70
C ASP D 24 4.27 18.56 12.22
N LYS D 25 3.70 19.66 11.82
CA LYS D 25 2.28 19.66 11.38
C LYS D 25 2.00 18.57 10.33
N TYR D 26 2.74 18.54 9.23
CA TYR D 26 2.44 17.52 8.16
C TYR D 26 3.71 16.77 7.70
N LYS D 27 4.67 16.56 8.59
CA LYS D 27 5.91 15.81 8.20
C LYS D 27 6.21 14.77 9.28
N LEU D 28 6.66 13.62 8.87
CA LEU D 28 6.91 12.50 9.82
C LEU D 28 8.41 12.44 10.18
N SER D 29 8.76 12.75 11.39
CA SER D 29 10.21 12.67 11.79
C SER D 29 10.54 11.22 12.12
N LYS D 30 11.81 10.85 12.15
CA LYS D 30 12.14 9.43 12.49
C LYS D 30 11.34 8.95 13.70
N LYS D 31 10.99 9.83 14.60
CA LYS D 31 10.20 9.38 15.78
C LYS D 31 8.72 9.33 15.40
N GLU D 32 8.27 10.14 14.48
CA GLU D 32 6.83 10.10 14.11
C GLU D 32 6.52 8.79 13.37
N LEU D 33 7.39 8.38 12.48
CA LEU D 33 7.15 7.10 11.74
C LEU D 33 7.15 5.92 12.72
N LYS D 34 8.09 5.88 13.60
CA LYS D 34 8.17 4.72 14.54
C LYS D 34 6.93 4.63 15.43
N ASP D 35 6.41 5.72 15.91
CA ASP D 35 5.22 5.67 16.80
C ASP D 35 3.96 5.29 16.00
N LEU D 36 3.83 5.80 14.81
CA LEU D 36 2.64 5.51 13.96
C LEU D 36 2.55 4.01 13.66
N LEU D 37 3.62 3.44 13.17
CA LEU D 37 3.66 1.99 12.85
C LEU D 37 3.64 1.15 14.14
N GLN D 38 4.34 1.60 15.13
CA GLN D 38 4.45 0.85 16.43
C GLN D 38 3.12 0.81 17.19
N THR D 39 2.40 1.90 17.20
CA THR D 39 1.15 1.94 18.03
C THR D 39 0.13 0.87 17.64
N GLU D 40 -0.19 0.74 16.37
CA GLU D 40 -1.22 -0.29 15.98
C GLU D 40 -0.53 -1.59 15.56
N LEU D 41 0.76 -1.56 15.34
CA LEU D 41 1.50 -2.80 14.95
C LEU D 41 2.75 -2.91 15.84
N SER D 42 2.63 -2.47 17.08
CA SER D 42 3.79 -2.53 18.02
C SER D 42 4.39 -3.94 18.06
N SER D 43 3.59 -4.91 18.40
CA SER D 43 4.11 -6.29 18.53
C SER D 43 4.31 -6.96 17.16
N PHE D 44 3.70 -6.50 16.09
CA PHE D 44 3.88 -7.24 14.79
C PHE D 44 5.15 -6.80 14.05
N LEU D 45 4.99 -5.80 13.19
CA LEU D 45 6.12 -5.29 12.34
C LEU D 45 7.39 -5.30 13.18
N ASP D 46 8.59 -5.41 12.67
CA ASP D 46 9.76 -5.36 13.59
C ASP D 46 10.21 -3.89 13.72
N VAL D 47 9.89 -3.22 14.79
CA VAL D 47 10.34 -1.79 14.96
C VAL D 47 10.75 -1.56 16.41
N GLN D 48 9.98 -2.03 17.35
CA GLN D 48 10.35 -1.82 18.77
C GLN D 48 11.43 -2.81 19.19
N LYS D 49 11.16 -4.07 19.09
CA LYS D 49 12.17 -5.10 19.49
C LYS D 49 13.49 -4.77 18.81
N ASP D 50 13.53 -4.73 17.51
CA ASP D 50 14.81 -4.38 16.83
C ASP D 50 14.79 -2.90 16.46
N ALA D 51 15.20 -2.04 17.35
CA ALA D 51 15.21 -0.59 17.01
C ALA D 51 16.01 -0.44 15.73
N ASP D 52 16.92 -1.36 15.52
CA ASP D 52 17.71 -1.39 14.26
C ASP D 52 16.74 -1.56 13.11
N ALA D 53 15.74 -2.37 13.29
CA ALA D 53 14.80 -2.62 12.17
C ALA D 53 14.19 -1.29 11.72
N VAL D 54 13.86 -0.39 12.62
CA VAL D 54 13.28 0.91 12.16
C VAL D 54 14.31 1.62 11.25
N ASP D 55 15.56 1.49 11.56
CA ASP D 55 16.63 2.18 10.76
C ASP D 55 16.70 1.60 9.34
N LYS D 56 16.57 0.31 9.18
CA LYS D 56 16.64 -0.28 7.81
C LYS D 56 15.40 0.10 6.99
N ILE D 57 14.27 0.10 7.62
CA ILE D 57 13.00 0.45 6.91
C ILE D 57 12.99 1.94 6.54
N MET D 58 13.23 2.80 7.49
CA MET D 58 13.23 4.25 7.22
C MET D 58 14.31 4.56 6.19
N LYS D 59 15.41 3.87 6.24
CA LYS D 59 16.49 4.13 5.24
C LYS D 59 15.91 3.89 3.86
N GLU D 60 15.26 2.77 3.66
CA GLU D 60 14.65 2.49 2.33
C GLU D 60 13.62 3.58 2.04
N LEU D 61 13.12 4.25 3.05
CA LEU D 61 12.12 5.34 2.82
C LEU D 61 12.86 6.67 2.72
N ASP D 62 14.03 6.76 3.27
CA ASP D 62 14.77 8.04 3.19
C ASP D 62 15.29 8.17 1.76
N GLU D 63 14.45 7.87 0.81
CA GLU D 63 14.88 7.93 -0.60
C GLU D 63 15.32 9.34 -0.93
N ASN D 64 14.58 10.31 -0.46
CA ASN D 64 14.99 11.71 -0.71
C ASN D 64 16.15 12.01 0.21
N GLY D 65 16.29 11.24 1.25
CA GLY D 65 17.38 11.49 2.22
C GLY D 65 17.00 12.70 3.04
N ASP D 66 15.73 12.84 3.33
CA ASP D 66 15.28 14.05 4.09
C ASP D 66 15.27 13.79 5.62
N GLY D 67 15.45 12.55 6.03
CA GLY D 67 15.46 12.25 7.50
C GLY D 67 14.02 12.18 8.02
N GLU D 68 13.05 12.24 7.13
CA GLU D 68 11.63 12.19 7.54
C GLU D 68 10.89 11.25 6.58
N VAL D 69 9.64 10.99 6.79
CA VAL D 69 8.88 10.07 5.88
C VAL D 69 7.64 10.78 5.37
N ASP D 70 7.46 10.81 4.08
CA ASP D 70 6.27 11.47 3.49
C ASP D 70 5.18 10.43 3.24
N PHE D 71 3.95 10.86 3.25
CA PHE D 71 2.84 9.91 3.05
C PHE D 71 3.09 9.03 1.82
N GLN D 72 3.88 9.49 0.88
CA GLN D 72 4.18 8.66 -0.33
C GLN D 72 5.18 7.55 0.09
N GLU D 73 5.93 7.83 1.12
CA GLU D 73 6.91 6.85 1.62
C GLU D 73 6.24 5.89 2.60
N PHE D 74 5.46 6.43 3.50
CA PHE D 74 4.77 5.60 4.52
C PHE D 74 3.81 4.60 3.86
N VAL D 75 2.95 5.07 2.99
CA VAL D 75 1.98 4.16 2.34
C VAL D 75 2.71 3.08 1.54
N VAL D 76 3.79 3.42 0.92
CA VAL D 76 4.54 2.37 0.18
C VAL D 76 5.00 1.27 1.18
N LEU D 77 5.41 1.66 2.37
CA LEU D 77 5.91 0.67 3.40
C LEU D 77 4.80 -0.30 3.84
N VAL D 78 3.69 0.19 4.27
CA VAL D 78 2.60 -0.72 4.75
C VAL D 78 2.26 -1.73 3.66
N ALA D 79 2.26 -1.26 2.48
CA ALA D 79 1.95 -2.13 1.31
C ALA D 79 3.04 -3.22 1.16
N ALA D 80 4.26 -2.86 1.40
CA ALA D 80 5.41 -3.82 1.21
C ALA D 80 5.58 -4.87 2.33
N LEU D 81 5.30 -4.61 3.60
CA LEU D 81 5.52 -5.72 4.62
C LEU D 81 4.37 -6.73 4.53
N THR D 82 3.18 -6.26 4.33
CA THR D 82 1.99 -7.16 4.24
C THR D 82 2.15 -8.15 3.08
N VAL D 83 2.63 -7.71 1.95
CA VAL D 83 2.84 -8.64 0.81
C VAL D 83 3.83 -9.73 1.20
N ALA D 84 4.88 -9.35 1.88
CA ALA D 84 5.90 -10.34 2.30
C ALA D 84 5.26 -11.32 3.28
N CYS D 85 4.28 -10.88 4.01
CA CYS D 85 3.62 -11.78 4.99
C CYS D 85 2.87 -12.89 4.25
N ASN D 86 2.21 -12.57 3.16
CA ASN D 86 1.48 -13.62 2.41
C ASN D 86 2.50 -14.67 1.93
N ASN D 87 3.64 -14.24 1.50
CA ASN D 87 4.68 -15.18 1.02
C ASN D 87 5.12 -16.08 2.18
N PHE D 88 5.14 -15.54 3.37
CA PHE D 88 5.58 -16.33 4.55
C PHE D 88 4.44 -17.24 5.02
N PHE D 89 3.26 -17.06 4.50
CA PHE D 89 2.10 -17.93 4.93
C PHE D 89 1.97 -19.12 3.97
N TRP D 90 2.44 -18.98 2.77
CA TRP D 90 2.33 -20.10 1.78
C TRP D 90 3.45 -21.11 2.01
N GLU D 91 4.40 -20.77 2.85
CA GLU D 91 5.51 -21.71 3.12
C GLU D 91 4.97 -22.85 3.99
N ASN D 92 5.52 -24.03 3.87
CA ASN D 92 5.04 -25.17 4.68
C ASN D 92 3.53 -25.35 4.49
N SER D 93 3.02 -25.03 3.32
CA SER D 93 1.56 -25.17 3.08
C SER D 93 0.76 -24.63 4.26
N THR A 1 -9.12 13.73 -18.80
CA THR A 1 -9.01 15.20 -18.82
C THR A 1 -10.21 15.80 -19.56
N ARG A 2 -10.31 15.55 -20.84
CA ARG A 2 -11.45 16.11 -21.61
C ARG A 2 -12.77 15.51 -21.08
N THR A 3 -12.79 14.24 -20.80
CA THR A 3 -14.04 13.61 -20.28
C THR A 3 -13.65 12.54 -19.26
N LYS A 4 -12.67 11.74 -19.59
CA LYS A 4 -12.23 10.67 -18.65
C LYS A 4 -11.41 11.31 -17.53
N ILE A 5 -11.28 10.63 -16.42
CA ILE A 5 -10.52 11.20 -15.27
C ILE A 5 -9.00 11.06 -15.48
N ASP A 6 -8.55 10.03 -16.15
CA ASP A 6 -7.08 9.83 -16.38
C ASP A 6 -6.28 10.16 -15.10
N TRP A 7 -6.92 10.19 -13.97
CA TRP A 7 -6.16 10.49 -12.73
C TRP A 7 -5.08 9.42 -12.49
N ASN A 8 -5.44 8.17 -12.55
CA ASN A 8 -4.41 7.11 -12.33
C ASN A 8 -3.22 7.39 -13.23
N LYS A 9 -3.45 8.01 -14.37
CA LYS A 9 -2.31 8.32 -15.25
C LYS A 9 -1.38 9.24 -14.46
N ILE A 10 -1.94 10.02 -13.56
CA ILE A 10 -1.09 10.93 -12.73
C ILE A 10 0.05 10.09 -12.16
N LEU A 11 -0.26 8.87 -11.79
CA LEU A 11 0.80 7.97 -11.25
C LEU A 11 1.80 7.63 -12.38
N SER A 12 1.30 7.35 -13.56
CA SER A 12 2.22 7.01 -14.69
C SER A 12 1.56 7.40 -16.02
N THR B 1 22.32 -16.94 19.62
CA THR B 1 21.26 -15.99 20.08
C THR B 1 20.14 -15.94 19.04
N ARG B 2 20.45 -16.22 17.81
CA ARG B 2 19.42 -16.22 16.73
C ARG B 2 18.67 -14.88 16.75
N THR B 3 17.55 -14.81 16.08
CA THR B 3 16.74 -13.55 16.04
C THR B 3 15.26 -13.92 16.19
N LYS B 4 14.55 -13.31 17.10
CA LYS B 4 13.11 -13.65 17.29
C LYS B 4 12.32 -13.33 16.01
N ILE B 5 12.43 -12.15 15.46
CA ILE B 5 11.68 -11.82 14.20
C ILE B 5 12.55 -10.89 13.36
N ASP B 6 12.74 -11.21 12.12
CA ASP B 6 13.57 -10.35 11.22
C ASP B 6 12.89 -10.29 9.85
N TRP B 7 11.63 -10.64 9.80
CA TRP B 7 10.92 -10.64 8.50
C TRP B 7 10.91 -9.22 7.89
N ASN B 8 10.67 -8.20 8.67
CA ASN B 8 10.67 -6.82 8.08
C ASN B 8 11.97 -6.62 7.30
N LYS B 9 13.05 -7.10 7.84
CA LYS B 9 14.34 -6.95 7.11
C LYS B 9 14.19 -7.66 5.75
N ILE B 10 13.27 -8.60 5.65
CA ILE B 10 13.05 -9.30 4.34
C ILE B 10 12.84 -8.22 3.28
N LEU B 11 12.17 -7.16 3.68
CA LEU B 11 11.93 -6.03 2.75
C LEU B 11 13.28 -5.38 2.43
N SER B 12 14.12 -5.25 3.42
CA SER B 12 15.44 -4.61 3.19
C SER B 12 16.47 -5.18 4.17
N GLY C 1 -9.09 -5.96 15.59
CA GLY C 1 -8.03 -5.24 14.76
C GLY C 1 -7.93 -3.74 14.84
N SER C 2 -6.74 -3.23 14.86
CA SER C 2 -6.57 -1.74 14.94
C SER C 2 -6.92 -1.12 13.59
N GLU C 3 -7.27 0.13 13.58
CA GLU C 3 -7.67 0.79 12.30
C GLU C 3 -6.68 0.44 11.18
N LEU C 4 -5.41 0.63 11.41
CA LEU C 4 -4.42 0.31 10.34
C LEU C 4 -4.38 -1.20 10.13
N GLU C 5 -4.45 -1.96 11.19
CA GLU C 5 -4.42 -3.45 11.05
C GLU C 5 -5.62 -3.89 10.21
N THR C 6 -6.74 -3.26 10.42
CA THR C 6 -7.96 -3.62 9.66
C THR C 6 -7.70 -3.51 8.15
N ALA C 7 -7.14 -2.40 7.75
CA ALA C 7 -6.86 -2.13 6.32
C ALA C 7 -5.88 -3.16 5.74
N MET C 8 -5.01 -3.71 6.53
CA MET C 8 -4.02 -4.67 5.98
C MET C 8 -4.71 -5.96 5.55
N GLU C 9 -5.49 -6.51 6.43
CA GLU C 9 -6.15 -7.80 6.13
C GLU C 9 -7.21 -7.61 5.04
N THR C 10 -7.79 -6.44 4.96
CA THR C 10 -8.84 -6.23 3.92
C THR C 10 -8.20 -6.40 2.53
N LEU C 11 -7.21 -5.62 2.17
CA LEU C 11 -6.58 -5.80 0.82
C LEU C 11 -6.30 -7.29 0.58
N ILE C 12 -5.86 -7.99 1.58
CA ILE C 12 -5.58 -9.44 1.43
C ILE C 12 -6.89 -10.23 1.23
N ASN C 13 -8.00 -9.71 1.70
CA ASN C 13 -9.31 -10.42 1.56
C ASN C 13 -9.94 -10.25 0.16
N VAL C 14 -10.10 -9.03 -0.27
CA VAL C 14 -10.74 -8.78 -1.60
C VAL C 14 -9.87 -9.30 -2.73
N PHE C 15 -8.61 -9.03 -2.69
CA PHE C 15 -7.71 -9.51 -3.78
C PHE C 15 -7.73 -11.05 -3.85
N HIS C 16 -7.75 -11.71 -2.74
CA HIS C 16 -7.80 -13.20 -2.76
C HIS C 16 -9.07 -13.67 -3.49
N ALA C 17 -10.17 -13.01 -3.25
CA ALA C 17 -11.48 -13.40 -3.86
C ALA C 17 -11.45 -13.43 -5.41
N HIS C 18 -11.11 -12.34 -6.04
CA HIS C 18 -11.08 -12.31 -7.54
C HIS C 18 -9.89 -13.10 -8.09
N SER C 19 -8.78 -12.97 -7.44
CA SER C 19 -7.52 -13.64 -7.87
C SER C 19 -7.57 -15.17 -7.74
N GLY C 20 -8.41 -15.70 -6.89
CA GLY C 20 -8.41 -17.21 -6.70
C GLY C 20 -9.62 -17.86 -7.36
N LYS C 21 -10.47 -17.12 -8.02
CA LYS C 21 -11.66 -17.76 -8.68
C LYS C 21 -11.67 -17.40 -10.16
N GLU C 22 -11.88 -16.15 -10.48
CA GLU C 22 -11.91 -15.76 -11.91
C GLU C 22 -10.53 -16.00 -12.54
N GLY C 23 -9.68 -16.80 -11.92
CA GLY C 23 -8.35 -17.03 -12.54
C GLY C 23 -7.49 -17.95 -11.66
N ASP C 24 -6.24 -18.10 -12.04
CA ASP C 24 -5.29 -18.97 -11.28
C ASP C 24 -5.54 -18.84 -9.78
N LYS C 25 -5.21 -19.85 -9.03
CA LYS C 25 -5.50 -19.81 -7.56
C LYS C 25 -4.82 -18.64 -6.84
N TYR C 26 -3.54 -18.39 -7.05
CA TYR C 26 -2.86 -17.27 -6.29
C TYR C 26 -2.22 -16.25 -7.24
N LYS C 27 -2.75 -16.05 -8.41
CA LYS C 27 -2.16 -15.04 -9.33
C LYS C 27 -3.25 -14.26 -10.05
N LEU C 28 -2.95 -13.02 -10.33
CA LEU C 28 -3.91 -12.11 -10.99
C LEU C 28 -3.67 -12.17 -12.52
N SER C 29 -4.69 -11.88 -13.26
CA SER C 29 -4.60 -11.89 -14.74
C SER C 29 -5.14 -10.55 -15.25
N LYS C 30 -4.74 -10.13 -16.42
CA LYS C 30 -5.25 -8.81 -16.93
C LYS C 30 -6.75 -8.63 -16.67
N LYS C 31 -7.54 -9.67 -16.74
CA LYS C 31 -9.01 -9.48 -16.51
C LYS C 31 -9.33 -9.49 -15.01
N GLU C 32 -8.54 -10.15 -14.21
CA GLU C 32 -8.84 -10.17 -12.75
C GLU C 32 -8.56 -8.79 -12.15
N LEU C 33 -7.49 -8.13 -12.55
CA LEU C 33 -7.24 -6.77 -11.97
C LEU C 33 -8.39 -5.85 -12.37
N LYS C 34 -8.82 -5.94 -13.59
CA LYS C 34 -9.88 -5.04 -14.11
C LYS C 34 -11.18 -5.15 -13.28
N ASP C 35 -11.62 -6.32 -12.95
CA ASP C 35 -12.88 -6.48 -12.15
C ASP C 35 -12.63 -6.14 -10.69
N LEU C 36 -11.45 -6.36 -10.19
CA LEU C 36 -11.17 -6.07 -8.76
C LEU C 36 -11.37 -4.58 -8.46
N LEU C 37 -10.78 -3.74 -9.26
CA LEU C 37 -10.90 -2.26 -9.06
C LEU C 37 -12.24 -1.73 -9.55
N GLN C 38 -12.67 -2.23 -10.67
CA GLN C 38 -13.93 -1.77 -11.29
C GLN C 38 -15.12 -2.17 -10.42
N THR C 39 -15.06 -3.35 -9.89
CA THR C 39 -16.19 -3.86 -9.07
C THR C 39 -16.45 -2.97 -7.86
N GLU C 40 -15.43 -2.65 -7.10
CA GLU C 40 -15.64 -1.82 -5.86
C GLU C 40 -15.24 -0.35 -6.09
N LEU C 41 -14.41 -0.06 -7.07
CA LEU C 41 -13.99 1.37 -7.29
C LEU C 41 -14.09 1.73 -8.78
N SER C 42 -15.27 1.71 -9.32
CA SER C 42 -15.44 2.06 -10.76
C SER C 42 -15.28 3.58 -10.94
N SER C 43 -15.86 4.36 -10.06
CA SER C 43 -15.78 5.84 -10.20
C SER C 43 -14.38 6.38 -9.90
N PHE C 44 -13.70 5.87 -8.90
CA PHE C 44 -12.35 6.41 -8.57
C PHE C 44 -11.27 5.67 -9.37
N LEU C 45 -10.46 4.82 -8.72
CA LEU C 45 -9.39 3.99 -9.43
C LEU C 45 -9.52 4.19 -10.95
N ASP C 46 -8.60 4.53 -11.81
CA ASP C 46 -9.02 4.61 -13.27
C ASP C 46 -8.79 3.27 -13.96
N VAL C 47 -9.83 2.64 -14.45
CA VAL C 47 -9.64 1.33 -15.15
C VAL C 47 -10.64 1.18 -16.30
N GLN C 48 -11.88 1.58 -16.10
CA GLN C 48 -12.90 1.42 -17.19
C GLN C 48 -13.08 2.73 -17.96
N LYS C 49 -13.10 3.83 -17.29
CA LYS C 49 -13.30 5.13 -17.99
C LYS C 49 -12.15 5.36 -18.97
N ASP C 50 -11.01 4.80 -18.69
CA ASP C 50 -9.85 4.94 -19.61
C ASP C 50 -9.14 3.60 -19.68
N ALA C 51 -9.57 2.74 -20.56
CA ALA C 51 -8.90 1.41 -20.70
C ALA C 51 -7.41 1.66 -20.90
N ASP C 52 -7.10 2.77 -21.51
CA ASP C 52 -5.69 3.16 -21.70
C ASP C 52 -5.05 3.28 -20.33
N ALA C 53 -5.75 3.83 -19.38
CA ALA C 53 -5.15 4.01 -18.04
C ALA C 53 -4.77 2.64 -17.46
N VAL C 54 -5.60 1.66 -17.62
CA VAL C 54 -5.27 0.32 -17.08
C VAL C 54 -3.97 -0.18 -17.72
N ASP C 55 -3.76 0.11 -18.98
CA ASP C 55 -2.55 -0.41 -19.68
C ASP C 55 -1.27 0.27 -19.13
N LYS C 56 -1.32 1.55 -18.87
CA LYS C 56 -0.10 2.27 -18.37
C LYS C 56 0.28 1.76 -16.97
N ILE C 57 -0.70 1.53 -16.15
CA ILE C 57 -0.43 1.03 -14.75
C ILE C 57 0.06 -0.42 -14.76
N MET C 58 -0.66 -1.30 -15.39
CA MET C 58 -0.24 -2.74 -15.40
C MET C 58 1.11 -2.91 -16.09
N LYS C 59 1.38 -2.17 -17.11
CA LYS C 59 2.69 -2.32 -17.80
C LYS C 59 3.77 -2.02 -16.77
N GLU C 60 3.53 -1.03 -15.98
CA GLU C 60 4.50 -0.63 -14.92
C GLU C 60 4.58 -1.77 -13.90
N LEU C 61 3.53 -2.55 -13.77
CA LEU C 61 3.56 -3.68 -12.80
C LEU C 61 4.17 -4.89 -13.46
N ASP C 62 3.99 -5.05 -14.73
CA ASP C 62 4.60 -6.21 -15.42
C ASP C 62 6.09 -5.96 -15.45
N GLU C 63 6.65 -5.80 -14.29
CA GLU C 63 8.11 -5.50 -14.19
C GLU C 63 8.88 -6.66 -14.81
N ASN C 64 8.44 -7.87 -14.58
CA ASN C 64 9.13 -9.01 -15.22
C ASN C 64 8.79 -8.91 -16.70
N GLY C 65 7.69 -8.26 -16.99
CA GLY C 65 7.28 -8.06 -18.40
C GLY C 65 6.48 -9.26 -18.88
N ASP C 66 5.60 -9.81 -18.06
CA ASP C 66 4.81 -11.00 -18.52
C ASP C 66 3.43 -10.51 -18.97
N GLY C 67 2.38 -11.01 -18.38
CA GLY C 67 1.00 -10.57 -18.76
C GLY C 67 0.04 -10.86 -17.59
N GLU C 68 0.58 -10.99 -16.39
CA GLU C 68 -0.25 -11.26 -15.19
C GLU C 68 0.27 -10.36 -14.08
N VAL C 69 -0.33 -10.34 -12.92
CA VAL C 69 0.16 -9.44 -11.83
C VAL C 69 0.12 -10.19 -10.50
N ASP C 70 1.13 -10.05 -9.71
CA ASP C 70 1.18 -10.76 -8.40
C ASP C 70 0.72 -9.82 -7.28
N PHE C 71 0.47 -10.36 -6.12
CA PHE C 71 0.02 -9.52 -4.97
C PHE C 71 1.07 -8.46 -4.67
N GLN C 72 2.32 -8.79 -4.81
CA GLN C 72 3.41 -7.79 -4.54
C GLN C 72 3.40 -6.70 -5.62
N GLU C 73 2.87 -7.02 -6.77
CA GLU C 73 2.84 -6.04 -7.88
C GLU C 73 1.64 -5.12 -7.74
N PHE C 74 0.47 -5.68 -7.63
CA PHE C 74 -0.74 -4.82 -7.53
C PHE C 74 -0.82 -4.13 -6.18
N VAL C 75 -0.36 -4.76 -5.14
CA VAL C 75 -0.42 -4.11 -3.80
C VAL C 75 0.38 -2.81 -3.86
N VAL C 76 1.49 -2.81 -4.54
CA VAL C 76 2.27 -1.55 -4.65
C VAL C 76 1.39 -0.48 -5.32
N LEU C 77 0.63 -0.88 -6.32
CA LEU C 77 -0.25 0.09 -7.08
C LEU C 77 -1.34 0.73 -6.19
N VAL C 78 -2.09 -0.02 -5.43
CA VAL C 78 -3.16 0.61 -4.59
C VAL C 78 -2.52 1.59 -3.60
N ALA C 79 -1.34 1.31 -3.15
CA ALA C 79 -0.62 2.21 -2.22
C ALA C 79 -0.22 3.51 -2.95
N ALA C 80 0.19 3.38 -4.17
CA ALA C 80 0.64 4.58 -4.95
C ALA C 80 -0.52 5.46 -5.42
N LEU C 81 -1.72 4.95 -5.58
CA LEU C 81 -2.84 5.85 -6.06
C LEU C 81 -3.45 6.60 -4.87
N THR C 82 -3.65 5.94 -3.75
CA THR C 82 -4.21 6.64 -2.55
C THR C 82 -3.36 7.89 -2.26
N VAL C 83 -2.06 7.75 -2.25
CA VAL C 83 -1.17 8.93 -2.02
C VAL C 83 -1.41 9.98 -3.10
N ALA C 84 -1.59 9.57 -4.32
CA ALA C 84 -1.82 10.54 -5.42
C ALA C 84 -3.09 11.34 -5.12
N CYS C 85 -3.98 10.77 -4.35
CA CYS C 85 -5.22 11.50 -3.99
C CYS C 85 -4.86 12.65 -3.04
N ASN C 86 -3.95 12.42 -2.14
CA ASN C 86 -3.54 13.49 -1.19
C ASN C 86 -2.99 14.67 -2.00
N ASN C 87 -2.30 14.39 -3.06
CA ASN C 87 -1.76 15.50 -3.89
C ASN C 87 -2.95 16.34 -4.37
N PHE C 88 -4.03 15.71 -4.73
CA PHE C 88 -5.23 16.47 -5.20
C PHE C 88 -5.97 17.04 -3.98
N PHE C 89 -5.51 16.78 -2.79
CA PHE C 89 -6.21 17.32 -1.58
C PHE C 89 -5.80 18.79 -1.39
N TRP C 90 -4.81 19.24 -2.10
CA TRP C 90 -4.37 20.67 -1.96
C TRP C 90 -5.57 21.56 -2.28
N GLU C 91 -6.49 21.07 -3.06
CA GLU C 91 -7.70 21.87 -3.41
C GLU C 91 -8.44 22.23 -2.13
N ASN C 92 -8.50 21.31 -1.19
CA ASN C 92 -9.20 21.59 0.09
C ASN C 92 -8.30 22.43 1.00
N SER C 93 -7.10 22.70 0.57
CA SER C 93 -6.17 23.51 1.40
C SER C 93 -5.95 22.83 2.76
N GLY D 1 -18.70 2.52 2.42
CA GLY D 1 -17.40 2.09 1.72
C GLY D 1 -17.19 0.64 1.42
N SER D 2 -16.64 0.34 0.28
CA SER D 2 -16.38 -1.09 -0.08
C SER D 2 -15.19 -1.61 0.74
N GLU D 3 -15.10 -2.89 0.91
CA GLU D 3 -13.99 -3.47 1.73
C GLU D 3 -12.65 -2.82 1.33
N LEU D 4 -12.33 -2.81 0.07
CA LEU D 4 -11.04 -2.21 -0.33
C LEU D 4 -11.09 -0.68 -0.11
N GLU D 5 -12.21 -0.07 -0.41
CA GLU D 5 -12.34 1.39 -0.20
C GLU D 5 -12.12 1.71 1.29
N THR D 6 -12.64 0.87 2.14
CA THR D 6 -12.50 1.10 3.60
C THR D 6 -11.02 1.20 3.97
N ALA D 7 -10.24 0.25 3.51
CA ALA D 7 -8.78 0.20 3.81
C ALA D 7 -8.04 1.44 3.29
N MET D 8 -8.52 2.05 2.25
CA MET D 8 -7.80 3.23 1.69
C MET D 8 -7.91 4.42 2.64
N GLU D 9 -9.11 4.72 3.05
CA GLU D 9 -9.31 5.90 3.92
C GLU D 9 -8.72 5.64 5.31
N THR D 10 -8.68 4.41 5.73
CA THR D 10 -8.10 4.12 7.08
C THR D 10 -6.63 4.55 7.10
N LEU D 11 -5.78 4.01 6.26
CA LEU D 11 -4.34 4.45 6.28
C LEU D 11 -4.28 5.99 6.30
N ILE D 12 -5.13 6.63 5.57
CA ILE D 12 -5.13 8.12 5.54
C ILE D 12 -5.61 8.68 6.90
N ASN D 13 -6.38 7.92 7.65
CA ASN D 13 -6.90 8.41 8.97
C ASN D 13 -5.84 8.28 10.10
N VAL D 14 -5.31 7.11 10.28
CA VAL D 14 -4.32 6.88 11.37
C VAL D 14 -3.04 7.68 11.13
N PHE D 15 -2.53 7.63 9.94
CA PHE D 15 -1.27 8.39 9.65
C PHE D 15 -1.50 9.90 9.87
N HIS D 16 -2.62 10.42 9.50
CA HIS D 16 -2.87 11.87 9.72
C HIS D 16 -2.80 12.18 11.23
N ALA D 17 -3.33 11.31 12.04
CA ALA D 17 -3.37 11.54 13.54
C ALA D 17 -1.96 11.74 14.15
N HIS D 18 -1.07 10.80 13.97
CA HIS D 18 0.30 10.95 14.58
C HIS D 18 1.13 11.99 13.82
N SER D 19 1.01 11.98 12.53
CA SER D 19 1.77 12.91 11.65
C SER D 19 1.37 14.38 11.81
N GLY D 20 0.17 14.66 12.28
CA GLY D 20 -0.27 16.11 12.38
C GLY D 20 -0.26 16.61 13.82
N LYS D 21 0.14 15.81 14.77
CA LYS D 21 0.15 16.30 16.20
C LYS D 21 1.55 16.10 16.77
N GLU D 22 1.97 14.90 16.95
CA GLU D 22 3.31 14.65 17.53
C GLU D 22 4.39 15.21 16.58
N GLY D 23 4.03 16.06 15.64
CA GLY D 23 5.06 16.60 14.72
C GLY D 23 4.45 17.55 13.69
N ASP D 24 5.25 17.96 12.74
CA ASP D 24 4.80 18.91 11.68
C ASP D 24 3.36 18.57 11.26
N LYS D 25 2.64 19.52 10.77
CA LYS D 25 1.22 19.28 10.42
C LYS D 25 1.03 18.17 9.37
N TYR D 26 1.76 18.18 8.27
CA TYR D 26 1.55 17.12 7.21
C TYR D 26 2.82 16.33 6.91
N LYS D 27 3.71 16.17 7.86
CA LYS D 27 4.96 15.39 7.58
C LYS D 27 5.30 14.51 8.78
N LEU D 28 5.88 13.39 8.47
CA LEU D 28 6.27 12.40 9.51
C LEU D 28 7.72 12.68 9.94
N SER D 29 8.06 12.30 11.13
CA SER D 29 9.43 12.48 11.67
C SER D 29 9.91 11.13 12.19
N LYS D 30 11.19 10.92 12.29
CA LYS D 30 11.68 9.60 12.79
C LYS D 30 10.88 9.13 14.02
N LYS D 31 10.46 10.01 14.88
CA LYS D 31 9.71 9.54 16.09
C LYS D 31 8.22 9.33 15.76
N GLU D 32 7.70 10.03 14.80
CA GLU D 32 6.26 9.83 14.46
C GLU D 32 6.06 8.46 13.81
N LEU D 33 6.95 8.05 12.93
CA LEU D 33 6.78 6.70 12.30
C LEU D 33 6.83 5.63 13.40
N LYS D 34 7.77 5.79 14.30
CA LYS D 34 7.97 4.77 15.39
C LYS D 34 6.68 4.56 16.21
N ASP D 35 6.01 5.60 16.61
CA ASP D 35 4.77 5.43 17.43
C ASP D 35 3.60 4.99 16.55
N LEU D 36 3.59 5.36 15.31
CA LEU D 36 2.45 4.97 14.43
C LEU D 36 2.37 3.44 14.32
N LEU D 37 3.46 2.81 14.01
CA LEU D 37 3.49 1.32 13.86
C LEU D 37 3.50 0.62 15.22
N GLN D 38 4.25 1.15 16.13
CA GLN D 38 4.39 0.54 17.46
C GLN D 38 3.08 0.63 18.22
N THR D 39 2.42 1.74 18.09
CA THR D 39 1.15 1.95 18.84
C THR D 39 0.10 0.89 18.46
N GLU D 40 -0.14 0.68 17.19
CA GLU D 40 -1.19 -0.31 16.77
C GLU D 40 -0.57 -1.64 16.33
N LEU D 41 0.69 -1.68 15.95
CA LEU D 41 1.31 -2.97 15.50
C LEU D 41 2.67 -3.17 16.16
N SER D 42 2.70 -3.31 17.46
CA SER D 42 3.99 -3.53 18.16
C SER D 42 4.48 -4.96 17.92
N SER D 43 3.60 -5.91 17.98
CA SER D 43 4.01 -7.34 17.81
C SER D 43 4.39 -7.65 16.35
N PHE D 44 3.66 -7.14 15.38
CA PHE D 44 3.99 -7.47 13.96
C PHE D 44 4.99 -6.48 13.35
N LEU D 45 4.55 -5.43 12.66
CA LEU D 45 5.51 -4.51 11.94
C LEU D 45 6.84 -4.51 12.74
N ASP D 46 8.04 -4.58 12.20
CA ASP D 46 9.21 -4.59 13.15
C ASP D 46 9.69 -3.16 13.37
N VAL D 47 9.63 -2.67 14.58
CA VAL D 47 10.11 -1.28 14.85
C VAL D 47 10.72 -1.19 16.24
N GLN D 48 10.12 -1.82 17.23
CA GLN D 48 10.68 -1.73 18.62
C GLN D 48 11.54 -2.96 18.96
N LYS D 49 11.11 -4.12 18.56
CA LYS D 49 11.89 -5.35 18.87
C LYS D 49 13.26 -5.26 18.22
N ASP D 50 13.36 -4.53 17.14
CA ASP D 50 14.67 -4.36 16.47
C ASP D 50 14.79 -2.91 16.00
N ALA D 51 15.27 -2.06 16.86
CA ALA D 51 15.42 -0.63 16.47
C ALA D 51 16.24 -0.59 15.18
N ASP D 52 17.10 -1.55 15.02
CA ASP D 52 17.89 -1.66 13.77
C ASP D 52 16.93 -1.82 12.61
N ALA D 53 15.89 -2.58 12.80
CA ALA D 53 14.94 -2.80 11.68
C ALA D 53 14.34 -1.45 11.25
N VAL D 54 13.98 -0.63 12.19
CA VAL D 54 13.39 0.68 11.81
C VAL D 54 14.40 1.48 10.98
N ASP D 55 15.67 1.37 11.27
CA ASP D 55 16.68 2.17 10.52
C ASP D 55 16.81 1.68 9.07
N LYS D 56 16.77 0.38 8.86
CA LYS D 56 16.92 -0.16 7.46
C LYS D 56 15.73 0.25 6.59
N ILE D 57 14.55 0.22 7.16
CA ILE D 57 13.31 0.58 6.41
C ILE D 57 13.26 2.10 6.13
N MET D 58 13.40 2.91 7.14
CA MET D 58 13.32 4.38 6.94
C MET D 58 14.45 4.87 6.03
N LYS D 59 15.60 4.30 6.13
CA LYS D 59 16.72 4.75 5.24
C LYS D 59 16.26 4.54 3.80
N GLU D 60 15.62 3.44 3.57
CA GLU D 60 15.11 3.11 2.22
C GLU D 60 14.01 4.11 1.85
N LEU D 61 13.37 4.69 2.83
CA LEU D 61 12.31 5.69 2.55
C LEU D 61 12.93 7.07 2.40
N ASP D 62 13.98 7.32 3.11
CA ASP D 62 14.65 8.64 2.99
C ASP D 62 15.30 8.66 1.62
N GLU D 63 14.50 8.46 0.61
CA GLU D 63 15.04 8.43 -0.78
C GLU D 63 15.70 9.76 -1.08
N ASN D 64 15.11 10.84 -0.63
CA ASN D 64 15.75 12.15 -0.86
C ASN D 64 16.97 12.15 0.05
N GLY D 65 16.91 11.36 1.09
CA GLY D 65 18.05 11.25 2.02
C GLY D 65 17.97 12.33 3.07
N ASP D 66 16.79 12.63 3.60
CA ASP D 66 16.69 13.69 4.64
C ASP D 66 16.64 13.02 6.02
N GLY D 67 15.61 13.27 6.77
CA GLY D 67 15.48 12.63 8.12
C GLY D 67 14.00 12.61 8.54
N GLU D 68 13.10 12.71 7.56
CA GLU D 68 11.64 12.69 7.86
C GLU D 68 11.00 11.77 6.81
N VAL D 69 9.72 11.52 6.87
CA VAL D 69 9.09 10.60 5.88
C VAL D 69 7.75 11.18 5.45
N ASP D 70 7.45 11.13 4.18
CA ASP D 70 6.16 11.70 3.68
C ASP D 70 5.13 10.57 3.52
N PHE D 71 3.90 10.93 3.33
CA PHE D 71 2.83 9.90 3.17
C PHE D 71 3.15 9.01 1.95
N GLN D 72 3.72 9.57 0.93
CA GLN D 72 4.07 8.76 -0.27
C GLN D 72 5.23 7.82 0.06
N GLU D 73 6.01 8.16 1.05
CA GLU D 73 7.17 7.33 1.42
C GLU D 73 6.74 6.20 2.34
N PHE D 74 6.08 6.52 3.42
CA PHE D 74 5.67 5.45 4.37
C PHE D 74 4.52 4.61 3.79
N VAL D 75 3.67 5.19 3.02
CA VAL D 75 2.55 4.40 2.43
C VAL D 75 3.13 3.27 1.59
N VAL D 76 4.19 3.55 0.86
CA VAL D 76 4.80 2.47 0.06
C VAL D 76 5.26 1.35 1.02
N LEU D 77 5.79 1.71 2.16
CA LEU D 77 6.30 0.69 3.16
C LEU D 77 5.18 -0.23 3.69
N VAL D 78 4.07 0.29 4.15
CA VAL D 78 2.99 -0.60 4.69
C VAL D 78 2.52 -1.55 3.60
N ALA D 79 2.53 -1.12 2.38
CA ALA D 79 2.13 -1.99 1.24
C ALA D 79 3.17 -3.11 1.04
N ALA D 80 4.42 -2.78 1.18
CA ALA D 80 5.50 -3.78 0.95
C ALA D 80 5.63 -4.79 2.09
N LEU D 81 5.20 -4.49 3.30
CA LEU D 81 5.35 -5.51 4.39
C LEU D 81 4.16 -6.49 4.37
N THR D 82 2.97 -5.99 4.16
CA THR D 82 1.79 -6.91 4.09
C THR D 82 2.07 -8.02 3.06
N VAL D 83 2.56 -7.66 1.91
CA VAL D 83 2.90 -8.67 0.87
C VAL D 83 3.97 -9.63 1.40
N ALA D 84 4.93 -9.13 2.12
CA ALA D 84 6.00 -10.00 2.67
C ALA D 84 5.37 -11.04 3.59
N CYS D 85 4.24 -10.73 4.14
CA CYS D 85 3.55 -11.71 5.03
C CYS D 85 3.02 -12.86 4.19
N ASN D 86 2.52 -12.57 3.01
CA ASN D 86 2.01 -13.65 2.13
C ASN D 86 3.16 -14.61 1.83
N ASN D 87 4.35 -14.11 1.69
CA ASN D 87 5.50 -15.00 1.42
C ASN D 87 5.61 -15.98 2.58
N PHE D 88 5.40 -15.51 3.78
CA PHE D 88 5.49 -16.41 4.96
C PHE D 88 4.20 -17.24 5.07
N PHE D 89 3.25 -17.05 4.18
CA PHE D 89 1.98 -17.83 4.25
C PHE D 89 2.22 -19.22 3.63
N TRP D 90 3.34 -19.40 2.98
CA TRP D 90 3.63 -20.73 2.36
C TRP D 90 3.61 -21.78 3.46
N GLU D 91 3.86 -21.38 4.68
CA GLU D 91 3.85 -22.33 5.82
C GLU D 91 2.45 -22.97 5.92
N ASN D 92 1.43 -22.18 5.68
CA ASN D 92 0.04 -22.72 5.76
C ASN D 92 -0.28 -23.48 4.47
N SER D 93 0.62 -23.48 3.53
CA SER D 93 0.38 -24.21 2.25
C SER D 93 -0.88 -23.65 1.57
N THR A 1 -17.12 12.14 -23.07
CA THR A 1 -17.44 11.02 -22.15
C THR A 1 -16.27 10.03 -22.11
N ARG A 2 -15.12 10.46 -22.56
CA ARG A 2 -13.92 9.55 -22.56
C ARG A 2 -12.69 10.34 -22.11
N THR A 3 -11.67 9.66 -21.66
CA THR A 3 -10.44 10.37 -21.19
C THR A 3 -10.83 11.46 -20.21
N LYS A 4 -11.71 11.14 -19.30
CA LYS A 4 -12.17 12.11 -18.28
C LYS A 4 -11.48 11.82 -16.94
N ILE A 5 -10.62 10.84 -16.92
CA ILE A 5 -9.90 10.46 -15.66
C ILE A 5 -8.40 10.30 -15.98
N ASP A 6 -7.72 11.39 -16.19
CA ASP A 6 -6.26 11.30 -16.49
C ASP A 6 -5.48 11.37 -15.18
N TRP A 7 -6.20 11.47 -14.09
CA TRP A 7 -5.53 11.55 -12.76
C TRP A 7 -4.67 10.32 -12.51
N ASN A 8 -5.21 9.14 -12.69
CA ASN A 8 -4.37 7.93 -12.45
C ASN A 8 -3.07 8.07 -13.22
N LYS A 9 -3.13 8.63 -14.38
CA LYS A 9 -1.91 8.82 -15.18
C LYS A 9 -0.95 9.67 -14.34
N ILE A 10 -1.48 10.45 -13.43
CA ILE A 10 -0.59 11.27 -12.55
C ILE A 10 0.45 10.32 -11.98
N LEU A 11 0.03 9.12 -11.71
CA LEU A 11 0.97 8.10 -11.18
C LEU A 11 1.98 7.78 -12.27
N SER A 12 1.53 7.68 -13.49
CA SER A 12 2.47 7.37 -14.61
C SER A 12 3.06 8.68 -15.16
N THR B 1 17.81 -6.09 21.99
CA THR B 1 18.27 -7.15 22.93
C THR B 1 18.59 -8.43 22.12
N ARG B 2 17.94 -9.51 22.42
CA ARG B 2 18.20 -10.78 21.69
C ARG B 2 17.46 -10.77 20.34
N THR B 3 17.90 -11.58 19.41
CA THR B 3 17.23 -11.62 18.08
C THR B 3 15.96 -12.46 18.15
N LYS B 4 14.89 -11.98 17.57
CA LYS B 4 13.60 -12.73 17.60
C LYS B 4 12.77 -12.34 16.38
N ILE B 5 13.08 -11.22 15.77
CA ILE B 5 12.32 -10.77 14.56
C ILE B 5 13.30 -10.22 13.52
N ASP B 6 13.45 -10.91 12.42
CA ASP B 6 14.36 -10.44 11.33
C ASP B 6 13.56 -10.47 10.04
N TRP B 7 12.31 -10.80 10.15
CA TRP B 7 11.41 -10.89 8.97
C TRP B 7 11.32 -9.53 8.24
N ASN B 8 11.06 -8.46 8.94
CA ASN B 8 10.97 -7.14 8.23
C ASN B 8 12.22 -6.96 7.38
N LYS B 9 13.33 -7.40 7.89
CA LYS B 9 14.58 -7.28 7.12
C LYS B 9 14.38 -8.04 5.81
N ILE B 10 13.45 -8.97 5.79
CA ILE B 10 13.17 -9.71 4.52
C ILE B 10 12.89 -8.67 3.44
N LEU B 11 12.21 -7.62 3.82
CA LEU B 11 11.93 -6.53 2.84
C LEU B 11 13.26 -5.95 2.40
N SER B 12 14.15 -5.73 3.33
CA SER B 12 15.48 -5.15 2.98
C SER B 12 16.37 -6.25 2.40
N GLY C 1 -8.85 1.29 17.30
CA GLY C 1 -7.50 1.78 16.74
C GLY C 1 -6.78 0.94 15.74
N SER C 2 -6.99 -0.35 15.77
CA SER C 2 -6.30 -1.24 14.80
C SER C 2 -6.78 -0.95 13.37
N GLU C 3 -7.10 0.28 13.07
CA GLU C 3 -7.55 0.62 11.70
C GLU C 3 -6.46 0.27 10.69
N LEU C 4 -5.23 0.60 10.99
CA LEU C 4 -4.13 0.29 10.04
C LEU C 4 -4.08 -1.23 9.81
N GLU C 5 -4.14 -2.00 10.86
CA GLU C 5 -4.12 -3.49 10.70
C GLU C 5 -5.32 -3.95 9.88
N THR C 6 -6.46 -3.35 10.11
CA THR C 6 -7.68 -3.75 9.35
C THR C 6 -7.40 -3.67 7.86
N ALA C 7 -6.72 -2.63 7.46
CA ALA C 7 -6.40 -2.38 6.03
C ALA C 7 -5.41 -3.41 5.46
N MET C 8 -4.53 -3.94 6.26
CA MET C 8 -3.55 -4.90 5.67
C MET C 8 -4.22 -6.25 5.44
N GLU C 9 -4.97 -6.72 6.40
CA GLU C 9 -5.61 -8.05 6.27
C GLU C 9 -6.75 -8.01 5.25
N THR C 10 -7.40 -6.90 5.10
CA THR C 10 -8.54 -6.84 4.14
C THR C 10 -7.99 -6.92 2.71
N LEU C 11 -7.08 -6.06 2.31
CA LEU C 11 -6.49 -6.16 0.92
C LEU C 11 -6.20 -7.64 0.64
N ILE C 12 -5.70 -8.34 1.63
CA ILE C 12 -5.44 -9.78 1.44
C ILE C 12 -6.77 -10.51 1.18
N ASN C 13 -7.83 -10.12 1.83
CA ASN C 13 -9.17 -10.79 1.61
C ASN C 13 -9.74 -10.50 0.20
N VAL C 14 -9.86 -9.27 -0.20
CA VAL C 14 -10.46 -8.96 -1.53
C VAL C 14 -9.63 -9.57 -2.66
N PHE C 15 -8.34 -9.37 -2.62
CA PHE C 15 -7.46 -9.92 -3.69
C PHE C 15 -7.55 -11.45 -3.72
N HIS C 16 -7.60 -12.09 -2.60
CA HIS C 16 -7.71 -13.58 -2.61
C HIS C 16 -8.98 -14.01 -3.35
N ALA C 17 -10.06 -13.30 -3.12
CA ALA C 17 -11.38 -13.64 -3.74
C ALA C 17 -11.35 -13.64 -5.28
N HIS C 18 -10.95 -12.57 -5.90
CA HIS C 18 -10.94 -12.52 -7.40
C HIS C 18 -9.71 -13.20 -7.99
N SER C 19 -8.58 -12.99 -7.39
CA SER C 19 -7.30 -13.56 -7.88
C SER C 19 -7.29 -15.10 -7.93
N GLY C 20 -8.02 -15.77 -7.07
CA GLY C 20 -7.98 -17.28 -7.06
C GLY C 20 -9.24 -17.89 -7.66
N LYS C 21 -10.10 -17.10 -8.27
CA LYS C 21 -11.35 -17.67 -8.86
C LYS C 21 -11.42 -17.35 -10.34
N GLU C 22 -11.66 -16.12 -10.69
CA GLU C 22 -11.75 -15.78 -12.12
C GLU C 22 -10.36 -15.88 -12.76
N GLY C 23 -9.54 -16.80 -12.31
CA GLY C 23 -8.18 -16.92 -12.91
C GLY C 23 -7.30 -17.84 -12.06
N ASP C 24 -6.04 -17.88 -12.39
CA ASP C 24 -5.07 -18.76 -11.65
C ASP C 24 -5.38 -18.72 -10.14
N LYS C 25 -5.13 -19.79 -9.45
CA LYS C 25 -5.48 -19.85 -8.00
C LYS C 25 -4.79 -18.75 -7.17
N TYR C 26 -3.55 -18.39 -7.42
CA TYR C 26 -2.89 -17.35 -6.54
C TYR C 26 -2.14 -16.31 -7.39
N LYS C 27 -2.66 -15.99 -8.55
CA LYS C 27 -2.00 -14.96 -9.41
C LYS C 27 -3.07 -14.14 -10.08
N LEU C 28 -2.77 -12.91 -10.30
CA LEU C 28 -3.71 -11.95 -10.93
C LEU C 28 -3.44 -11.96 -12.45
N SER C 29 -4.43 -11.63 -13.23
CA SER C 29 -4.28 -11.60 -14.71
C SER C 29 -4.82 -10.26 -15.20
N LYS C 30 -4.47 -9.85 -16.39
CA LYS C 30 -4.99 -8.54 -16.89
C LYS C 30 -6.50 -8.39 -16.60
N LYS C 31 -7.27 -9.45 -16.66
CA LYS C 31 -8.74 -9.32 -16.39
C LYS C 31 -9.05 -9.39 -14.89
N GLU C 32 -8.26 -10.07 -14.10
CA GLU C 32 -8.57 -10.13 -12.65
C GLU C 32 -8.30 -8.78 -11.98
N LEU C 33 -7.23 -8.11 -12.36
CA LEU C 33 -6.95 -6.78 -11.74
C LEU C 33 -8.05 -5.80 -12.08
N LYS C 34 -8.44 -5.78 -13.33
CA LYS C 34 -9.50 -4.84 -13.81
C LYS C 34 -10.85 -5.06 -13.10
N ASP C 35 -11.25 -6.28 -12.85
CA ASP C 35 -12.57 -6.56 -12.20
C ASP C 35 -12.54 -6.28 -10.69
N LEU C 36 -11.46 -6.57 -10.06
CA LEU C 36 -11.38 -6.37 -8.59
C LEU C 36 -11.60 -4.89 -8.23
N LEU C 37 -10.94 -3.99 -8.90
CA LEU C 37 -11.05 -2.54 -8.59
C LEU C 37 -12.35 -1.89 -9.07
N GLN C 38 -12.81 -2.23 -10.25
CA GLN C 38 -14.03 -1.57 -10.81
C GLN C 38 -15.28 -1.91 -9.99
N THR C 39 -15.37 -3.13 -9.57
CA THR C 39 -16.57 -3.58 -8.84
C THR C 39 -16.83 -2.64 -7.66
N GLU C 40 -15.80 -2.29 -6.93
CA GLU C 40 -16.00 -1.41 -5.75
C GLU C 40 -15.59 0.04 -6.06
N LEU C 41 -14.77 0.26 -7.06
CA LEU C 41 -14.34 1.66 -7.39
C LEU C 41 -14.41 1.88 -8.91
N SER C 42 -15.60 1.89 -9.46
CA SER C 42 -15.73 2.10 -10.92
C SER C 42 -15.64 3.60 -11.24
N SER C 43 -15.93 4.45 -10.29
CA SER C 43 -15.91 5.92 -10.55
C SER C 43 -14.50 6.52 -10.38
N PHE C 44 -13.67 5.95 -9.53
CA PHE C 44 -12.31 6.54 -9.30
C PHE C 44 -11.17 5.68 -9.88
N LEU C 45 -10.39 5.07 -9.02
CA LEU C 45 -9.26 4.14 -9.43
C LEU C 45 -9.26 3.95 -10.97
N ASP C 46 -8.31 4.23 -11.80
CA ASP C 46 -8.60 3.96 -13.26
C ASP C 46 -8.55 2.46 -13.61
N VAL C 47 -9.44 2.01 -14.45
CA VAL C 47 -9.43 0.60 -14.91
C VAL C 47 -10.36 0.43 -16.13
N GLN C 48 -11.61 0.85 -16.02
CA GLN C 48 -12.57 0.67 -17.15
C GLN C 48 -12.77 1.94 -17.98
N LYS C 49 -13.44 2.91 -17.41
CA LYS C 49 -13.74 4.19 -18.16
C LYS C 49 -12.61 4.51 -19.13
N ASP C 50 -11.42 4.68 -18.66
CA ASP C 50 -10.28 4.94 -19.57
C ASP C 50 -9.52 3.62 -19.77
N ALA C 51 -9.84 2.89 -20.80
CA ALA C 51 -9.16 1.58 -21.04
C ALA C 51 -7.66 1.80 -21.20
N ASP C 52 -7.29 2.86 -21.85
CA ASP C 52 -5.84 3.18 -22.01
C ASP C 52 -5.21 3.33 -20.63
N ALA C 53 -5.94 3.89 -19.71
CA ALA C 53 -5.35 4.13 -18.37
C ALA C 53 -4.94 2.81 -17.70
N VAL C 54 -5.76 1.79 -17.77
CA VAL C 54 -5.35 0.51 -17.11
C VAL C 54 -4.07 0.02 -17.77
N ASP C 55 -3.93 0.25 -19.03
CA ASP C 55 -2.71 -0.23 -19.73
C ASP C 55 -1.46 0.43 -19.10
N LYS C 56 -1.55 1.70 -18.76
CA LYS C 56 -0.37 2.41 -18.18
C LYS C 56 -0.06 1.90 -16.76
N ILE C 57 -1.08 1.66 -15.98
CA ILE C 57 -0.88 1.17 -14.57
C ILE C 57 -0.34 -0.27 -14.57
N MET C 58 -1.04 -1.16 -15.20
CA MET C 58 -0.61 -2.60 -15.26
C MET C 58 0.76 -2.69 -15.93
N LYS C 59 1.02 -1.88 -16.91
CA LYS C 59 2.36 -1.94 -17.56
C LYS C 59 3.42 -1.64 -16.51
N GLU C 60 3.21 -0.63 -15.72
CA GLU C 60 4.20 -0.28 -14.66
C GLU C 60 4.33 -1.47 -13.72
N LEU C 61 3.33 -2.31 -13.69
CA LEU C 61 3.37 -3.50 -12.79
C LEU C 61 3.92 -4.71 -13.55
N ASP C 62 3.77 -4.74 -14.85
CA ASP C 62 4.32 -5.89 -15.61
C ASP C 62 5.83 -5.70 -15.67
N GLU C 63 6.40 -5.45 -14.53
CA GLU C 63 7.87 -5.21 -14.46
C GLU C 63 8.60 -6.43 -14.98
N ASN C 64 8.14 -7.60 -14.64
CA ASN C 64 8.80 -8.80 -15.17
C ASN C 64 8.39 -8.94 -16.62
N GLY C 65 7.27 -8.35 -16.97
CA GLY C 65 6.78 -8.44 -18.36
C GLY C 65 6.11 -9.80 -18.53
N ASP C 66 5.35 -10.24 -17.55
CA ASP C 66 4.72 -11.60 -17.65
C ASP C 66 3.25 -11.52 -18.12
N GLY C 67 2.69 -10.34 -18.20
CA GLY C 67 1.27 -10.21 -18.63
C GLY C 67 0.31 -10.54 -17.47
N GLU C 68 0.84 -10.72 -16.26
CA GLU C 68 -0.02 -11.02 -15.09
C GLU C 68 0.47 -10.12 -13.95
N VAL C 69 -0.16 -10.12 -12.80
CA VAL C 69 0.29 -9.23 -11.70
C VAL C 69 0.24 -10.00 -10.40
N ASP C 70 1.26 -9.89 -9.59
CA ASP C 70 1.29 -10.62 -8.29
C ASP C 70 0.80 -9.68 -7.18
N PHE C 71 0.52 -10.22 -6.03
CA PHE C 71 0.03 -9.38 -4.91
C PHE C 71 1.10 -8.33 -4.57
N GLN C 72 2.34 -8.65 -4.75
CA GLN C 72 3.42 -7.66 -4.46
C GLN C 72 3.44 -6.54 -5.52
N GLU C 73 2.95 -6.84 -6.69
CA GLU C 73 2.95 -5.82 -7.76
C GLU C 73 1.77 -4.88 -7.59
N PHE C 74 0.58 -5.41 -7.46
CA PHE C 74 -0.60 -4.52 -7.33
C PHE C 74 -0.68 -3.88 -5.94
N VAL C 75 -0.25 -4.56 -4.93
CA VAL C 75 -0.31 -3.96 -3.58
C VAL C 75 0.47 -2.65 -3.61
N VAL C 76 1.58 -2.65 -4.30
CA VAL C 76 2.35 -1.39 -4.42
C VAL C 76 1.47 -0.31 -5.10
N LEU C 77 0.71 -0.70 -6.10
CA LEU C 77 -0.15 0.28 -6.85
C LEU C 77 -1.22 0.95 -5.95
N VAL C 78 -2.03 0.19 -5.25
CA VAL C 78 -3.08 0.82 -4.38
C VAL C 78 -2.41 1.86 -3.48
N ALA C 79 -1.22 1.58 -3.09
CA ALA C 79 -0.46 2.54 -2.23
C ALA C 79 -0.18 3.83 -3.03
N ALA C 80 0.13 3.68 -4.29
CA ALA C 80 0.49 4.86 -5.12
C ALA C 80 -0.72 5.71 -5.59
N LEU C 81 -1.89 5.17 -5.81
CA LEU C 81 -3.02 6.04 -6.30
C LEU C 81 -3.61 6.87 -5.13
N THR C 82 -3.81 6.25 -4.00
CA THR C 82 -4.36 6.97 -2.81
C THR C 82 -3.47 8.15 -2.42
N VAL C 83 -2.18 7.96 -2.41
CA VAL C 83 -1.27 9.09 -2.07
C VAL C 83 -1.49 10.23 -3.05
N ALA C 84 -1.66 9.90 -4.30
CA ALA C 84 -1.89 10.95 -5.33
C ALA C 84 -3.19 11.69 -5.01
N CYS C 85 -4.09 11.06 -4.32
CA CYS C 85 -5.37 11.72 -3.99
C CYS C 85 -5.18 12.74 -2.87
N ASN C 86 -4.44 12.40 -1.86
CA ASN C 86 -4.24 13.36 -0.73
C ASN C 86 -3.58 14.64 -1.23
N ASN C 87 -2.56 14.53 -2.02
CA ASN C 87 -1.88 15.75 -2.55
C ASN C 87 -2.87 16.59 -3.35
N PHE C 88 -3.71 15.95 -4.12
CA PHE C 88 -4.69 16.70 -4.96
C PHE C 88 -5.96 16.98 -4.14
N PHE C 89 -6.01 16.51 -2.92
CA PHE C 89 -7.20 16.75 -2.07
C PHE C 89 -7.07 18.10 -1.37
N TRP C 90 -5.87 18.52 -1.11
CA TRP C 90 -5.67 19.83 -0.40
C TRP C 90 -5.60 20.98 -1.40
N GLU C 91 -5.51 20.68 -2.67
CA GLU C 91 -5.44 21.78 -3.67
C GLU C 91 -6.71 22.62 -3.62
N ASN C 92 -7.84 21.99 -3.45
CA ASN C 92 -9.12 22.77 -3.39
C ASN C 92 -9.43 23.11 -1.93
N SER C 93 -8.60 22.69 -1.03
CA SER C 93 -8.84 23.00 0.41
C SER C 93 -10.29 22.66 0.78
N GLY D 1 -18.87 -4.87 0.71
CA GLY D 1 -17.74 -5.04 -0.32
C GLY D 1 -16.72 -3.98 -0.47
N SER D 2 -17.06 -2.76 -0.15
CA SER D 2 -16.07 -1.64 -0.27
C SER D 2 -14.91 -1.85 0.71
N GLU D 3 -14.55 -3.07 0.99
CA GLU D 3 -13.42 -3.32 1.92
C GLU D 3 -12.14 -2.67 1.38
N LEU D 4 -11.88 -2.81 0.11
CA LEU D 4 -10.64 -2.20 -0.45
C LEU D 4 -10.69 -0.68 -0.23
N GLU D 5 -11.80 -0.06 -0.51
CA GLU D 5 -11.92 1.41 -0.30
C GLU D 5 -11.72 1.75 1.18
N THR D 6 -12.27 0.95 2.05
CA THR D 6 -12.13 1.20 3.50
C THR D 6 -10.66 1.35 3.86
N ALA D 7 -9.85 0.50 3.29
CA ALA D 7 -8.39 0.49 3.56
C ALA D 7 -7.68 1.73 3.01
N MET D 8 -8.14 2.32 1.95
CA MET D 8 -7.41 3.49 1.43
C MET D 8 -7.70 4.73 2.28
N GLU D 9 -8.94 4.93 2.61
CA GLU D 9 -9.31 6.13 3.39
C GLU D 9 -8.83 6.01 4.85
N THR D 10 -8.75 4.82 5.36
CA THR D 10 -8.30 4.67 6.77
C THR D 10 -6.81 5.02 6.88
N LEU D 11 -5.94 4.39 6.12
CA LEU D 11 -4.48 4.76 6.18
C LEU D 11 -4.38 6.29 6.19
N ILE D 12 -5.20 6.93 5.42
CA ILE D 12 -5.19 8.42 5.42
C ILE D 12 -5.59 8.94 6.82
N ASN D 13 -6.53 8.27 7.47
CA ASN D 13 -6.97 8.71 8.84
C ASN D 13 -5.87 8.51 9.92
N VAL D 14 -5.33 7.31 10.05
CA VAL D 14 -4.30 7.07 11.10
C VAL D 14 -3.07 7.95 10.88
N PHE D 15 -2.57 7.99 9.68
CA PHE D 15 -1.36 8.80 9.38
C PHE D 15 -1.65 10.28 9.65
N HIS D 16 -2.80 10.77 9.31
CA HIS D 16 -3.09 12.20 9.59
C HIS D 16 -3.00 12.48 11.09
N ALA D 17 -3.48 11.56 11.88
CA ALA D 17 -3.50 11.75 13.37
C ALA D 17 -2.10 11.93 13.98
N HIS D 18 -1.19 11.02 13.74
CA HIS D 18 0.17 11.15 14.35
C HIS D 18 1.06 12.11 13.55
N SER D 19 1.00 12.03 12.27
CA SER D 19 1.84 12.88 11.37
C SER D 19 1.60 14.39 11.57
N GLY D 20 0.42 14.81 11.95
CA GLY D 20 0.16 16.29 12.08
C GLY D 20 0.11 16.73 13.54
N LYS D 21 0.46 15.88 14.47
CA LYS D 21 0.41 16.28 15.92
C LYS D 21 1.78 16.12 16.55
N GLU D 22 2.21 14.93 16.76
CA GLU D 22 3.54 14.76 17.41
C GLU D 22 4.64 15.17 16.42
N GLY D 23 4.39 16.15 15.59
CA GLY D 23 5.43 16.59 14.63
C GLY D 23 4.84 17.55 13.59
N ASP D 24 5.62 17.85 12.59
CA ASP D 24 5.17 18.79 11.51
C ASP D 24 3.70 18.52 11.17
N LYS D 25 2.99 19.53 10.77
CA LYS D 25 1.53 19.37 10.50
C LYS D 25 1.23 18.31 9.42
N TYR D 26 2.00 18.21 8.35
CA TYR D 26 1.66 17.21 7.27
C TYR D 26 2.90 16.43 6.83
N LYS D 27 3.81 16.16 7.73
CA LYS D 27 5.02 15.37 7.37
C LYS D 27 5.37 14.45 8.53
N LEU D 28 5.90 13.32 8.20
CA LEU D 28 6.28 12.31 9.20
C LEU D 28 7.75 12.53 9.59
N SER D 29 8.13 12.13 10.76
CA SER D 29 9.54 12.29 11.23
C SER D 29 10.01 10.95 11.76
N LYS D 30 11.29 10.75 11.89
CA LYS D 30 11.78 9.43 12.43
C LYS D 30 10.95 8.99 13.65
N LYS D 31 10.52 9.90 14.49
CA LYS D 31 9.73 9.47 15.69
C LYS D 31 8.24 9.31 15.36
N GLU D 32 7.72 10.02 14.40
CA GLU D 32 6.27 9.86 14.09
C GLU D 32 6.02 8.50 13.41
N LEU D 33 6.89 8.09 12.53
CA LEU D 33 6.68 6.77 11.86
C LEU D 33 6.73 5.64 12.90
N LYS D 34 7.72 5.71 13.75
CA LYS D 34 7.91 4.67 14.80
C LYS D 34 6.70 4.55 15.76
N ASP D 35 6.10 5.65 16.16
CA ASP D 35 4.94 5.60 17.11
C ASP D 35 3.65 5.16 16.43
N LEU D 36 3.44 5.56 15.23
CA LEU D 36 2.19 5.20 14.53
C LEU D 36 2.03 3.67 14.41
N LEU D 37 3.07 3.00 13.99
CA LEU D 37 2.99 1.53 13.80
C LEU D 37 3.04 0.71 15.09
N GLN D 38 3.86 1.10 16.03
CA GLN D 38 4.02 0.32 17.28
C GLN D 38 2.74 0.33 18.12
N THR D 39 2.10 1.45 18.16
CA THR D 39 0.89 1.59 19.00
C THR D 39 -0.10 0.50 18.64
N GLU D 40 -0.30 0.24 17.38
CA GLU D 40 -1.30 -0.81 16.96
C GLU D 40 -0.59 -2.10 16.56
N LEU D 41 0.67 -2.05 16.21
CA LEU D 41 1.39 -3.30 15.79
C LEU D 41 2.77 -3.36 16.45
N SER D 42 2.80 -3.50 17.75
CA SER D 42 4.11 -3.57 18.45
C SER D 42 4.71 -4.98 18.32
N SER D 43 3.89 -5.97 18.11
CA SER D 43 4.40 -7.37 18.02
C SER D 43 4.89 -7.72 16.60
N PHE D 44 4.35 -7.12 15.56
CA PHE D 44 4.76 -7.51 14.17
C PHE D 44 5.58 -6.42 13.44
N LEU D 45 4.94 -5.60 12.63
CA LEU D 45 5.67 -4.58 11.78
C LEU D 45 6.98 -4.19 12.48
N ASP D 46 8.16 -4.19 11.92
CA ASP D 46 9.32 -3.82 12.79
C ASP D 46 9.40 -2.31 13.03
N VAL D 47 9.73 -1.94 14.24
CA VAL D 47 9.90 -0.50 14.57
C VAL D 47 10.61 -0.37 15.94
N GLN D 48 10.10 -1.02 16.96
CA GLN D 48 10.72 -0.88 18.32
C GLN D 48 11.62 -2.06 18.69
N LYS D 49 11.02 -3.20 18.95
CA LYS D 49 11.81 -4.41 19.38
C LYS D 49 13.19 -4.41 18.72
N ASP D 50 13.24 -4.42 17.43
CA ASP D 50 14.56 -4.36 16.75
C ASP D 50 14.79 -2.91 16.30
N ALA D 51 15.48 -2.13 17.10
CA ALA D 51 15.72 -0.71 16.73
C ALA D 51 16.49 -0.64 15.41
N ASP D 52 17.40 -1.53 15.21
CA ASP D 52 18.17 -1.57 13.94
C ASP D 52 17.19 -1.76 12.79
N ALA D 53 16.19 -2.56 12.99
CA ALA D 53 15.24 -2.83 11.89
C ALA D 53 14.58 -1.54 11.40
N VAL D 54 14.12 -0.69 12.27
CA VAL D 54 13.46 0.55 11.79
C VAL D 54 14.47 1.34 10.95
N ASP D 55 15.70 1.29 11.33
CA ASP D 55 16.72 2.06 10.55
C ASP D 55 16.76 1.56 9.10
N LYS D 56 16.64 0.26 8.90
CA LYS D 56 16.70 -0.30 7.51
C LYS D 56 15.44 0.09 6.71
N ILE D 57 14.30 0.06 7.33
CA ILE D 57 13.02 0.40 6.62
C ILE D 57 12.97 1.91 6.30
N MET D 58 13.11 2.74 7.31
CA MET D 58 13.07 4.21 7.11
C MET D 58 14.19 4.64 6.14
N LYS D 59 15.32 4.01 6.22
CA LYS D 59 16.42 4.37 5.29
C LYS D 59 15.94 4.15 3.85
N GLU D 60 15.32 3.02 3.60
CA GLU D 60 14.81 2.74 2.24
C GLU D 60 13.78 3.81 1.87
N LEU D 61 13.24 4.46 2.86
CA LEU D 61 12.23 5.52 2.59
C LEU D 61 12.91 6.89 2.55
N ASP D 62 14.00 7.05 3.22
CA ASP D 62 14.71 8.36 3.16
C ASP D 62 15.39 8.44 1.81
N GLU D 63 14.62 8.17 0.79
CA GLU D 63 15.17 8.18 -0.58
C GLU D 63 15.71 9.57 -0.90
N ASN D 64 15.01 10.59 -0.49
CA ASN D 64 15.52 11.95 -0.74
C ASN D 64 16.66 12.17 0.25
N GLY D 65 16.64 11.44 1.33
CA GLY D 65 17.70 11.61 2.37
C GLY D 65 17.35 12.83 3.20
N ASP D 66 16.09 13.02 3.53
CA ASP D 66 15.69 14.24 4.30
C ASP D 66 15.55 13.96 5.81
N GLY D 67 15.62 12.71 6.21
CA GLY D 67 15.48 12.38 7.67
C GLY D 67 14.00 12.40 8.09
N GLU D 68 13.09 12.53 7.14
CA GLU D 68 11.64 12.54 7.46
C GLU D 68 10.96 11.60 6.45
N VAL D 69 9.68 11.36 6.56
CA VAL D 69 9.02 10.44 5.59
C VAL D 69 7.67 11.03 5.18
N ASP D 70 7.37 11.01 3.92
CA ASP D 70 6.06 11.57 3.45
C ASP D 70 5.05 10.44 3.32
N PHE D 71 3.80 10.78 3.17
CA PHE D 71 2.74 9.74 3.04
C PHE D 71 3.03 8.87 1.82
N GLN D 72 3.63 9.42 0.81
CA GLN D 72 3.95 8.61 -0.41
C GLN D 72 5.12 7.65 -0.11
N GLU D 73 5.94 7.99 0.85
CA GLU D 73 7.09 7.12 1.18
C GLU D 73 6.65 5.97 2.07
N PHE D 74 5.98 6.26 3.14
CA PHE D 74 5.57 5.17 4.06
C PHE D 74 4.39 4.38 3.48
N VAL D 75 3.52 4.99 2.75
CA VAL D 75 2.38 4.23 2.19
C VAL D 75 2.94 3.10 1.34
N VAL D 76 4.00 3.37 0.62
CA VAL D 76 4.63 2.29 -0.18
C VAL D 76 5.10 1.16 0.77
N LEU D 77 5.63 1.52 1.92
CA LEU D 77 6.15 0.49 2.90
C LEU D 77 5.04 -0.45 3.42
N VAL D 78 3.97 0.07 3.95
CA VAL D 78 2.89 -0.84 4.47
C VAL D 78 2.52 -1.84 3.38
N ALA D 79 2.58 -1.42 2.16
CA ALA D 79 2.27 -2.31 1.02
C ALA D 79 3.33 -3.42 0.96
N ALA D 80 4.57 -3.07 1.20
CA ALA D 80 5.67 -4.06 1.07
C ALA D 80 5.78 -5.06 2.27
N LEU D 81 5.42 -4.71 3.48
CA LEU D 81 5.58 -5.71 4.59
C LEU D 81 4.44 -6.75 4.55
N THR D 82 3.23 -6.32 4.34
CA THR D 82 2.07 -7.26 4.28
C THR D 82 2.28 -8.30 3.16
N VAL D 83 2.74 -7.89 2.02
CA VAL D 83 2.98 -8.87 0.93
C VAL D 83 3.99 -9.90 1.40
N ALA D 84 4.99 -9.47 2.12
CA ALA D 84 6.02 -10.41 2.62
C ALA D 84 5.37 -11.41 3.57
N CYS D 85 4.28 -11.03 4.18
CA CYS D 85 3.60 -11.95 5.14
C CYS D 85 2.84 -13.04 4.38
N ASN D 86 2.16 -12.69 3.32
CA ASN D 86 1.37 -13.71 2.57
C ASN D 86 2.32 -14.80 2.04
N ASN D 87 3.42 -14.42 1.46
CA ASN D 87 4.38 -15.43 0.92
C ASN D 87 4.86 -16.33 2.05
N PHE D 88 5.12 -15.76 3.19
CA PHE D 88 5.63 -16.57 4.34
C PHE D 88 4.45 -17.17 5.12
N PHE D 89 3.25 -16.85 4.72
CA PHE D 89 2.06 -17.41 5.41
C PHE D 89 1.71 -18.79 4.85
N TRP D 90 2.01 -19.01 3.60
CA TRP D 90 1.69 -20.34 2.98
C TRP D 90 2.83 -21.32 3.19
N GLU D 91 3.96 -20.88 3.67
CA GLU D 91 5.10 -21.82 3.90
C GLU D 91 4.70 -22.88 4.93
N ASN D 92 4.00 -22.48 5.96
CA ASN D 92 3.58 -23.47 7.00
C ASN D 92 2.20 -24.04 6.63
N SER D 93 1.62 -23.58 5.57
CA SER D 93 0.29 -24.09 5.16
C SER D 93 -0.66 -24.06 6.35
N THR A 1 -17.27 14.75 -20.24
CA THR A 1 -16.89 15.99 -20.98
C THR A 1 -15.60 15.74 -21.76
N ARG A 2 -14.77 16.74 -21.88
CA ARG A 2 -13.50 16.55 -22.63
C ARG A 2 -12.63 15.49 -21.95
N THR A 3 -12.60 15.49 -20.64
CA THR A 3 -11.77 14.48 -19.91
C THR A 3 -12.45 14.17 -18.57
N LYS A 4 -13.31 13.19 -18.54
CA LYS A 4 -14.01 12.86 -17.26
C LYS A 4 -12.98 12.46 -16.20
N ILE A 5 -11.97 11.72 -16.57
CA ILE A 5 -10.95 11.33 -15.57
C ILE A 5 -9.64 10.92 -16.26
N ASP A 6 -8.60 11.67 -16.02
CA ASP A 6 -7.26 11.36 -16.61
C ASP A 6 -6.25 11.38 -15.47
N TRP A 7 -6.75 11.52 -14.28
CA TRP A 7 -5.89 11.58 -13.06
C TRP A 7 -5.07 10.29 -12.91
N ASN A 8 -5.66 9.14 -13.00
CA ASN A 8 -4.86 7.89 -12.84
C ASN A 8 -3.64 7.98 -13.76
N LYS A 9 -3.81 8.58 -14.89
CA LYS A 9 -2.68 8.71 -15.82
C LYS A 9 -1.60 9.51 -15.09
N ILE A 10 -1.99 10.30 -14.11
CA ILE A 10 -0.99 11.07 -13.32
C ILE A 10 0.06 10.08 -12.86
N LEU A 11 -0.37 8.90 -12.53
CA LEU A 11 0.60 7.85 -12.10
C LEU A 11 1.52 7.54 -13.28
N SER A 12 0.98 7.50 -14.47
CA SER A 12 1.83 7.20 -15.66
C SER A 12 3.08 8.07 -15.63
N THR B 1 13.17 -7.88 23.41
CA THR B 1 13.63 -8.73 24.55
C THR B 1 12.95 -10.10 24.47
N ARG B 2 11.69 -10.12 24.11
CA ARG B 2 10.95 -11.42 24.03
C ARG B 2 10.88 -11.88 22.56
N THR B 3 11.45 -13.02 22.27
CA THR B 3 11.43 -13.55 20.86
C THR B 3 11.66 -12.43 19.86
N LYS B 4 12.89 -12.19 19.48
CA LYS B 4 13.17 -11.11 18.52
C LYS B 4 12.83 -11.58 17.10
N ILE B 5 12.38 -10.68 16.27
CA ILE B 5 11.98 -11.04 14.88
C ILE B 5 12.82 -10.24 13.87
N ASP B 6 13.50 -10.92 12.97
CA ASP B 6 14.35 -10.23 11.95
C ASP B 6 13.63 -10.29 10.60
N TRP B 7 12.40 -10.69 10.64
CA TRP B 7 11.61 -10.81 9.41
C TRP B 7 11.51 -9.46 8.70
N ASN B 8 11.16 -8.42 9.39
CA ASN B 8 11.04 -7.09 8.71
C ASN B 8 12.32 -6.82 7.93
N LYS B 9 13.44 -7.33 8.39
CA LYS B 9 14.68 -7.09 7.62
C LYS B 9 14.44 -7.70 6.24
N ILE B 10 13.58 -8.70 6.17
CA ILE B 10 13.26 -9.29 4.84
C ILE B 10 12.88 -8.12 3.94
N LEU B 11 12.26 -7.14 4.52
CA LEU B 11 11.86 -5.93 3.74
C LEU B 11 13.16 -5.33 3.18
N SER B 12 14.19 -5.33 3.99
CA SER B 12 15.52 -4.79 3.56
C SER B 12 16.54 -5.92 3.46
N GLY C 1 -9.46 -5.78 15.33
CA GLY C 1 -8.07 -5.20 15.03
C GLY C 1 -7.88 -3.73 14.98
N SER C 2 -6.67 -3.26 14.84
CA SER C 2 -6.43 -1.79 14.78
C SER C 2 -6.75 -1.30 13.37
N GLU C 3 -6.94 -0.03 13.18
CA GLU C 3 -7.29 0.48 11.83
C GLU C 3 -6.24 0.03 10.82
N LEU C 4 -4.99 0.25 11.09
CA LEU C 4 -3.94 -0.17 10.12
C LEU C 4 -4.01 -1.69 9.94
N GLU C 5 -4.22 -2.41 11.00
CA GLU C 5 -4.29 -3.90 10.88
C GLU C 5 -5.52 -4.29 10.06
N THR C 6 -6.58 -3.55 10.22
CA THR C 6 -7.83 -3.88 9.47
C THR C 6 -7.57 -3.82 7.95
N ALA C 7 -6.88 -2.80 7.52
CA ALA C 7 -6.59 -2.61 6.08
C ALA C 7 -5.60 -3.64 5.53
N MET C 8 -4.70 -4.13 6.32
CA MET C 8 -3.72 -5.10 5.78
C MET C 8 -4.41 -6.41 5.45
N GLU C 9 -5.16 -6.91 6.37
CA GLU C 9 -5.83 -8.21 6.17
C GLU C 9 -6.93 -8.10 5.11
N THR C 10 -7.57 -6.97 5.00
CA THR C 10 -8.64 -6.85 3.98
C THR C 10 -8.04 -6.92 2.56
N LEU C 11 -7.11 -6.07 2.20
CA LEU C 11 -6.51 -6.15 0.83
C LEU C 11 -6.15 -7.61 0.54
N ILE C 12 -5.66 -8.30 1.51
CA ILE C 12 -5.27 -9.72 1.32
C ILE C 12 -6.51 -10.60 1.05
N ASN C 13 -7.63 -10.37 1.69
CA ASN C 13 -8.83 -11.26 1.47
C ASN C 13 -9.57 -10.93 0.16
N VAL C 14 -9.79 -9.67 -0.15
CA VAL C 14 -10.53 -9.33 -1.41
C VAL C 14 -9.76 -9.87 -2.60
N PHE C 15 -8.47 -9.70 -2.58
CA PHE C 15 -7.61 -10.18 -3.70
C PHE C 15 -7.70 -11.71 -3.81
N HIS C 16 -7.71 -12.41 -2.71
CA HIS C 16 -7.81 -13.89 -2.80
C HIS C 16 -9.12 -14.28 -3.52
N ALA C 17 -10.18 -13.57 -3.25
CA ALA C 17 -11.50 -13.88 -3.88
C ALA C 17 -11.48 -13.82 -5.41
N HIS C 18 -11.09 -12.71 -5.99
CA HIS C 18 -11.10 -12.60 -7.49
C HIS C 18 -9.92 -13.37 -8.11
N SER C 19 -8.77 -13.18 -7.58
CA SER C 19 -7.54 -13.85 -8.12
C SER C 19 -7.67 -15.35 -8.26
N GLY C 20 -8.48 -16.01 -7.46
CA GLY C 20 -8.59 -17.50 -7.56
C GLY C 20 -9.94 -17.89 -8.19
N LYS C 21 -10.66 -16.94 -8.73
CA LYS C 21 -11.98 -17.25 -9.36
C LYS C 21 -11.99 -16.73 -10.80
N GLU C 22 -12.19 -15.47 -11.00
CA GLU C 22 -12.22 -14.95 -12.40
C GLU C 22 -10.82 -15.01 -13.02
N GLY C 23 -10.10 -16.08 -12.82
CA GLY C 23 -8.74 -16.16 -13.41
C GLY C 23 -8.05 -17.47 -13.01
N ASP C 24 -6.76 -17.42 -12.80
CA ASP C 24 -6.00 -18.63 -12.40
C ASP C 24 -6.12 -18.83 -10.89
N LYS C 25 -5.71 -19.95 -10.39
CA LYS C 25 -5.86 -20.21 -8.94
C LYS C 25 -5.18 -19.12 -8.08
N TYR C 26 -3.93 -18.77 -8.35
CA TYR C 26 -3.26 -17.73 -7.49
C TYR C 26 -2.54 -16.67 -8.34
N LYS C 27 -3.09 -16.31 -9.47
CA LYS C 27 -2.46 -15.25 -10.31
C LYS C 27 -3.55 -14.29 -10.78
N LEU C 28 -3.24 -13.05 -10.84
CA LEU C 28 -4.22 -12.02 -11.25
C LEU C 28 -4.04 -11.78 -12.76
N SER C 29 -4.88 -12.36 -13.56
CA SER C 29 -4.78 -12.17 -15.04
C SER C 29 -5.18 -10.74 -15.41
N LYS C 30 -4.73 -10.26 -16.56
CA LYS C 30 -5.09 -8.88 -16.99
C LYS C 30 -6.56 -8.60 -16.71
N LYS C 31 -7.40 -9.58 -16.86
CA LYS C 31 -8.84 -9.34 -16.59
C LYS C 31 -9.08 -9.39 -15.07
N GLU C 32 -8.21 -10.05 -14.34
CA GLU C 32 -8.40 -10.09 -12.85
C GLU C 32 -8.06 -8.74 -12.22
N LEU C 33 -6.99 -8.10 -12.63
CA LEU C 33 -6.67 -6.77 -12.01
C LEU C 33 -7.84 -5.83 -12.28
N LYS C 34 -8.33 -5.87 -13.49
CA LYS C 34 -9.44 -4.96 -13.89
C LYS C 34 -10.73 -5.22 -13.10
N ASP C 35 -11.06 -6.46 -12.85
CA ASP C 35 -12.32 -6.79 -12.12
C ASP C 35 -12.20 -6.43 -10.64
N LEU C 36 -11.07 -6.69 -10.06
CA LEU C 36 -10.88 -6.42 -8.61
C LEU C 36 -11.00 -4.92 -8.32
N LEU C 37 -10.44 -4.10 -9.17
CA LEU C 37 -10.47 -2.63 -8.97
C LEU C 37 -11.82 -1.99 -9.34
N GLN C 38 -12.40 -2.40 -10.45
CA GLN C 38 -13.67 -1.79 -10.92
C GLN C 38 -14.85 -2.17 -10.01
N THR C 39 -14.88 -3.41 -9.59
CA THR C 39 -16.01 -3.94 -8.77
C THR C 39 -16.15 -3.16 -7.45
N GLU C 40 -15.48 -2.06 -7.29
CA GLU C 40 -15.61 -1.30 -6.01
C GLU C 40 -15.24 0.17 -6.22
N LEU C 41 -14.13 0.42 -6.86
CA LEU C 41 -13.68 1.83 -7.10
C LEU C 41 -13.94 2.19 -8.56
N SER C 42 -15.09 1.81 -9.06
CA SER C 42 -15.44 2.11 -10.47
C SER C 42 -15.45 3.62 -10.72
N SER C 43 -16.09 4.36 -9.86
CA SER C 43 -16.16 5.84 -10.05
C SER C 43 -14.79 6.49 -9.90
N PHE C 44 -14.00 6.06 -8.96
CA PHE C 44 -12.67 6.71 -8.75
C PHE C 44 -11.56 6.06 -9.61
N LEU C 45 -10.72 5.22 -9.01
CA LEU C 45 -9.61 4.51 -9.77
C LEU C 45 -9.83 4.67 -11.30
N ASP C 46 -8.95 4.98 -12.19
CA ASP C 46 -9.43 5.03 -13.64
C ASP C 46 -9.28 3.65 -14.29
N VAL C 47 -10.38 3.00 -14.61
CA VAL C 47 -10.30 1.66 -15.27
C VAL C 47 -11.33 1.60 -16.41
N GLN C 48 -12.55 1.27 -16.10
CA GLN C 48 -13.60 1.14 -17.14
C GLN C 48 -13.84 2.45 -17.87
N LYS C 49 -13.83 3.53 -17.16
CA LYS C 49 -14.07 4.85 -17.81
C LYS C 49 -12.97 5.06 -18.84
N ASP C 50 -11.83 4.49 -18.60
CA ASP C 50 -10.70 4.62 -19.58
C ASP C 50 -9.97 3.27 -19.64
N ALA C 51 -10.35 2.43 -20.57
CA ALA C 51 -9.68 1.10 -20.67
C ALA C 51 -8.20 1.33 -20.92
N ASP C 52 -7.87 2.40 -21.59
CA ASP C 52 -6.46 2.74 -21.83
C ASP C 52 -5.77 2.92 -20.48
N ALA C 53 -6.45 3.51 -19.54
CA ALA C 53 -5.81 3.75 -18.22
C ALA C 53 -5.37 2.43 -17.59
N VAL C 54 -6.17 1.40 -17.67
CA VAL C 54 -5.74 0.12 -17.06
C VAL C 54 -4.45 -0.36 -17.73
N ASP C 55 -4.30 -0.10 -19.00
CA ASP C 55 -3.08 -0.58 -19.72
C ASP C 55 -1.81 0.09 -19.16
N LYS C 56 -1.88 1.35 -18.86
CA LYS C 56 -0.67 2.08 -18.33
C LYS C 56 -0.31 1.60 -16.92
N ILE C 57 -1.31 1.40 -16.09
CA ILE C 57 -1.06 0.93 -14.70
C ILE C 57 -0.43 -0.48 -14.73
N MET C 58 -1.07 -1.39 -15.39
CA MET C 58 -0.54 -2.79 -15.47
C MET C 58 0.85 -2.81 -16.11
N LYS C 59 1.10 -1.96 -17.06
CA LYS C 59 2.46 -1.96 -17.68
C LYS C 59 3.47 -1.67 -16.58
N GLU C 60 3.16 -0.73 -15.74
CA GLU C 60 4.09 -0.40 -14.62
C GLU C 60 4.19 -1.60 -13.69
N LEU C 61 3.17 -2.43 -13.64
CA LEU C 61 3.22 -3.62 -12.74
C LEU C 61 3.84 -4.80 -13.48
N ASP C 62 3.69 -4.86 -14.77
CA ASP C 62 4.29 -5.99 -15.52
C ASP C 62 5.80 -5.81 -15.48
N GLU C 63 6.32 -5.58 -14.30
CA GLU C 63 7.79 -5.36 -14.18
C GLU C 63 8.52 -6.60 -14.68
N ASN C 64 8.00 -7.77 -14.37
CA ASN C 64 8.66 -8.99 -14.88
C ASN C 64 8.40 -9.02 -16.37
N GLY C 65 7.40 -8.29 -16.79
CA GLY C 65 7.09 -8.20 -18.23
C GLY C 65 6.30 -9.43 -18.65
N ASP C 66 5.49 -9.97 -17.78
CA ASP C 66 4.70 -11.17 -18.17
C ASP C 66 3.36 -10.68 -18.71
N GLY C 67 2.28 -11.17 -18.18
CA GLY C 67 0.94 -10.70 -18.65
C GLY C 67 -0.06 -10.78 -17.47
N GLU C 68 0.43 -10.88 -16.25
CA GLU C 68 -0.48 -10.95 -15.08
C GLU C 68 0.11 -10.08 -13.95
N VAL C 69 -0.59 -9.95 -12.86
CA VAL C 69 -0.13 -9.10 -11.73
C VAL C 69 -0.07 -9.94 -10.46
N ASP C 70 0.99 -9.84 -9.72
CA ASP C 70 1.13 -10.61 -8.46
C ASP C 70 0.74 -9.73 -7.26
N PHE C 71 0.56 -10.34 -6.14
CA PHE C 71 0.15 -9.58 -4.92
C PHE C 71 1.22 -8.53 -4.59
N GLN C 72 2.47 -8.81 -4.83
CA GLN C 72 3.53 -7.78 -4.55
C GLN C 72 3.39 -6.64 -5.56
N GLU C 73 2.79 -6.92 -6.69
CA GLU C 73 2.58 -5.88 -7.72
C GLU C 73 1.29 -5.10 -7.44
N PHE C 74 0.22 -5.81 -7.23
CA PHE C 74 -1.09 -5.16 -6.95
C PHE C 74 -1.03 -4.28 -5.69
N VAL C 75 -0.45 -4.79 -4.63
CA VAL C 75 -0.37 -3.99 -3.36
C VAL C 75 0.41 -2.70 -3.62
N VAL C 76 1.47 -2.77 -4.38
CA VAL C 76 2.23 -1.53 -4.67
C VAL C 76 1.30 -0.50 -5.36
N LEU C 77 0.45 -0.94 -6.26
CA LEU C 77 -0.46 0.00 -7.01
C LEU C 77 -1.50 0.68 -6.09
N VAL C 78 -2.28 -0.07 -5.36
CA VAL C 78 -3.31 0.57 -4.48
C VAL C 78 -2.63 1.57 -3.56
N ALA C 79 -1.42 1.31 -3.21
CA ALA C 79 -0.64 2.24 -2.34
C ALA C 79 -0.26 3.49 -3.14
N ALA C 80 0.05 3.33 -4.39
CA ALA C 80 0.52 4.48 -5.22
C ALA C 80 -0.63 5.41 -5.71
N LEU C 81 -1.85 4.95 -5.87
CA LEU C 81 -2.91 5.92 -6.35
C LEU C 81 -3.42 6.72 -5.15
N THR C 82 -3.57 6.10 -4.03
CA THR C 82 -4.05 6.83 -2.82
C THR C 82 -3.10 7.97 -2.44
N VAL C 83 -1.82 7.75 -2.48
CA VAL C 83 -0.85 8.84 -2.17
C VAL C 83 -1.04 9.99 -3.16
N ALA C 84 -1.16 9.68 -4.41
CA ALA C 84 -1.34 10.73 -5.44
C ALA C 84 -2.64 11.48 -5.17
N CYS C 85 -3.57 10.81 -4.53
CA CYS C 85 -4.87 11.44 -4.22
C CYS C 85 -4.65 12.49 -3.12
N ASN C 86 -3.80 12.19 -2.18
CA ASN C 86 -3.54 13.17 -1.09
C ASN C 86 -2.98 14.46 -1.69
N ASN C 87 -2.11 14.33 -2.65
CA ASN C 87 -1.52 15.54 -3.30
C ASN C 87 -2.62 16.40 -3.93
N PHE C 88 -3.59 15.77 -4.54
CA PHE C 88 -4.68 16.55 -5.20
C PHE C 88 -5.68 17.02 -4.14
N PHE C 89 -5.50 16.62 -2.90
CA PHE C 89 -6.44 17.05 -1.83
C PHE C 89 -5.91 18.35 -1.18
N TRP C 90 -4.80 18.85 -1.63
CA TRP C 90 -4.28 20.10 -1.03
C TRP C 90 -5.32 21.20 -1.23
N GLU C 91 -5.92 21.22 -2.39
CA GLU C 91 -6.96 22.25 -2.68
C GLU C 91 -8.18 22.05 -1.75
N ASN C 92 -8.56 20.82 -1.51
CA ASN C 92 -9.73 20.56 -0.61
C ASN C 92 -9.25 20.32 0.82
N SER C 93 -7.96 20.40 1.04
CA SER C 93 -7.43 20.18 2.42
C SER C 93 -7.98 18.87 2.99
N GLY D 1 -18.58 2.21 2.85
CA GLY D 1 -17.67 1.93 1.66
C GLY D 1 -17.28 0.53 1.35
N SER D 2 -16.60 0.32 0.25
CA SER D 2 -16.19 -1.08 -0.10
C SER D 2 -14.95 -1.45 0.71
N GLU D 3 -14.64 -2.71 0.81
CA GLU D 3 -13.46 -3.11 1.63
C GLU D 3 -12.22 -2.37 1.15
N LEU D 4 -11.93 -2.41 -0.13
CA LEU D 4 -10.72 -1.70 -0.62
C LEU D 4 -10.85 -0.20 -0.31
N GLU D 5 -12.03 0.35 -0.47
CA GLU D 5 -12.20 1.79 -0.19
C GLU D 5 -12.00 2.04 1.31
N THR D 6 -12.43 1.13 2.13
CA THR D 6 -12.29 1.32 3.60
C THR D 6 -10.82 1.47 3.98
N ALA D 7 -9.98 0.65 3.41
CA ALA D 7 -8.53 0.67 3.73
C ALA D 7 -7.83 1.92 3.18
N MET D 8 -8.28 2.47 2.10
CA MET D 8 -7.56 3.65 1.56
C MET D 8 -7.77 4.86 2.46
N GLU D 9 -8.99 5.10 2.82
CA GLU D 9 -9.30 6.27 3.65
C GLU D 9 -8.76 6.09 5.06
N THR D 10 -8.69 4.87 5.56
CA THR D 10 -8.18 4.69 6.94
C THR D 10 -6.68 5.04 7.00
N LEU D 11 -5.84 4.40 6.21
CA LEU D 11 -4.37 4.75 6.24
C LEU D 11 -4.22 6.26 6.21
N ILE D 12 -5.04 6.92 5.44
CA ILE D 12 -4.96 8.40 5.34
C ILE D 12 -5.36 9.07 6.68
N ASN D 13 -6.35 8.57 7.39
CA ASN D 13 -6.77 9.26 8.66
C ASN D 13 -5.81 8.96 9.83
N VAL D 14 -5.40 7.72 10.02
CA VAL D 14 -4.49 7.39 11.17
C VAL D 14 -3.20 8.19 11.03
N PHE D 15 -2.69 8.25 9.84
CA PHE D 15 -1.42 9.00 9.58
C PHE D 15 -1.62 10.49 9.87
N HIS D 16 -2.73 11.05 9.52
CA HIS D 16 -2.97 12.50 9.82
C HIS D 16 -2.89 12.72 11.33
N ALA D 17 -3.42 11.80 12.09
CA ALA D 17 -3.43 11.95 13.59
C ALA D 17 -2.02 12.07 14.18
N HIS D 18 -1.16 11.11 13.95
CA HIS D 18 0.22 11.17 14.56
C HIS D 18 1.11 12.20 13.85
N SER D 19 1.11 12.18 12.56
CA SER D 19 1.96 13.09 11.75
C SER D 19 1.77 14.57 12.11
N GLY D 20 0.61 14.97 12.59
CA GLY D 20 0.40 16.43 12.92
C GLY D 20 0.38 16.63 14.43
N LYS D 21 0.74 15.63 15.20
CA LYS D 21 0.74 15.78 16.68
C LYS D 21 2.13 15.43 17.22
N GLU D 22 2.46 14.18 17.34
CA GLU D 22 3.80 13.82 17.88
C GLU D 22 4.89 14.19 16.87
N GLY D 23 4.80 15.35 16.27
CA GLY D 23 5.86 15.74 15.29
C GLY D 23 5.54 17.09 14.65
N ASP D 24 5.87 17.25 13.40
CA ASP D 24 5.59 18.54 12.69
C ASP D 24 4.15 18.52 12.20
N LYS D 25 3.66 19.64 11.74
CA LYS D 25 2.23 19.70 11.31
C LYS D 25 1.93 18.67 10.22
N TYR D 26 2.71 18.57 9.17
CA TYR D 26 2.38 17.57 8.08
C TYR D 26 3.61 16.75 7.66
N LYS D 27 4.49 16.43 8.59
CA LYS D 27 5.68 15.60 8.23
C LYS D 27 5.86 14.54 9.31
N LEU D 28 6.24 13.37 8.90
CA LEU D 28 6.41 12.24 9.84
C LEU D 28 7.89 12.21 10.28
N SER D 29 8.19 12.73 11.44
CA SER D 29 9.60 12.73 11.92
C SER D 29 10.02 11.30 12.28
N LYS D 30 11.31 11.04 12.29
CA LYS D 30 11.79 9.67 12.64
C LYS D 30 11.00 9.11 13.82
N LYS D 31 10.67 9.93 14.76
CA LYS D 31 9.90 9.42 15.92
C LYS D 31 8.43 9.25 15.51
N GLU D 32 7.98 9.96 14.49
CA GLU D 32 6.56 9.81 14.06
C GLU D 32 6.35 8.48 13.33
N LEU D 33 7.25 8.07 12.47
CA LEU D 33 7.04 6.76 11.77
C LEU D 33 7.00 5.67 12.82
N LYS D 34 7.89 5.76 13.78
CA LYS D 34 7.99 4.73 14.84
C LYS D 34 6.72 4.65 15.71
N ASP D 35 6.16 5.78 16.04
CA ASP D 35 4.94 5.81 16.92
C ASP D 35 3.71 5.32 16.16
N LEU D 36 3.58 5.69 14.92
CA LEU D 36 2.40 5.30 14.11
C LEU D 36 2.36 3.78 13.93
N LEU D 37 3.48 3.17 13.69
CA LEU D 37 3.54 1.70 13.46
C LEU D 37 3.46 0.88 14.76
N GLN D 38 4.17 1.31 15.77
CA GLN D 38 4.20 0.52 17.06
C GLN D 38 2.85 0.59 17.80
N THR D 39 2.26 1.75 17.78
CA THR D 39 0.98 1.97 18.53
C THR D 39 -0.14 1.04 18.03
N GLU D 40 0.16 0.07 17.22
CA GLU D 40 -0.92 -0.83 16.73
C GLU D 40 -0.33 -2.19 16.30
N LEU D 41 0.73 -2.17 15.54
CA LEU D 41 1.37 -3.44 15.07
C LEU D 41 2.65 -3.67 15.86
N SER D 42 2.58 -3.45 17.15
CA SER D 42 3.78 -3.64 18.02
C SER D 42 4.27 -5.08 17.96
N SER D 43 3.37 -6.02 18.07
CA SER D 43 3.78 -7.46 18.05
C SER D 43 4.30 -7.87 16.67
N PHE D 44 3.67 -7.42 15.61
CA PHE D 44 4.13 -7.84 14.24
C PHE D 44 5.19 -6.95 13.63
N LEU D 45 4.83 -5.88 12.92
CA LEU D 45 5.87 -5.05 12.20
C LEU D 45 7.15 -5.03 13.07
N ASP D 46 8.37 -5.10 12.58
CA ASP D 46 9.50 -5.07 13.59
C ASP D 46 9.91 -3.63 13.87
N VAL D 47 9.65 -3.14 15.06
CA VAL D 47 10.04 -1.75 15.41
C VAL D 47 10.67 -1.73 16.81
N GLN D 48 9.85 -1.67 17.83
CA GLN D 48 10.35 -1.61 19.23
C GLN D 48 11.15 -2.85 19.60
N LYS D 49 10.71 -3.99 19.18
CA LYS D 49 11.43 -5.25 19.50
C LYS D 49 12.83 -5.14 18.89
N ASP D 50 12.96 -4.40 17.84
CA ASP D 50 14.30 -4.22 17.21
C ASP D 50 14.41 -2.77 16.74
N ALA D 51 14.94 -1.91 17.55
CA ALA D 51 15.08 -0.48 17.14
C ALA D 51 15.93 -0.42 15.87
N ASP D 52 16.84 -1.33 15.74
CA ASP D 52 17.67 -1.40 14.52
C ASP D 52 16.75 -1.59 13.33
N ALA D 53 15.74 -2.39 13.48
CA ALA D 53 14.84 -2.66 12.33
C ALA D 53 14.21 -1.36 11.84
N VAL D 54 13.79 -0.48 12.71
CA VAL D 54 13.18 0.78 12.21
C VAL D 54 14.22 1.54 11.38
N ASP D 55 15.46 1.46 11.74
CA ASP D 55 16.50 2.22 11.00
C ASP D 55 16.61 1.73 9.54
N LYS D 56 16.53 0.44 9.32
CA LYS D 56 16.67 -0.10 7.93
C LYS D 56 15.44 0.25 7.08
N ILE D 57 14.26 0.19 7.66
CA ILE D 57 13.02 0.55 6.91
C ILE D 57 13.05 2.03 6.53
N MET D 58 13.25 2.89 7.49
CA MET D 58 13.29 4.36 7.20
C MET D 58 14.40 4.69 6.21
N LYS D 59 15.50 4.01 6.27
CA LYS D 59 16.59 4.33 5.30
C LYS D 59 16.04 4.10 3.90
N GLU D 60 15.32 3.03 3.72
CA GLU D 60 14.73 2.75 2.38
C GLU D 60 13.70 3.81 2.05
N LEU D 61 13.15 4.46 3.04
CA LEU D 61 12.14 5.53 2.77
C LEU D 61 12.83 6.87 2.66
N ASP D 62 13.93 7.05 3.33
CA ASP D 62 14.65 8.34 3.23
C ASP D 62 15.23 8.43 1.82
N GLU D 63 14.42 8.16 0.83
CA GLU D 63 14.91 8.19 -0.57
C GLU D 63 15.43 9.60 -0.87
N ASN D 64 14.74 10.60 -0.40
CA ASN D 64 15.24 11.98 -0.63
C ASN D 64 16.50 12.13 0.22
N GLY D 65 16.62 11.28 1.20
CA GLY D 65 17.82 11.32 2.08
C GLY D 65 17.67 12.42 3.10
N ASP D 66 16.46 12.70 3.54
CA ASP D 66 16.29 13.78 4.55
C ASP D 66 16.34 13.12 5.93
N GLY D 67 15.36 13.36 6.75
CA GLY D 67 15.33 12.72 8.10
C GLY D 67 13.87 12.48 8.53
N GLU D 68 12.94 12.54 7.59
CA GLU D 68 11.51 12.29 7.93
C GLU D 68 10.88 11.42 6.83
N VAL D 69 9.64 11.05 6.99
CA VAL D 69 8.95 10.18 6.00
C VAL D 69 7.67 10.86 5.53
N ASP D 70 7.44 10.85 4.25
CA ASP D 70 6.22 11.50 3.70
C ASP D 70 5.14 10.45 3.45
N PHE D 71 3.94 10.88 3.21
CA PHE D 71 2.82 9.93 2.98
C PHE D 71 3.13 9.05 1.76
N GLN D 72 3.78 9.57 0.76
CA GLN D 72 4.12 8.71 -0.41
C GLN D 72 5.18 7.68 0.00
N GLU D 73 5.91 7.99 1.05
CA GLU D 73 6.94 7.05 1.53
C GLU D 73 6.32 6.04 2.50
N PHE D 74 5.57 6.51 3.45
CA PHE D 74 4.93 5.61 4.45
C PHE D 74 3.97 4.62 3.77
N VAL D 75 3.15 5.10 2.87
CA VAL D 75 2.18 4.19 2.18
C VAL D 75 2.94 3.10 1.43
N VAL D 76 4.03 3.44 0.80
CA VAL D 76 4.80 2.39 0.08
C VAL D 76 5.25 1.30 1.08
N LEU D 77 5.65 1.69 2.28
CA LEU D 77 6.14 0.68 3.30
C LEU D 77 5.02 -0.26 3.78
N VAL D 78 3.93 0.25 4.27
CA VAL D 78 2.84 -0.67 4.76
C VAL D 78 2.44 -1.63 3.65
N ALA D 79 2.56 -1.20 2.45
CA ALA D 79 2.24 -2.06 1.28
C ALA D 79 3.33 -3.13 1.10
N ALA D 80 4.55 -2.77 1.37
CA ALA D 80 5.68 -3.71 1.15
C ALA D 80 5.85 -4.76 2.27
N LEU D 81 5.44 -4.52 3.51
CA LEU D 81 5.62 -5.60 4.55
C LEU D 81 4.49 -6.62 4.43
N THR D 82 3.31 -6.17 4.17
CA THR D 82 2.15 -7.10 4.01
C THR D 82 2.39 -8.09 2.87
N VAL D 83 2.89 -7.64 1.76
CA VAL D 83 3.19 -8.57 0.62
C VAL D 83 4.21 -9.62 1.07
N ALA D 84 5.25 -9.20 1.74
CA ALA D 84 6.28 -10.16 2.21
C ALA D 84 5.64 -11.13 3.18
N CYS D 85 4.60 -10.71 3.84
CA CYS D 85 3.91 -11.61 4.80
C CYS D 85 3.18 -12.70 4.03
N ASN D 86 2.61 -12.38 2.91
CA ASN D 86 1.90 -13.40 2.10
C ASN D 86 2.89 -14.50 1.70
N ASN D 87 4.08 -14.11 1.33
CA ASN D 87 5.10 -15.11 0.92
C ASN D 87 5.39 -16.07 2.08
N PHE D 88 5.45 -15.57 3.27
CA PHE D 88 5.75 -16.45 4.43
C PHE D 88 4.48 -17.21 4.85
N PHE D 89 3.37 -16.92 4.22
CA PHE D 89 2.09 -17.63 4.57
C PHE D 89 1.95 -18.87 3.68
N TRP D 90 2.88 -19.12 2.81
CA TRP D 90 2.76 -20.32 1.94
C TRP D 90 2.73 -21.56 2.84
N GLU D 91 3.54 -21.56 3.85
CA GLU D 91 3.58 -22.72 4.79
C GLU D 91 2.23 -22.84 5.53
N ASN D 92 1.65 -21.73 5.92
CA ASN D 92 0.34 -21.77 6.63
C ASN D 92 -0.81 -21.62 5.63
N SER D 93 -0.50 -21.50 4.38
CA SER D 93 -1.57 -21.35 3.35
C SER D 93 -2.52 -20.23 3.76
N THR A 1 -15.72 18.82 -20.52
CA THR A 1 -15.35 17.75 -21.50
C THR A 1 -13.83 17.66 -21.59
N ARG A 2 -13.32 16.62 -22.21
CA ARG A 2 -11.69 16.87 -22.07
C ARG A 2 -11.19 16.41 -20.96
N THR A 3 -10.37 15.42 -20.72
CA THR A 3 -9.69 15.30 -19.40
C THR A 3 -10.72 15.37 -18.26
N LYS A 4 -11.55 14.38 -18.18
CA LYS A 4 -12.59 14.35 -17.12
C LYS A 4 -11.99 13.77 -15.83
N ILE A 5 -10.97 12.97 -15.95
CA ILE A 5 -10.32 12.37 -14.74
C ILE A 5 -8.84 12.12 -15.07
N ASP A 6 -8.53 11.12 -15.87
CA ASP A 6 -7.11 10.83 -16.24
C ASP A 6 -6.20 10.98 -15.01
N TRP A 7 -6.77 10.93 -13.84
CA TRP A 7 -5.94 11.08 -12.61
C TRP A 7 -4.96 9.90 -12.47
N ASN A 8 -5.43 8.69 -12.58
CA ASN A 8 -4.51 7.54 -12.44
C ASN A 8 -3.30 7.75 -13.35
N LYS A 9 -3.51 8.40 -14.47
CA LYS A 9 -2.36 8.67 -15.36
C LYS A 9 -1.36 9.52 -14.58
N ILE A 10 -1.84 10.30 -13.64
CA ILE A 10 -0.90 11.13 -12.82
C ILE A 10 0.19 10.22 -12.31
N LEU A 11 -0.19 9.03 -11.91
CA LEU A 11 0.83 8.06 -11.41
C LEU A 11 1.83 7.79 -12.53
N SER A 12 1.34 7.62 -13.74
CA SER A 12 2.24 7.35 -14.90
C SER A 12 2.35 8.61 -15.77
N THR B 1 18.97 -13.71 18.87
CA THR B 1 19.38 -13.20 20.20
C THR B 1 19.06 -11.71 20.30
N ARG B 2 19.96 -10.87 19.85
CA ARG B 2 19.68 -9.40 19.92
C ARG B 2 18.58 -9.03 18.94
N THR B 3 18.48 -9.75 17.85
CA THR B 3 17.43 -9.45 16.83
C THR B 3 16.35 -10.52 16.87
N LYS B 4 15.15 -10.14 17.19
CA LYS B 4 14.02 -11.11 17.24
C LYS B 4 13.15 -10.88 16.01
N ILE B 5 12.66 -11.93 15.41
CA ILE B 5 11.82 -11.76 14.20
C ILE B 5 12.56 -10.84 13.21
N ASP B 6 13.26 -11.42 12.26
CA ASP B 6 14.02 -10.60 11.27
C ASP B 6 13.21 -10.51 9.98
N TRP B 7 11.95 -10.80 10.06
CA TRP B 7 11.08 -10.77 8.85
C TRP B 7 11.04 -9.37 8.19
N ASN B 8 10.81 -8.33 8.93
CA ASN B 8 10.76 -6.98 8.30
C ASN B 8 12.03 -6.79 7.47
N LYS B 9 13.12 -7.27 7.96
CA LYS B 9 14.38 -7.14 7.19
C LYS B 9 14.19 -7.85 5.85
N ILE B 10 13.31 -8.81 5.79
CA ILE B 10 13.08 -9.53 4.50
C ILE B 10 12.82 -8.47 3.43
N LEU B 11 12.09 -7.45 3.77
CA LEU B 11 11.84 -6.37 2.77
C LEU B 11 13.16 -5.68 2.46
N SER B 12 13.95 -5.42 3.46
CA SER B 12 15.26 -4.73 3.23
C SER B 12 16.37 -5.79 3.10
N GLY C 1 -10.65 -5.57 14.84
CA GLY C 1 -9.31 -5.08 14.29
C GLY C 1 -8.96 -3.63 14.43
N SER C 2 -7.68 -3.33 14.46
CA SER C 2 -7.27 -1.90 14.60
C SER C 2 -7.37 -1.20 13.25
N GLU C 3 -7.50 0.09 13.24
CA GLU C 3 -7.65 0.83 11.96
C GLU C 3 -6.63 0.31 10.92
N LEU C 4 -5.38 0.28 11.28
CA LEU C 4 -4.35 -0.21 10.31
C LEU C 4 -4.50 -1.72 10.12
N GLU C 5 -4.76 -2.45 11.17
CA GLU C 5 -4.91 -3.92 11.02
C GLU C 5 -6.10 -4.22 10.12
N THR C 6 -7.09 -3.37 10.15
CA THR C 6 -8.29 -3.58 9.31
C THR C 6 -7.90 -3.61 7.83
N ALA C 7 -7.08 -2.68 7.45
CA ALA C 7 -6.64 -2.56 6.02
C ALA C 7 -5.74 -3.72 5.60
N MET C 8 -4.98 -4.28 6.49
CA MET C 8 -4.07 -5.38 6.06
C MET C 8 -4.87 -6.63 5.75
N GLU C 9 -5.75 -7.00 6.62
CA GLU C 9 -6.53 -8.25 6.44
C GLU C 9 -7.53 -8.11 5.30
N THR C 10 -8.10 -6.95 5.10
CA THR C 10 -9.10 -6.82 4.01
C THR C 10 -8.41 -7.00 2.65
N LEU C 11 -7.40 -6.23 2.34
CA LEU C 11 -6.70 -6.40 1.02
C LEU C 11 -6.39 -7.88 0.81
N ILE C 12 -5.95 -8.55 1.82
CA ILE C 12 -5.62 -10.00 1.68
C ILE C 12 -6.86 -10.84 1.32
N ASN C 13 -8.01 -10.59 1.90
CA ASN C 13 -9.19 -11.44 1.56
C ASN C 13 -9.81 -11.09 0.18
N VAL C 14 -10.00 -9.83 -0.12
CA VAL C 14 -10.62 -9.46 -1.42
C VAL C 14 -9.77 -9.97 -2.59
N PHE C 15 -8.49 -9.82 -2.47
CA PHE C 15 -7.57 -10.31 -3.54
C PHE C 15 -7.74 -11.82 -3.70
N HIS C 16 -7.89 -12.55 -2.62
CA HIS C 16 -8.11 -14.02 -2.74
C HIS C 16 -9.39 -14.30 -3.56
N ALA C 17 -10.42 -13.54 -3.34
CA ALA C 17 -11.73 -13.76 -4.03
C ALA C 17 -11.60 -13.85 -5.56
N HIS C 18 -11.05 -12.85 -6.19
CA HIS C 18 -10.94 -12.88 -7.68
C HIS C 18 -9.70 -13.66 -8.13
N SER C 19 -8.61 -13.52 -7.45
CA SER C 19 -7.35 -14.21 -7.80
C SER C 19 -7.46 -15.74 -7.77
N GLY C 20 -8.24 -16.31 -6.89
CA GLY C 20 -8.32 -17.80 -6.80
C GLY C 20 -9.54 -18.33 -7.52
N LYS C 21 -10.19 -17.52 -8.29
CA LYS C 21 -11.40 -18.00 -9.03
C LYS C 21 -11.18 -17.83 -10.53
N GLU C 22 -11.01 -16.63 -10.99
CA GLU C 22 -10.82 -16.41 -12.45
C GLU C 22 -9.32 -16.43 -12.82
N GLY C 23 -8.46 -16.95 -11.98
CA GLY C 23 -7.01 -16.96 -12.37
C GLY C 23 -6.16 -17.85 -11.45
N ASP C 24 -4.88 -17.56 -11.41
CA ASP C 24 -3.94 -18.36 -10.58
C ASP C 24 -4.20 -18.14 -9.09
N LYS C 25 -4.04 -19.18 -8.31
CA LYS C 25 -4.30 -19.08 -6.84
C LYS C 25 -3.57 -17.89 -6.20
N TYR C 26 -2.26 -17.85 -6.28
CA TYR C 26 -1.50 -16.74 -5.61
C TYR C 26 -0.97 -15.70 -6.60
N LYS C 27 -1.44 -15.70 -7.83
CA LYS C 27 -0.93 -14.68 -8.81
C LYS C 27 -2.12 -14.12 -9.61
N LEU C 28 -2.04 -12.86 -9.93
CA LEU C 28 -3.14 -12.16 -10.66
C LEU C 28 -2.87 -12.21 -12.17
N SER C 29 -3.84 -11.81 -12.94
CA SER C 29 -3.71 -11.79 -14.43
C SER C 29 -4.19 -10.42 -14.91
N LYS C 30 -3.83 -10.00 -16.10
CA LYS C 30 -4.31 -8.66 -16.60
C LYS C 30 -5.82 -8.47 -16.30
N LYS C 31 -6.63 -9.48 -16.45
CA LYS C 31 -8.08 -9.29 -16.18
C LYS C 31 -8.38 -9.31 -14.69
N GLU C 32 -7.66 -10.06 -13.91
CA GLU C 32 -7.98 -10.06 -12.45
C GLU C 32 -7.57 -8.74 -11.79
N LEU C 33 -6.44 -8.19 -12.14
CA LEU C 33 -6.05 -6.89 -11.51
C LEU C 33 -7.13 -5.86 -11.81
N LYS C 34 -7.56 -5.79 -13.03
CA LYS C 34 -8.60 -4.78 -13.36
C LYS C 34 -9.85 -5.03 -12.53
N ASP C 35 -10.23 -6.26 -12.32
CA ASP C 35 -11.45 -6.55 -11.52
C ASP C 35 -11.32 -5.97 -10.09
N LEU C 36 -10.17 -6.11 -9.46
CA LEU C 36 -10.01 -5.59 -8.06
C LEU C 36 -10.22 -4.07 -8.03
N LEU C 37 -9.80 -3.38 -9.04
CA LEU C 37 -9.94 -1.89 -9.03
C LEU C 37 -11.40 -1.47 -9.30
N GLN C 38 -11.99 -1.95 -10.35
CA GLN C 38 -13.37 -1.57 -10.72
C GLN C 38 -14.44 -2.25 -9.89
N THR C 39 -14.16 -3.32 -9.22
CA THR C 39 -15.26 -3.96 -8.44
C THR C 39 -15.87 -2.91 -7.51
N GLU C 40 -15.05 -2.18 -6.79
CA GLU C 40 -15.57 -1.15 -5.84
C GLU C 40 -15.19 0.28 -6.28
N LEU C 41 -14.00 0.47 -6.80
CA LEU C 41 -13.58 1.84 -7.22
C LEU C 41 -13.89 2.05 -8.70
N SER C 42 -15.03 1.57 -9.14
CA SER C 42 -15.45 1.72 -10.56
C SER C 42 -15.53 3.21 -10.94
N SER C 43 -16.22 3.96 -10.14
CA SER C 43 -16.39 5.41 -10.45
C SER C 43 -15.17 6.24 -10.03
N PHE C 44 -14.38 5.77 -9.09
CA PHE C 44 -13.22 6.61 -8.66
C PHE C 44 -12.02 6.39 -9.59
N LEU C 45 -11.07 5.62 -9.09
CA LEU C 45 -9.84 5.16 -9.86
C LEU C 45 -10.01 5.44 -11.38
N ASP C 46 -9.02 5.71 -12.19
CA ASP C 46 -9.34 5.83 -13.67
C ASP C 46 -9.08 4.46 -14.36
N VAL C 47 -10.09 3.68 -14.67
CA VAL C 47 -9.82 2.38 -15.38
C VAL C 47 -11.00 2.09 -16.33
N GLN C 48 -12.20 2.04 -15.83
CA GLN C 48 -13.36 1.77 -16.72
C GLN C 48 -13.61 2.96 -17.64
N LYS C 49 -13.49 4.14 -17.12
CA LYS C 49 -13.68 5.35 -17.97
C LYS C 49 -12.51 5.47 -18.92
N ASP C 50 -11.39 4.91 -18.56
CA ASP C 50 -10.20 4.94 -19.46
C ASP C 50 -9.58 3.53 -19.47
N ALA C 51 -10.03 2.68 -20.35
CA ALA C 51 -9.45 1.31 -20.39
C ALA C 51 -7.96 1.46 -20.61
N ASP C 52 -7.57 2.47 -21.32
CA ASP C 52 -6.12 2.75 -21.53
C ASP C 52 -5.49 2.95 -20.17
N ALA C 53 -6.18 3.61 -19.29
CA ALA C 53 -5.59 3.88 -17.96
C ALA C 53 -5.15 2.55 -17.32
N VAL C 54 -5.88 1.49 -17.49
CA VAL C 54 -5.41 0.19 -16.90
C VAL C 54 -4.05 -0.17 -17.54
N ASP C 55 -3.91 0.05 -18.82
CA ASP C 55 -2.63 -0.29 -19.52
C ASP C 55 -1.44 0.51 -18.97
N LYS C 56 -1.60 1.77 -18.70
CA LYS C 56 -0.45 2.58 -18.19
C LYS C 56 -0.06 2.09 -16.80
N ILE C 57 -1.03 1.78 -16.00
CA ILE C 57 -0.79 1.32 -14.60
C ILE C 57 -0.17 -0.09 -14.57
N MET C 58 -0.78 -1.02 -15.24
CA MET C 58 -0.27 -2.43 -15.23
C MET C 58 1.15 -2.51 -15.80
N LYS C 59 1.43 -1.78 -16.82
CA LYS C 59 2.81 -1.86 -17.39
C LYS C 59 3.77 -1.42 -16.30
N GLU C 60 3.39 -0.41 -15.60
CA GLU C 60 4.24 0.04 -14.48
C GLU C 60 4.34 -1.14 -13.51
N LEU C 61 3.37 -2.03 -13.53
CA LEU C 61 3.41 -3.21 -12.60
C LEU C 61 4.08 -4.40 -13.28
N ASP C 62 4.06 -4.48 -14.58
CA ASP C 62 4.72 -5.65 -15.23
C ASP C 62 6.22 -5.49 -15.09
N GLU C 63 6.66 -5.11 -13.92
CA GLU C 63 8.11 -4.89 -13.71
C GLU C 63 8.85 -6.19 -13.99
N ASN C 64 8.31 -7.29 -13.58
CA ASN C 64 8.99 -8.58 -13.86
C ASN C 64 8.72 -8.91 -15.32
N GLY C 65 7.79 -8.22 -15.94
CA GLY C 65 7.47 -8.48 -17.37
C GLY C 65 6.74 -9.83 -17.48
N ASP C 66 5.97 -10.18 -16.47
CA ASP C 66 5.27 -11.51 -16.51
C ASP C 66 3.85 -11.39 -17.11
N GLY C 67 3.39 -10.19 -17.36
CA GLY C 67 2.00 -10.02 -17.91
C GLY C 67 0.97 -10.40 -16.82
N GLU C 68 1.42 -10.48 -15.60
CA GLU C 68 0.52 -10.83 -14.46
C GLU C 68 0.88 -9.89 -13.31
N VAL C 69 0.14 -9.86 -12.23
CA VAL C 69 0.48 -8.91 -11.11
C VAL C 69 0.65 -9.68 -9.80
N ASP C 70 1.77 -9.51 -9.14
CA ASP C 70 1.98 -10.20 -7.84
C ASP C 70 1.53 -9.25 -6.73
N PHE C 71 1.08 -9.77 -5.63
CA PHE C 71 0.57 -8.91 -4.53
C PHE C 71 1.51 -7.72 -4.31
N GLN C 72 2.78 -7.91 -4.39
CA GLN C 72 3.71 -6.76 -4.20
C GLN C 72 3.45 -5.71 -5.30
N GLU C 73 3.12 -6.17 -6.47
CA GLU C 73 2.90 -5.27 -7.62
C GLU C 73 1.53 -4.58 -7.50
N PHE C 74 0.53 -5.32 -7.15
CA PHE C 74 -0.85 -4.76 -7.07
C PHE C 74 -0.97 -3.78 -5.88
N VAL C 75 -0.47 -4.15 -4.74
CA VAL C 75 -0.58 -3.30 -3.54
C VAL C 75 0.17 -1.99 -3.74
N VAL C 76 1.21 -2.01 -4.51
CA VAL C 76 1.98 -0.77 -4.76
C VAL C 76 1.07 0.22 -5.50
N LEU C 77 0.20 -0.29 -6.34
CA LEU C 77 -0.71 0.58 -7.15
C LEU C 77 -1.78 1.27 -6.28
N VAL C 78 -2.53 0.51 -5.55
CA VAL C 78 -3.62 1.10 -4.70
C VAL C 78 -3.00 2.07 -3.71
N ALA C 79 -1.94 1.65 -3.12
CA ALA C 79 -1.23 2.48 -2.13
C ALA C 79 -0.73 3.79 -2.77
N ALA C 80 -0.26 3.69 -3.97
CA ALA C 80 0.30 4.88 -4.66
C ALA C 80 -0.77 5.87 -5.13
N LEU C 81 -1.99 5.47 -5.38
CA LEU C 81 -3.00 6.48 -5.86
C LEU C 81 -3.59 7.24 -4.64
N THR C 82 -4.03 6.53 -3.64
CA THR C 82 -4.60 7.18 -2.42
C THR C 82 -3.67 8.31 -1.95
N VAL C 83 -2.40 8.06 -1.86
CA VAL C 83 -1.44 9.13 -1.45
C VAL C 83 -1.50 10.29 -2.45
N ALA C 84 -1.57 9.98 -3.71
CA ALA C 84 -1.63 11.05 -4.74
C ALA C 84 -2.87 11.92 -4.50
N CYS C 85 -3.88 11.36 -3.90
CA CYS C 85 -5.10 12.16 -3.64
C CYS C 85 -4.81 13.19 -2.54
N ASN C 86 -4.09 12.81 -1.53
CA ASN C 86 -3.76 13.75 -0.42
C ASN C 86 -2.99 14.95 -1.00
N ASN C 87 -2.08 14.70 -1.91
CA ASN C 87 -1.27 15.80 -2.51
C ASN C 87 -2.19 16.81 -3.20
N PHE C 88 -3.20 16.35 -3.89
CA PHE C 88 -4.13 17.29 -4.60
C PHE C 88 -5.15 17.84 -3.61
N PHE C 89 -5.19 17.33 -2.42
CA PHE C 89 -6.16 17.85 -1.42
C PHE C 89 -5.60 19.13 -0.81
N TRP C 90 -4.31 19.32 -0.92
CA TRP C 90 -3.69 20.55 -0.37
C TRP C 90 -3.98 21.70 -1.31
N GLU C 91 -4.56 21.41 -2.45
CA GLU C 91 -4.86 22.49 -3.42
C GLU C 91 -5.91 23.41 -2.82
N ASN C 92 -5.86 24.66 -3.15
CA ASN C 92 -6.85 25.63 -2.60
C ASN C 92 -6.83 25.56 -1.07
N SER C 93 -5.69 25.26 -0.50
CA SER C 93 -5.59 25.17 0.99
C SER C 93 -6.73 24.28 1.51
N GLY D 1 -18.57 1.83 4.05
CA GLY D 1 -17.45 1.64 3.03
C GLY D 1 -17.19 0.27 2.48
N SER D 2 -16.67 0.19 1.29
CA SER D 2 -16.38 -1.15 0.70
C SER D 2 -15.08 -1.69 1.28
N GLU D 3 -14.90 -2.99 1.27
CA GLU D 3 -13.66 -3.58 1.84
C GLU D 3 -12.42 -2.79 1.41
N LEU D 4 -12.25 -2.57 0.13
CA LEU D 4 -11.07 -1.81 -0.34
C LEU D 4 -11.21 -0.33 0.04
N GLU D 5 -12.39 0.22 -0.08
CA GLU D 5 -12.57 1.66 0.28
C GLU D 5 -12.28 1.84 1.76
N THR D 6 -12.56 0.84 2.55
CA THR D 6 -12.31 0.93 4.00
C THR D 6 -10.82 1.19 4.27
N ALA D 7 -9.99 0.47 3.60
CA ALA D 7 -8.52 0.60 3.78
C ALA D 7 -7.97 1.93 3.26
N MET D 8 -8.57 2.51 2.27
CA MET D 8 -8.01 3.78 1.75
C MET D 8 -8.27 4.91 2.74
N GLU D 9 -9.48 5.02 3.20
CA GLU D 9 -9.84 6.12 4.12
C GLU D 9 -9.18 5.94 5.49
N THR D 10 -9.02 4.74 5.96
CA THR D 10 -8.41 4.56 7.30
C THR D 10 -6.94 5.02 7.26
N LEU D 11 -6.14 4.47 6.39
CA LEU D 11 -4.70 4.90 6.33
C LEU D 11 -4.64 6.44 6.30
N ILE D 12 -5.51 7.06 5.56
CA ILE D 12 -5.49 8.54 5.47
C ILE D 12 -5.81 9.19 6.83
N ASN D 13 -6.73 8.68 7.61
CA ASN D 13 -7.05 9.36 8.91
C ASN D 13 -5.99 9.06 10.01
N VAL D 14 -5.57 7.83 10.16
CA VAL D 14 -4.57 7.50 11.22
C VAL D 14 -3.28 8.30 10.99
N PHE D 15 -2.84 8.35 9.77
CA PHE D 15 -1.60 9.11 9.44
C PHE D 15 -1.81 10.58 9.83
N HIS D 16 -2.95 11.14 9.60
CA HIS D 16 -3.19 12.56 10.01
C HIS D 16 -3.02 12.71 11.53
N ALA D 17 -3.48 11.76 12.28
CA ALA D 17 -3.41 11.82 13.78
C ALA D 17 -1.99 12.12 14.31
N HIS D 18 -1.03 11.31 13.96
CA HIS D 18 0.36 11.52 14.48
C HIS D 18 1.11 12.56 13.65
N SER D 19 0.95 12.52 12.36
CA SER D 19 1.64 13.45 11.43
C SER D 19 1.30 14.93 11.69
N GLY D 20 0.09 15.25 12.10
CA GLY D 20 -0.28 16.69 12.29
C GLY D 20 -0.21 17.08 13.75
N LYS D 21 0.38 16.27 14.58
CA LYS D 21 0.48 16.60 16.03
C LYS D 21 1.96 16.65 16.43
N GLU D 22 2.64 15.56 16.34
CA GLU D 22 4.08 15.55 16.75
C GLU D 22 5.01 15.87 15.56
N GLY D 23 4.50 16.41 14.48
CA GLY D 23 5.41 16.72 13.34
C GLY D 23 4.76 17.63 12.29
N ASP D 24 5.28 17.58 11.08
CA ASP D 24 4.75 18.42 9.97
C ASP D 24 3.34 17.99 9.56
N LYS D 25 2.52 18.94 9.22
CA LYS D 25 1.12 18.63 8.83
C LYS D 25 1.03 17.52 7.77
N TYR D 26 1.62 17.72 6.62
CA TYR D 26 1.52 16.69 5.53
C TYR D 26 2.80 15.88 5.35
N LYS D 27 3.73 15.93 6.28
CA LYS D 27 4.99 15.14 6.13
C LYS D 27 5.34 14.48 7.46
N LEU D 28 5.88 13.29 7.38
CA LEU D 28 6.23 12.51 8.60
C LEU D 28 7.69 12.77 9.00
N SER D 29 8.07 12.31 10.15
CA SER D 29 9.47 12.47 10.65
C SER D 29 9.96 11.11 11.13
N LYS D 30 11.25 10.90 11.25
CA LYS D 30 11.74 9.58 11.75
C LYS D 30 10.92 9.08 12.96
N LYS D 31 10.56 9.95 13.87
CA LYS D 31 9.78 9.49 15.05
C LYS D 31 8.31 9.27 14.69
N GLU D 32 7.75 10.05 13.81
CA GLU D 32 6.31 9.83 13.49
C GLU D 32 6.11 8.53 12.70
N LEU D 33 6.97 8.21 11.77
CA LEU D 33 6.78 6.95 11.01
C LEU D 33 6.80 5.79 11.98
N LYS D 34 7.74 5.79 12.89
CA LYS D 34 7.83 4.66 13.84
C LYS D 34 6.53 4.58 14.65
N ASP D 35 5.99 5.70 15.04
CA ASP D 35 4.72 5.67 15.84
C ASP D 35 3.59 4.98 15.07
N LEU D 36 3.45 5.24 13.79
CA LEU D 36 2.34 4.60 13.00
C LEU D 36 2.49 3.07 13.02
N LEU D 37 3.69 2.57 12.98
CA LEU D 37 3.89 1.10 12.94
C LEU D 37 3.63 0.46 14.32
N GLN D 38 4.27 0.96 15.33
CA GLN D 38 4.12 0.39 16.70
C GLN D 38 2.83 0.78 17.39
N THR D 39 2.14 1.79 16.97
CA THR D 39 0.90 2.13 17.71
C THR D 39 0.00 0.90 17.76
N GLU D 40 -0.19 0.24 16.65
CA GLU D 40 -1.09 -0.97 16.62
C GLU D 40 -0.29 -2.25 16.29
N LEU D 41 0.68 -2.16 15.42
CA LEU D 41 1.47 -3.39 15.05
C LEU D 41 2.73 -3.47 15.93
N SER D 42 2.58 -3.15 17.19
CA SER D 42 3.73 -3.21 18.14
C SER D 42 4.29 -4.62 18.22
N SER D 43 3.44 -5.59 18.43
CA SER D 43 3.91 -7.00 18.56
C SER D 43 4.15 -7.62 17.18
N PHE D 44 3.55 -7.14 16.12
CA PHE D 44 3.74 -7.82 14.80
C PHE D 44 4.99 -7.32 14.07
N LEU D 45 4.82 -6.28 13.28
CA LEU D 45 5.94 -5.70 12.44
C LEU D 45 7.25 -5.79 13.24
N ASP D 46 8.43 -5.77 12.65
CA ASP D 46 9.67 -5.78 13.51
C ASP D 46 10.15 -4.34 13.69
N VAL D 47 9.90 -3.71 14.81
CA VAL D 47 10.41 -2.31 15.01
C VAL D 47 10.76 -2.12 16.49
N GLN D 48 9.83 -2.34 17.37
CA GLN D 48 10.12 -2.18 18.82
C GLN D 48 11.07 -3.29 19.29
N LYS D 49 10.86 -4.48 18.84
CA LYS D 49 11.74 -5.60 19.23
C LYS D 49 13.09 -5.40 18.56
N ASP D 50 13.11 -4.70 17.46
CA ASP D 50 14.40 -4.42 16.76
C ASP D 50 14.41 -2.94 16.36
N ALA D 51 14.87 -2.09 17.22
CA ALA D 51 14.90 -0.65 16.87
C ALA D 51 15.71 -0.50 15.58
N ASP D 52 16.68 -1.35 15.42
CA ASP D 52 17.49 -1.35 14.17
C ASP D 52 16.53 -1.59 13.02
N ALA D 53 15.59 -2.46 13.21
CA ALA D 53 14.67 -2.77 12.08
C ALA D 53 14.06 -1.46 11.57
N VAL D 54 13.71 -0.53 12.42
CA VAL D 54 13.13 0.75 11.89
C VAL D 54 14.19 1.41 10.98
N ASP D 55 15.44 1.36 11.35
CA ASP D 55 16.52 2.00 10.52
C ASP D 55 16.63 1.36 9.13
N LYS D 56 16.55 0.07 9.03
CA LYS D 56 16.68 -0.57 7.69
C LYS D 56 15.48 -0.19 6.81
N ILE D 57 14.32 -0.16 7.38
CA ILE D 57 13.07 0.17 6.64
C ILE D 57 13.05 1.66 6.21
N MET D 58 13.24 2.54 7.14
CA MET D 58 13.19 4.01 6.84
C MET D 58 14.25 4.40 5.81
N LYS D 59 15.42 3.85 5.90
CA LYS D 59 16.46 4.23 4.90
C LYS D 59 15.93 3.85 3.54
N GLU D 60 15.33 2.71 3.46
CA GLU D 60 14.72 2.28 2.19
C GLU D 60 13.68 3.33 1.82
N LEU D 61 13.18 4.05 2.80
CA LEU D 61 12.15 5.10 2.51
C LEU D 61 12.80 6.46 2.32
N ASP D 62 13.96 6.69 2.88
CA ASP D 62 14.59 8.01 2.69
C ASP D 62 15.09 8.10 1.26
N GLU D 63 14.28 7.67 0.33
CA GLU D 63 14.71 7.69 -1.09
C GLU D 63 15.02 9.11 -1.50
N ASN D 64 14.24 10.05 -1.05
CA ASN D 64 14.54 11.46 -1.40
C ASN D 64 15.68 11.91 -0.51
N GLY D 65 16.01 11.13 0.50
CA GLY D 65 17.12 11.51 1.41
C GLY D 65 16.69 12.71 2.26
N ASP D 66 15.42 12.80 2.58
CA ASP D 66 14.95 13.99 3.37
C ASP D 66 14.94 13.70 4.88
N GLY D 67 15.20 12.47 5.28
CA GLY D 67 15.19 12.13 6.74
C GLY D 67 13.73 12.20 7.26
N GLU D 68 12.79 12.21 6.34
CA GLU D 68 11.35 12.27 6.73
C GLU D 68 10.61 11.27 5.83
N VAL D 69 9.35 11.00 6.05
CA VAL D 69 8.63 10.01 5.16
C VAL D 69 7.39 10.64 4.55
N ASP D 70 7.26 10.59 3.25
CA ASP D 70 6.05 11.15 2.59
C ASP D 70 5.04 10.01 2.43
N PHE D 71 3.77 10.33 2.44
CA PHE D 71 2.73 9.26 2.35
C PHE D 71 3.12 8.23 1.28
N GLN D 72 3.66 8.64 0.18
CA GLN D 72 4.06 7.65 -0.86
C GLN D 72 5.14 6.72 -0.29
N GLU D 73 5.98 7.24 0.55
CA GLU D 73 7.08 6.45 1.13
C GLU D 73 6.57 5.53 2.24
N PHE D 74 5.72 6.05 3.09
CA PHE D 74 5.21 5.24 4.22
C PHE D 74 4.26 4.13 3.74
N VAL D 75 3.36 4.46 2.86
CA VAL D 75 2.38 3.46 2.36
C VAL D 75 3.08 2.33 1.62
N VAL D 76 4.19 2.62 1.01
CA VAL D 76 4.93 1.56 0.28
C VAL D 76 5.41 0.52 1.30
N LEU D 77 5.73 0.97 2.49
CA LEU D 77 6.26 0.05 3.55
C LEU D 77 5.19 -0.90 4.07
N VAL D 78 4.08 -0.37 4.54
CA VAL D 78 3.00 -1.25 5.10
C VAL D 78 2.52 -2.20 4.02
N ALA D 79 2.32 -1.67 2.87
CA ALA D 79 1.86 -2.47 1.71
C ALA D 79 2.87 -3.59 1.39
N ALA D 80 4.12 -3.28 1.47
CA ALA D 80 5.17 -4.26 1.12
C ALA D 80 5.35 -5.37 2.17
N LEU D 81 5.02 -5.15 3.43
CA LEU D 81 5.23 -6.27 4.43
C LEU D 81 4.04 -7.24 4.38
N THR D 82 2.84 -6.74 4.42
CA THR D 82 1.64 -7.62 4.37
C THR D 82 1.77 -8.62 3.21
N VAL D 83 2.14 -8.16 2.05
CA VAL D 83 2.33 -9.08 0.90
C VAL D 83 3.42 -10.12 1.24
N ALA D 84 4.46 -9.68 1.86
CA ALA D 84 5.56 -10.62 2.22
C ALA D 84 5.01 -11.71 3.14
N CYS D 85 3.97 -11.41 3.87
CA CYS D 85 3.40 -12.44 4.77
C CYS D 85 2.71 -13.52 3.95
N ASN D 86 2.01 -13.13 2.92
CA ASN D 86 1.31 -14.13 2.06
C ASN D 86 2.34 -15.10 1.46
N ASN D 87 3.47 -14.60 1.06
CA ASN D 87 4.51 -15.47 0.45
C ASN D 87 4.96 -16.54 1.47
N PHE D 88 5.10 -16.17 2.70
CA PHE D 88 5.55 -17.17 3.73
C PHE D 88 4.35 -18.01 4.19
N PHE D 89 3.16 -17.65 3.79
CA PHE D 89 1.97 -18.44 4.19
C PHE D 89 1.87 -19.66 3.29
N TRP D 90 2.51 -19.61 2.15
CA TRP D 90 2.47 -20.77 1.22
C TRP D 90 3.43 -21.85 1.75
N GLU D 91 4.17 -21.53 2.77
CA GLU D 91 5.12 -22.52 3.33
C GLU D 91 4.32 -23.67 3.92
N ASN D 92 4.85 -24.86 3.89
CA ASN D 92 4.14 -26.02 4.44
C ASN D 92 2.76 -26.12 3.79
N SER D 93 2.64 -25.72 2.56
CA SER D 93 1.31 -25.78 1.87
C SER D 93 0.24 -25.17 2.78
N THR A 1 -11.30 20.80 -21.28
CA THR A 1 -10.95 19.46 -21.81
C THR A 1 -10.85 18.46 -20.65
N ARG A 2 -11.87 18.37 -19.84
CA ARG A 2 -11.86 17.42 -18.69
C ARG A 2 -13.09 16.51 -18.78
N THR A 3 -13.45 16.10 -19.96
CA THR A 3 -14.64 15.22 -20.11
C THR A 3 -14.33 13.83 -19.56
N LYS A 4 -13.32 13.72 -18.74
CA LYS A 4 -12.95 12.40 -18.17
C LYS A 4 -11.96 12.61 -17.04
N ILE A 5 -11.68 11.58 -16.29
CA ILE A 5 -10.72 11.68 -15.16
C ILE A 5 -9.44 10.90 -15.54
N ASP A 6 -8.29 11.49 -15.40
CA ASP A 6 -7.01 10.79 -15.79
C ASP A 6 -5.97 10.92 -14.68
N TRP A 7 -6.38 11.16 -13.48
CA TRP A 7 -5.38 11.30 -12.39
C TRP A 7 -4.56 10.01 -12.26
N ASN A 8 -5.18 8.86 -12.42
CA ASN A 8 -4.39 7.59 -12.31
C ASN A 8 -3.17 7.72 -13.23
N LYS A 9 -3.33 8.41 -14.33
CA LYS A 9 -2.19 8.60 -15.25
C LYS A 9 -1.12 9.39 -14.49
N ILE A 10 -1.53 10.16 -13.50
CA ILE A 10 -0.53 10.94 -12.71
C ILE A 10 0.55 9.96 -12.26
N LEU A 11 0.15 8.76 -11.92
CA LEU A 11 1.16 7.73 -11.53
C LEU A 11 2.04 7.46 -12.75
N SER A 12 1.44 7.41 -13.91
CA SER A 12 2.23 7.14 -15.14
C SER A 12 1.53 7.79 -16.35
N THR B 1 18.36 -12.81 22.15
CA THR B 1 18.80 -13.95 21.29
C THR B 1 17.87 -15.14 21.53
N ARG B 2 17.24 -15.21 22.66
CA ARG B 2 16.34 -16.36 22.95
C ARG B 2 15.23 -16.40 21.91
N THR B 3 14.66 -15.28 21.57
CA THR B 3 13.57 -15.29 20.57
C THR B 3 13.36 -13.87 20.00
N LYS B 4 13.40 -13.74 18.70
CA LYS B 4 13.18 -12.40 18.08
C LYS B 4 12.63 -12.58 16.67
N ILE B 5 12.11 -11.53 16.09
CA ILE B 5 11.54 -11.60 14.71
C ILE B 5 12.30 -10.61 13.82
N ASP B 6 12.65 -11.00 12.62
CA ASP B 6 13.43 -10.08 11.72
C ASP B 6 12.88 -10.12 10.28
N TRP B 7 11.66 -10.55 10.10
CA TRP B 7 11.09 -10.60 8.74
C TRP B 7 11.07 -9.19 8.11
N ASN B 8 10.76 -8.16 8.86
CA ASN B 8 10.75 -6.80 8.23
C ASN B 8 12.09 -6.60 7.53
N LYS B 9 13.14 -7.11 8.11
CA LYS B 9 14.47 -6.99 7.48
C LYS B 9 14.38 -7.65 6.10
N ILE B 10 13.46 -8.57 5.93
CA ILE B 10 13.30 -9.24 4.59
C ILE B 10 13.20 -8.11 3.56
N LEU B 11 12.49 -7.08 3.91
CA LEU B 11 12.39 -5.92 2.96
C LEU B 11 13.76 -5.26 2.90
N SER B 12 14.41 -5.15 4.04
CA SER B 12 15.76 -4.52 4.09
C SER B 12 15.67 -3.08 3.57
N GLY C 1 -7.49 -5.86 14.77
CA GLY C 1 -8.65 -5.02 15.31
C GLY C 1 -8.58 -3.54 15.20
N SER C 2 -7.40 -3.00 15.05
CA SER C 2 -7.27 -1.52 14.94
C SER C 2 -7.65 -1.09 13.52
N GLU C 3 -7.92 0.17 13.32
CA GLU C 3 -8.33 0.62 11.96
C GLU C 3 -7.24 0.32 10.92
N LEU C 4 -6.00 0.64 11.21
CA LEU C 4 -4.92 0.36 10.22
C LEU C 4 -4.80 -1.16 10.01
N GLU C 5 -4.92 -1.92 11.07
CA GLU C 5 -4.83 -3.41 10.95
C GLU C 5 -5.94 -3.91 10.02
N THR C 6 -7.09 -3.32 10.13
CA THR C 6 -8.23 -3.73 9.27
C THR C 6 -7.81 -3.69 7.80
N ALA C 7 -7.05 -2.69 7.45
CA ALA C 7 -6.63 -2.46 6.04
C ALA C 7 -5.63 -3.49 5.52
N MET C 8 -4.77 -4.02 6.32
CA MET C 8 -3.77 -4.98 5.77
C MET C 8 -4.43 -6.34 5.51
N GLU C 9 -5.20 -6.81 6.43
CA GLU C 9 -5.86 -8.12 6.26
C GLU C 9 -6.91 -8.05 5.15
N THR C 10 -7.65 -6.98 5.06
CA THR C 10 -8.72 -6.93 4.02
C THR C 10 -8.09 -7.01 2.61
N LEU C 11 -7.18 -6.14 2.27
CA LEU C 11 -6.56 -6.22 0.91
C LEU C 11 -6.13 -7.66 0.64
N ILE C 12 -5.66 -8.34 1.64
CA ILE C 12 -5.21 -9.74 1.44
C ILE C 12 -6.40 -10.68 1.12
N ASN C 13 -7.55 -10.52 1.75
CA ASN C 13 -8.68 -11.47 1.45
C ASN C 13 -9.45 -11.11 0.17
N VAL C 14 -9.74 -9.86 -0.08
CA VAL C 14 -10.52 -9.51 -1.31
C VAL C 14 -9.74 -9.97 -2.53
N PHE C 15 -8.46 -9.78 -2.50
CA PHE C 15 -7.60 -10.22 -3.63
C PHE C 15 -7.74 -11.73 -3.81
N HIS C 16 -7.84 -12.48 -2.74
CA HIS C 16 -8.01 -13.94 -2.88
C HIS C 16 -9.30 -14.24 -3.66
N ALA C 17 -10.34 -13.47 -3.43
CA ALA C 17 -11.65 -13.72 -4.11
C ALA C 17 -11.54 -13.70 -5.64
N HIS C 18 -11.07 -12.63 -6.22
CA HIS C 18 -10.98 -12.58 -7.73
C HIS C 18 -9.82 -13.43 -8.25
N SER C 19 -8.70 -13.31 -7.64
CA SER C 19 -7.47 -14.06 -8.07
C SER C 19 -7.65 -15.59 -8.02
N GLY C 20 -8.53 -16.10 -7.21
CA GLY C 20 -8.68 -17.60 -7.12
C GLY C 20 -9.92 -18.09 -7.87
N LYS C 21 -10.62 -17.24 -8.57
CA LYS C 21 -11.83 -17.71 -9.33
C LYS C 21 -11.68 -17.34 -10.80
N GLU C 22 -11.70 -16.09 -11.14
CA GLU C 22 -11.54 -15.72 -12.58
C GLU C 22 -10.05 -15.73 -12.93
N GLY C 23 -9.41 -16.87 -12.82
CA GLY C 23 -7.95 -16.91 -13.16
C GLY C 23 -7.29 -18.16 -12.58
N ASP C 24 -6.04 -18.05 -12.25
CA ASP C 24 -5.28 -19.20 -11.67
C ASP C 24 -5.45 -19.19 -10.16
N LYS C 25 -5.12 -20.27 -9.51
CA LYS C 25 -5.32 -20.35 -8.03
C LYS C 25 -4.68 -19.16 -7.31
N TYR C 26 -3.41 -18.85 -7.55
CA TYR C 26 -2.76 -17.71 -6.80
C TYR C 26 -2.03 -16.72 -7.72
N LYS C 27 -2.49 -16.50 -8.92
CA LYS C 27 -1.82 -15.50 -9.83
C LYS C 27 -2.88 -14.62 -10.45
N LEU C 28 -2.58 -13.37 -10.57
CA LEU C 28 -3.54 -12.39 -11.15
C LEU C 28 -3.23 -12.22 -12.64
N SER C 29 -4.19 -11.80 -13.41
CA SER C 29 -3.99 -11.60 -14.87
C SER C 29 -4.50 -10.21 -15.24
N LYS C 30 -4.16 -9.70 -16.40
CA LYS C 30 -4.66 -8.33 -16.76
C LYS C 30 -6.17 -8.18 -16.53
N LYS C 31 -6.95 -9.18 -16.79
CA LYS C 31 -8.42 -9.04 -16.59
C LYS C 31 -8.76 -9.14 -15.09
N GLU C 32 -8.01 -9.87 -14.33
CA GLU C 32 -8.33 -9.99 -12.87
C GLU C 32 -7.96 -8.71 -12.12
N LEU C 33 -6.84 -8.10 -12.42
CA LEU C 33 -6.47 -6.86 -11.70
C LEU C 33 -7.55 -5.80 -11.93
N LYS C 34 -7.97 -5.66 -13.16
CA LYS C 34 -9.00 -4.63 -13.50
C LYS C 34 -10.33 -4.93 -12.80
N ASP C 35 -10.72 -6.18 -12.70
CA ASP C 35 -12.02 -6.52 -12.05
C ASP C 35 -11.96 -6.27 -10.54
N LEU C 36 -10.86 -6.60 -9.95
CA LEU C 36 -10.69 -6.46 -8.48
C LEU C 36 -10.71 -4.99 -8.07
N LEU C 37 -10.09 -4.18 -8.87
CA LEU C 37 -9.99 -2.74 -8.55
C LEU C 37 -11.29 -1.98 -8.89
N GLN C 38 -11.77 -2.13 -10.10
CA GLN C 38 -12.99 -1.40 -10.55
C GLN C 38 -14.24 -1.78 -9.74
N THR C 39 -14.36 -3.03 -9.43
CA THR C 39 -15.58 -3.52 -8.73
C THR C 39 -15.92 -2.61 -7.55
N GLU C 40 -14.96 -2.31 -6.72
CA GLU C 40 -15.26 -1.43 -5.55
C GLU C 40 -14.81 0.00 -5.85
N LEU C 41 -14.01 0.18 -6.88
CA LEU C 41 -13.54 1.56 -7.24
C LEU C 41 -13.78 1.80 -8.74
N SER C 42 -14.91 1.36 -9.23
CA SER C 42 -15.23 1.54 -10.68
C SER C 42 -15.23 3.02 -11.03
N SER C 43 -15.95 3.81 -10.27
CA SER C 43 -16.06 5.26 -10.58
C SER C 43 -14.86 6.07 -10.02
N PHE C 44 -14.13 5.55 -9.05
CA PHE C 44 -13.02 6.40 -8.51
C PHE C 44 -11.79 6.33 -9.44
N LEU C 45 -10.76 5.67 -8.97
CA LEU C 45 -9.49 5.39 -9.77
C LEU C 45 -9.76 5.60 -11.28
N ASP C 46 -8.83 5.95 -12.14
CA ASP C 46 -9.23 6.00 -13.61
C ASP C 46 -8.96 4.64 -14.27
N VAL C 47 -9.96 3.83 -14.53
CA VAL C 47 -9.72 2.51 -15.21
C VAL C 47 -10.86 2.21 -16.18
N GLN C 48 -12.09 2.37 -15.77
CA GLN C 48 -13.23 2.09 -16.67
C GLN C 48 -13.55 3.34 -17.52
N LYS C 49 -12.98 4.46 -17.17
CA LYS C 49 -13.21 5.71 -17.99
C LYS C 49 -12.08 5.78 -19.00
N ASP C 50 -11.02 5.07 -18.74
CA ASP C 50 -9.88 5.03 -19.70
C ASP C 50 -9.29 3.62 -19.70
N ALA C 51 -9.73 2.78 -20.60
CA ALA C 51 -9.18 1.39 -20.64
C ALA C 51 -7.66 1.53 -20.79
N ASP C 52 -7.26 2.56 -21.46
CA ASP C 52 -5.81 2.84 -21.63
C ASP C 52 -5.19 3.03 -20.25
N ALA C 53 -5.90 3.66 -19.36
CA ALA C 53 -5.31 3.90 -18.02
C ALA C 53 -4.95 2.56 -17.37
N VAL C 54 -5.76 1.55 -17.49
CA VAL C 54 -5.37 0.25 -16.86
C VAL C 54 -4.05 -0.21 -17.47
N ASP C 55 -3.86 0.03 -18.74
CA ASP C 55 -2.60 -0.40 -19.40
C ASP C 55 -1.38 0.30 -18.79
N LYS C 56 -1.50 1.57 -18.48
CA LYS C 56 -0.36 2.34 -17.89
C LYS C 56 -0.03 1.82 -16.48
N ILE C 57 -1.04 1.53 -15.70
CA ILE C 57 -0.83 1.03 -14.31
C ILE C 57 -0.25 -0.40 -14.32
N MET C 58 -0.90 -1.30 -14.99
CA MET C 58 -0.43 -2.71 -15.03
C MET C 58 0.98 -2.77 -15.63
N LYS C 59 1.28 -1.92 -16.57
CA LYS C 59 2.64 -1.97 -17.17
C LYS C 59 3.68 -1.76 -16.06
N GLU C 60 3.50 -0.74 -15.26
CA GLU C 60 4.47 -0.49 -14.16
C GLU C 60 4.49 -1.70 -13.23
N LEU C 61 3.44 -2.46 -13.23
CA LEU C 61 3.40 -3.67 -12.35
C LEU C 61 4.02 -4.86 -13.07
N ASP C 62 3.96 -4.89 -14.37
CA ASP C 62 4.56 -6.02 -15.10
C ASP C 62 6.07 -5.85 -14.99
N GLU C 63 6.55 -5.65 -13.79
CA GLU C 63 8.01 -5.44 -13.60
C GLU C 63 8.75 -6.66 -14.11
N ASN C 64 8.24 -7.82 -13.83
CA ASN C 64 8.91 -9.04 -14.34
C ASN C 64 8.59 -9.12 -15.82
N GLY C 65 7.55 -8.45 -16.23
CA GLY C 65 7.15 -8.50 -17.66
C GLY C 65 6.45 -9.83 -17.89
N ASP C 66 5.67 -10.29 -16.94
CA ASP C 66 4.98 -11.62 -17.10
C ASP C 66 3.53 -11.45 -17.59
N GLY C 67 3.06 -10.23 -17.69
CA GLY C 67 1.65 -10.00 -18.16
C GLY C 67 0.64 -10.36 -17.05
N GLU C 68 1.11 -10.57 -15.83
CA GLU C 68 0.20 -10.92 -14.70
C GLU C 68 0.54 -9.99 -13.54
N VAL C 69 -0.20 -10.03 -12.46
CA VAL C 69 0.12 -9.12 -11.30
C VAL C 69 0.16 -9.95 -10.01
N ASP C 70 1.20 -9.82 -9.25
CA ASP C 70 1.32 -10.60 -7.98
C ASP C 70 0.83 -9.72 -6.83
N PHE C 71 0.45 -10.33 -5.73
CA PHE C 71 -0.05 -9.55 -4.57
C PHE C 71 1.00 -8.51 -4.20
N GLN C 72 2.24 -8.78 -4.48
CA GLN C 72 3.31 -7.80 -4.17
C GLN C 72 3.25 -6.66 -5.21
N GLU C 73 2.71 -6.96 -6.35
CA GLU C 73 2.60 -5.94 -7.42
C GLU C 73 1.30 -5.16 -7.24
N PHE C 74 0.21 -5.86 -7.06
CA PHE C 74 -1.11 -5.18 -6.88
C PHE C 74 -1.12 -4.29 -5.62
N VAL C 75 -0.63 -4.80 -4.53
CA VAL C 75 -0.61 -4.00 -3.28
C VAL C 75 0.19 -2.72 -3.47
N VAL C 76 1.29 -2.79 -4.18
CA VAL C 76 2.06 -1.56 -4.42
C VAL C 76 1.18 -0.53 -5.17
N LEU C 77 0.39 -1.00 -6.11
CA LEU C 77 -0.50 -0.10 -6.93
C LEU C 77 -1.56 0.65 -6.08
N VAL C 78 -2.33 -0.04 -5.28
CA VAL C 78 -3.38 0.66 -4.46
C VAL C 78 -2.70 1.69 -3.57
N ALA C 79 -1.55 1.37 -3.09
CA ALA C 79 -0.78 2.29 -2.22
C ALA C 79 -0.35 3.54 -3.03
N ALA C 80 0.03 3.34 -4.25
CA ALA C 80 0.52 4.46 -5.10
C ALA C 80 -0.60 5.39 -5.61
N LEU C 81 -1.84 4.95 -5.72
CA LEU C 81 -2.90 5.90 -6.22
C LEU C 81 -3.50 6.65 -5.02
N THR C 82 -3.90 5.96 -3.98
CA THR C 82 -4.46 6.66 -2.78
C THR C 82 -3.57 7.86 -2.41
N VAL C 83 -2.28 7.66 -2.37
CA VAL C 83 -1.35 8.80 -2.06
C VAL C 83 -1.50 9.92 -3.09
N ALA C 84 -1.57 9.57 -4.34
CA ALA C 84 -1.71 10.61 -5.41
C ALA C 84 -2.99 11.41 -5.18
N CYS C 85 -3.96 10.83 -4.52
CA CYS C 85 -5.23 11.56 -4.26
C CYS C 85 -4.96 12.68 -3.26
N ASN C 86 -4.07 12.45 -2.33
CA ASN C 86 -3.74 13.52 -1.34
C ASN C 86 -3.22 14.74 -2.10
N ASN C 87 -2.45 14.52 -3.13
CA ASN C 87 -1.93 15.66 -3.92
C ASN C 87 -3.10 16.47 -4.49
N PHE C 88 -4.13 15.81 -4.94
CA PHE C 88 -5.30 16.54 -5.50
C PHE C 88 -6.23 16.98 -4.34
N PHE C 89 -5.89 16.59 -3.14
CA PHE C 89 -6.73 17.00 -1.96
C PHE C 89 -6.39 18.44 -1.58
N TRP C 90 -5.41 19.01 -2.22
CA TRP C 90 -5.01 20.41 -1.89
C TRP C 90 -6.19 21.34 -2.13
N GLU C 91 -6.92 21.14 -3.18
CA GLU C 91 -8.09 22.01 -3.45
C GLU C 91 -9.05 21.90 -2.26
N ASN C 92 -9.70 22.97 -1.90
CA ASN C 92 -10.64 22.91 -0.74
C ASN C 92 -9.86 22.53 0.53
N SER C 93 -8.63 22.97 0.62
CA SER C 93 -7.81 22.65 1.83
C SER C 93 -7.88 21.15 2.11
N GLY D 1 -17.33 2.74 1.31
CA GLY D 1 -18.11 1.65 2.03
C GLY D 1 -17.73 0.22 1.84
N SER D 2 -17.03 -0.08 0.77
CA SER D 2 -16.62 -1.49 0.53
C SER D 2 -15.41 -1.81 1.41
N GLU D 3 -15.11 -3.07 1.59
CA GLU D 3 -13.96 -3.44 2.48
C GLU D 3 -12.65 -2.83 1.95
N LEU D 4 -12.38 -2.96 0.69
CA LEU D 4 -11.11 -2.39 0.14
C LEU D 4 -11.14 -0.85 0.30
N GLU D 5 -12.27 -0.25 0.06
CA GLU D 5 -12.40 1.24 0.20
C GLU D 5 -12.08 1.64 1.64
N THR D 6 -12.52 0.85 2.58
CA THR D 6 -12.26 1.14 4.00
C THR D 6 -10.76 1.35 4.23
N ALA D 7 -9.98 0.54 3.57
CA ALA D 7 -8.50 0.54 3.74
C ALA D 7 -7.81 1.79 3.17
N MET D 8 -8.31 2.37 2.13
CA MET D 8 -7.58 3.56 1.56
C MET D 8 -7.84 4.78 2.43
N GLU D 9 -9.06 5.01 2.80
CA GLU D 9 -9.38 6.20 3.61
C GLU D 9 -8.78 6.07 5.02
N THR D 10 -8.80 4.91 5.60
CA THR D 10 -8.27 4.78 6.99
C THR D 10 -6.77 5.12 7.02
N LEU D 11 -5.95 4.47 6.24
CA LEU D 11 -4.49 4.80 6.24
C LEU D 11 -4.32 6.33 6.13
N ILE D 12 -5.17 6.96 5.38
CA ILE D 12 -5.06 8.43 5.21
C ILE D 12 -5.40 9.18 6.53
N ASN D 13 -6.39 8.75 7.29
CA ASN D 13 -6.74 9.51 8.55
C ASN D 13 -5.81 9.17 9.73
N VAL D 14 -5.48 7.92 9.95
CA VAL D 14 -4.60 7.57 11.12
C VAL D 14 -3.28 8.30 10.97
N PHE D 15 -2.78 8.34 9.78
CA PHE D 15 -1.49 9.04 9.52
C PHE D 15 -1.66 10.53 9.90
N HIS D 16 -2.78 11.10 9.64
CA HIS D 16 -2.99 12.53 10.02
C HIS D 16 -2.84 12.68 11.54
N ALA D 17 -3.32 11.72 12.30
CA ALA D 17 -3.26 11.80 13.79
C ALA D 17 -1.83 11.98 14.33
N HIS D 18 -0.93 11.08 14.00
CA HIS D 18 0.47 11.21 14.54
C HIS D 18 1.25 12.31 13.82
N SER D 19 1.15 12.33 12.53
CA SER D 19 1.89 13.32 11.70
C SER D 19 1.51 14.77 12.01
N GLY D 20 0.34 15.03 12.54
CA GLY D 20 -0.06 16.46 12.80
C GLY D 20 0.05 16.81 14.29
N LYS D 21 0.56 15.93 15.11
CA LYS D 21 0.68 16.26 16.57
C LYS D 21 2.14 16.10 17.00
N GLU D 22 2.66 14.91 17.02
CA GLU D 22 4.08 14.74 17.43
C GLU D 22 4.98 15.05 16.23
N GLY D 23 4.94 16.27 15.73
CA GLY D 23 5.80 16.60 14.56
C GLY D 23 5.33 17.88 13.87
N ASP D 24 5.54 17.95 12.59
CA ASP D 24 5.10 19.14 11.81
C ASP D 24 3.66 18.94 11.34
N LYS D 25 3.02 19.97 10.89
CA LYS D 25 1.60 19.85 10.47
C LYS D 25 1.41 18.72 9.44
N TYR D 26 2.18 18.68 8.37
CA TYR D 26 1.95 17.60 7.33
C TYR D 26 3.24 16.86 6.94
N LYS D 27 4.18 16.69 7.84
CA LYS D 27 5.44 15.94 7.48
C LYS D 27 5.74 14.95 8.60
N LEU D 28 6.18 13.79 8.23
CA LEU D 28 6.49 12.73 9.22
C LEU D 28 8.01 12.79 9.54
N SER D 29 8.39 12.30 10.67
CA SER D 29 9.84 12.30 11.08
C SER D 29 10.21 10.89 11.53
N LYS D 30 11.48 10.59 11.64
CA LYS D 30 11.84 9.20 12.08
C LYS D 30 11.07 8.75 13.33
N LYS D 31 10.82 9.63 14.26
CA LYS D 31 10.09 9.20 15.48
C LYS D 31 8.59 9.07 15.20
N GLU D 32 8.07 9.83 14.28
CA GLU D 32 6.61 9.73 13.98
C GLU D 32 6.30 8.46 13.18
N LEU D 33 7.11 8.10 12.23
CA LEU D 33 6.82 6.87 11.45
C LEU D 33 6.80 5.67 12.39
N LYS D 34 7.76 5.59 13.27
CA LYS D 34 7.85 4.45 14.22
C LYS D 34 6.65 4.42 15.16
N ASP D 35 6.18 5.56 15.62
CA ASP D 35 5.03 5.59 16.58
C ASP D 35 3.73 5.18 15.86
N LEU D 36 3.57 5.64 14.66
CA LEU D 36 2.34 5.37 13.87
C LEU D 36 2.22 3.88 13.56
N LEU D 37 3.32 3.29 13.24
CA LEU D 37 3.33 1.86 12.84
C LEU D 37 3.26 0.92 14.07
N GLN D 38 4.13 1.12 15.02
CA GLN D 38 4.18 0.24 16.23
C GLN D 38 2.90 0.30 17.05
N THR D 39 2.35 1.47 17.19
CA THR D 39 1.15 1.65 18.06
C THR D 39 0.12 0.57 17.76
N GLU D 40 -0.21 0.35 16.53
CA GLU D 40 -1.22 -0.70 16.20
C GLU D 40 -0.53 -1.97 15.76
N LEU D 41 0.74 -1.90 15.45
CA LEU D 41 1.50 -3.12 15.01
C LEU D 41 2.80 -3.22 15.82
N SER D 42 2.73 -2.95 17.09
CA SER D 42 3.94 -3.01 17.95
C SER D 42 4.53 -4.42 17.94
N SER D 43 3.70 -5.40 18.17
CA SER D 43 4.20 -6.81 18.22
C SER D 43 4.29 -7.44 16.83
N PHE D 44 3.63 -6.91 15.82
CA PHE D 44 3.70 -7.60 14.49
C PHE D 44 4.99 -7.25 13.73
N LEU D 45 4.89 -6.29 12.83
CA LEU D 45 6.06 -5.89 11.98
C LEU D 45 7.33 -5.91 12.85
N ASP D 46 8.53 -6.00 12.33
CA ASP D 46 9.71 -5.95 13.27
C ASP D 46 10.19 -4.51 13.44
N VAL D 47 9.89 -3.87 14.54
CA VAL D 47 10.36 -2.46 14.75
C VAL D 47 10.75 -2.27 16.21
N GLN D 48 9.92 -2.69 17.13
CA GLN D 48 10.24 -2.53 18.57
C GLN D 48 11.10 -3.70 19.06
N LYS D 49 11.21 -4.75 18.29
CA LYS D 49 12.07 -5.90 18.67
C LYS D 49 13.45 -5.66 18.06
N ASP D 50 13.50 -4.80 17.09
CA ASP D 50 14.80 -4.46 16.45
C ASP D 50 14.78 -2.98 16.09
N ALA D 51 15.29 -2.13 16.95
CA ALA D 51 15.29 -0.68 16.62
C ALA D 51 16.04 -0.52 15.31
N ASP D 52 16.99 -1.39 15.10
CA ASP D 52 17.76 -1.38 13.83
C ASP D 52 16.78 -1.61 12.68
N ALA D 53 15.81 -2.46 12.88
CA ALA D 53 14.87 -2.73 11.76
C ALA D 53 14.20 -1.43 11.32
N VAL D 54 13.81 -0.58 12.22
CA VAL D 54 13.16 0.69 11.77
C VAL D 54 14.16 1.45 10.87
N ASP D 55 15.41 1.38 11.20
CA ASP D 55 16.43 2.11 10.39
C ASP D 55 16.47 1.57 8.95
N LYS D 56 16.37 0.27 8.79
CA LYS D 56 16.42 -0.34 7.41
C LYS D 56 15.18 0.07 6.60
N ILE D 57 14.04 0.09 7.22
CA ILE D 57 12.77 0.46 6.51
C ILE D 57 12.75 1.96 6.17
N MET D 58 12.95 2.80 7.14
CA MET D 58 12.93 4.26 6.90
C MET D 58 14.01 4.64 5.88
N LYS D 59 15.11 3.98 5.88
CA LYS D 59 16.18 4.33 4.91
C LYS D 59 15.62 4.18 3.49
N GLU D 60 15.02 3.07 3.20
CA GLU D 60 14.44 2.86 1.85
C GLU D 60 13.39 3.93 1.59
N LEU D 61 12.86 4.51 2.62
CA LEU D 61 11.84 5.59 2.43
C LEU D 61 12.52 6.94 2.31
N ASP D 62 13.67 7.09 2.91
CA ASP D 62 14.35 8.40 2.80
C ASP D 62 14.89 8.48 1.37
N GLU D 63 14.02 8.24 0.42
CA GLU D 63 14.46 8.27 -1.00
C GLU D 63 14.98 9.65 -1.33
N ASN D 64 14.34 10.66 -0.85
CA ASN D 64 14.83 12.03 -1.09
C ASN D 64 16.04 12.23 -0.18
N GLY D 65 16.13 11.42 0.85
CA GLY D 65 17.25 11.57 1.81
C GLY D 65 16.96 12.76 2.70
N ASP D 66 15.70 12.97 3.06
CA ASP D 66 15.35 14.17 3.90
C ASP D 66 15.25 13.80 5.39
N GLY D 67 15.37 12.54 5.71
CA GLY D 67 15.29 12.10 7.16
C GLY D 67 13.83 12.17 7.65
N GLU D 68 12.88 12.31 6.75
CA GLU D 68 11.44 12.37 7.14
C GLU D 68 10.68 11.39 6.25
N VAL D 69 9.40 11.17 6.48
CA VAL D 69 8.65 10.21 5.60
C VAL D 69 7.36 10.88 5.12
N ASP D 70 7.09 10.85 3.85
CA ASP D 70 5.86 11.49 3.32
C ASP D 70 4.77 10.42 3.18
N PHE D 71 3.54 10.83 3.14
CA PHE D 71 2.43 9.84 3.03
C PHE D 71 2.68 8.96 1.80
N GLN D 72 3.36 9.48 0.83
CA GLN D 72 3.68 8.67 -0.39
C GLN D 72 4.79 7.67 -0.04
N GLU D 73 5.57 7.99 0.96
CA GLU D 73 6.67 7.11 1.39
C GLU D 73 6.13 6.08 2.40
N PHE D 74 5.42 6.55 3.38
CA PHE D 74 4.86 5.63 4.42
C PHE D 74 3.88 4.63 3.81
N VAL D 75 3.00 5.08 2.97
CA VAL D 75 2.00 4.18 2.34
C VAL D 75 2.72 3.09 1.55
N VAL D 76 3.77 3.43 0.87
CA VAL D 76 4.51 2.39 0.12
C VAL D 76 5.02 1.32 1.10
N LEU D 77 5.48 1.74 2.26
CA LEU D 77 6.03 0.79 3.29
C LEU D 77 4.98 -0.22 3.82
N VAL D 78 3.84 0.22 4.26
CA VAL D 78 2.82 -0.75 4.78
C VAL D 78 2.45 -1.74 3.68
N ALA D 79 2.41 -1.26 2.48
CA ALA D 79 2.09 -2.14 1.32
C ALA D 79 3.20 -3.19 1.13
N ALA D 80 4.43 -2.78 1.32
CA ALA D 80 5.57 -3.70 1.10
C ALA D 80 5.75 -4.76 2.21
N LEU D 81 5.30 -4.53 3.42
CA LEU D 81 5.50 -5.59 4.47
C LEU D 81 4.31 -6.57 4.44
N THR D 82 3.10 -6.08 4.45
CA THR D 82 1.92 -6.99 4.38
C THR D 82 2.15 -8.05 3.28
N VAL D 83 2.58 -7.64 2.12
CA VAL D 83 2.86 -8.61 1.02
C VAL D 83 3.93 -9.62 1.45
N ALA D 84 4.97 -9.15 2.08
CA ALA D 84 6.06 -10.08 2.51
C ALA D 84 5.49 -11.11 3.48
N CYS D 85 4.43 -10.78 4.15
CA CYS D 85 3.82 -11.75 5.10
C CYS D 85 3.21 -12.91 4.32
N ASN D 86 2.68 -12.63 3.15
CA ASN D 86 2.11 -13.72 2.33
C ASN D 86 3.20 -14.74 2.03
N ASN D 87 4.40 -14.28 1.79
CA ASN D 87 5.52 -15.22 1.50
C ASN D 87 5.71 -16.15 2.70
N PHE D 88 5.60 -15.63 3.90
CA PHE D 88 5.77 -16.49 5.10
C PHE D 88 4.44 -17.22 5.40
N PHE D 89 3.42 -16.92 4.65
CA PHE D 89 2.09 -17.59 4.87
C PHE D 89 2.13 -18.98 4.24
N TRP D 90 3.20 -19.30 3.55
CA TRP D 90 3.31 -20.63 2.90
C TRP D 90 3.23 -21.73 3.94
N GLU D 91 3.85 -21.54 5.07
CA GLU D 91 3.79 -22.57 6.13
C GLU D 91 2.33 -22.76 6.53
N ASN D 92 1.92 -23.97 6.83
CA ASN D 92 0.50 -24.21 7.21
C ASN D 92 -0.40 -23.85 6.03
N SER D 93 0.06 -24.06 4.82
CA SER D 93 -0.76 -23.74 3.63
C SER D 93 -1.31 -22.31 3.75
N THR A 1 -11.18 16.40 -20.81
CA THR A 1 -10.15 16.80 -19.81
C THR A 1 -10.75 16.76 -18.41
N ARG A 2 -11.28 17.86 -17.94
CA ARG A 2 -11.87 17.88 -16.59
C ARG A 2 -13.01 16.86 -16.51
N THR A 3 -13.80 16.76 -17.54
CA THR A 3 -14.94 15.79 -17.51
C THR A 3 -14.40 14.37 -17.44
N LYS A 4 -13.35 14.06 -18.15
CA LYS A 4 -12.78 12.69 -18.11
C LYS A 4 -11.78 12.61 -16.96
N ILE A 5 -11.73 11.51 -16.28
CA ILE A 5 -10.78 11.36 -15.14
C ILE A 5 -9.53 10.64 -15.63
N ASP A 6 -8.39 11.24 -15.42
CA ASP A 6 -7.11 10.61 -15.87
C ASP A 6 -6.00 10.98 -14.88
N TRP A 7 -6.33 11.59 -13.78
CA TRP A 7 -5.27 11.96 -12.81
C TRP A 7 -4.51 10.67 -12.47
N ASN A 8 -5.22 9.58 -12.28
CA ASN A 8 -4.51 8.31 -12.00
C ASN A 8 -3.46 8.11 -13.09
N LYS A 9 -3.72 8.61 -14.28
CA LYS A 9 -2.69 8.48 -15.35
C LYS A 9 -1.40 9.05 -14.78
N ILE A 10 -1.55 9.93 -13.80
CA ILE A 10 -0.34 10.50 -13.10
C ILE A 10 0.49 9.30 -12.72
N LEU A 11 -0.21 8.26 -12.35
CA LEU A 11 0.46 6.99 -11.97
C LEU A 11 1.27 6.51 -13.18
N SER A 12 0.72 6.64 -14.36
CA SER A 12 1.45 6.20 -15.59
C SER A 12 2.88 6.74 -15.55
N THR B 1 21.30 -15.29 21.69
CA THR B 1 20.44 -16.43 21.25
C THR B 1 20.02 -16.21 19.79
N ARG B 2 19.10 -16.99 19.29
CA ARG B 2 18.67 -16.83 17.88
C ARG B 2 17.70 -15.64 17.77
N THR B 3 17.60 -15.05 16.60
CA THR B 3 16.68 -13.88 16.44
C THR B 3 15.23 -14.37 16.28
N LYS B 4 14.30 -13.72 16.91
CA LYS B 4 12.88 -14.14 16.83
C LYS B 4 12.20 -13.53 15.59
N ILE B 5 12.37 -12.25 15.36
CA ILE B 5 11.73 -11.58 14.18
C ILE B 5 12.80 -10.92 13.31
N ASP B 6 12.89 -11.33 12.06
CA ASP B 6 13.89 -10.71 11.13
C ASP B 6 13.32 -10.76 9.70
N TRP B 7 12.19 -11.36 9.54
CA TRP B 7 11.58 -11.44 8.19
C TRP B 7 11.35 -10.00 7.66
N ASN B 8 10.77 -9.16 8.45
CA ASN B 8 10.52 -7.77 7.99
C ASN B 8 11.83 -7.20 7.40
N LYS B 9 12.95 -7.60 7.92
CA LYS B 9 14.22 -7.10 7.34
C LYS B 9 14.23 -7.52 5.88
N ILE B 10 13.51 -8.57 5.56
CA ILE B 10 13.41 -9.03 4.13
C ILE B 10 13.13 -7.79 3.31
N LEU B 11 12.32 -6.94 3.86
CA LEU B 11 11.96 -5.69 3.17
C LEU B 11 13.19 -4.79 3.08
N SER B 12 13.98 -4.74 4.12
CA SER B 12 15.19 -3.88 4.08
C SER B 12 15.96 -4.14 2.78
N GLY C 1 -7.26 -5.56 14.97
CA GLY C 1 -8.33 -4.66 15.59
C GLY C 1 -8.21 -3.18 15.42
N SER C 2 -7.02 -2.68 15.28
CA SER C 2 -6.85 -1.22 15.10
C SER C 2 -7.13 -0.86 13.64
N GLU C 3 -7.26 0.39 13.33
CA GLU C 3 -7.60 0.77 11.91
C GLU C 3 -6.53 0.27 10.94
N LEU C 4 -5.27 0.52 11.19
CA LEU C 4 -4.23 0.04 10.23
C LEU C 4 -4.31 -1.49 10.09
N GLU C 5 -4.44 -2.18 11.19
CA GLU C 5 -4.50 -3.67 11.10
C GLU C 5 -5.72 -4.09 10.28
N THR C 6 -6.79 -3.37 10.39
CA THR C 6 -8.02 -3.73 9.64
C THR C 6 -7.75 -3.71 8.14
N ALA C 7 -7.05 -2.71 7.67
CA ALA C 7 -6.76 -2.59 6.22
C ALA C 7 -5.75 -3.64 5.74
N MET C 8 -4.87 -4.09 6.57
CA MET C 8 -3.88 -5.08 6.10
C MET C 8 -4.57 -6.40 5.78
N GLU C 9 -5.35 -6.88 6.69
CA GLU C 9 -6.01 -8.19 6.52
C GLU C 9 -7.10 -8.11 5.44
N THR C 10 -7.81 -7.02 5.35
CA THR C 10 -8.88 -6.98 4.31
C THR C 10 -8.24 -7.16 2.93
N LEU C 11 -7.27 -6.35 2.56
CA LEU C 11 -6.63 -6.52 1.22
C LEU C 11 -6.29 -8.01 1.04
N ILE C 12 -5.93 -8.68 2.08
CA ILE C 12 -5.61 -10.13 1.97
C ILE C 12 -6.93 -10.90 1.77
N ASN C 13 -8.03 -10.35 2.17
CA ASN C 13 -9.36 -11.01 1.99
C ASN C 13 -9.89 -10.86 0.54
N VAL C 14 -9.95 -9.65 0.04
CA VAL C 14 -10.50 -9.42 -1.33
C VAL C 14 -9.51 -9.91 -2.40
N PHE C 15 -8.24 -9.66 -2.25
CA PHE C 15 -7.28 -10.14 -3.28
C PHE C 15 -7.39 -11.67 -3.36
N HIS C 16 -7.48 -12.32 -2.25
CA HIS C 16 -7.62 -13.80 -2.28
C HIS C 16 -8.91 -14.19 -3.01
N ALA C 17 -9.97 -13.44 -2.80
CA ALA C 17 -11.27 -13.77 -3.44
C ALA C 17 -11.22 -13.78 -4.98
N HIS C 18 -10.78 -12.72 -5.59
CA HIS C 18 -10.75 -12.71 -7.09
C HIS C 18 -9.55 -13.48 -7.64
N SER C 19 -8.41 -13.26 -7.05
CA SER C 19 -7.15 -13.91 -7.51
C SER C 19 -7.22 -15.44 -7.51
N GLY C 20 -7.97 -16.06 -6.63
CA GLY C 20 -8.02 -17.57 -6.62
C GLY C 20 -9.30 -18.05 -7.30
N LYS C 21 -10.02 -17.18 -7.94
CA LYS C 21 -11.27 -17.58 -8.63
C LYS C 21 -11.20 -17.12 -10.09
N GLU C 22 -11.34 -15.85 -10.33
CA GLU C 22 -11.29 -15.37 -11.74
C GLU C 22 -9.86 -15.51 -12.31
N GLY C 23 -9.19 -16.61 -12.04
CA GLY C 23 -7.81 -16.78 -12.58
C GLY C 23 -7.15 -18.04 -12.03
N ASP C 24 -5.89 -17.96 -11.74
CA ASP C 24 -5.17 -19.14 -11.16
C ASP C 24 -5.29 -19.09 -9.64
N LYS C 25 -4.90 -20.12 -8.97
CA LYS C 25 -5.07 -20.13 -7.50
C LYS C 25 -4.32 -18.97 -6.82
N TYR C 26 -3.05 -18.74 -7.12
CA TYR C 26 -2.31 -17.63 -6.40
C TYR C 26 -1.66 -16.63 -7.37
N LYS C 27 -2.21 -16.42 -8.54
CA LYS C 27 -1.62 -15.41 -9.49
C LYS C 27 -2.74 -14.56 -10.06
N LEU C 28 -2.46 -13.29 -10.20
CA LEU C 28 -3.47 -12.34 -10.73
C LEU C 28 -3.29 -12.26 -12.25
N SER C 29 -4.33 -11.89 -12.95
CA SER C 29 -4.26 -11.77 -14.44
C SER C 29 -4.79 -10.42 -14.88
N LYS C 30 -4.46 -9.97 -16.06
CA LYS C 30 -4.95 -8.63 -16.53
C LYS C 30 -6.45 -8.43 -16.18
N LYS C 31 -7.28 -9.40 -16.37
CA LYS C 31 -8.73 -9.16 -16.07
C LYS C 31 -8.99 -9.19 -14.57
N GLU C 32 -8.18 -9.87 -13.81
CA GLU C 32 -8.43 -9.92 -12.33
C GLU C 32 -8.07 -8.59 -11.67
N LEU C 33 -6.96 -8.00 -12.03
CA LEU C 33 -6.60 -6.68 -11.41
C LEU C 33 -7.70 -5.69 -11.74
N LYS C 34 -8.15 -5.74 -12.97
CA LYS C 34 -9.21 -4.80 -13.45
C LYS C 34 -10.51 -4.96 -12.63
N ASP C 35 -10.87 -6.17 -12.33
CA ASP C 35 -12.13 -6.45 -11.57
C ASP C 35 -12.14 -5.87 -10.14
N LEU C 36 -11.11 -5.99 -9.36
CA LEU C 36 -11.21 -5.43 -7.97
C LEU C 36 -11.19 -3.89 -7.98
N LEU C 37 -10.38 -3.31 -8.81
CA LEU C 37 -10.27 -1.82 -8.84
C LEU C 37 -11.55 -1.15 -9.37
N GLN C 38 -12.08 -1.64 -10.47
CA GLN C 38 -13.29 -1.02 -11.08
C GLN C 38 -14.55 -1.26 -10.24
N THR C 39 -14.66 -2.45 -9.74
CA THR C 39 -15.89 -2.84 -9.00
C THR C 39 -16.11 -1.93 -7.79
N GLU C 40 -15.09 -1.66 -7.03
CA GLU C 40 -15.29 -0.82 -5.80
C GLU C 40 -14.89 0.64 -6.03
N LEU C 41 -14.13 0.93 -7.07
CA LEU C 41 -13.70 2.35 -7.31
C LEU C 41 -13.87 2.73 -8.79
N SER C 42 -15.03 2.51 -9.36
CA SER C 42 -15.24 2.87 -10.80
C SER C 42 -15.05 4.38 -10.99
N SER C 43 -15.63 5.17 -10.13
CA SER C 43 -15.53 6.65 -10.27
C SER C 43 -14.09 7.14 -10.07
N PHE C 44 -13.37 6.58 -9.13
CA PHE C 44 -11.98 7.07 -8.87
C PHE C 44 -10.94 6.28 -9.70
N LEU C 45 -10.20 5.37 -9.08
CA LEU C 45 -9.17 4.50 -9.81
C LEU C 45 -9.30 4.68 -11.33
N ASP C 46 -8.33 4.78 -12.20
CA ASP C 46 -8.72 4.86 -13.67
C ASP C 46 -8.83 3.45 -14.27
N VAL C 47 -9.96 3.10 -14.85
CA VAL C 47 -10.08 1.73 -15.47
C VAL C 47 -11.08 1.75 -16.63
N GLN C 48 -12.32 1.40 -16.37
CA GLN C 48 -13.34 1.33 -17.45
C GLN C 48 -13.54 2.68 -18.14
N LYS C 49 -13.55 3.76 -17.41
CA LYS C 49 -13.75 5.09 -18.06
C LYS C 49 -12.58 5.31 -19.00
N ASP C 50 -11.53 4.57 -18.81
CA ASP C 50 -10.34 4.69 -19.68
C ASP C 50 -9.67 3.32 -19.78
N ALA C 51 -10.05 2.54 -20.77
CA ALA C 51 -9.45 1.20 -20.92
C ALA C 51 -7.94 1.36 -21.12
N ASP C 52 -7.56 2.39 -21.80
CA ASP C 52 -6.11 2.67 -22.00
C ASP C 52 -5.46 2.76 -20.62
N ALA C 53 -6.14 3.33 -19.69
CA ALA C 53 -5.53 3.51 -18.35
C ALA C 53 -5.19 2.16 -17.70
N VAL C 54 -6.02 1.18 -17.81
CA VAL C 54 -5.66 -0.12 -17.16
C VAL C 54 -4.34 -0.60 -17.75
N ASP C 55 -4.11 -0.31 -18.99
CA ASP C 55 -2.85 -0.76 -19.64
C ASP C 55 -1.65 0.00 -19.06
N LYS C 56 -1.79 1.27 -18.80
CA LYS C 56 -0.63 2.07 -18.27
C LYS C 56 -0.30 1.65 -16.83
N ILE C 57 -1.30 1.39 -16.03
CA ILE C 57 -1.07 0.97 -14.61
C ILE C 57 -0.45 -0.44 -14.58
N MET C 58 -1.10 -1.39 -15.20
CA MET C 58 -0.58 -2.78 -15.22
C MET C 58 0.80 -2.81 -15.87
N LYS C 59 1.01 -2.03 -16.87
CA LYS C 59 2.34 -2.02 -17.53
C LYS C 59 3.37 -1.64 -16.47
N GLU C 60 3.06 -0.63 -15.69
CA GLU C 60 3.98 -0.22 -14.61
C GLU C 60 4.13 -1.40 -13.64
N LEU C 61 3.15 -2.25 -13.58
CA LEU C 61 3.24 -3.43 -12.67
C LEU C 61 3.87 -4.61 -13.41
N ASP C 62 3.71 -4.66 -14.70
CA ASP C 62 4.30 -5.79 -15.44
C ASP C 62 5.79 -5.58 -15.46
N GLU C 63 6.35 -5.32 -14.32
CA GLU C 63 7.81 -5.05 -14.24
C GLU C 63 8.55 -6.28 -14.74
N ASN C 64 8.10 -7.44 -14.36
CA ASN C 64 8.77 -8.66 -14.86
C ASN C 64 8.35 -8.83 -16.31
N GLY C 65 7.25 -8.22 -16.69
CA GLY C 65 6.77 -8.36 -18.08
C GLY C 65 6.08 -9.71 -18.19
N ASP C 66 5.33 -10.11 -17.18
CA ASP C 66 4.70 -11.48 -17.22
C ASP C 66 3.23 -11.43 -17.70
N GLY C 67 2.67 -10.26 -17.88
CA GLY C 67 1.24 -10.18 -18.34
C GLY C 67 0.29 -10.52 -17.18
N GLU C 68 0.81 -10.68 -15.99
CA GLU C 68 -0.02 -11.01 -14.80
C GLU C 68 0.39 -10.05 -13.69
N VAL C 69 -0.24 -10.06 -12.54
CA VAL C 69 0.18 -9.12 -11.44
C VAL C 69 0.37 -9.92 -10.16
N ASP C 70 1.48 -9.73 -9.50
CA ASP C 70 1.74 -10.47 -8.24
C ASP C 70 1.28 -9.60 -7.06
N PHE C 71 1.22 -10.18 -5.90
CA PHE C 71 0.75 -9.43 -4.71
C PHE C 71 1.68 -8.24 -4.47
N GLN C 72 2.96 -8.41 -4.68
CA GLN C 72 3.92 -7.27 -4.50
C GLN C 72 3.70 -6.23 -5.58
N GLU C 73 3.14 -6.65 -6.68
CA GLU C 73 2.88 -5.74 -7.82
C GLU C 73 1.53 -5.03 -7.63
N PHE C 74 0.52 -5.80 -7.38
CA PHE C 74 -0.84 -5.22 -7.21
C PHE C 74 -0.91 -4.28 -5.99
N VAL C 75 -0.37 -4.71 -4.88
CA VAL C 75 -0.39 -3.88 -3.63
C VAL C 75 0.34 -2.56 -3.85
N VAL C 76 1.41 -2.57 -4.57
CA VAL C 76 2.12 -1.29 -4.82
C VAL C 76 1.15 -0.29 -5.49
N LEU C 77 0.35 -0.76 -6.41
CA LEU C 77 -0.61 0.16 -7.12
C LEU C 77 -1.61 0.85 -6.16
N VAL C 78 -2.28 0.13 -5.32
CA VAL C 78 -3.26 0.79 -4.38
C VAL C 78 -2.51 1.75 -3.45
N ALA C 79 -1.28 1.44 -3.17
CA ALA C 79 -0.46 2.32 -2.29
C ALA C 79 -0.10 3.63 -3.02
N ALA C 80 0.12 3.55 -4.30
CA ALA C 80 0.54 4.75 -5.07
C ALA C 80 -0.64 5.62 -5.58
N LEU C 81 -1.85 5.10 -5.68
CA LEU C 81 -2.96 6.01 -6.18
C LEU C 81 -3.47 6.85 -4.99
N THR C 82 -3.42 6.31 -3.80
CA THR C 82 -3.87 7.06 -2.58
C THR C 82 -2.87 8.16 -2.22
N VAL C 83 -1.60 7.89 -2.27
CA VAL C 83 -0.60 8.95 -1.97
C VAL C 83 -0.78 10.12 -2.94
N ALA C 84 -0.94 9.80 -4.19
CA ALA C 84 -1.12 10.85 -5.23
C ALA C 84 -2.46 11.56 -4.99
N CYS C 85 -3.41 10.87 -4.46
CA CYS C 85 -4.73 11.50 -4.18
C CYS C 85 -4.54 12.60 -3.13
N ASN C 86 -3.73 12.34 -2.15
CA ASN C 86 -3.49 13.37 -1.08
C ASN C 86 -2.89 14.62 -1.73
N ASN C 87 -2.12 14.46 -2.75
CA ASN C 87 -1.50 15.64 -3.41
C ASN C 87 -2.60 16.57 -3.91
N PHE C 88 -3.67 16.04 -4.45
CA PHE C 88 -4.77 16.92 -4.94
C PHE C 88 -5.70 17.28 -3.77
N PHE C 89 -5.51 16.69 -2.63
CA PHE C 89 -6.39 17.02 -1.45
C PHE C 89 -6.03 18.41 -0.94
N TRP C 90 -4.76 18.75 -1.00
CA TRP C 90 -4.32 20.07 -0.49
C TRP C 90 -4.45 21.15 -1.57
N GLU C 91 -4.86 20.80 -2.75
CA GLU C 91 -4.97 21.82 -3.83
C GLU C 91 -5.98 22.90 -3.39
N ASN C 92 -7.06 22.51 -2.76
CA ASN C 92 -8.07 23.53 -2.31
C ASN C 92 -7.83 23.89 -0.84
N SER C 93 -6.84 23.30 -0.22
CA SER C 93 -6.57 23.62 1.20
C SER C 93 -7.85 23.46 2.02
N GLY D 1 -17.34 2.51 0.98
CA GLY D 1 -18.16 1.37 1.57
C GLY D 1 -17.71 -0.04 1.37
N SER D 2 -17.04 -0.31 0.28
CA SER D 2 -16.56 -1.70 0.04
C SER D 2 -15.29 -1.93 0.86
N GLU D 3 -14.83 -3.14 0.96
CA GLU D 3 -13.63 -3.42 1.80
C GLU D 3 -12.41 -2.62 1.29
N LEU D 4 -12.09 -2.67 0.02
CA LEU D 4 -10.90 -1.91 -0.45
C LEU D 4 -11.08 -0.42 -0.14
N GLU D 5 -12.23 0.12 -0.40
CA GLU D 5 -12.44 1.57 -0.13
C GLU D 5 -12.26 1.86 1.35
N THR D 6 -12.66 0.95 2.18
CA THR D 6 -12.53 1.15 3.66
C THR D 6 -11.06 1.37 4.03
N ALA D 7 -10.19 0.56 3.49
CA ALA D 7 -8.73 0.65 3.80
C ALA D 7 -8.08 1.92 3.21
N MET D 8 -8.59 2.43 2.13
CA MET D 8 -7.94 3.63 1.55
C MET D 8 -8.14 4.82 2.46
N GLU D 9 -9.36 5.05 2.84
CA GLU D 9 -9.68 6.22 3.67
C GLU D 9 -9.12 6.08 5.08
N THR D 10 -9.13 4.90 5.64
CA THR D 10 -8.61 4.76 7.02
C THR D 10 -7.14 5.21 7.04
N LEU D 11 -6.29 4.64 6.23
CA LEU D 11 -4.86 5.07 6.22
C LEU D 11 -4.81 6.60 6.16
N ILE D 12 -5.74 7.21 5.50
CA ILE D 12 -5.76 8.70 5.42
C ILE D 12 -6.22 9.25 6.80
N ASN D 13 -6.93 8.46 7.55
CA ASN D 13 -7.41 8.88 8.91
C ASN D 13 -6.28 8.81 9.97
N VAL D 14 -5.65 7.68 10.09
CA VAL D 14 -4.58 7.51 11.11
C VAL D 14 -3.31 8.29 10.73
N PHE D 15 -2.90 8.24 9.49
CA PHE D 15 -1.67 9.00 9.11
C PHE D 15 -1.92 10.47 9.42
N HIS D 16 -3.07 10.98 9.12
CA HIS D 16 -3.35 12.41 9.43
C HIS D 16 -3.27 12.63 10.95
N ALA D 17 -3.75 11.69 11.72
CA ALA D 17 -3.74 11.85 13.21
C ALA D 17 -2.33 12.03 13.79
N HIS D 18 -1.41 11.14 13.53
CA HIS D 18 -0.03 11.30 14.13
C HIS D 18 0.79 12.34 13.36
N SER D 19 0.75 12.26 12.07
CA SER D 19 1.54 13.17 11.19
C SER D 19 1.25 14.66 11.43
N GLY D 20 0.05 15.03 11.83
CA GLY D 20 -0.25 16.48 12.03
C GLY D 20 -0.22 16.82 13.52
N LYS D 21 0.23 15.90 14.34
CA LYS D 21 0.29 16.14 15.81
C LYS D 21 1.71 15.87 16.29
N GLU D 22 2.11 14.63 16.37
CA GLU D 22 3.48 14.32 16.85
C GLU D 22 4.53 14.77 15.82
N GLY D 23 4.36 15.94 15.23
CA GLY D 23 5.36 16.41 14.23
C GLY D 23 4.90 17.71 13.56
N ASP D 24 5.14 17.82 12.28
CA ASP D 24 4.71 19.04 11.53
C ASP D 24 3.30 18.80 11.01
N LYS D 25 2.66 19.81 10.49
CA LYS D 25 1.26 19.62 10.04
C LYS D 25 1.15 18.54 8.95
N TYR D 26 1.95 18.58 7.90
CA TYR D 26 1.78 17.55 6.80
C TYR D 26 3.09 16.78 6.50
N LYS D 27 3.97 16.62 7.46
CA LYS D 27 5.24 15.84 7.19
C LYS D 27 5.47 14.87 8.33
N LEU D 28 5.92 13.70 8.00
CA LEU D 28 6.16 12.64 9.02
C LEU D 28 7.61 12.76 9.49
N SER D 29 7.91 12.29 10.67
CA SER D 29 9.31 12.37 11.21
C SER D 29 9.73 10.99 11.70
N LYS D 30 11.00 10.75 11.86
CA LYS D 30 11.45 9.40 12.33
C LYS D 30 10.61 8.89 13.51
N LYS D 31 10.27 9.72 14.46
CA LYS D 31 9.48 9.19 15.61
C LYS D 31 8.01 9.02 15.22
N GLU D 32 7.52 9.74 14.26
CA GLU D 32 6.08 9.57 13.88
C GLU D 32 5.85 8.26 13.12
N LEU D 33 6.72 7.92 12.19
CA LEU D 33 6.54 6.63 11.46
C LEU D 33 6.57 5.50 12.48
N LYS D 34 7.49 5.61 13.39
CA LYS D 34 7.67 4.55 14.44
C LYS D 34 6.40 4.39 15.29
N ASP D 35 5.77 5.47 15.62
CA ASP D 35 4.54 5.43 16.49
C ASP D 35 3.36 4.71 15.84
N LEU D 36 3.04 4.92 14.59
CA LEU D 36 1.84 4.21 14.04
C LEU D 36 2.12 2.71 13.86
N LEU D 37 3.28 2.38 13.40
CA LEU D 37 3.62 0.94 13.14
C LEU D 37 3.72 0.11 14.43
N GLN D 38 4.41 0.62 15.41
CA GLN D 38 4.59 -0.14 16.68
C GLN D 38 3.31 -0.22 17.50
N THR D 39 2.60 0.87 17.54
CA THR D 39 1.38 0.94 18.39
C THR D 39 0.36 -0.11 17.98
N GLU D 40 0.12 -0.27 16.71
CA GLU D 40 -0.93 -1.27 16.28
C GLU D 40 -0.31 -2.60 15.84
N LEU D 41 0.98 -2.64 15.55
CA LEU D 41 1.62 -3.93 15.10
C LEU D 41 2.96 -4.16 15.82
N SER D 42 2.97 -4.09 17.12
CA SER D 42 4.25 -4.32 17.87
C SER D 42 4.77 -5.73 17.60
N SER D 43 3.90 -6.70 17.68
CA SER D 43 4.32 -8.12 17.47
C SER D 43 4.79 -8.36 16.03
N PHE D 44 4.12 -7.79 15.06
CA PHE D 44 4.52 -8.05 13.63
C PHE D 44 5.52 -7.01 13.09
N LEU D 45 5.07 -5.92 12.46
CA LEU D 45 6.03 -4.95 11.81
C LEU D 45 7.35 -4.94 12.59
N ASP D 46 8.55 -4.77 12.06
CA ASP D 46 9.73 -4.77 12.97
C ASP D 46 10.01 -3.35 13.48
N VAL D 47 10.03 -3.14 14.78
CA VAL D 47 10.30 -1.77 15.30
C VAL D 47 10.96 -1.83 16.68
N GLN D 48 10.18 -1.75 17.72
CA GLN D 48 10.74 -1.75 19.10
C GLN D 48 11.52 -3.02 19.42
N LYS D 49 11.04 -4.15 18.98
CA LYS D 49 11.78 -5.42 19.28
C LYS D 49 13.13 -5.32 18.57
N ASP D 50 13.23 -4.43 17.64
CA ASP D 50 14.51 -4.24 16.92
C ASP D 50 14.63 -2.77 16.52
N ALA D 51 15.24 -1.98 17.37
CA ALA D 51 15.39 -0.53 17.05
C ALA D 51 16.18 -0.39 15.75
N ASP D 52 17.13 -1.27 15.56
CA ASP D 52 17.91 -1.25 14.30
C ASP D 52 16.94 -1.37 13.13
N ALA D 53 15.93 -2.17 13.29
CA ALA D 53 14.99 -2.39 12.17
C ALA D 53 14.32 -1.07 11.75
N VAL D 54 13.90 -0.24 12.67
CA VAL D 54 13.23 1.03 12.23
C VAL D 54 14.20 1.80 11.33
N ASP D 55 15.47 1.68 11.61
CA ASP D 55 16.46 2.43 10.79
C ASP D 55 16.54 1.84 9.38
N LYS D 56 16.48 0.54 9.25
CA LYS D 56 16.59 -0.10 7.90
C LYS D 56 15.35 0.23 7.05
N ILE D 57 14.19 0.21 7.65
CA ILE D 57 12.93 0.50 6.91
C ILE D 57 12.90 1.98 6.49
N MET D 58 13.04 2.86 7.44
CA MET D 58 13.02 4.32 7.15
C MET D 58 14.15 4.67 6.17
N LYS D 59 15.27 4.04 6.32
CA LYS D 59 16.38 4.36 5.38
C LYS D 59 15.89 4.05 3.97
N GLU D 60 15.24 2.94 3.81
CA GLU D 60 14.70 2.57 2.47
C GLU D 60 13.66 3.62 2.08
N LEU D 61 13.10 4.30 3.04
CA LEU D 61 12.10 5.35 2.72
C LEU D 61 12.80 6.70 2.61
N ASP D 62 13.90 6.87 3.29
CA ASP D 62 14.61 8.15 3.21
C ASP D 62 15.26 8.22 1.83
N GLU D 63 14.48 7.93 0.82
CA GLU D 63 15.03 7.93 -0.55
C GLU D 63 15.56 9.32 -0.87
N ASN D 64 14.84 10.32 -0.49
CA ASN D 64 15.34 11.70 -0.74
C ASN D 64 16.45 11.95 0.26
N GLY D 65 16.47 11.20 1.33
CA GLY D 65 17.51 11.41 2.37
C GLY D 65 17.12 12.62 3.19
N ASP D 66 15.83 12.77 3.49
CA ASP D 66 15.38 13.98 4.25
C ASP D 66 15.25 13.73 5.77
N GLY D 67 15.39 12.50 6.21
CA GLY D 67 15.27 12.21 7.68
C GLY D 67 13.79 12.25 8.10
N GLU D 68 12.88 12.38 7.14
CA GLU D 68 11.42 12.41 7.45
C GLU D 68 10.75 11.42 6.50
N VAL D 69 9.46 11.19 6.60
CA VAL D 69 8.80 10.23 5.65
C VAL D 69 7.58 10.90 5.04
N ASP D 70 7.45 10.85 3.74
CA ASP D 70 6.29 11.47 3.06
C ASP D 70 5.20 10.42 2.89
N PHE D 71 4.01 10.85 2.54
CA PHE D 71 2.89 9.89 2.37
C PHE D 71 3.25 8.86 1.28
N GLN D 72 3.92 9.28 0.25
CA GLN D 72 4.31 8.33 -0.83
C GLN D 72 5.39 7.38 -0.29
N GLU D 73 6.10 7.82 0.70
CA GLU D 73 7.17 7.00 1.30
C GLU D 73 6.59 6.05 2.35
N PHE D 74 5.84 6.60 3.27
CA PHE D 74 5.25 5.77 4.35
C PHE D 74 4.28 4.70 3.79
N VAL D 75 3.42 5.09 2.89
CA VAL D 75 2.43 4.15 2.29
C VAL D 75 3.15 2.99 1.58
N VAL D 76 4.22 3.29 0.91
CA VAL D 76 4.95 2.20 0.22
C VAL D 76 5.35 1.12 1.24
N LEU D 77 5.77 1.53 2.42
CA LEU D 77 6.21 0.55 3.48
C LEU D 77 5.08 -0.43 3.88
N VAL D 78 3.92 0.07 4.22
CA VAL D 78 2.80 -0.85 4.64
C VAL D 78 2.42 -1.76 3.47
N ALA D 79 2.60 -1.27 2.29
CA ALA D 79 2.28 -2.08 1.07
C ALA D 79 3.30 -3.21 0.91
N ALA D 80 4.53 -2.96 1.25
CA ALA D 80 5.61 -3.96 1.05
C ALA D 80 5.75 -4.97 2.22
N LEU D 81 5.28 -4.68 3.41
CA LEU D 81 5.44 -5.71 4.51
C LEU D 81 4.32 -6.75 4.36
N THR D 82 3.17 -6.34 3.89
CA THR D 82 2.02 -7.28 3.70
C THR D 82 2.27 -8.24 2.53
N VAL D 83 2.79 -7.73 1.45
CA VAL D 83 3.08 -8.62 0.28
C VAL D 83 4.09 -9.69 0.71
N ALA D 84 5.10 -9.27 1.41
CA ALA D 84 6.15 -10.22 1.87
C ALA D 84 5.55 -11.18 2.90
N CYS D 85 4.57 -10.72 3.63
CA CYS D 85 3.92 -11.60 4.62
C CYS D 85 3.22 -12.76 3.90
N ASN D 86 2.61 -12.49 2.78
CA ASN D 86 1.92 -13.56 2.01
C ASN D 86 2.95 -14.60 1.58
N ASN D 87 4.16 -14.19 1.33
CA ASN D 87 5.20 -15.16 0.90
C ASN D 87 5.38 -16.21 1.99
N PHE D 88 5.36 -15.81 3.24
CA PHE D 88 5.52 -16.83 4.34
C PHE D 88 4.16 -17.47 4.65
N PHE D 89 3.10 -17.00 4.07
CA PHE D 89 1.76 -17.60 4.33
C PHE D 89 1.67 -18.96 3.64
N TRP D 90 2.27 -19.06 2.48
CA TRP D 90 2.23 -20.32 1.70
C TRP D 90 3.34 -21.28 2.14
N GLU D 91 4.19 -20.88 3.05
CA GLU D 91 5.29 -21.78 3.49
C GLU D 91 4.69 -23.06 4.08
N ASN D 92 3.62 -22.95 4.84
CA ASN D 92 3.00 -24.17 5.45
C ASN D 92 1.83 -24.64 4.57
N SER D 93 1.57 -23.96 3.49
CA SER D 93 0.43 -24.38 2.61
C SER D 93 -0.83 -24.53 3.46
N THR A 1 -19.13 16.66 -14.22
CA THR A 1 -17.99 16.26 -15.10
C THR A 1 -18.36 15.00 -15.88
N ARG A 2 -17.94 14.91 -17.10
CA ARG A 2 -18.24 13.70 -17.91
C ARG A 2 -17.39 12.56 -17.37
N THR A 3 -17.82 11.33 -17.50
CA THR A 3 -17.00 10.21 -16.96
C THR A 3 -15.65 10.17 -17.67
N LYS A 4 -14.76 11.09 -17.37
CA LYS A 4 -13.43 11.12 -18.03
C LYS A 4 -12.41 11.66 -17.04
N ILE A 5 -11.45 10.86 -16.65
CA ILE A 5 -10.40 11.32 -15.69
C ILE A 5 -9.05 10.69 -16.07
N ASP A 6 -8.01 11.49 -16.21
CA ASP A 6 -6.66 10.92 -16.59
C ASP A 6 -5.72 11.02 -15.40
N TRP A 7 -6.27 11.20 -14.23
CA TRP A 7 -5.41 11.33 -13.02
C TRP A 7 -4.56 10.05 -12.83
N ASN A 8 -5.15 8.89 -12.92
CA ASN A 8 -4.32 7.66 -12.75
C ASN A 8 -3.09 7.74 -13.65
N LYS A 9 -3.23 8.35 -14.81
CA LYS A 9 -2.05 8.48 -15.71
C LYS A 9 -0.99 9.26 -14.94
N ILE A 10 -1.40 10.07 -13.99
CA ILE A 10 -0.41 10.84 -13.19
C ILE A 10 0.63 9.85 -12.69
N LEU A 11 0.19 8.71 -12.24
CA LEU A 11 1.17 7.69 -11.76
C LEU A 11 1.91 7.11 -12.96
N SER A 12 1.21 6.85 -14.03
CA SER A 12 1.87 6.29 -15.25
C SER A 12 2.47 4.92 -14.92
N THR B 1 19.77 -9.64 22.06
CA THR B 1 19.28 -10.75 22.94
C THR B 1 18.46 -11.73 22.11
N ARG B 2 18.13 -12.86 22.66
CA ARG B 2 17.33 -13.87 21.89
C ARG B 2 15.87 -13.44 21.81
N THR B 3 15.08 -14.19 21.08
CA THR B 3 13.62 -13.89 20.93
C THR B 3 13.42 -12.58 20.17
N LYS B 4 13.74 -12.57 18.91
CA LYS B 4 13.57 -11.34 18.08
C LYS B 4 13.18 -11.74 16.66
N ILE B 5 12.54 -10.86 15.93
CA ILE B 5 12.12 -11.17 14.53
C ILE B 5 12.91 -10.30 13.56
N ASP B 6 13.58 -10.91 12.61
CA ASP B 6 14.40 -10.13 11.62
C ASP B 6 13.70 -10.17 10.26
N TRP B 7 12.44 -10.53 10.25
CA TRP B 7 11.69 -10.61 8.98
C TRP B 7 11.67 -9.24 8.27
N ASN B 8 11.33 -8.20 8.94
CA ASN B 8 11.30 -6.88 8.25
C ASN B 8 12.66 -6.66 7.56
N LYS B 9 13.71 -7.18 8.11
CA LYS B 9 15.04 -7.03 7.44
C LYS B 9 14.90 -7.68 6.07
N ILE B 10 13.96 -8.59 5.94
CA ILE B 10 13.73 -9.24 4.62
C ILE B 10 13.51 -8.13 3.61
N LEU B 11 12.84 -7.09 4.04
CA LEU B 11 12.61 -5.94 3.12
C LEU B 11 13.98 -5.40 2.70
N SER B 12 14.83 -5.16 3.67
CA SER B 12 16.19 -4.64 3.36
C SER B 12 17.11 -5.80 3.00
N GLY C 1 -6.71 3.22 18.31
CA GLY C 1 -7.38 1.99 17.68
C GLY C 1 -6.64 1.18 16.67
N SER C 2 -7.15 0.01 16.36
CA SER C 2 -6.47 -0.88 15.36
C SER C 2 -6.93 -0.52 13.94
N GLU C 3 -7.16 0.74 13.67
CA GLU C 3 -7.63 1.14 12.31
C GLU C 3 -6.60 0.73 11.24
N LEU C 4 -5.35 0.93 11.48
CA LEU C 4 -4.33 0.56 10.45
C LEU C 4 -4.39 -0.96 10.18
N GLU C 5 -4.51 -1.75 11.21
CA GLU C 5 -4.58 -3.24 11.02
C GLU C 5 -5.80 -3.58 10.17
N THR C 6 -6.87 -2.88 10.39
CA THR C 6 -8.12 -3.12 9.63
C THR C 6 -7.82 -3.19 8.12
N ALA C 7 -7.04 -2.25 7.67
CA ALA C 7 -6.70 -2.13 6.23
C ALA C 7 -5.74 -3.22 5.70
N MET C 8 -4.90 -3.78 6.52
CA MET C 8 -3.94 -4.79 5.99
C MET C 8 -4.66 -6.08 5.61
N GLU C 9 -5.41 -6.60 6.51
CA GLU C 9 -6.13 -7.86 6.26
C GLU C 9 -7.17 -7.67 5.16
N THR C 10 -7.71 -6.50 5.01
CA THR C 10 -8.73 -6.27 3.97
C THR C 10 -8.12 -6.50 2.56
N LEU C 11 -7.10 -5.80 2.19
CA LEU C 11 -6.51 -6.01 0.83
C LEU C 11 -6.19 -7.49 0.62
N ILE C 12 -5.70 -8.15 1.61
CA ILE C 12 -5.35 -9.59 1.48
C ILE C 12 -6.60 -10.47 1.20
N ASN C 13 -7.72 -10.21 1.83
CA ASN C 13 -8.92 -11.09 1.59
C ASN C 13 -9.64 -10.76 0.27
N VAL C 14 -9.86 -9.50 -0.02
CA VAL C 14 -10.58 -9.13 -1.26
C VAL C 14 -9.80 -9.65 -2.47
N PHE C 15 -8.52 -9.54 -2.40
CA PHE C 15 -7.64 -9.99 -3.51
C PHE C 15 -7.79 -11.52 -3.71
N HIS C 16 -7.88 -12.29 -2.66
CA HIS C 16 -8.03 -13.78 -2.86
C HIS C 16 -9.43 -14.08 -3.42
N ALA C 17 -10.38 -13.24 -3.14
CA ALA C 17 -11.79 -13.46 -3.62
C ALA C 17 -11.87 -13.60 -5.15
N HIS C 18 -11.37 -12.63 -5.86
CA HIS C 18 -11.45 -12.68 -7.37
C HIS C 18 -10.25 -13.44 -7.96
N SER C 19 -9.10 -13.25 -7.40
CA SER C 19 -7.87 -13.93 -7.92
C SER C 19 -8.03 -15.45 -8.01
N GLY C 20 -8.85 -16.06 -7.19
CA GLY C 20 -8.99 -17.56 -7.21
C GLY C 20 -10.38 -18.01 -7.69
N LYS C 21 -11.20 -17.13 -8.22
CA LYS C 21 -12.56 -17.55 -8.71
C LYS C 21 -12.62 -17.37 -10.23
N GLU C 22 -12.70 -16.15 -10.68
CA GLU C 22 -12.75 -15.92 -12.15
C GLU C 22 -11.31 -15.82 -12.66
N GLY C 23 -10.63 -16.92 -12.78
CA GLY C 23 -9.22 -16.86 -13.27
C GLY C 23 -8.40 -18.04 -12.72
N ASP C 24 -7.12 -17.83 -12.63
CA ASP C 24 -6.22 -18.90 -12.12
C ASP C 24 -6.35 -19.04 -10.60
N LYS C 25 -6.00 -20.18 -10.09
CA LYS C 25 -6.16 -20.44 -8.62
C LYS C 25 -5.42 -19.37 -7.77
N TYR C 26 -4.16 -19.10 -8.03
CA TYR C 26 -3.42 -18.10 -7.17
C TYR C 26 -2.62 -17.12 -8.02
N LYS C 27 -3.13 -16.71 -9.15
CA LYS C 27 -2.40 -15.75 -10.02
C LYS C 27 -3.40 -14.75 -10.59
N LEU C 28 -2.99 -13.53 -10.70
CA LEU C 28 -3.87 -12.46 -11.24
C LEU C 28 -3.60 -12.38 -12.75
N SER C 29 -4.57 -11.99 -13.53
CA SER C 29 -4.39 -11.89 -15.00
C SER C 29 -4.89 -10.52 -15.45
N LYS C 30 -4.57 -10.12 -16.66
CA LYS C 30 -5.09 -8.80 -17.14
C LYS C 30 -6.59 -8.67 -16.80
N LYS C 31 -7.32 -9.74 -16.81
CA LYS C 31 -8.78 -9.68 -16.48
C LYS C 31 -9.01 -9.70 -14.97
N GLU C 32 -8.27 -10.45 -14.21
CA GLU C 32 -8.53 -10.44 -12.74
C GLU C 32 -8.12 -9.09 -12.15
N LEU C 33 -7.03 -8.54 -12.58
CA LEU C 33 -6.61 -7.24 -12.01
C LEU C 33 -7.69 -6.18 -12.24
N LYS C 34 -8.14 -6.01 -13.46
CA LYS C 34 -9.16 -4.95 -13.73
C LYS C 34 -10.46 -5.18 -12.94
N ASP C 35 -10.90 -6.41 -12.82
CA ASP C 35 -12.18 -6.68 -12.10
C ASP C 35 -12.08 -6.24 -10.63
N LEU C 36 -10.96 -6.51 -10.04
CA LEU C 36 -10.77 -6.20 -8.61
C LEU C 36 -10.92 -4.68 -8.33
N LEU C 37 -10.27 -3.86 -9.09
CA LEU C 37 -10.34 -2.39 -8.82
C LEU C 37 -11.71 -1.79 -9.15
N GLN C 38 -12.30 -2.21 -10.24
CA GLN C 38 -13.60 -1.63 -10.65
C GLN C 38 -14.76 -2.10 -9.76
N THR C 39 -14.63 -3.22 -9.12
CA THR C 39 -15.79 -3.69 -8.33
C THR C 39 -16.13 -2.65 -7.27
N GLU C 40 -15.13 -2.12 -6.60
CA GLU C 40 -15.41 -1.13 -5.52
C GLU C 40 -15.00 0.29 -5.95
N LEU C 41 -13.90 0.44 -6.64
CA LEU C 41 -13.47 1.82 -7.08
C LEU C 41 -13.88 2.01 -8.54
N SER C 42 -15.06 1.59 -8.88
CA SER C 42 -15.56 1.74 -10.28
C SER C 42 -15.59 3.21 -10.67
N SER C 43 -16.08 4.04 -9.80
CA SER C 43 -16.20 5.49 -10.11
C SER C 43 -14.89 6.24 -9.80
N PHE C 44 -14.03 5.70 -8.95
CA PHE C 44 -12.78 6.47 -8.60
C PHE C 44 -11.64 6.17 -9.59
N LEU C 45 -10.68 5.38 -9.12
CA LEU C 45 -9.51 4.90 -9.95
C LEU C 45 -9.75 5.17 -11.45
N ASP C 46 -8.80 5.38 -12.32
CA ASP C 46 -9.19 5.50 -13.77
C ASP C 46 -9.06 4.11 -14.44
N VAL C 47 -10.14 3.40 -14.70
CA VAL C 47 -9.99 2.06 -15.38
C VAL C 47 -11.15 1.84 -16.37
N GLN C 48 -12.38 1.91 -15.92
CA GLN C 48 -13.52 1.70 -16.86
C GLN C 48 -13.80 2.98 -17.64
N LYS C 49 -13.65 4.10 -17.00
CA LYS C 49 -13.87 5.40 -17.73
C LYS C 49 -12.74 5.52 -18.75
N ASP C 50 -11.65 4.84 -18.51
CA ASP C 50 -10.52 4.86 -19.48
C ASP C 50 -9.92 3.46 -19.53
N ALA C 51 -10.38 2.64 -20.45
CA ALA C 51 -9.82 1.26 -20.55
C ALA C 51 -8.32 1.41 -20.80
N ASP C 52 -7.95 2.43 -21.51
CA ASP C 52 -6.51 2.70 -21.77
C ASP C 52 -5.82 2.89 -20.42
N ALA C 53 -6.48 3.55 -19.51
CA ALA C 53 -5.81 3.79 -18.21
C ALA C 53 -5.43 2.44 -17.59
N VAL C 54 -6.24 1.42 -17.72
CA VAL C 54 -5.83 0.11 -17.13
C VAL C 54 -4.52 -0.32 -17.80
N ASP C 55 -4.38 -0.09 -19.06
CA ASP C 55 -3.14 -0.47 -19.79
C ASP C 55 -1.92 0.26 -19.21
N LYS C 56 -2.04 1.51 -18.86
CA LYS C 56 -0.86 2.23 -18.30
C LYS C 56 -0.46 1.61 -16.97
N ILE C 57 -1.43 1.25 -16.19
CA ILE C 57 -1.16 0.65 -14.85
C ILE C 57 -0.59 -0.78 -14.96
N MET C 58 -1.23 -1.62 -15.70
CA MET C 58 -0.76 -3.02 -15.87
C MET C 58 0.63 -3.03 -16.48
N LYS C 59 0.87 -2.22 -17.47
CA LYS C 59 2.22 -2.20 -18.07
C LYS C 59 3.21 -1.80 -16.98
N GLU C 60 2.84 -0.80 -16.24
CA GLU C 60 3.70 -0.33 -15.13
C GLU C 60 3.91 -1.48 -14.15
N LEU C 61 2.96 -2.38 -14.08
CA LEU C 61 3.08 -3.55 -13.16
C LEU C 61 3.66 -4.75 -13.87
N ASP C 62 3.59 -4.81 -15.17
CA ASP C 62 4.17 -5.98 -15.88
C ASP C 62 5.68 -5.88 -15.84
N GLU C 63 6.21 -5.49 -14.71
CA GLU C 63 7.68 -5.34 -14.61
C GLU C 63 8.34 -6.66 -14.90
N ASN C 64 7.76 -7.72 -14.41
CA ASN C 64 8.33 -9.06 -14.71
C ASN C 64 8.01 -9.36 -16.17
N GLY C 65 7.04 -8.66 -16.70
CA GLY C 65 6.65 -8.90 -18.12
C GLY C 65 5.95 -10.25 -18.22
N ASP C 66 5.24 -10.63 -17.19
CA ASP C 66 4.57 -11.98 -17.21
C ASP C 66 3.12 -11.89 -17.73
N GLY C 67 2.60 -10.71 -17.95
CA GLY C 67 1.20 -10.59 -18.44
C GLY C 67 0.22 -10.92 -17.30
N GLU C 68 0.74 -11.13 -16.10
CA GLU C 68 -0.11 -11.45 -14.93
C GLU C 68 0.26 -10.42 -13.84
N VAL C 69 -0.40 -10.41 -12.71
CA VAL C 69 -0.02 -9.41 -11.64
C VAL C 69 0.02 -10.11 -10.29
N ASP C 70 1.07 -9.94 -9.54
CA ASP C 70 1.17 -10.59 -8.21
C ASP C 70 0.75 -9.61 -7.13
N PHE C 71 0.31 -10.09 -6.00
CA PHE C 71 -0.14 -9.20 -4.90
C PHE C 71 0.97 -8.19 -4.59
N GLN C 72 2.18 -8.50 -4.92
CA GLN C 72 3.31 -7.56 -4.67
C GLN C 72 3.34 -6.48 -5.77
N GLU C 73 2.78 -6.78 -6.91
CA GLU C 73 2.77 -5.80 -8.02
C GLU C 73 1.66 -4.78 -7.79
N PHE C 74 0.47 -5.24 -7.57
CA PHE C 74 -0.66 -4.29 -7.37
C PHE C 74 -0.63 -3.66 -5.97
N VAL C 75 -0.33 -4.41 -4.94
CA VAL C 75 -0.33 -3.78 -3.58
C VAL C 75 0.59 -2.57 -3.63
N VAL C 76 1.69 -2.68 -4.32
CA VAL C 76 2.58 -1.52 -4.45
C VAL C 76 1.79 -0.39 -5.12
N LEU C 77 0.94 -0.73 -6.06
CA LEU C 77 0.17 0.31 -6.82
C LEU C 77 -0.90 1.03 -5.99
N VAL C 78 -1.83 0.33 -5.38
CA VAL C 78 -2.90 1.03 -4.57
C VAL C 78 -2.21 2.00 -3.64
N ALA C 79 -1.08 1.59 -3.15
CA ALA C 79 -0.27 2.46 -2.28
C ALA C 79 0.15 3.68 -3.11
N ALA C 80 0.47 3.46 -4.35
CA ALA C 80 0.94 4.58 -5.22
C ALA C 80 -0.20 5.47 -5.74
N LEU C 81 -1.43 5.01 -5.84
CA LEU C 81 -2.50 5.92 -6.40
C LEU C 81 -3.09 6.78 -5.25
N THR C 82 -3.39 6.16 -4.14
CA THR C 82 -3.93 6.89 -2.94
C THR C 82 -2.97 8.01 -2.49
N VAL C 83 -1.70 7.76 -2.46
CA VAL C 83 -0.73 8.83 -2.08
C VAL C 83 -0.87 10.00 -3.06
N ALA C 84 -0.99 9.68 -4.32
CA ALA C 84 -1.14 10.75 -5.34
C ALA C 84 -2.42 11.54 -5.04
N CYS C 85 -3.40 10.90 -4.48
CA CYS C 85 -4.68 11.59 -4.16
C CYS C 85 -4.45 12.61 -3.04
N ASN C 86 -3.65 12.26 -2.06
CA ASN C 86 -3.42 13.22 -0.94
C ASN C 86 -2.80 14.50 -1.51
N ASN C 87 -1.91 14.39 -2.47
CA ASN C 87 -1.30 15.61 -3.07
C ASN C 87 -2.41 16.47 -3.69
N PHE C 88 -3.35 15.86 -4.33
CA PHE C 88 -4.46 16.62 -4.97
C PHE C 88 -5.53 16.97 -3.93
N PHE C 89 -5.37 16.48 -2.72
CA PHE C 89 -6.37 16.79 -1.66
C PHE C 89 -6.08 18.18 -1.08
N TRP C 90 -4.96 18.76 -1.45
CA TRP C 90 -4.60 20.10 -0.92
C TRP C 90 -5.65 21.13 -1.36
N GLU C 91 -6.55 20.74 -2.22
CA GLU C 91 -7.59 21.70 -2.68
C GLU C 91 -8.41 22.18 -1.48
N ASN C 92 -8.35 21.47 -0.38
CA ASN C 92 -9.11 21.90 0.83
C ASN C 92 -8.24 22.81 1.70
N SER C 93 -7.03 23.07 1.28
CA SER C 93 -6.14 23.96 2.09
C SER C 93 -6.16 23.49 3.55
N GLY D 1 -18.63 -6.39 -1.89
CA GLY D 1 -18.52 -5.25 -0.89
C GLY D 1 -17.47 -4.20 -1.05
N SER D 2 -17.59 -3.12 -0.33
CA SER D 2 -16.59 -2.02 -0.43
C SER D 2 -15.43 -2.29 0.54
N GLU D 3 -15.05 -3.52 0.71
CA GLU D 3 -13.94 -3.84 1.64
C GLU D 3 -12.64 -3.15 1.21
N LEU D 4 -12.34 -3.14 -0.05
CA LEU D 4 -11.07 -2.48 -0.50
C LEU D 4 -11.12 -0.98 -0.16
N GLU D 5 -12.23 -0.34 -0.39
CA GLU D 5 -12.36 1.11 -0.08
C GLU D 5 -12.12 1.33 1.42
N THR D 6 -12.62 0.44 2.22
CA THR D 6 -12.45 0.54 3.69
C THR D 6 -10.98 0.82 4.04
N ALA D 7 -10.10 0.09 3.41
CA ALA D 7 -8.64 0.19 3.67
C ALA D 7 -7.99 1.49 3.16
N MET D 8 -8.49 2.09 2.13
CA MET D 8 -7.82 3.33 1.60
C MET D 8 -7.99 4.50 2.55
N GLU D 9 -9.19 4.76 2.92
CA GLU D 9 -9.46 5.91 3.82
C GLU D 9 -8.84 5.66 5.20
N THR D 10 -8.70 4.43 5.59
CA THR D 10 -8.12 4.15 6.93
C THR D 10 -6.66 4.64 6.99
N LEU D 11 -5.79 4.17 6.13
CA LEU D 11 -4.37 4.63 6.18
C LEU D 11 -4.32 6.17 6.15
N ILE D 12 -5.15 6.79 5.38
CA ILE D 12 -5.14 8.28 5.30
C ILE D 12 -5.53 8.94 6.64
N ASN D 13 -6.50 8.43 7.36
CA ASN D 13 -6.91 9.10 8.64
C ASN D 13 -5.94 8.80 9.81
N VAL D 14 -5.55 7.56 9.97
CA VAL D 14 -4.63 7.21 11.09
C VAL D 14 -3.33 7.99 10.95
N PHE D 15 -2.88 8.10 9.74
CA PHE D 15 -1.61 8.83 9.47
C PHE D 15 -1.75 10.32 9.86
N HIS D 16 -2.86 10.95 9.60
CA HIS D 16 -3.00 12.38 9.99
C HIS D 16 -3.10 12.50 11.52
N ALA D 17 -3.58 11.48 12.16
CA ALA D 17 -3.74 11.51 13.65
C ALA D 17 -2.40 11.80 14.38
N HIS D 18 -1.40 11.02 14.12
CA HIS D 18 -0.08 11.22 14.81
C HIS D 18 0.79 12.25 14.05
N SER D 19 0.77 12.21 12.76
CA SER D 19 1.60 13.14 11.94
C SER D 19 1.37 14.62 12.31
N GLY D 20 0.19 14.97 12.77
CA GLY D 20 -0.10 16.42 13.08
C GLY D 20 -0.29 16.67 14.58
N LYS D 21 0.02 15.72 15.43
CA LYS D 21 -0.14 15.96 16.92
C LYS D 21 1.24 15.93 17.57
N GLU D 22 1.83 14.78 17.71
CA GLU D 22 3.17 14.71 18.33
C GLU D 22 4.21 14.91 17.23
N GLY D 23 4.39 16.13 16.77
CA GLY D 23 5.39 16.36 15.70
C GLY D 23 5.02 17.59 14.88
N ASP D 24 5.46 17.62 13.65
CA ASP D 24 5.18 18.77 12.76
C ASP D 24 3.73 18.71 12.27
N LYS D 25 3.19 19.83 11.86
CA LYS D 25 1.78 19.89 11.43
C LYS D 25 1.48 18.88 10.30
N TYR D 26 2.25 18.86 9.23
CA TYR D 26 1.93 17.91 8.09
C TYR D 26 3.19 17.20 7.61
N LYS D 27 4.09 16.84 8.50
CA LYS D 27 5.32 16.11 8.08
C LYS D 27 5.62 15.03 9.11
N LEU D 28 6.09 13.91 8.64
CA LEU D 28 6.42 12.78 9.53
C LEU D 28 7.91 12.93 9.91
N SER D 29 8.30 12.47 11.06
CA SER D 29 9.72 12.57 11.50
C SER D 29 10.17 11.19 11.98
N LYS D 30 11.46 10.99 12.15
CA LYS D 30 11.92 9.65 12.66
C LYS D 30 11.05 9.22 13.86
N LYS D 31 10.60 10.15 14.65
CA LYS D 31 9.74 9.80 15.82
C LYS D 31 8.28 9.61 15.40
N GLU D 32 7.75 10.38 14.50
CA GLU D 32 6.32 10.16 14.14
C GLU D 32 6.18 8.85 13.37
N LEU D 33 7.09 8.55 12.50
CA LEU D 33 6.97 7.29 11.73
C LEU D 33 6.95 6.08 12.68
N LYS D 34 7.89 5.98 13.57
CA LYS D 34 7.93 4.81 14.50
C LYS D 34 6.67 4.71 15.37
N ASP D 35 6.17 5.81 15.85
CA ASP D 35 4.96 5.77 16.74
C ASP D 35 3.76 5.20 15.99
N LEU D 36 3.62 5.59 14.77
CA LEU D 36 2.45 5.15 13.95
C LEU D 36 2.42 3.61 13.81
N LEU D 37 3.49 3.00 13.44
CA LEU D 37 3.48 1.53 13.22
C LEU D 37 3.35 0.75 14.53
N GLN D 38 4.02 1.16 15.55
CA GLN D 38 3.98 0.41 16.84
C GLN D 38 2.65 0.58 17.58
N THR D 39 1.92 1.62 17.32
CA THR D 39 0.68 1.79 18.09
C THR D 39 -0.22 0.58 17.84
N GLU D 40 -0.37 0.16 16.60
CA GLU D 40 -1.27 -0.98 16.30
C GLU D 40 -0.47 -2.24 15.94
N LEU D 41 0.62 -2.12 15.23
CA LEU D 41 1.42 -3.33 14.86
C LEU D 41 2.62 -3.43 15.81
N SER D 42 2.39 -3.20 17.06
CA SER D 42 3.48 -3.26 18.07
C SER D 42 4.08 -4.66 18.09
N SER D 43 3.24 -5.67 18.09
CA SER D 43 3.75 -7.07 18.14
C SER D 43 4.10 -7.60 16.74
N PHE D 44 3.59 -7.01 15.68
CA PHE D 44 3.88 -7.58 14.32
C PHE D 44 5.15 -7.01 13.68
N LEU D 45 4.98 -5.96 12.90
CA LEU D 45 6.11 -5.35 12.12
C LEU D 45 7.39 -5.42 12.96
N ASP D 46 8.59 -5.38 12.45
CA ASP D 46 9.77 -5.41 13.37
C ASP D 46 10.21 -3.97 13.66
N VAL D 47 9.89 -3.42 14.82
CA VAL D 47 10.33 -2.01 15.12
C VAL D 47 10.71 -1.88 16.60
N GLN D 48 9.85 -2.24 17.51
CA GLN D 48 10.21 -2.11 18.96
C GLN D 48 11.02 -3.33 19.39
N LYS D 49 10.72 -4.48 18.86
CA LYS D 49 11.51 -5.69 19.21
C LYS D 49 12.88 -5.51 18.59
N ASP D 50 12.98 -4.68 17.59
CA ASP D 50 14.29 -4.39 16.96
C ASP D 50 14.34 -2.90 16.60
N ALA D 51 14.85 -2.10 17.49
CA ALA D 51 14.93 -0.64 17.18
C ALA D 51 15.75 -0.48 15.92
N ASP D 52 16.73 -1.33 15.76
CA ASP D 52 17.56 -1.31 14.54
C ASP D 52 16.64 -1.54 13.34
N ALA D 53 15.69 -2.39 13.48
CA ALA D 53 14.81 -2.67 12.31
C ALA D 53 14.17 -1.34 11.85
N VAL D 54 13.77 -0.48 12.76
CA VAL D 54 13.17 0.81 12.30
C VAL D 54 14.22 1.54 11.43
N ASP D 55 15.46 1.48 11.82
CA ASP D 55 16.54 2.16 11.03
C ASP D 55 16.61 1.59 9.61
N LYS D 56 16.48 0.31 9.43
CA LYS D 56 16.57 -0.25 8.06
C LYS D 56 15.41 0.28 7.21
N ILE D 57 14.26 0.36 7.80
CA ILE D 57 13.05 0.84 7.08
C ILE D 57 13.13 2.35 6.77
N MET D 58 13.39 3.15 7.75
CA MET D 58 13.48 4.62 7.55
C MET D 58 14.58 4.95 6.55
N LYS D 59 15.70 4.32 6.65
CA LYS D 59 16.78 4.60 5.68
C LYS D 59 16.26 4.26 4.29
N GLU D 60 15.60 3.14 4.21
CA GLU D 60 15.02 2.69 2.92
C GLU D 60 14.01 3.74 2.47
N LEU D 61 13.44 4.47 3.39
CA LEU D 61 12.43 5.50 3.03
C LEU D 61 13.09 6.88 2.95
N ASP D 62 14.24 7.05 3.54
CA ASP D 62 14.89 8.39 3.45
C ASP D 62 15.46 8.54 2.05
N GLU D 63 14.73 8.13 1.07
CA GLU D 63 15.24 8.24 -0.32
C GLU D 63 15.52 9.68 -0.64
N ASN D 64 14.67 10.56 -0.20
CA ASN D 64 14.93 12.00 -0.44
C ASN D 64 16.07 12.39 0.48
N GLY D 65 16.30 11.60 1.50
CA GLY D 65 17.40 11.93 2.46
C GLY D 65 16.98 13.13 3.30
N ASP D 66 15.70 13.27 3.56
CA ASP D 66 15.23 14.47 4.34
C ASP D 66 15.14 14.19 5.84
N GLY D 67 15.33 12.96 6.27
CA GLY D 67 15.24 12.65 7.73
C GLY D 67 13.77 12.69 8.17
N GLU D 68 12.85 12.84 7.23
CA GLU D 68 11.40 12.87 7.55
C GLU D 68 10.74 11.82 6.65
N VAL D 69 9.47 11.55 6.77
CA VAL D 69 8.83 10.51 5.87
C VAL D 69 7.50 11.06 5.36
N ASP D 70 7.27 10.99 4.08
CA ASP D 70 5.99 11.51 3.52
C ASP D 70 5.02 10.33 3.33
N PHE D 71 3.75 10.61 3.32
CA PHE D 71 2.73 9.53 3.17
C PHE D 71 3.06 8.69 1.93
N GLN D 72 3.78 9.26 1.01
CA GLN D 72 4.17 8.51 -0.22
C GLN D 72 5.37 7.59 0.08
N GLU D 73 6.11 7.90 1.10
CA GLU D 73 7.28 7.06 1.44
C GLU D 73 6.84 5.85 2.24
N PHE D 74 6.08 6.07 3.28
CA PHE D 74 5.62 4.92 4.10
C PHE D 74 4.48 4.15 3.42
N VAL D 75 3.54 4.82 2.83
CA VAL D 75 2.42 4.05 2.18
C VAL D 75 3.04 3.04 1.22
N VAL D 76 4.07 3.42 0.54
CA VAL D 76 4.74 2.45 -0.35
C VAL D 76 5.24 1.29 0.51
N LEU D 77 5.70 1.57 1.72
CA LEU D 77 6.26 0.50 2.59
C LEU D 77 5.21 -0.49 3.14
N VAL D 78 4.17 -0.03 3.82
CA VAL D 78 3.15 -1.00 4.36
C VAL D 78 2.75 -1.92 3.24
N ALA D 79 2.69 -1.38 2.06
CA ALA D 79 2.37 -2.18 0.86
C ALA D 79 3.49 -3.21 0.69
N ALA D 80 4.70 -2.81 0.93
CA ALA D 80 5.87 -3.72 0.75
C ALA D 80 6.04 -4.74 1.90
N LEU D 81 5.57 -4.49 3.11
CA LEU D 81 5.79 -5.49 4.20
C LEU D 81 4.69 -6.57 4.14
N THR D 82 3.45 -6.15 4.03
CA THR D 82 2.29 -7.09 3.94
C THR D 82 2.46 -8.07 2.76
N VAL D 83 2.90 -7.59 1.64
CA VAL D 83 3.12 -8.51 0.47
C VAL D 83 4.14 -9.56 0.87
N ALA D 84 5.19 -9.14 1.53
CA ALA D 84 6.24 -10.11 1.96
C ALA D 84 5.61 -11.13 2.91
N CYS D 85 4.60 -10.73 3.64
CA CYS D 85 3.94 -11.67 4.59
C CYS D 85 3.19 -12.75 3.81
N ASN D 86 2.56 -12.39 2.72
CA ASN D 86 1.80 -13.41 1.93
C ASN D 86 2.78 -14.50 1.47
N ASN D 87 3.96 -14.12 1.07
CA ASN D 87 4.96 -15.15 0.63
C ASN D 87 5.24 -16.11 1.78
N PHE D 88 5.34 -15.60 2.97
CA PHE D 88 5.62 -16.47 4.14
C PHE D 88 4.32 -17.11 4.64
N PHE D 89 3.21 -16.76 4.05
CA PHE D 89 1.92 -17.35 4.48
C PHE D 89 1.75 -18.72 3.81
N TRP D 90 2.62 -19.04 2.89
CA TRP D 90 2.53 -20.36 2.20
C TRP D 90 2.69 -21.50 3.21
N GLU D 91 3.04 -21.18 4.42
CA GLU D 91 3.22 -22.24 5.45
C GLU D 91 1.89 -23.00 5.63
N ASN D 92 0.81 -22.42 5.21
CA ASN D 92 -0.52 -23.10 5.34
C ASN D 92 -0.80 -23.93 4.09
N SER D 93 0.10 -23.94 3.14
CA SER D 93 -0.13 -24.73 1.91
C SER D 93 -1.53 -24.45 1.37
N THR A 1 -21.59 14.88 -22.12
CA THR A 1 -20.25 14.26 -21.96
C THR A 1 -19.20 15.36 -21.82
N ARG A 2 -18.76 15.62 -20.62
CA ARG A 2 -17.72 16.67 -20.42
C ARG A 2 -16.35 16.09 -20.77
N THR A 3 -15.86 15.18 -19.98
CA THR A 3 -14.52 14.57 -20.28
C THR A 3 -14.34 13.29 -19.47
N LYS A 4 -13.58 12.37 -19.98
CA LYS A 4 -13.34 11.10 -19.23
C LYS A 4 -12.30 11.39 -18.15
N ILE A 5 -12.23 10.58 -17.13
CA ILE A 5 -11.25 10.83 -16.04
C ILE A 5 -9.93 10.08 -16.33
N ASP A 6 -8.84 10.81 -16.32
CA ASP A 6 -7.50 10.20 -16.59
C ASP A 6 -6.61 10.45 -15.36
N TRP A 7 -7.21 10.58 -14.22
CA TRP A 7 -6.43 10.85 -12.99
C TRP A 7 -5.40 9.73 -12.71
N ASN A 8 -5.79 8.48 -12.72
CA ASN A 8 -4.75 7.42 -12.44
C ASN A 8 -3.58 7.64 -13.40
N LYS A 9 -3.86 8.21 -14.55
CA LYS A 9 -2.77 8.51 -15.50
C LYS A 9 -1.80 9.45 -14.77
N ILE A 10 -2.31 10.15 -13.78
CA ILE A 10 -1.45 11.04 -12.96
C ILE A 10 -0.29 10.20 -12.45
N LEU A 11 -0.59 8.96 -12.14
CA LEU A 11 0.49 8.06 -11.64
C LEU A 11 1.48 7.82 -12.77
N SER A 12 1.01 7.64 -13.98
CA SER A 12 1.93 7.41 -15.11
C SER A 12 2.37 8.76 -15.69
N THR B 1 14.78 -16.89 15.39
CA THR B 1 15.19 -15.80 16.32
C THR B 1 14.28 -15.81 17.55
N ARG B 2 14.82 -15.43 18.69
CA ARG B 2 13.99 -15.41 19.94
C ARG B 2 14.22 -14.08 20.69
N THR B 3 13.24 -13.67 21.46
CA THR B 3 13.36 -12.38 22.23
C THR B 3 13.39 -11.21 21.25
N LYS B 4 13.21 -11.46 19.99
CA LYS B 4 13.22 -10.36 19.00
C LYS B 4 12.72 -10.87 17.66
N ILE B 5 12.36 -9.97 16.77
CA ILE B 5 11.87 -10.38 15.43
C ILE B 5 12.52 -9.48 14.37
N ASP B 6 12.97 -10.05 13.28
CA ASP B 6 13.64 -9.23 12.21
C ASP B 6 13.06 -9.62 10.85
N TRP B 7 11.88 -10.18 10.82
CA TRP B 7 11.31 -10.56 9.51
C TRP B 7 11.21 -9.29 8.65
N ASN B 8 10.82 -8.18 9.22
CA ASN B 8 10.75 -6.93 8.40
C ASN B 8 12.09 -6.77 7.67
N LYS B 9 13.14 -7.24 8.28
CA LYS B 9 14.47 -7.15 7.62
C LYS B 9 14.35 -7.92 6.30
N ILE B 10 13.43 -8.86 6.26
CA ILE B 10 13.19 -9.64 5.01
C ILE B 10 13.07 -8.63 3.88
N LEU B 11 12.41 -7.54 4.17
CA LEU B 11 12.26 -6.48 3.14
C LEU B 11 13.65 -5.94 2.82
N SER B 12 14.47 -5.79 3.83
CA SER B 12 15.85 -5.27 3.61
C SER B 12 16.78 -6.44 3.28
N GLY C 1 -8.75 1.62 17.74
CA GLY C 1 -7.25 1.33 17.85
C GLY C 1 -6.61 0.39 16.89
N SER C 2 -7.35 -0.57 16.41
CA SER C 2 -6.79 -1.56 15.44
C SER C 2 -7.24 -1.20 14.03
N GLU C 3 -7.58 0.03 13.78
CA GLU C 3 -8.06 0.41 12.42
C GLU C 3 -6.98 0.15 11.37
N LEU C 4 -5.73 0.42 11.68
CA LEU C 4 -4.66 0.17 10.67
C LEU C 4 -4.61 -1.33 10.38
N GLU C 5 -4.73 -2.14 11.40
CA GLU C 5 -4.70 -3.62 11.20
C GLU C 5 -5.87 -4.02 10.29
N THR C 6 -7.00 -3.39 10.49
CA THR C 6 -8.20 -3.71 9.68
C THR C 6 -7.87 -3.64 8.18
N ALA C 7 -7.17 -2.61 7.78
CA ALA C 7 -6.84 -2.40 6.34
C ALA C 7 -5.83 -3.43 5.80
N MET C 8 -5.00 -3.99 6.63
CA MET C 8 -3.99 -4.95 6.10
C MET C 8 -4.66 -6.25 5.69
N GLU C 9 -5.46 -6.79 6.54
CA GLU C 9 -6.11 -8.09 6.24
C GLU C 9 -7.16 -7.91 5.14
N THR C 10 -7.69 -6.74 4.95
CA THR C 10 -8.71 -6.55 3.89
C THR C 10 -8.06 -6.69 2.50
N LEU C 11 -7.09 -5.89 2.18
CA LEU C 11 -6.44 -6.01 0.84
C LEU C 11 -6.10 -7.48 0.58
N ILE C 12 -5.71 -8.19 1.59
CA ILE C 12 -5.36 -9.62 1.41
C ILE C 12 -6.59 -10.50 1.10
N ASN C 13 -7.75 -10.29 1.71
CA ASN C 13 -8.90 -11.21 1.41
C ASN C 13 -9.69 -10.81 0.14
N VAL C 14 -9.97 -9.55 -0.08
CA VAL C 14 -10.73 -9.14 -1.29
C VAL C 14 -9.94 -9.50 -2.53
N PHE C 15 -8.68 -9.26 -2.45
CA PHE C 15 -7.78 -9.58 -3.59
C PHE C 15 -7.79 -11.10 -3.83
N HIS C 16 -7.81 -11.88 -2.79
CA HIS C 16 -7.86 -13.37 -2.96
C HIS C 16 -9.13 -13.76 -3.74
N ALA C 17 -10.24 -13.13 -3.44
CA ALA C 17 -11.53 -13.46 -4.11
C ALA C 17 -11.42 -13.50 -5.64
N HIS C 18 -10.95 -12.43 -6.24
CA HIS C 18 -10.85 -12.41 -7.74
C HIS C 18 -9.66 -13.24 -8.23
N SER C 19 -8.56 -13.16 -7.57
CA SER C 19 -7.34 -13.91 -7.98
C SER C 19 -7.54 -15.43 -7.94
N GLY C 20 -8.47 -15.93 -7.17
CA GLY C 20 -8.68 -17.42 -7.09
C GLY C 20 -9.99 -17.80 -7.79
N LYS C 21 -10.67 -16.84 -8.36
CA LYS C 21 -11.95 -17.13 -9.06
C LYS C 21 -11.86 -16.61 -10.50
N GLU C 22 -11.97 -15.32 -10.70
CA GLU C 22 -11.90 -14.79 -12.10
C GLU C 22 -10.58 -15.21 -12.78
N GLY C 23 -9.87 -16.16 -12.23
CA GLY C 23 -8.60 -16.60 -12.85
C GLY C 23 -8.15 -17.92 -12.22
N ASP C 24 -7.25 -18.61 -12.86
CA ASP C 24 -6.76 -19.89 -12.31
C ASP C 24 -5.76 -19.59 -11.19
N LYS C 25 -5.47 -20.55 -10.36
CA LYS C 25 -4.50 -20.26 -9.27
C LYS C 25 -3.14 -20.07 -9.93
N TYR C 26 -2.89 -18.88 -10.38
CA TYR C 26 -1.58 -18.60 -11.06
C TYR C 26 -1.13 -17.17 -10.80
N LYS C 27 -1.96 -16.20 -11.09
CA LYS C 27 -1.59 -14.78 -10.84
C LYS C 27 -2.77 -13.90 -11.26
N LEU C 28 -2.61 -12.61 -11.18
CA LEU C 28 -3.70 -11.69 -11.57
C LEU C 28 -3.58 -11.44 -13.09
N SER C 29 -4.42 -12.03 -13.87
CA SER C 29 -4.34 -11.77 -15.34
C SER C 29 -4.78 -10.34 -15.60
N LYS C 30 -4.36 -9.76 -16.68
CA LYS C 30 -4.77 -8.36 -16.98
C LYS C 30 -6.27 -8.17 -16.68
N LYS C 31 -7.06 -9.20 -16.83
CA LYS C 31 -8.52 -9.05 -16.55
C LYS C 31 -8.78 -9.25 -15.05
N GLU C 32 -7.94 -9.97 -14.36
CA GLU C 32 -8.18 -10.17 -12.90
C GLU C 32 -7.94 -8.85 -12.15
N LEU C 33 -6.90 -8.13 -12.49
CA LEU C 33 -6.64 -6.83 -11.82
C LEU C 33 -7.76 -5.84 -12.14
N LYS C 34 -8.17 -5.84 -13.38
CA LYS C 34 -9.23 -4.89 -13.86
C LYS C 34 -10.56 -5.07 -13.12
N ASP C 35 -11.01 -6.28 -13.00
CA ASP C 35 -12.32 -6.57 -12.34
C ASP C 35 -12.24 -6.26 -10.84
N LEU C 36 -11.15 -6.58 -10.25
CA LEU C 36 -10.96 -6.34 -8.79
C LEU C 36 -11.09 -4.84 -8.45
N LEU C 37 -10.55 -3.99 -9.28
CA LEU C 37 -10.58 -2.51 -9.01
C LEU C 37 -11.91 -1.83 -9.38
N GLN C 38 -12.41 -2.08 -10.55
CA GLN C 38 -13.65 -1.41 -11.03
C GLN C 38 -14.85 -1.82 -10.21
N THR C 39 -14.80 -2.98 -9.67
CA THR C 39 -15.98 -3.51 -8.94
C THR C 39 -16.37 -2.59 -7.79
N GLU C 40 -15.41 -2.16 -7.01
CA GLU C 40 -15.75 -1.30 -5.82
C GLU C 40 -15.31 0.15 -6.04
N LEU C 41 -14.48 0.42 -7.01
CA LEU C 41 -14.02 1.83 -7.26
C LEU C 41 -14.16 2.18 -8.74
N SER C 42 -15.30 1.91 -9.31
CA SER C 42 -15.50 2.21 -10.76
C SER C 42 -15.41 3.73 -11.00
N SER C 43 -16.14 4.50 -10.23
CA SER C 43 -16.14 5.98 -10.43
C SER C 43 -14.76 6.59 -10.18
N PHE C 44 -14.06 6.14 -9.17
CA PHE C 44 -12.71 6.73 -8.89
C PHE C 44 -11.63 6.04 -9.71
N LEU C 45 -10.88 5.14 -9.10
CA LEU C 45 -9.79 4.35 -9.83
C LEU C 45 -9.89 4.61 -11.35
N ASP C 46 -8.91 4.88 -12.19
CA ASP C 46 -9.30 5.00 -13.65
C ASP C 46 -9.20 3.62 -14.32
N VAL C 47 -10.30 3.10 -14.82
CA VAL C 47 -10.26 1.76 -15.48
C VAL C 47 -11.26 1.70 -16.64
N GLN C 48 -12.49 1.43 -16.33
CA GLN C 48 -13.52 1.30 -17.40
C GLN C 48 -13.72 2.60 -18.17
N LYS C 49 -13.75 3.72 -17.50
CA LYS C 49 -13.93 4.99 -18.24
C LYS C 49 -12.76 5.15 -19.19
N ASP C 50 -11.59 4.78 -18.76
CA ASP C 50 -10.39 4.85 -19.65
C ASP C 50 -9.77 3.45 -19.73
N ALA C 51 -10.16 2.66 -20.69
CA ALA C 51 -9.57 1.30 -20.79
C ALA C 51 -8.07 1.48 -20.99
N ASP C 52 -7.72 2.55 -21.65
CA ASP C 52 -6.29 2.89 -21.84
C ASP C 52 -5.66 3.07 -20.47
N ALA C 53 -6.36 3.68 -19.56
CA ALA C 53 -5.77 3.91 -18.21
C ALA C 53 -5.36 2.57 -17.59
N VAL C 54 -6.14 1.54 -17.74
CA VAL C 54 -5.72 0.24 -17.14
C VAL C 54 -4.41 -0.22 -17.79
N ASP C 55 -4.25 0.02 -19.06
CA ASP C 55 -3.00 -0.45 -19.74
C ASP C 55 -1.77 0.26 -19.17
N LYS C 56 -1.86 1.54 -18.95
CA LYS C 56 -0.69 2.31 -18.41
C LYS C 56 -0.37 1.80 -17.01
N ILE C 57 -1.37 1.54 -16.24
CA ILE C 57 -1.18 1.09 -14.84
C ILE C 57 -0.51 -0.30 -14.77
N MET C 58 -1.08 -1.28 -15.40
CA MET C 58 -0.50 -2.66 -15.34
C MET C 58 0.89 -2.71 -15.96
N LYS C 59 1.11 -1.96 -17.00
CA LYS C 59 2.47 -1.97 -17.62
C LYS C 59 3.47 -1.52 -16.57
N GLU C 60 3.11 -0.51 -15.83
CA GLU C 60 4.01 -0.05 -14.76
C GLU C 60 4.20 -1.24 -13.81
N LEU C 61 3.25 -2.16 -13.80
CA LEU C 61 3.35 -3.34 -12.90
C LEU C 61 3.94 -4.52 -13.63
N ASP C 62 3.80 -4.58 -14.93
CA ASP C 62 4.38 -5.73 -15.67
C ASP C 62 5.89 -5.50 -15.66
N GLU C 63 6.42 -5.24 -14.49
CA GLU C 63 7.87 -4.97 -14.38
C GLU C 63 8.63 -6.19 -14.88
N ASN C 64 8.17 -7.36 -14.54
CA ASN C 64 8.85 -8.57 -15.03
C ASN C 64 8.44 -8.77 -16.48
N GLY C 65 7.34 -8.17 -16.86
CA GLY C 65 6.87 -8.36 -18.26
C GLY C 65 6.24 -9.74 -18.34
N ASP C 66 5.51 -10.13 -17.30
CA ASP C 66 4.92 -11.52 -17.31
C ASP C 66 3.48 -11.54 -17.83
N GLY C 67 2.86 -10.39 -17.98
CA GLY C 67 1.45 -10.36 -18.50
C GLY C 67 0.43 -10.47 -17.35
N GLU C 68 0.89 -10.56 -16.12
CA GLU C 68 -0.04 -10.67 -14.96
C GLU C 68 0.49 -9.77 -13.84
N VAL C 69 -0.20 -9.68 -12.73
CA VAL C 69 0.24 -8.80 -11.61
C VAL C 69 0.42 -9.66 -10.35
N ASP C 70 1.53 -9.49 -9.67
CA ASP C 70 1.79 -10.28 -8.43
C ASP C 70 1.37 -9.45 -7.22
N PHE C 71 0.92 -10.10 -6.19
CA PHE C 71 0.47 -9.36 -4.96
C PHE C 71 1.52 -8.31 -4.59
N GLN C 72 2.76 -8.52 -4.93
CA GLN C 72 3.82 -7.51 -4.63
C GLN C 72 3.71 -6.37 -5.65
N GLU C 73 3.24 -6.69 -6.82
CA GLU C 73 3.07 -5.68 -7.89
C GLU C 73 1.74 -4.96 -7.69
N PHE C 74 0.73 -5.74 -7.44
CA PHE C 74 -0.65 -5.19 -7.23
C PHE C 74 -0.68 -4.24 -6.03
N VAL C 75 -0.14 -4.66 -4.92
CA VAL C 75 -0.14 -3.81 -3.69
C VAL C 75 0.63 -2.53 -3.93
N VAL C 76 1.73 -2.59 -4.61
CA VAL C 76 2.47 -1.33 -4.87
C VAL C 76 1.53 -0.33 -5.56
N LEU C 77 0.59 -0.81 -6.32
CA LEU C 77 -0.34 0.09 -7.07
C LEU C 77 -1.45 0.67 -6.18
N VAL C 78 -2.23 -0.15 -5.53
CA VAL C 78 -3.33 0.38 -4.67
C VAL C 78 -2.75 1.43 -3.72
N ALA C 79 -1.54 1.22 -3.31
CA ALA C 79 -0.82 2.15 -2.40
C ALA C 79 -0.37 3.42 -3.17
N ALA C 80 0.07 3.25 -4.39
CA ALA C 80 0.59 4.41 -5.17
C ALA C 80 -0.54 5.32 -5.71
N LEU C 81 -1.73 4.84 -5.91
CA LEU C 81 -2.79 5.74 -6.46
C LEU C 81 -3.44 6.55 -5.31
N THR C 82 -3.66 5.92 -4.18
CA THR C 82 -4.26 6.61 -2.99
C THR C 82 -3.38 7.78 -2.56
N VAL C 83 -2.09 7.60 -2.55
CA VAL C 83 -1.17 8.73 -2.19
C VAL C 83 -1.42 9.86 -3.17
N ALA C 84 -1.61 9.54 -4.41
CA ALA C 84 -1.87 10.58 -5.42
C ALA C 84 -3.25 11.19 -5.17
N CYS C 85 -4.13 10.44 -4.57
CA CYS C 85 -5.51 10.96 -4.30
C CYS C 85 -5.44 12.08 -3.27
N ASN C 86 -4.62 11.92 -2.27
CA ASN C 86 -4.51 12.97 -1.23
C ASN C 86 -4.05 14.28 -1.87
N ASN C 87 -3.15 14.19 -2.81
CA ASN C 87 -2.64 15.43 -3.47
C ASN C 87 -3.79 16.16 -4.16
N PHE C 88 -4.70 15.45 -4.78
CA PHE C 88 -5.83 16.11 -5.48
C PHE C 88 -7.00 16.30 -4.51
N PHE C 89 -6.88 15.77 -3.32
CA PHE C 89 -7.98 15.93 -2.31
C PHE C 89 -7.74 17.20 -1.50
N TRP C 90 -6.63 17.87 -1.76
CA TRP C 90 -6.31 19.10 -1.02
C TRP C 90 -7.41 20.15 -1.23
N GLU C 91 -7.91 20.25 -2.43
CA GLU C 91 -8.99 21.24 -2.72
C GLU C 91 -10.28 20.84 -1.99
N ASN C 92 -10.58 19.56 -1.95
CA ASN C 92 -11.82 19.11 -1.26
C ASN C 92 -11.55 18.95 0.23
N SER C 93 -10.38 19.34 0.68
CA SER C 93 -10.05 19.22 2.12
C SER C 93 -10.28 17.78 2.60
N GLY D 1 -19.16 -5.18 0.43
CA GLY D 1 -18.71 -4.68 -0.95
C GLY D 1 -17.77 -3.53 -1.02
N SER D 2 -17.79 -2.66 -0.05
CA SER D 2 -16.89 -1.47 -0.05
C SER D 2 -15.71 -1.73 0.89
N GLU D 3 -15.42 -2.97 1.17
CA GLU D 3 -14.30 -3.28 2.11
C GLU D 3 -12.98 -2.72 1.59
N LEU D 4 -12.72 -2.81 0.32
CA LEU D 4 -11.44 -2.25 -0.20
C LEU D 4 -11.42 -0.74 0.05
N GLU D 5 -12.53 -0.08 -0.18
CA GLU D 5 -12.60 1.39 0.05
C GLU D 5 -12.31 1.67 1.53
N THR D 6 -12.82 0.84 2.40
CA THR D 6 -12.61 1.03 3.86
C THR D 6 -11.11 1.20 4.17
N ALA D 7 -10.30 0.36 3.59
CA ALA D 7 -8.82 0.38 3.84
C ALA D 7 -8.13 1.63 3.28
N MET D 8 -8.65 2.23 2.25
CA MET D 8 -7.96 3.41 1.67
C MET D 8 -8.07 4.61 2.59
N GLU D 9 -9.25 4.89 3.03
CA GLU D 9 -9.47 6.07 3.90
C GLU D 9 -8.84 5.85 5.27
N THR D 10 -8.68 4.63 5.68
CA THR D 10 -8.08 4.38 7.02
C THR D 10 -6.59 4.79 7.03
N LEU D 11 -5.78 4.23 6.19
CA LEU D 11 -4.34 4.61 6.16
C LEU D 11 -4.23 6.13 6.14
N ILE D 12 -5.12 6.78 5.46
CA ILE D 12 -5.08 8.25 5.37
C ILE D 12 -5.43 8.94 6.71
N ASN D 13 -6.39 8.46 7.48
CA ASN D 13 -6.73 9.19 8.76
C ASN D 13 -5.81 8.81 9.95
N VAL D 14 -5.51 7.54 10.15
CA VAL D 14 -4.65 7.15 11.30
C VAL D 14 -3.28 7.79 11.13
N PHE D 15 -2.81 7.78 9.93
CA PHE D 15 -1.49 8.38 9.62
C PHE D 15 -1.54 9.88 9.90
N HIS D 16 -2.62 10.53 9.58
CA HIS D 16 -2.74 11.99 9.87
C HIS D 16 -2.62 12.23 11.39
N ALA D 17 -3.20 11.37 12.19
CA ALA D 17 -3.16 11.55 13.67
C ALA D 17 -1.74 11.78 14.20
N HIS D 18 -0.83 10.90 13.91
CA HIS D 18 0.57 11.06 14.43
C HIS D 18 1.33 12.15 13.65
N SER D 19 1.18 12.18 12.37
CA SER D 19 1.89 13.18 11.53
C SER D 19 1.51 14.63 11.87
N GLY D 20 0.35 14.86 12.45
CA GLY D 20 -0.06 16.27 12.78
C GLY D 20 0.00 16.49 14.29
N LYS D 21 0.41 15.49 15.03
CA LYS D 21 0.50 15.64 16.52
C LYS D 21 1.92 15.31 16.97
N GLU D 22 2.30 14.06 16.99
CA GLU D 22 3.68 13.71 17.45
C GLU D 22 4.73 14.43 16.58
N GLY D 23 4.34 15.42 15.83
CA GLY D 23 5.33 16.15 14.98
C GLY D 23 4.69 17.45 14.47
N ASP D 24 5.51 18.34 14.00
CA ASP D 24 4.97 19.63 13.47
C ASP D 24 4.40 19.39 12.08
N LYS D 25 3.58 20.27 11.58
CA LYS D 25 3.03 20.05 10.22
C LYS D 25 4.19 20.18 9.24
N TYR D 26 4.92 19.10 9.06
CA TYR D 26 6.08 19.14 8.14
C TYR D 26 6.28 17.79 7.44
N LYS D 27 6.40 16.73 8.21
CA LYS D 27 6.56 15.37 7.62
C LYS D 27 6.64 14.35 8.76
N LEU D 28 6.85 13.11 8.42
CA LEU D 28 6.94 12.06 9.47
C LEU D 28 8.40 12.02 9.95
N SER D 29 8.68 12.53 11.11
CA SER D 29 10.08 12.47 11.61
C SER D 29 10.40 11.03 11.95
N LYS D 30 11.65 10.66 11.95
CA LYS D 30 12.00 9.24 12.28
C LYS D 30 11.17 8.76 13.49
N LYS D 31 10.83 9.65 14.39
CA LYS D 31 10.03 9.21 15.57
C LYS D 31 8.54 9.19 15.21
N GLU D 32 8.11 9.96 14.25
CA GLU D 32 6.67 9.94 13.89
C GLU D 32 6.31 8.61 13.21
N LEU D 33 7.16 8.14 12.33
CA LEU D 33 6.88 6.82 11.66
C LEU D 33 6.91 5.70 12.69
N LYS D 34 7.86 5.77 13.58
CA LYS D 34 8.05 4.70 14.61
C LYS D 34 6.84 4.56 15.55
N ASP D 35 6.34 5.65 16.03
CA ASP D 35 5.18 5.63 16.98
C ASP D 35 3.91 5.18 16.25
N LEU D 36 3.75 5.60 15.05
CA LEU D 36 2.55 5.24 14.27
C LEU D 36 2.46 3.71 14.06
N LEU D 37 3.56 3.05 13.83
CA LEU D 37 3.56 1.58 13.56
C LEU D 37 3.49 0.72 14.85
N GLN D 38 4.33 1.02 15.81
CA GLN D 38 4.39 0.19 17.04
C GLN D 38 3.11 0.28 17.85
N THR D 39 2.44 1.37 17.71
CA THR D 39 1.22 1.59 18.53
C THR D 39 0.20 0.49 18.30
N GLU D 40 -0.06 0.16 17.07
CA GLU D 40 -1.11 -0.87 16.79
C GLU D 40 -0.49 -2.19 16.32
N LEU D 41 0.76 -2.19 15.93
CA LEU D 41 1.41 -3.47 15.45
C LEU D 41 2.75 -3.66 16.15
N SER D 42 2.79 -3.53 17.45
CA SER D 42 4.06 -3.70 18.19
C SER D 42 4.59 -5.14 18.04
N SER D 43 3.74 -6.12 18.29
CA SER D 43 4.19 -7.53 18.20
C SER D 43 4.60 -7.91 16.77
N PHE D 44 3.89 -7.45 15.77
CA PHE D 44 4.25 -7.84 14.39
C PHE D 44 5.28 -6.89 13.78
N LEU D 45 4.87 -5.81 13.15
CA LEU D 45 5.84 -4.90 12.43
C LEU D 45 7.20 -4.95 13.17
N ASP D 46 8.37 -4.95 12.59
CA ASP D 46 9.59 -4.99 13.49
C ASP D 46 9.98 -3.55 13.83
N VAL D 47 9.92 -3.17 15.08
CA VAL D 47 10.30 -1.77 15.46
C VAL D 47 10.94 -1.77 16.85
N GLN D 48 10.13 -1.77 17.88
CA GLN D 48 10.68 -1.69 19.26
C GLN D 48 11.52 -2.92 19.60
N LYS D 49 11.10 -4.08 19.23
CA LYS D 49 11.92 -5.28 19.53
C LYS D 49 13.27 -5.13 18.85
N ASP D 50 13.27 -4.60 17.66
CA ASP D 50 14.56 -4.35 16.93
C ASP D 50 14.62 -2.87 16.57
N ALA D 51 15.20 -2.06 17.42
CA ALA D 51 15.30 -0.60 17.08
C ALA D 51 16.07 -0.50 15.78
N ASP D 52 16.99 -1.41 15.62
CA ASP D 52 17.79 -1.46 14.36
C ASP D 52 16.82 -1.67 13.20
N ALA D 53 15.84 -2.51 13.39
CA ALA D 53 14.89 -2.79 12.27
C ALA D 53 14.26 -1.48 11.80
N VAL D 54 13.90 -0.59 12.68
CA VAL D 54 13.28 0.69 12.22
C VAL D 54 14.31 1.43 11.34
N ASP D 55 15.56 1.38 11.70
CA ASP D 55 16.57 2.14 10.90
C ASP D 55 16.68 1.59 9.48
N LYS D 56 16.66 0.30 9.32
CA LYS D 56 16.77 -0.30 7.95
C LYS D 56 15.54 0.09 7.13
N ILE D 57 14.41 0.08 7.76
CA ILE D 57 13.14 0.40 7.05
C ILE D 57 13.10 1.86 6.59
N MET D 58 13.26 2.80 7.48
CA MET D 58 13.19 4.23 7.09
C MET D 58 14.28 4.60 6.09
N LYS D 59 15.44 4.03 6.24
CA LYS D 59 16.53 4.36 5.27
C LYS D 59 16.05 3.97 3.88
N GLU D 60 15.42 2.84 3.77
CA GLU D 60 14.88 2.43 2.46
C GLU D 60 13.87 3.49 2.04
N LEU D 61 13.36 4.23 3.00
CA LEU D 61 12.37 5.31 2.67
C LEU D 61 13.05 6.66 2.58
N ASP D 62 14.16 6.82 3.25
CA ASP D 62 14.85 8.14 3.17
C ASP D 62 15.47 8.18 1.77
N GLU D 63 14.67 7.90 0.79
CA GLU D 63 15.17 7.88 -0.61
C GLU D 63 15.70 9.26 -0.96
N ASN D 64 15.02 10.27 -0.54
CA ASN D 64 15.51 11.63 -0.82
C ASN D 64 16.63 11.91 0.17
N GLY D 65 16.66 11.19 1.27
CA GLY D 65 17.70 11.45 2.28
C GLY D 65 17.29 12.69 3.05
N ASP D 66 16.00 12.83 3.32
CA ASP D 66 15.52 14.08 4.00
C ASP D 66 15.43 13.90 5.53
N GLY D 67 15.53 12.68 6.02
CA GLY D 67 15.45 12.47 7.51
C GLY D 67 13.99 12.27 7.97
N GLU D 68 13.04 12.30 7.05
CA GLU D 68 11.61 12.10 7.43
C GLU D 68 10.97 11.18 6.39
N VAL D 69 9.72 10.85 6.55
CA VAL D 69 9.02 9.95 5.59
C VAL D 69 7.81 10.66 5.00
N ASP D 70 7.66 10.62 3.70
CA ASP D 70 6.49 11.30 3.05
C ASP D 70 5.38 10.27 2.83
N PHE D 71 4.16 10.70 2.90
CA PHE D 71 3.01 9.77 2.71
C PHE D 71 3.26 8.89 1.48
N GLN D 72 4.03 9.36 0.53
CA GLN D 72 4.35 8.52 -0.67
C GLN D 72 5.42 7.49 -0.28
N GLU D 73 6.24 7.86 0.66
CA GLU D 73 7.32 6.96 1.13
C GLU D 73 6.74 6.01 2.17
N PHE D 74 5.98 6.56 3.07
CA PHE D 74 5.36 5.76 4.17
C PHE D 74 4.42 4.69 3.59
N VAL D 75 3.55 5.07 2.70
CA VAL D 75 2.59 4.10 2.09
C VAL D 75 3.35 3.00 1.34
N VAL D 76 4.38 3.33 0.64
CA VAL D 76 5.12 2.27 -0.07
C VAL D 76 5.56 1.20 0.94
N LEU D 77 5.80 1.59 2.17
CA LEU D 77 6.27 0.62 3.21
C LEU D 77 5.13 -0.24 3.79
N VAL D 78 4.10 0.36 4.32
CA VAL D 78 2.98 -0.47 4.89
C VAL D 78 2.54 -1.50 3.86
N ALA D 79 2.60 -1.12 2.63
CA ALA D 79 2.22 -2.01 1.49
C ALA D 79 3.32 -3.06 1.26
N ALA D 80 4.56 -2.70 1.37
CA ALA D 80 5.66 -3.66 1.09
C ALA D 80 5.89 -4.68 2.23
N LEU D 81 5.52 -4.39 3.46
CA LEU D 81 5.75 -5.40 4.54
C LEU D 81 4.61 -6.43 4.55
N THR D 82 3.39 -5.99 4.35
CA THR D 82 2.22 -6.91 4.33
C THR D 82 2.37 -7.95 3.21
N VAL D 83 2.83 -7.54 2.06
CA VAL D 83 3.05 -8.51 0.96
C VAL D 83 4.04 -9.56 1.44
N ALA D 84 5.03 -9.13 2.17
CA ALA D 84 6.03 -10.08 2.70
C ALA D 84 5.38 -10.94 3.79
N CYS D 85 4.35 -10.43 4.43
CA CYS D 85 3.67 -11.22 5.50
C CYS D 85 2.96 -12.43 4.88
N ASN D 86 2.35 -12.23 3.75
CA ASN D 86 1.63 -13.37 3.09
C ASN D 86 2.63 -14.49 2.80
N ASN D 87 3.80 -14.14 2.36
CA ASN D 87 4.82 -15.18 2.04
C ASN D 87 5.13 -16.03 3.28
N PHE D 88 5.21 -15.41 4.43
CA PHE D 88 5.52 -16.18 5.67
C PHE D 88 4.22 -16.68 6.31
N PHE D 89 3.09 -16.29 5.78
CA PHE D 89 1.78 -16.75 6.33
C PHE D 89 1.37 -18.05 5.63
N TRP D 90 2.15 -18.46 4.67
CA TRP D 90 1.82 -19.70 3.92
C TRP D 90 1.78 -20.89 4.89
N GLU D 91 2.69 -20.94 5.83
CA GLU D 91 2.70 -22.07 6.80
C GLU D 91 1.47 -21.99 7.71
N ASN D 92 1.08 -20.81 8.12
CA ASN D 92 -0.11 -20.66 9.01
C ASN D 92 -1.38 -20.63 8.16
N SER D 93 -1.26 -20.85 6.88
CA SER D 93 -2.46 -20.84 6.00
C SER D 93 -3.23 -19.54 6.18
N THR A 1 -14.70 9.23 -25.20
CA THR A 1 -13.21 9.16 -25.20
C THR A 1 -12.63 10.54 -24.92
N ARG A 2 -13.40 11.42 -24.34
CA ARG A 2 -12.88 12.79 -24.05
C ARG A 2 -12.22 12.79 -22.67
N THR A 3 -11.31 11.89 -22.42
CA THR A 3 -10.62 11.85 -21.10
C THR A 3 -11.65 12.03 -19.97
N LYS A 4 -12.29 10.96 -19.59
CA LYS A 4 -13.31 11.07 -18.51
C LYS A 4 -12.66 11.54 -17.19
N ILE A 5 -11.59 10.92 -16.76
CA ILE A 5 -10.94 11.36 -15.48
C ILE A 5 -9.42 11.19 -15.57
N ASP A 6 -8.94 10.12 -16.16
CA ASP A 6 -7.45 9.89 -16.29
C ASP A 6 -6.73 10.36 -15.02
N TRP A 7 -7.41 10.38 -13.92
CA TRP A 7 -6.75 10.84 -12.66
C TRP A 7 -5.55 9.92 -12.33
N ASN A 8 -5.74 8.64 -12.25
CA ASN A 8 -4.57 7.77 -11.91
C ASN A 8 -3.43 8.12 -12.87
N LYS A 9 -3.74 8.55 -14.07
CA LYS A 9 -2.66 8.94 -15.00
C LYS A 9 -1.82 9.97 -14.26
N ILE A 10 -2.42 10.65 -13.32
CA ILE A 10 -1.68 11.64 -12.49
C ILE A 10 -0.48 10.90 -11.93
N LEU A 11 -0.69 9.67 -11.56
CA LEU A 11 0.44 8.86 -11.01
C LEU A 11 1.45 8.59 -12.12
N SER A 12 0.98 8.32 -13.30
CA SER A 12 1.91 8.04 -14.43
C SER A 12 1.19 8.30 -15.76
N THR B 1 12.63 -16.24 22.71
CA THR B 1 14.10 -16.14 22.52
C THR B 1 14.42 -16.06 21.02
N ARG B 2 15.35 -16.83 20.56
CA ARG B 2 15.70 -16.78 19.10
C ARG B 2 15.91 -15.32 18.68
N THR B 3 15.58 -14.98 17.46
CA THR B 3 15.78 -13.58 17.01
C THR B 3 14.56 -12.73 17.42
N LYS B 4 14.72 -11.43 17.45
CA LYS B 4 13.58 -10.55 17.85
C LYS B 4 12.70 -10.28 16.62
N ILE B 5 12.27 -11.32 15.98
CA ILE B 5 11.39 -11.18 14.77
C ILE B 5 11.96 -10.09 13.84
N ASP B 6 12.62 -10.50 12.78
CA ASP B 6 13.22 -9.52 11.81
C ASP B 6 12.64 -9.83 10.43
N TRP B 7 11.47 -10.35 10.38
CA TRP B 7 10.89 -10.69 9.07
C TRP B 7 10.82 -9.40 8.21
N ASN B 8 10.39 -8.29 8.76
CA ASN B 8 10.35 -7.06 7.92
C ASN B 8 11.72 -6.88 7.27
N LYS B 9 12.76 -7.36 7.90
CA LYS B 9 14.10 -7.26 7.28
C LYS B 9 14.01 -7.97 5.94
N ILE B 10 13.10 -8.91 5.85
CA ILE B 10 12.87 -9.63 4.55
C ILE B 10 12.74 -8.58 3.48
N LEU B 11 12.06 -7.53 3.81
CA LEU B 11 11.87 -6.40 2.85
C LEU B 11 13.19 -5.67 2.63
N SER B 12 13.94 -5.49 3.69
CA SER B 12 15.26 -4.77 3.58
C SER B 12 15.06 -3.44 2.86
N GLY C 1 -3.71 -3.29 17.13
CA GLY C 1 -4.17 -3.19 15.68
C GLY C 1 -5.58 -2.75 15.37
N SER C 2 -5.76 -1.47 15.12
CA SER C 2 -7.14 -0.97 14.83
C SER C 2 -7.27 -0.63 13.34
N GLU C 3 -7.25 0.63 12.97
CA GLU C 3 -7.45 0.98 11.54
C GLU C 3 -6.37 0.36 10.65
N LEU C 4 -5.13 0.38 11.06
CA LEU C 4 -4.06 -0.19 10.18
C LEU C 4 -4.19 -1.72 10.10
N GLU C 5 -4.46 -2.38 11.19
CA GLU C 5 -4.54 -3.86 11.12
C GLU C 5 -5.75 -4.26 10.26
N THR C 6 -6.81 -3.52 10.38
CA THR C 6 -8.03 -3.84 9.58
C THR C 6 -7.71 -3.78 8.09
N ALA C 7 -7.05 -2.74 7.68
CA ALA C 7 -6.72 -2.54 6.24
C ALA C 7 -5.67 -3.52 5.72
N MET C 8 -4.79 -4.04 6.53
CA MET C 8 -3.77 -4.96 5.97
C MET C 8 -4.41 -6.33 5.68
N GLU C 9 -5.19 -6.82 6.60
CA GLU C 9 -5.82 -8.15 6.40
C GLU C 9 -6.91 -8.08 5.33
N THR C 10 -7.65 -7.01 5.26
CA THR C 10 -8.73 -6.95 4.24
C THR C 10 -8.13 -7.06 2.84
N LEU C 11 -7.20 -6.23 2.45
CA LEU C 11 -6.59 -6.37 1.09
C LEU C 11 -6.21 -7.84 0.87
N ILE C 12 -5.70 -8.48 1.87
CA ILE C 12 -5.36 -9.92 1.72
C ILE C 12 -6.65 -10.73 1.46
N ASN C 13 -7.77 -10.26 1.95
CA ASN C 13 -9.08 -10.98 1.73
C ASN C 13 -9.62 -10.78 0.31
N VAL C 14 -9.80 -9.56 -0.10
CA VAL C 14 -10.36 -9.26 -1.44
C VAL C 14 -9.43 -9.80 -2.54
N PHE C 15 -8.16 -9.55 -2.42
CA PHE C 15 -7.21 -10.04 -3.46
C PHE C 15 -7.28 -11.57 -3.57
N HIS C 16 -7.39 -12.28 -2.49
CA HIS C 16 -7.48 -13.77 -2.60
C HIS C 16 -8.71 -14.16 -3.44
N ALA C 17 -9.79 -13.45 -3.27
CA ALA C 17 -11.06 -13.81 -4.00
C ALA C 17 -10.91 -13.77 -5.53
N HIS C 18 -10.49 -12.67 -6.09
CA HIS C 18 -10.40 -12.59 -7.60
C HIS C 18 -9.09 -13.20 -8.11
N SER C 19 -8.02 -12.93 -7.45
CA SER C 19 -6.68 -13.42 -7.88
C SER C 19 -6.58 -14.95 -7.92
N GLY C 20 -7.27 -15.66 -7.05
CA GLY C 20 -7.15 -17.14 -7.04
C GLY C 20 -8.35 -17.79 -7.72
N LYS C 21 -9.17 -17.02 -8.38
CA LYS C 21 -10.38 -17.62 -9.05
C LYS C 21 -10.36 -17.29 -10.54
N GLU C 22 -10.59 -16.06 -10.91
CA GLU C 22 -10.57 -15.73 -12.36
C GLU C 22 -9.12 -15.60 -12.83
N GLY C 23 -8.29 -16.59 -12.55
CA GLY C 23 -6.87 -16.51 -13.01
C GLY C 23 -6.02 -17.62 -12.39
N ASP C 24 -4.78 -17.29 -12.05
CA ASP C 24 -3.86 -18.29 -11.45
C ASP C 24 -4.08 -18.41 -9.96
N LYS C 25 -3.67 -19.52 -9.39
CA LYS C 25 -3.85 -19.74 -7.93
C LYS C 25 -3.30 -18.56 -7.11
N TYR C 26 -2.03 -18.27 -7.23
CA TYR C 26 -1.42 -17.16 -6.42
C TYR C 26 -0.93 -16.00 -7.31
N LYS C 27 -1.50 -15.82 -8.46
CA LYS C 27 -1.05 -14.69 -9.33
C LYS C 27 -2.29 -14.07 -9.99
N LEU C 28 -2.23 -12.80 -10.19
CA LEU C 28 -3.38 -12.05 -10.77
C LEU C 28 -3.20 -11.94 -12.29
N SER C 29 -4.24 -11.59 -13.01
CA SER C 29 -4.13 -11.46 -14.50
C SER C 29 -4.74 -10.14 -14.98
N LYS C 30 -4.41 -9.74 -16.18
CA LYS C 30 -4.97 -8.47 -16.72
C LYS C 30 -6.49 -8.39 -16.52
N LYS C 31 -7.23 -9.46 -16.65
CA LYS C 31 -8.71 -9.34 -16.48
C LYS C 31 -9.07 -9.32 -14.99
N GLU C 32 -8.26 -9.93 -14.17
CA GLU C 32 -8.58 -9.96 -12.72
C GLU C 32 -8.43 -8.56 -12.11
N LEU C 33 -7.42 -7.82 -12.51
CA LEU C 33 -7.24 -6.45 -11.94
C LEU C 33 -8.37 -5.53 -12.38
N LYS C 34 -8.76 -5.64 -13.62
CA LYS C 34 -9.86 -4.74 -14.12
C LYS C 34 -11.17 -4.92 -13.35
N ASP C 35 -11.53 -6.12 -13.00
CA ASP C 35 -12.83 -6.33 -12.27
C ASP C 35 -12.68 -6.02 -10.78
N LEU C 36 -11.55 -6.29 -10.20
CA LEU C 36 -11.38 -6.02 -8.75
C LEU C 36 -11.54 -4.51 -8.50
N LEU C 37 -10.82 -3.72 -9.24
CA LEU C 37 -10.87 -2.24 -9.09
C LEU C 37 -12.21 -1.68 -9.57
N GLN C 38 -12.68 -2.19 -10.68
CA GLN C 38 -13.96 -1.70 -11.28
C GLN C 38 -15.18 -2.09 -10.44
N THR C 39 -15.16 -3.28 -9.91
CA THR C 39 -16.34 -3.76 -9.14
C THR C 39 -16.64 -2.88 -7.94
N GLU C 40 -15.66 -2.57 -7.14
CA GLU C 40 -15.92 -1.75 -5.91
C GLU C 40 -15.53 -0.28 -6.13
N LEU C 41 -14.74 0.03 -7.13
CA LEU C 41 -14.34 1.46 -7.35
C LEU C 41 -14.44 1.82 -8.84
N SER C 42 -15.60 1.68 -9.41
CA SER C 42 -15.77 2.01 -10.85
C SER C 42 -15.68 3.52 -11.06
N SER C 43 -16.30 4.28 -10.19
CA SER C 43 -16.30 5.76 -10.34
C SER C 43 -14.93 6.37 -10.02
N PHE C 44 -14.28 5.95 -8.96
CA PHE C 44 -12.96 6.55 -8.63
C PHE C 44 -11.84 5.92 -9.45
N LEU C 45 -11.03 5.07 -8.86
CA LEU C 45 -9.90 4.35 -9.58
C LEU C 45 -10.03 4.59 -11.10
N ASP C 46 -9.11 4.99 -11.93
CA ASP C 46 -9.50 5.09 -13.40
C ASP C 46 -9.18 3.76 -14.13
N VAL C 47 -10.19 3.01 -14.51
CA VAL C 47 -9.92 1.70 -15.23
C VAL C 47 -10.99 1.45 -16.30
N GLN C 48 -12.23 1.70 -16.00
CA GLN C 48 -13.32 1.41 -16.99
C GLN C 48 -13.69 2.66 -17.80
N LYS C 49 -13.84 3.78 -17.16
CA LYS C 49 -14.20 5.02 -17.91
C LYS C 49 -13.05 5.38 -18.83
N ASP C 50 -11.90 4.85 -18.53
CA ASP C 50 -10.71 5.13 -19.38
C ASP C 50 -9.90 3.83 -19.50
N ALA C 51 -10.23 3.03 -20.48
CA ALA C 51 -9.52 1.73 -20.67
C ALA C 51 -8.03 2.01 -20.90
N ASP C 52 -7.72 3.06 -21.59
CA ASP C 52 -6.29 3.42 -21.81
C ASP C 52 -5.66 3.65 -20.44
N ALA C 53 -6.36 4.27 -19.55
CA ALA C 53 -5.76 4.54 -18.22
C ALA C 53 -5.32 3.23 -17.57
N VAL C 54 -6.10 2.19 -17.71
CA VAL C 54 -5.68 0.91 -17.10
C VAL C 54 -4.41 0.41 -17.79
N ASP C 55 -4.31 0.58 -19.07
CA ASP C 55 -3.10 0.08 -19.78
C ASP C 55 -1.85 0.75 -19.20
N LYS C 56 -1.93 2.02 -18.92
CA LYS C 56 -0.77 2.76 -18.34
C LYS C 56 -0.44 2.19 -16.95
N ILE C 57 -1.45 1.88 -16.19
CA ILE C 57 -1.25 1.36 -14.81
C ILE C 57 -0.62 -0.04 -14.82
N MET C 58 -1.23 -0.96 -15.49
CA MET C 58 -0.72 -2.37 -15.55
C MET C 58 0.68 -2.38 -16.18
N LYS C 59 0.90 -1.59 -17.16
CA LYS C 59 2.26 -1.56 -17.77
C LYS C 59 3.22 -1.12 -16.67
N GLU C 60 2.79 -0.18 -15.88
CA GLU C 60 3.63 0.32 -14.76
C GLU C 60 3.81 -0.84 -13.77
N LEU C 61 2.86 -1.73 -13.70
CA LEU C 61 2.96 -2.88 -12.76
C LEU C 61 3.71 -4.03 -13.40
N ASP C 62 3.65 -4.16 -14.68
CA ASP C 62 4.39 -5.28 -15.30
C ASP C 62 5.87 -4.94 -15.20
N GLU C 63 6.30 -4.59 -14.02
CA GLU C 63 7.73 -4.21 -13.83
C GLU C 63 8.60 -5.40 -14.21
N ASN C 64 8.19 -6.59 -13.87
CA ASN C 64 8.99 -7.77 -14.27
C ASN C 64 8.81 -7.91 -15.77
N GLY C 65 7.77 -7.29 -16.29
CA GLY C 65 7.53 -7.31 -17.74
C GLY C 65 6.79 -8.57 -18.14
N ASP C 66 5.93 -9.09 -17.29
CA ASP C 66 5.18 -10.33 -17.69
C ASP C 66 3.86 -9.87 -18.30
N GLY C 67 2.76 -10.34 -17.77
CA GLY C 67 1.42 -9.92 -18.27
C GLY C 67 0.41 -10.22 -17.15
N GLU C 68 0.91 -10.31 -15.93
CA GLU C 68 0.04 -10.61 -14.76
C GLU C 68 0.42 -9.61 -13.66
N VAL C 69 -0.26 -9.60 -12.55
CA VAL C 69 0.10 -8.65 -11.44
C VAL C 69 0.24 -9.46 -10.16
N ASP C 70 1.31 -9.28 -9.45
CA ASP C 70 1.51 -10.04 -8.18
C ASP C 70 1.07 -9.16 -7.01
N PHE C 71 0.95 -9.71 -5.84
CA PHE C 71 0.53 -8.90 -4.66
C PHE C 71 1.57 -7.77 -4.48
N GLN C 72 2.80 -8.02 -4.81
CA GLN C 72 3.82 -6.96 -4.66
C GLN C 72 3.66 -5.90 -5.76
N GLU C 73 3.17 -6.30 -6.90
CA GLU C 73 2.96 -5.35 -8.02
C GLU C 73 1.63 -4.61 -7.83
N PHE C 74 0.66 -5.30 -7.34
CA PHE C 74 -0.67 -4.68 -7.15
C PHE C 74 -0.68 -3.75 -5.94
N VAL C 75 -0.09 -4.19 -4.87
CA VAL C 75 -0.09 -3.39 -3.63
C VAL C 75 0.61 -2.05 -3.87
N VAL C 76 1.68 -2.05 -4.62
CA VAL C 76 2.35 -0.76 -4.89
C VAL C 76 1.39 0.18 -5.64
N LEU C 77 0.51 -0.39 -6.43
CA LEU C 77 -0.46 0.45 -7.23
C LEU C 77 -1.50 1.13 -6.33
N VAL C 78 -2.25 0.37 -5.60
CA VAL C 78 -3.32 0.95 -4.71
C VAL C 78 -2.68 1.92 -3.72
N ALA C 79 -1.49 1.65 -3.34
CA ALA C 79 -0.75 2.53 -2.38
C ALA C 79 -0.34 3.86 -3.05
N ALA C 80 0.07 3.79 -4.27
CA ALA C 80 0.56 5.02 -4.97
C ALA C 80 -0.59 5.92 -5.47
N LEU C 81 -1.76 5.41 -5.75
CA LEU C 81 -2.84 6.33 -6.24
C LEU C 81 -3.57 6.98 -5.06
N THR C 82 -3.81 6.24 -4.00
CA THR C 82 -4.49 6.82 -2.79
C THR C 82 -3.72 8.06 -2.31
N VAL C 83 -2.42 7.94 -2.17
CA VAL C 83 -1.60 9.13 -1.78
C VAL C 83 -1.84 10.24 -2.78
N ALA C 84 -1.93 9.90 -4.03
CA ALA C 84 -2.16 10.92 -5.08
C ALA C 84 -3.54 11.56 -4.89
N CYS C 85 -4.44 10.88 -4.22
CA CYS C 85 -5.80 11.45 -4.05
C CYS C 85 -5.76 12.65 -3.09
N ASN C 86 -4.99 12.59 -2.04
CA ASN C 86 -4.94 13.75 -1.11
C ASN C 86 -4.32 14.95 -1.83
N ASN C 87 -3.29 14.71 -2.60
CA ASN C 87 -2.62 15.83 -3.33
C ASN C 87 -3.56 16.45 -4.37
N PHE C 88 -4.35 15.65 -5.02
CA PHE C 88 -5.26 16.17 -6.08
C PHE C 88 -6.60 16.60 -5.47
N PHE C 89 -6.81 16.34 -4.21
CA PHE C 89 -8.10 16.72 -3.55
C PHE C 89 -7.94 18.08 -2.86
N TRP C 90 -6.72 18.49 -2.59
CA TRP C 90 -6.51 19.80 -1.90
C TRP C 90 -6.41 20.94 -2.92
N GLU C 91 -6.22 20.63 -4.18
CA GLU C 91 -6.12 21.73 -5.19
C GLU C 91 -7.51 22.29 -5.45
N ASN C 92 -7.60 23.51 -5.91
CA ASN C 92 -8.93 24.12 -6.18
C ASN C 92 -9.78 24.03 -4.91
N SER C 93 -9.14 24.04 -3.76
CA SER C 93 -9.90 23.96 -2.48
C SER C 93 -10.90 22.80 -2.56
N GLY D 1 -17.48 0.71 -3.44
CA GLY D 1 -16.32 0.68 -2.43
C GLY D 1 -16.53 0.03 -1.09
N SER D 2 -16.16 -1.22 -0.95
CA SER D 2 -16.35 -1.93 0.36
C SER D 2 -15.00 -2.12 1.06
N GLU D 3 -14.44 -3.30 1.04
CA GLU D 3 -13.16 -3.53 1.79
C GLU D 3 -12.04 -2.63 1.26
N LEU D 4 -11.92 -2.48 -0.03
CA LEU D 4 -10.82 -1.63 -0.56
C LEU D 4 -11.05 -0.15 -0.25
N GLU D 5 -12.25 0.33 -0.39
CA GLU D 5 -12.47 1.78 -0.11
C GLU D 5 -12.25 2.05 1.38
N THR D 6 -12.64 1.12 2.20
CA THR D 6 -12.46 1.31 3.67
C THR D 6 -10.97 1.46 4.01
N ALA D 7 -10.16 0.60 3.47
CA ALA D 7 -8.70 0.63 3.75
C ALA D 7 -7.99 1.84 3.14
N MET D 8 -8.47 2.41 2.06
CA MET D 8 -7.73 3.56 1.47
C MET D 8 -7.95 4.80 2.32
N GLU D 9 -9.17 5.06 2.70
CA GLU D 9 -9.46 6.26 3.51
C GLU D 9 -8.92 6.13 4.93
N THR D 10 -8.97 4.95 5.50
CA THR D 10 -8.47 4.82 6.90
C THR D 10 -6.98 5.19 6.95
N LEU D 11 -6.12 4.58 6.18
CA LEU D 11 -4.68 4.97 6.22
C LEU D 11 -4.58 6.49 6.15
N ILE D 12 -5.39 7.11 5.34
CA ILE D 12 -5.37 8.60 5.26
C ILE D 12 -5.79 9.19 6.62
N ASN D 13 -6.59 8.48 7.37
CA ASN D 13 -7.04 8.98 8.72
C ASN D 13 -5.94 8.85 9.78
N VAL D 14 -5.43 7.66 9.98
CA VAL D 14 -4.40 7.42 11.01
C VAL D 14 -3.13 8.23 10.70
N PHE D 15 -2.69 8.20 9.47
CA PHE D 15 -1.45 8.96 9.10
C PHE D 15 -1.66 10.45 9.39
N HIS D 16 -2.79 11.01 9.12
CA HIS D 16 -2.98 12.46 9.42
C HIS D 16 -2.78 12.71 10.91
N ALA D 17 -3.25 11.82 11.74
CA ALA D 17 -3.15 12.02 13.22
C ALA D 17 -1.70 12.19 13.73
N HIS D 18 -0.84 11.24 13.46
CA HIS D 18 0.56 11.35 14.00
C HIS D 18 1.44 12.23 13.12
N SER D 19 1.32 12.08 11.83
CA SER D 19 2.15 12.85 10.86
C SER D 19 1.96 14.36 10.97
N GLY D 20 0.80 14.83 11.30
CA GLY D 20 0.56 16.32 11.36
C GLY D 20 0.59 16.81 12.80
N LYS D 21 0.99 15.99 13.74
CA LYS D 21 1.02 16.43 15.17
C LYS D 21 2.43 16.28 15.73
N GLU D 22 2.87 15.08 15.95
CA GLU D 22 4.24 14.91 16.51
C GLU D 22 5.26 15.10 15.38
N GLY D 23 5.17 16.19 14.64
CA GLY D 23 6.16 16.41 13.53
C GLY D 23 5.75 17.57 12.63
N ASP D 24 6.00 17.42 11.35
CA ASP D 24 5.65 18.50 10.37
C ASP D 24 4.18 18.41 9.95
N LYS D 25 3.65 19.51 9.48
CA LYS D 25 2.22 19.53 9.06
C LYS D 25 1.90 18.39 8.10
N TYR D 26 2.57 18.34 6.96
CA TYR D 26 2.27 17.27 5.94
C TYR D 26 3.46 16.32 5.74
N LYS D 27 4.32 16.16 6.71
CA LYS D 27 5.48 15.23 6.54
C LYS D 27 5.68 14.49 7.85
N LEU D 28 6.11 13.27 7.74
CA LEU D 28 6.31 12.41 8.94
C LEU D 28 7.77 12.49 9.40
N SER D 29 8.06 12.05 10.60
CA SER D 29 9.47 12.11 11.12
C SER D 29 9.89 10.77 11.71
N LYS D 30 11.18 10.57 11.87
CA LYS D 30 11.67 9.28 12.46
C LYS D 30 10.89 8.92 13.73
N LYS D 31 10.54 9.84 14.57
CA LYS D 31 9.80 9.45 15.82
C LYS D 31 8.31 9.21 15.52
N GLU D 32 7.80 9.85 14.52
CA GLU D 32 6.36 9.66 14.20
C GLU D 32 6.12 8.25 13.65
N LEU D 33 7.00 7.76 12.83
CA LEU D 33 6.80 6.38 12.27
C LEU D 33 6.90 5.33 13.36
N LYS D 34 7.84 5.50 14.25
CA LYS D 34 8.02 4.49 15.34
C LYS D 34 6.77 4.35 16.22
N ASP D 35 6.10 5.41 16.54
CA ASP D 35 4.90 5.31 17.42
C ASP D 35 3.66 4.88 16.63
N LEU D 36 3.54 5.28 15.40
CA LEU D 36 2.35 4.87 14.60
C LEU D 36 2.33 3.34 14.48
N LEU D 37 3.42 2.78 14.05
CA LEU D 37 3.51 1.30 13.86
C LEU D 37 3.51 0.58 15.21
N GLN D 38 4.23 1.11 16.16
CA GLN D 38 4.36 0.48 17.51
C GLN D 38 3.05 0.56 18.29
N THR D 39 2.37 1.66 18.19
CA THR D 39 1.12 1.85 19.00
C THR D 39 0.08 0.78 18.66
N GLU D 40 -0.21 0.58 17.40
CA GLU D 40 -1.27 -0.41 17.03
C GLU D 40 -0.67 -1.76 16.60
N LEU D 41 0.60 -1.81 16.28
CA LEU D 41 1.21 -3.11 15.83
C LEU D 41 2.57 -3.31 16.51
N SER D 42 2.61 -3.32 17.82
CA SER D 42 3.90 -3.52 18.53
C SER D 42 4.38 -4.96 18.37
N SER D 43 3.49 -5.90 18.47
CA SER D 43 3.89 -7.34 18.36
C SER D 43 4.24 -7.73 16.92
N PHE D 44 3.48 -7.31 15.95
CA PHE D 44 3.79 -7.72 14.54
C PHE D 44 4.85 -6.83 13.90
N LEU D 45 4.49 -5.78 13.20
CA LEU D 45 5.50 -4.92 12.46
C LEU D 45 6.83 -4.97 13.24
N ASP D 46 8.03 -5.12 12.71
CA ASP D 46 9.21 -5.12 13.64
C ASP D 46 9.76 -3.70 13.79
N VAL D 47 9.59 -3.08 14.93
CA VAL D 47 10.12 -1.70 15.12
C VAL D 47 10.61 -1.51 16.56
N GLN D 48 9.89 -2.02 17.54
CA GLN D 48 10.31 -1.82 18.96
C GLN D 48 11.10 -3.02 19.49
N LYS D 49 10.66 -4.21 19.23
CA LYS D 49 11.40 -5.40 19.72
C LYS D 49 12.74 -5.46 19.02
N ASP D 50 12.85 -4.77 17.93
CA ASP D 50 14.12 -4.74 17.17
C ASP D 50 14.33 -3.31 16.65
N ALA D 51 14.95 -2.48 17.45
CA ALA D 51 15.18 -1.06 17.05
C ALA D 51 16.03 -1.04 15.77
N ASP D 52 16.95 -1.95 15.66
CA ASP D 52 17.77 -2.03 14.41
C ASP D 52 16.83 -2.28 13.25
N ALA D 53 15.86 -3.11 13.44
CA ALA D 53 14.95 -3.42 12.30
C ALA D 53 14.32 -2.13 11.79
N VAL D 54 13.94 -1.24 12.66
CA VAL D 54 13.34 0.03 12.18
C VAL D 54 14.38 0.81 11.39
N ASP D 55 15.61 0.80 11.81
CA ASP D 55 16.64 1.60 11.07
C ASP D 55 16.73 1.08 9.63
N LYS D 56 16.65 -0.21 9.45
CA LYS D 56 16.72 -0.79 8.07
C LYS D 56 15.50 -0.33 7.25
N ILE D 57 14.37 -0.28 7.88
CA ILE D 57 13.11 0.11 7.18
C ILE D 57 13.13 1.60 6.78
N MET D 58 13.33 2.46 7.72
CA MET D 58 13.34 3.93 7.44
C MET D 58 14.46 4.26 6.45
N LYS D 59 15.58 3.63 6.57
CA LYS D 59 16.66 3.90 5.59
C LYS D 59 16.13 3.53 4.21
N GLU D 60 15.41 2.44 4.16
CA GLU D 60 14.82 1.98 2.89
C GLU D 60 13.78 3.02 2.44
N LEU D 61 13.21 3.73 3.37
CA LEU D 61 12.19 4.77 3.03
C LEU D 61 12.87 6.09 2.74
N ASP D 62 13.98 6.36 3.34
CA ASP D 62 14.64 7.64 3.06
C ASP D 62 15.20 7.56 1.65
N GLU D 63 14.36 7.17 0.72
CA GLU D 63 14.82 7.03 -0.68
C GLU D 63 15.32 8.39 -1.17
N ASN D 64 14.64 9.43 -0.81
CA ASN D 64 15.10 10.78 -1.23
C ASN D 64 16.36 11.05 -0.42
N GLY D 65 16.52 10.32 0.65
CA GLY D 65 17.74 10.45 1.49
C GLY D 65 17.58 11.60 2.47
N ASP D 66 16.38 11.88 2.95
CA ASP D 66 16.24 13.00 3.92
C ASP D 66 16.34 12.38 5.32
N GLY D 67 15.35 12.59 6.14
CA GLY D 67 15.34 12.00 7.51
C GLY D 67 13.88 11.99 7.99
N GLU D 68 12.95 12.03 7.03
CA GLU D 68 11.51 12.03 7.36
C GLU D 68 10.84 11.00 6.45
N VAL D 69 9.57 10.75 6.60
CA VAL D 69 8.88 9.76 5.71
C VAL D 69 7.64 10.43 5.14
N ASP D 70 7.46 10.37 3.85
CA ASP D 70 6.26 11.00 3.22
C ASP D 70 5.18 9.94 3.03
N PHE D 71 3.99 10.33 2.71
CA PHE D 71 2.91 9.34 2.51
C PHE D 71 3.33 8.40 1.36
N GLN D 72 4.08 8.89 0.42
CA GLN D 72 4.53 8.01 -0.69
C GLN D 72 5.65 7.07 -0.20
N GLU D 73 6.41 7.50 0.78
CA GLU D 73 7.51 6.66 1.31
C GLU D 73 6.94 5.68 2.35
N PHE D 74 5.98 6.13 3.10
CA PHE D 74 5.39 5.27 4.14
C PHE D 74 4.46 4.22 3.53
N VAL D 75 3.64 4.64 2.62
CA VAL D 75 2.66 3.72 2.00
C VAL D 75 3.39 2.57 1.31
N VAL D 76 4.48 2.84 0.66
CA VAL D 76 5.22 1.71 0.02
C VAL D 76 5.68 0.72 1.10
N LEU D 77 5.95 1.20 2.29
CA LEU D 77 6.43 0.29 3.39
C LEU D 77 5.33 -0.65 3.87
N VAL D 78 4.23 -0.12 4.34
CA VAL D 78 3.12 -0.99 4.85
C VAL D 78 2.65 -1.92 3.76
N ALA D 79 2.74 -1.50 2.55
CA ALA D 79 2.31 -2.32 1.40
C ALA D 79 3.30 -3.49 1.16
N ALA D 80 4.56 -3.22 1.30
CA ALA D 80 5.60 -4.25 1.02
C ALA D 80 5.74 -5.27 2.16
N LEU D 81 5.44 -4.95 3.39
CA LEU D 81 5.61 -5.98 4.47
C LEU D 81 4.35 -6.88 4.55
N THR D 82 3.19 -6.31 4.42
CA THR D 82 1.93 -7.13 4.45
C THR D 82 2.03 -8.27 3.41
N VAL D 83 2.39 -7.93 2.21
CA VAL D 83 2.57 -8.99 1.16
C VAL D 83 3.58 -10.02 1.66
N ALA D 84 4.61 -9.56 2.31
CA ALA D 84 5.64 -10.50 2.84
C ALA D 84 5.03 -11.38 3.92
N CYS D 85 3.96 -10.94 4.53
CA CYS D 85 3.36 -11.76 5.63
C CYS D 85 2.72 -13.02 5.05
N ASN D 86 2.07 -12.94 3.92
CA ASN D 86 1.44 -14.17 3.36
C ASN D 86 2.54 -15.15 2.95
N ASN D 87 3.61 -14.67 2.39
CA ASN D 87 4.72 -15.56 1.95
C ASN D 87 5.39 -16.22 3.16
N PHE D 88 5.52 -15.50 4.24
CA PHE D 88 6.21 -16.05 5.45
C PHE D 88 5.20 -16.77 6.35
N PHE D 89 3.94 -16.69 6.04
CA PHE D 89 2.91 -17.37 6.88
C PHE D 89 2.59 -18.74 6.29
N TRP D 90 2.89 -18.96 5.04
CA TRP D 90 2.58 -20.28 4.40
C TRP D 90 3.74 -21.26 4.61
N GLU D 91 4.89 -20.79 5.00
CA GLU D 91 6.03 -21.74 5.21
C GLU D 91 5.80 -22.51 6.51
N ASN D 92 6.41 -23.66 6.64
CA ASN D 92 6.22 -24.46 7.88
C ASN D 92 4.73 -24.66 8.12
N SER D 93 3.94 -24.69 7.07
CA SER D 93 2.48 -24.87 7.24
C SER D 93 1.96 -23.90 8.30
N THR A 1 -11.83 13.00 -22.90
CA THR A 1 -12.64 14.21 -23.20
C THR A 1 -13.48 14.58 -21.99
N ARG A 2 -14.76 14.76 -22.18
CA ARG A 2 -15.65 15.12 -21.03
C ARG A 2 -15.96 13.87 -20.21
N THR A 3 -16.14 14.03 -18.93
CA THR A 3 -16.46 12.86 -18.05
C THR A 3 -15.26 11.91 -17.98
N LYS A 4 -14.18 12.24 -18.63
CA LYS A 4 -12.97 11.36 -18.59
C LYS A 4 -12.08 11.79 -17.42
N ILE A 5 -11.49 10.84 -16.75
CA ILE A 5 -10.60 11.15 -15.59
C ILE A 5 -9.20 10.64 -15.90
N ASP A 6 -8.19 11.48 -15.82
CA ASP A 6 -6.79 11.04 -16.13
C ASP A 6 -5.92 11.16 -14.88
N TRP A 7 -6.51 11.33 -13.74
CA TRP A 7 -5.71 11.47 -12.50
C TRP A 7 -4.86 10.20 -12.25
N ASN A 8 -5.43 9.03 -12.30
CA ASN A 8 -4.61 7.82 -12.06
C ASN A 8 -3.41 7.86 -13.00
N LYS A 9 -3.58 8.43 -14.16
CA LYS A 9 -2.44 8.55 -15.10
C LYS A 9 -1.38 9.40 -14.42
N ILE A 10 -1.78 10.23 -13.48
CA ILE A 10 -0.80 11.09 -12.75
C ILE A 10 0.32 10.17 -12.29
N LEU A 11 -0.03 9.00 -11.90
CA LEU A 11 1.01 8.01 -11.49
C LEU A 11 1.79 7.63 -12.74
N SER A 12 1.09 7.45 -13.83
CA SER A 12 1.77 7.09 -15.10
C SER A 12 0.77 7.21 -16.26
N THR B 1 16.89 -11.88 23.48
CA THR B 1 16.16 -13.17 23.56
C THR B 1 16.66 -14.12 22.47
N ARG B 2 15.94 -15.17 22.20
CA ARG B 2 16.39 -16.13 21.15
C ARG B 2 16.50 -15.39 19.82
N THR B 3 15.51 -14.59 19.49
CA THR B 3 15.56 -13.82 18.21
C THR B 3 14.71 -12.56 18.36
N LYS B 4 14.91 -11.60 17.49
CA LYS B 4 14.12 -10.32 17.56
C LYS B 4 13.30 -10.16 16.28
N ILE B 5 12.77 -11.24 15.75
CA ILE B 5 11.95 -11.18 14.49
C ILE B 5 12.72 -10.34 13.44
N ASP B 6 13.35 -11.00 12.49
CA ASP B 6 14.11 -10.26 11.44
C ASP B 6 13.32 -10.32 10.12
N TRP B 7 12.06 -10.64 10.22
CA TRP B 7 11.23 -10.74 8.99
C TRP B 7 11.18 -9.40 8.25
N ASN B 8 10.90 -8.32 8.91
CA ASN B 8 10.86 -7.02 8.20
C ASN B 8 12.16 -6.84 7.41
N LYS B 9 13.24 -7.27 7.98
CA LYS B 9 14.52 -7.15 7.27
C LYS B 9 14.36 -7.85 5.92
N ILE B 10 13.45 -8.80 5.84
CA ILE B 10 13.18 -9.49 4.54
C ILE B 10 12.92 -8.38 3.53
N LEU B 11 12.34 -7.32 4.02
CA LEU B 11 12.05 -6.15 3.14
C LEU B 11 13.38 -5.58 2.65
N SER B 12 14.35 -5.52 3.53
CA SER B 12 15.70 -4.99 3.15
C SER B 12 16.70 -6.13 3.08
N GLY C 1 -7.67 -5.80 15.26
CA GLY C 1 -8.74 -4.83 15.75
C GLY C 1 -8.56 -3.36 15.53
N SER C 2 -7.34 -2.91 15.45
CA SER C 2 -7.12 -1.45 15.23
C SER C 2 -7.41 -1.12 13.76
N GLU C 3 -7.56 0.13 13.43
CA GLU C 3 -7.87 0.51 12.02
C GLU C 3 -6.78 0.02 11.06
N LEU C 4 -5.53 0.18 11.41
CA LEU C 4 -4.47 -0.27 10.47
C LEU C 4 -4.57 -1.78 10.24
N GLU C 5 -4.85 -2.54 11.26
CA GLU C 5 -4.96 -4.01 11.07
C GLU C 5 -6.13 -4.31 10.13
N THR C 6 -7.16 -3.52 10.20
CA THR C 6 -8.35 -3.76 9.34
C THR C 6 -7.94 -3.70 7.86
N ALA C 7 -7.17 -2.70 7.52
CA ALA C 7 -6.75 -2.50 6.10
C ALA C 7 -5.77 -3.56 5.61
N MET C 8 -4.95 -4.09 6.45
CA MET C 8 -3.96 -5.10 5.96
C MET C 8 -4.66 -6.40 5.61
N GLU C 9 -5.45 -6.89 6.50
CA GLU C 9 -6.13 -8.17 6.29
C GLU C 9 -7.20 -8.07 5.21
N THR C 10 -7.89 -6.98 5.11
CA THR C 10 -8.95 -6.89 4.08
C THR C 10 -8.33 -7.00 2.67
N LEU C 11 -7.37 -6.17 2.34
CA LEU C 11 -6.73 -6.28 0.98
C LEU C 11 -6.38 -7.75 0.72
N ILE C 12 -5.91 -8.43 1.72
CA ILE C 12 -5.54 -9.86 1.54
C ILE C 12 -6.77 -10.75 1.22
N ASN C 13 -7.91 -10.55 1.85
CA ASN C 13 -9.08 -11.46 1.55
C ASN C 13 -9.81 -11.08 0.24
N VAL C 14 -10.16 -9.83 0.05
CA VAL C 14 -10.88 -9.44 -1.19
C VAL C 14 -10.00 -9.75 -2.40
N PHE C 15 -8.72 -9.55 -2.28
CA PHE C 15 -7.79 -9.89 -3.41
C PHE C 15 -7.94 -11.39 -3.69
N HIS C 16 -8.07 -12.19 -2.67
CA HIS C 16 -8.24 -13.66 -2.87
C HIS C 16 -9.56 -13.97 -3.60
N ALA C 17 -10.57 -13.18 -3.38
CA ALA C 17 -11.91 -13.44 -4.02
C ALA C 17 -11.80 -13.51 -5.55
N HIS C 18 -11.23 -12.51 -6.17
CA HIS C 18 -11.12 -12.51 -7.67
C HIS C 18 -9.96 -13.39 -8.15
N SER C 19 -8.84 -13.29 -7.52
CA SER C 19 -7.62 -14.05 -7.94
C SER C 19 -7.81 -15.58 -7.91
N GLY C 20 -8.71 -16.10 -7.12
CA GLY C 20 -8.87 -17.58 -7.02
C GLY C 20 -9.99 -18.11 -7.92
N LYS C 21 -10.63 -17.28 -8.72
CA LYS C 21 -11.74 -17.79 -9.60
C LYS C 21 -11.42 -17.49 -11.07
N GLU C 22 -11.30 -16.25 -11.43
CA GLU C 22 -11.02 -15.91 -12.86
C GLU C 22 -9.52 -15.84 -13.11
N GLY C 23 -8.77 -16.75 -12.56
CA GLY C 23 -7.29 -16.71 -12.79
C GLY C 23 -6.63 -17.94 -12.17
N ASP C 24 -5.39 -17.82 -11.81
CA ASP C 24 -4.66 -18.95 -11.17
C ASP C 24 -4.94 -18.91 -9.68
N LYS C 25 -4.72 -19.99 -8.99
CA LYS C 25 -5.03 -20.04 -7.54
C LYS C 25 -4.34 -18.90 -6.78
N TYR C 26 -3.04 -18.70 -6.96
CA TYR C 26 -2.32 -17.62 -6.17
C TYR C 26 -1.76 -16.51 -7.08
N LYS C 27 -2.28 -16.30 -8.27
CA LYS C 27 -1.75 -15.21 -9.14
C LYS C 27 -2.91 -14.48 -9.79
N LEU C 28 -2.74 -13.21 -9.94
CA LEU C 28 -3.79 -12.34 -10.54
C LEU C 28 -3.54 -12.26 -12.06
N SER C 29 -4.50 -11.84 -12.82
CA SER C 29 -4.33 -11.75 -14.31
C SER C 29 -4.82 -10.39 -14.82
N LYS C 30 -4.45 -10.03 -16.03
CA LYS C 30 -4.92 -8.72 -16.58
C LYS C 30 -6.43 -8.53 -16.39
N LYS C 31 -7.24 -9.53 -16.57
CA LYS C 31 -8.71 -9.31 -16.41
C LYS C 31 -9.09 -9.27 -14.93
N GLU C 32 -8.36 -9.97 -14.10
CA GLU C 32 -8.69 -9.96 -12.66
C GLU C 32 -8.38 -8.60 -12.02
N LEU C 33 -7.28 -7.96 -12.37
CA LEU C 33 -7.00 -6.62 -11.76
C LEU C 33 -8.11 -5.65 -12.16
N LYS C 34 -8.52 -5.70 -13.39
CA LYS C 34 -9.59 -4.75 -13.86
C LYS C 34 -10.94 -4.98 -13.14
N ASP C 35 -11.33 -6.21 -12.90
CA ASP C 35 -12.65 -6.49 -12.26
C ASP C 35 -12.66 -6.19 -10.75
N LEU C 36 -11.65 -6.59 -10.08
CA LEU C 36 -11.58 -6.35 -8.61
C LEU C 36 -11.59 -4.86 -8.29
N LEU C 37 -10.75 -4.12 -8.97
CA LEU C 37 -10.63 -2.65 -8.72
C LEU C 37 -11.86 -1.85 -9.18
N GLN C 38 -12.30 -2.08 -10.39
CA GLN C 38 -13.44 -1.29 -10.96
C GLN C 38 -14.75 -1.51 -10.20
N THR C 39 -15.00 -2.72 -9.81
CA THR C 39 -16.27 -3.03 -9.14
C THR C 39 -16.46 -2.16 -7.91
N GLU C 40 -15.43 -2.00 -7.12
CA GLU C 40 -15.57 -1.18 -5.87
C GLU C 40 -15.01 0.24 -6.08
N LEU C 41 -14.26 0.46 -7.12
CA LEU C 41 -13.72 1.84 -7.39
C LEU C 41 -13.89 2.17 -8.86
N SER C 42 -15.03 1.86 -9.43
CA SER C 42 -15.27 2.14 -10.88
C SER C 42 -15.16 3.64 -11.15
N SER C 43 -15.87 4.44 -10.41
CA SER C 43 -15.86 5.92 -10.65
C SER C 43 -14.50 6.53 -10.30
N PHE C 44 -13.86 6.07 -9.27
CA PHE C 44 -12.55 6.67 -8.88
C PHE C 44 -11.39 6.10 -9.70
N LEU C 45 -10.55 5.29 -9.08
CA LEU C 45 -9.39 4.60 -9.77
C LEU C 45 -9.50 4.78 -11.31
N ASP C 46 -8.55 5.14 -12.15
CA ASP C 46 -8.91 5.15 -13.62
C ASP C 46 -8.57 3.78 -14.25
N VAL C 47 -9.56 3.01 -14.64
CA VAL C 47 -9.26 1.67 -15.28
C VAL C 47 -10.22 1.41 -16.44
N GLN C 48 -11.49 1.69 -16.25
CA GLN C 48 -12.49 1.42 -17.33
C GLN C 48 -12.67 2.64 -18.25
N LYS C 49 -12.98 3.78 -17.72
CA LYS C 49 -13.20 4.97 -18.60
C LYS C 49 -12.01 5.08 -19.55
N ASP C 50 -10.83 5.23 -19.02
CA ASP C 50 -9.63 5.31 -19.89
C ASP C 50 -8.99 3.92 -19.94
N ALA C 51 -9.33 3.13 -20.93
CA ALA C 51 -8.73 1.77 -21.02
C ALA C 51 -7.20 1.91 -21.14
N ASP C 52 -6.77 2.90 -21.86
CA ASP C 52 -5.31 3.15 -22.01
C ASP C 52 -4.72 3.36 -20.62
N ALA C 53 -5.45 3.98 -19.73
CA ALA C 53 -4.89 4.24 -18.38
C ALA C 53 -4.54 2.92 -17.71
N VAL C 54 -5.37 1.93 -17.84
CA VAL C 54 -5.05 0.62 -17.21
C VAL C 54 -3.77 0.08 -17.83
N ASP C 55 -3.54 0.35 -19.08
CA ASP C 55 -2.32 -0.18 -19.75
C ASP C 55 -1.06 0.47 -19.16
N LYS C 56 -1.13 1.75 -18.87
CA LYS C 56 0.06 2.46 -18.31
C LYS C 56 0.34 1.97 -16.88
N ILE C 57 -0.70 1.77 -16.14
CA ILE C 57 -0.56 1.32 -14.73
C ILE C 57 -0.06 -0.13 -14.66
N MET C 58 -0.75 -1.02 -15.28
CA MET C 58 -0.36 -2.44 -15.24
C MET C 58 1.01 -2.63 -15.88
N LYS C 59 1.27 -1.92 -16.92
CA LYS C 59 2.60 -2.06 -17.60
C LYS C 59 3.67 -1.71 -16.58
N GLU C 60 3.48 -0.62 -15.90
CA GLU C 60 4.46 -0.22 -14.86
C GLU C 60 4.41 -1.26 -13.75
N LEU C 61 3.28 -1.89 -13.62
CA LEU C 61 3.08 -2.93 -12.56
C LEU C 61 3.71 -4.25 -13.01
N ASP C 62 3.57 -4.59 -14.26
CA ASP C 62 4.15 -5.86 -14.77
C ASP C 62 5.66 -5.71 -14.75
N GLU C 63 6.18 -5.45 -13.59
CA GLU C 63 7.65 -5.26 -13.46
C GLU C 63 8.35 -6.53 -13.90
N ASN C 64 7.81 -7.65 -13.55
CA ASN C 64 8.44 -8.92 -13.99
C ASN C 64 8.14 -9.07 -15.47
N GLY C 65 7.14 -8.38 -15.96
CA GLY C 65 6.77 -8.50 -17.39
C GLY C 65 6.09 -9.83 -17.61
N ASP C 66 5.30 -10.28 -16.65
CA ASP C 66 4.65 -11.63 -16.80
C ASP C 66 3.23 -11.52 -17.38
N GLY C 67 2.73 -10.33 -17.58
CA GLY C 67 1.34 -10.20 -18.14
C GLY C 67 0.31 -10.56 -17.05
N GLU C 68 0.78 -10.74 -15.84
CA GLU C 68 -0.14 -11.07 -14.71
C GLU C 68 0.29 -10.17 -13.56
N VAL C 69 -0.39 -10.17 -12.44
CA VAL C 69 0.04 -9.30 -11.30
C VAL C 69 0.13 -10.16 -10.06
N ASP C 70 1.23 -10.07 -9.36
CA ASP C 70 1.39 -10.87 -8.12
C ASP C 70 0.93 -10.01 -6.94
N PHE C 71 0.70 -10.63 -5.83
CA PHE C 71 0.22 -9.87 -4.64
C PHE C 71 1.25 -8.79 -4.30
N GLN C 72 2.50 -9.05 -4.50
CA GLN C 72 3.54 -8.03 -4.22
C GLN C 72 3.44 -6.90 -5.26
N GLU C 73 3.03 -7.24 -6.44
CA GLU C 73 2.90 -6.25 -7.52
C GLU C 73 1.61 -5.46 -7.34
N PHE C 74 0.55 -6.15 -7.13
CA PHE C 74 -0.79 -5.51 -6.97
C PHE C 74 -0.85 -4.58 -5.74
N VAL C 75 -0.40 -5.02 -4.62
CA VAL C 75 -0.45 -4.16 -3.40
C VAL C 75 0.34 -2.87 -3.65
N VAL C 76 1.40 -2.95 -4.39
CA VAL C 76 2.17 -1.72 -4.70
C VAL C 76 1.24 -0.76 -5.46
N LEU C 77 0.36 -1.29 -6.27
CA LEU C 77 -0.58 -0.46 -7.10
C LEU C 77 -1.49 0.42 -6.21
N VAL C 78 -2.25 -0.18 -5.35
CA VAL C 78 -3.21 0.58 -4.47
C VAL C 78 -2.47 1.59 -3.61
N ALA C 79 -1.33 1.23 -3.10
CA ALA C 79 -0.56 2.17 -2.25
C ALA C 79 -0.14 3.41 -3.06
N ALA C 80 0.23 3.22 -4.28
CA ALA C 80 0.72 4.35 -5.12
C ALA C 80 -0.42 5.25 -5.66
N LEU C 81 -1.63 4.79 -5.80
CA LEU C 81 -2.70 5.73 -6.33
C LEU C 81 -3.33 6.53 -5.19
N THR C 82 -3.56 5.91 -4.07
CA THR C 82 -4.15 6.65 -2.91
C THR C 82 -3.23 7.80 -2.52
N VAL C 83 -1.94 7.58 -2.54
CA VAL C 83 -1.00 8.69 -2.23
C VAL C 83 -1.20 9.82 -3.23
N ALA C 84 -1.41 9.48 -4.47
CA ALA C 84 -1.61 10.53 -5.50
C ALA C 84 -2.84 11.36 -5.12
N CYS C 85 -3.75 10.79 -4.38
CA CYS C 85 -4.98 11.55 -3.99
C CYS C 85 -4.65 12.54 -2.88
N ASN C 86 -3.84 12.14 -1.94
CA ASN C 86 -3.49 13.08 -0.83
C ASN C 86 -2.80 14.31 -1.41
N ASN C 87 -1.95 14.12 -2.38
CA ASN C 87 -1.26 15.28 -3.00
C ASN C 87 -2.29 16.18 -3.68
N PHE C 88 -3.26 15.58 -4.32
CA PHE C 88 -4.32 16.38 -5.01
C PHE C 88 -5.40 16.77 -4.00
N PHE C 89 -5.25 16.35 -2.78
CA PHE C 89 -6.26 16.69 -1.73
C PHE C 89 -5.96 18.08 -1.17
N TRP C 90 -4.83 18.65 -1.49
CA TRP C 90 -4.49 19.99 -0.94
C TRP C 90 -5.54 21.00 -1.40
N GLU C 91 -6.43 20.60 -2.27
CA GLU C 91 -7.49 21.53 -2.75
C GLU C 91 -8.33 21.99 -1.55
N ASN C 92 -8.48 21.13 -0.57
CA ASN C 92 -9.29 21.51 0.63
C ASN C 92 -8.53 22.56 1.44
N SER C 93 -7.25 22.66 1.25
CA SER C 93 -6.46 23.68 2.02
C SER C 93 -6.78 23.54 3.50
N GLY D 1 -17.81 2.58 1.17
CA GLY D 1 -18.50 1.38 1.84
C GLY D 1 -17.97 0.01 1.61
N SER D 2 -17.34 -0.22 0.49
CA SER D 2 -16.80 -1.59 0.22
C SER D 2 -15.53 -1.78 1.06
N GLU D 3 -15.07 -3.00 1.18
CA GLU D 3 -13.87 -3.25 2.01
C GLU D 3 -12.65 -2.49 1.48
N LEU D 4 -12.44 -2.45 0.20
CA LEU D 4 -11.25 -1.72 -0.32
C LEU D 4 -11.34 -0.24 0.04
N GLU D 5 -12.51 0.34 -0.06
CA GLU D 5 -12.64 1.78 0.29
C GLU D 5 -12.31 1.97 1.77
N THR D 6 -12.65 1.02 2.58
CA THR D 6 -12.39 1.13 4.04
C THR D 6 -10.88 1.31 4.29
N ALA D 7 -10.09 0.52 3.62
CA ALA D 7 -8.61 0.55 3.81
C ALA D 7 -7.96 1.81 3.25
N MET D 8 -8.49 2.39 2.21
CA MET D 8 -7.83 3.59 1.64
C MET D 8 -8.02 4.79 2.56
N GLU D 9 -9.23 5.02 2.95
CA GLU D 9 -9.53 6.19 3.80
C GLU D 9 -8.95 6.03 5.21
N THR D 10 -8.96 4.84 5.75
CA THR D 10 -8.42 4.68 7.13
C THR D 10 -6.94 5.06 7.16
N LEU D 11 -6.10 4.46 6.35
CA LEU D 11 -4.65 4.84 6.35
C LEU D 11 -4.54 6.36 6.31
N ILE D 12 -5.38 7.00 5.55
CA ILE D 12 -5.31 8.47 5.44
C ILE D 12 -5.67 9.17 6.78
N ASN D 13 -6.63 8.70 7.53
CA ASN D 13 -6.99 9.42 8.80
C ASN D 13 -6.04 9.08 9.97
N VAL D 14 -5.78 7.83 10.22
CA VAL D 14 -4.88 7.45 11.35
C VAL D 14 -3.49 8.05 11.11
N PHE D 15 -3.07 8.06 9.87
CA PHE D 15 -1.74 8.68 9.54
C PHE D 15 -1.81 10.15 9.97
N HIS D 16 -2.91 10.80 9.74
CA HIS D 16 -3.06 12.23 10.14
C HIS D 16 -2.98 12.38 11.67
N ALA D 17 -3.44 11.41 12.40
CA ALA D 17 -3.44 11.51 13.90
C ALA D 17 -2.02 11.76 14.46
N HIS D 18 -1.07 10.96 14.09
CA HIS D 18 0.32 11.16 14.62
C HIS D 18 1.07 12.27 13.87
N SER D 19 0.96 12.29 12.57
CA SER D 19 1.68 13.30 11.74
C SER D 19 1.31 14.75 12.07
N GLY D 20 0.15 15.01 12.62
CA GLY D 20 -0.25 16.43 12.87
C GLY D 20 0.02 16.85 14.32
N LYS D 21 0.63 16.02 15.13
CA LYS D 21 0.90 16.42 16.56
C LYS D 21 2.41 16.36 16.86
N GLU D 22 2.99 15.20 16.77
CA GLU D 22 4.45 15.08 17.08
C GLU D 22 5.29 15.30 15.81
N GLY D 23 4.92 16.25 15.00
CA GLY D 23 5.72 16.51 13.76
C GLY D 23 5.22 17.75 13.04
N ASP D 24 5.40 17.81 11.76
CA ASP D 24 4.91 18.97 10.97
C ASP D 24 3.45 18.72 10.59
N LYS D 25 2.75 19.74 10.23
CA LYS D 25 1.30 19.56 9.91
C LYS D 25 1.10 18.47 8.83
N TYR D 26 1.80 18.53 7.72
CA TYR D 26 1.56 17.51 6.63
C TYR D 26 2.81 16.62 6.36
N LYS D 27 3.70 16.47 7.31
CA LYS D 27 4.90 15.58 7.07
C LYS D 27 5.15 14.74 8.31
N LEU D 28 5.57 13.54 8.08
CA LEU D 28 5.85 12.58 9.18
C LEU D 28 7.32 12.72 9.57
N SER D 29 7.70 12.23 10.72
CA SER D 29 9.13 12.34 11.17
C SER D 29 9.64 10.98 11.68
N LYS D 30 10.93 10.84 11.82
CA LYS D 30 11.48 9.53 12.32
C LYS D 30 10.74 9.06 13.58
N LYS D 31 10.42 9.92 14.50
CA LYS D 31 9.73 9.43 15.74
C LYS D 31 8.24 9.16 15.45
N GLU D 32 7.67 9.87 14.53
CA GLU D 32 6.23 9.64 14.22
C GLU D 32 6.02 8.29 13.52
N LEU D 33 6.89 7.90 12.61
CA LEU D 33 6.67 6.57 11.95
C LEU D 33 6.76 5.47 13.00
N LYS D 34 7.70 5.59 13.90
CA LYS D 34 7.86 4.53 14.95
C LYS D 34 6.64 4.44 15.89
N ASP D 35 6.05 5.54 16.28
CA ASP D 35 4.91 5.51 17.25
C ASP D 35 3.61 5.05 16.59
N LEU D 36 3.33 5.53 15.43
CA LEU D 36 2.07 5.16 14.73
C LEU D 36 2.04 3.65 14.44
N LEU D 37 3.12 3.15 13.89
CA LEU D 37 3.19 1.71 13.52
C LEU D 37 3.26 0.77 14.73
N GLN D 38 4.14 1.05 15.65
CA GLN D 38 4.33 0.14 16.84
C GLN D 38 3.09 0.05 17.72
N THR D 39 2.43 1.14 17.90
CA THR D 39 1.26 1.15 18.82
C THR D 39 0.24 0.13 18.37
N GLU D 40 -0.05 0.07 17.10
CA GLU D 40 -1.08 -0.90 16.61
C GLU D 40 -0.43 -2.18 16.04
N LEU D 41 0.86 -2.15 15.77
CA LEU D 41 1.55 -3.38 15.23
C LEU D 41 2.88 -3.56 15.97
N SER D 42 2.87 -3.38 17.27
CA SER D 42 4.14 -3.53 18.06
C SER D 42 4.70 -4.95 17.92
N SER D 43 3.89 -5.94 18.16
CA SER D 43 4.37 -7.35 18.08
C SER D 43 4.68 -7.76 16.65
N PHE D 44 3.93 -7.30 15.69
CA PHE D 44 4.20 -7.72 14.27
C PHE D 44 5.29 -6.89 13.59
N LEU D 45 4.91 -5.86 12.87
CA LEU D 45 5.91 -5.07 12.06
C LEU D 45 7.26 -5.03 12.84
N ASP D 46 8.45 -5.13 12.28
CA ASP D 46 9.64 -5.05 13.19
C ASP D 46 10.10 -3.59 13.28
N VAL D 47 9.94 -2.95 14.41
CA VAL D 47 10.40 -1.53 14.54
C VAL D 47 11.01 -1.31 15.92
N GLN D 48 10.40 -1.83 16.95
CA GLN D 48 10.93 -1.62 18.34
C GLN D 48 11.90 -2.73 18.75
N LYS D 49 11.49 -3.97 18.68
CA LYS D 49 12.41 -5.07 19.11
C LYS D 49 13.76 -4.87 18.41
N ASP D 50 13.77 -4.87 17.12
CA ASP D 50 15.05 -4.64 16.39
C ASP D 50 15.11 -3.16 15.98
N ALA D 51 15.72 -2.33 16.79
CA ALA D 51 15.81 -0.90 16.44
C ALA D 51 16.54 -0.75 15.11
N ASP D 52 17.54 -1.56 14.90
CA ASP D 52 18.28 -1.53 13.61
C ASP D 52 17.30 -1.80 12.47
N ALA D 53 16.33 -2.63 12.71
CA ALA D 53 15.38 -2.95 11.60
C ALA D 53 14.69 -1.66 11.16
N VAL D 54 14.28 -0.83 12.06
CA VAL D 54 13.61 0.44 11.66
C VAL D 54 14.60 1.26 10.83
N ASP D 55 15.85 1.18 11.11
CA ASP D 55 16.85 1.98 10.36
C ASP D 55 16.93 1.50 8.90
N LYS D 56 16.87 0.21 8.69
CA LYS D 56 16.96 -0.35 7.31
C LYS D 56 15.71 0.01 6.51
N ILE D 57 14.58 -0.05 7.16
CA ILE D 57 13.29 0.26 6.50
C ILE D 57 13.18 1.74 6.17
N MET D 58 13.30 2.57 7.16
CA MET D 58 13.18 4.03 6.95
C MET D 58 14.26 4.52 6.00
N LYS D 59 15.43 3.99 6.12
CA LYS D 59 16.53 4.43 5.22
C LYS D 59 16.11 4.16 3.79
N GLU D 60 15.60 3.00 3.55
CA GLU D 60 15.12 2.65 2.20
C GLU D 60 13.90 3.51 1.91
N LEU D 61 13.24 3.94 2.94
CA LEU D 61 12.03 4.80 2.79
C LEU D 61 12.44 6.25 2.55
N ASP D 62 13.46 6.69 3.24
CA ASP D 62 13.93 8.10 3.07
C ASP D 62 14.54 8.22 1.68
N GLU D 63 13.75 7.92 0.70
CA GLU D 63 14.23 7.97 -0.69
C GLU D 63 14.69 9.38 -1.01
N ASN D 64 13.97 10.35 -0.54
CA ASN D 64 14.39 11.74 -0.79
C ASN D 64 15.58 12.02 0.11
N GLY D 65 15.74 11.21 1.15
CA GLY D 65 16.88 11.42 2.09
C GLY D 65 16.56 12.64 2.95
N ASP D 66 15.31 12.84 3.29
CA ASP D 66 14.95 14.07 4.09
C ASP D 66 14.93 13.78 5.61
N GLY D 67 15.12 12.54 6.02
CA GLY D 67 15.10 12.23 7.49
C GLY D 67 13.66 12.29 8.00
N GLU D 68 12.71 12.41 7.10
CA GLU D 68 11.27 12.45 7.48
C GLU D 68 10.56 11.51 6.51
N VAL D 69 9.29 11.26 6.67
CA VAL D 69 8.58 10.35 5.72
C VAL D 69 7.35 11.07 5.20
N ASP D 70 7.16 11.09 3.91
CA ASP D 70 5.97 11.76 3.33
C ASP D 70 4.88 10.71 3.17
N PHE D 71 3.67 11.14 2.98
CA PHE D 71 2.54 10.19 2.83
C PHE D 71 2.83 9.27 1.64
N GLN D 72 3.46 9.77 0.62
CA GLN D 72 3.80 8.91 -0.55
C GLN D 72 4.90 7.91 -0.16
N GLU D 73 5.74 8.31 0.75
CA GLU D 73 6.83 7.44 1.22
C GLU D 73 6.30 6.42 2.20
N PHE D 74 5.57 6.89 3.16
CA PHE D 74 5.02 6.01 4.23
C PHE D 74 4.05 4.95 3.66
N VAL D 75 3.12 5.34 2.83
CA VAL D 75 2.16 4.33 2.27
C VAL D 75 2.93 3.25 1.53
N VAL D 76 4.00 3.60 0.89
CA VAL D 76 4.79 2.57 0.18
C VAL D 76 5.27 1.54 1.24
N LEU D 77 5.57 2.01 2.43
CA LEU D 77 6.08 1.12 3.52
C LEU D 77 5.09 0.00 3.89
N VAL D 78 3.90 0.37 4.27
CA VAL D 78 2.87 -0.64 4.69
C VAL D 78 2.56 -1.61 3.54
N ALA D 79 2.48 -1.12 2.35
CA ALA D 79 2.18 -2.00 1.19
C ALA D 79 3.30 -3.05 1.02
N ALA D 80 4.52 -2.65 1.21
CA ALA D 80 5.66 -3.58 0.99
C ALA D 80 5.85 -4.60 2.14
N LEU D 81 5.42 -4.35 3.35
CA LEU D 81 5.64 -5.39 4.44
C LEU D 81 4.50 -6.41 4.43
N THR D 82 3.29 -5.97 4.24
CA THR D 82 2.14 -6.92 4.21
C THR D 82 2.36 -7.94 3.09
N VAL D 83 2.85 -7.50 1.97
CA VAL D 83 3.14 -8.45 0.85
C VAL D 83 4.15 -9.49 1.32
N ALA D 84 5.13 -9.04 2.06
CA ALA D 84 6.16 -9.98 2.57
C ALA D 84 5.48 -11.05 3.44
N CYS D 85 4.34 -10.74 4.01
CA CYS D 85 3.65 -11.74 4.87
C CYS D 85 2.95 -12.78 4.00
N ASN D 86 2.35 -12.36 2.91
CA ASN D 86 1.66 -13.34 2.03
C ASN D 86 2.66 -14.36 1.51
N ASN D 87 3.84 -13.92 1.18
CA ASN D 87 4.88 -14.86 0.67
C ASN D 87 5.24 -15.84 1.79
N PHE D 88 5.32 -15.35 3.00
CA PHE D 88 5.67 -16.23 4.15
C PHE D 88 4.40 -16.92 4.66
N PHE D 89 3.27 -16.62 4.07
CA PHE D 89 1.99 -17.26 4.50
C PHE D 89 1.84 -18.63 3.84
N TRP D 90 2.68 -18.94 2.89
CA TRP D 90 2.57 -20.26 2.21
C TRP D 90 2.74 -21.38 3.24
N GLU D 91 3.11 -21.04 4.44
CA GLU D 91 3.28 -22.08 5.49
C GLU D 91 1.94 -22.81 5.71
N ASN D 92 0.85 -22.11 5.53
CA ASN D 92 -0.48 -22.75 5.71
C ASN D 92 -0.74 -23.74 4.58
N SER D 93 -0.04 -23.60 3.48
CA SER D 93 -0.24 -24.54 2.34
C SER D 93 -1.74 -24.63 2.02
N THR A 1 -17.85 12.26 -24.84
CA THR A 1 -17.25 13.24 -25.78
C THR A 1 -16.27 14.15 -25.04
N ARG A 2 -15.01 13.79 -25.00
CA ARG A 2 -14.01 14.63 -24.30
C ARG A 2 -14.37 14.66 -22.88
N THR A 3 -13.57 15.41 -22.04
CA THR A 3 -13.91 15.68 -20.61
C THR A 3 -13.93 14.37 -19.81
N LYS A 4 -13.14 13.41 -20.21
CA LYS A 4 -13.12 12.11 -19.48
C LYS A 4 -12.19 12.23 -18.27
N ILE A 5 -12.37 11.40 -17.28
CA ILE A 5 -11.50 11.47 -16.07
C ILE A 5 -10.18 10.73 -16.38
N ASP A 6 -9.07 11.41 -16.25
CA ASP A 6 -7.73 10.77 -16.54
C ASP A 6 -6.86 10.86 -15.28
N TRP A 7 -7.48 10.80 -14.14
CA TRP A 7 -6.73 10.90 -12.86
C TRP A 7 -5.68 9.78 -12.72
N ASN A 8 -6.06 8.55 -12.92
CA ASN A 8 -5.06 7.45 -12.77
C ASN A 8 -3.85 7.75 -13.66
N LYS A 9 -4.09 8.35 -14.79
CA LYS A 9 -2.95 8.68 -15.67
C LYS A 9 -2.00 9.60 -14.90
N ILE A 10 -2.53 10.34 -13.96
CA ILE A 10 -1.65 11.23 -13.15
C ILE A 10 -0.55 10.36 -12.56
N LEU A 11 -0.89 9.15 -12.25
CA LEU A 11 0.11 8.20 -11.69
C LEU A 11 1.24 8.03 -12.70
N SER A 12 0.90 7.76 -13.93
CA SER A 12 1.95 7.56 -14.99
C SER A 12 2.11 8.85 -15.79
N THR B 1 18.16 -13.68 20.04
CA THR B 1 17.60 -14.92 20.64
C THR B 1 16.15 -15.09 20.21
N ARG B 2 15.46 -16.05 20.76
CA ARG B 2 14.04 -16.27 20.37
C ARG B 2 13.19 -15.09 20.87
N THR B 3 13.69 -14.37 21.84
CA THR B 3 12.92 -13.22 22.38
C THR B 3 12.93 -12.06 21.38
N LYS B 4 13.58 -12.24 20.26
CA LYS B 4 13.64 -11.15 19.23
C LYS B 4 13.18 -11.69 17.87
N ILE B 5 12.53 -10.85 17.10
CA ILE B 5 12.01 -11.27 15.75
C ILE B 5 12.69 -10.41 14.68
N ASP B 6 13.14 -10.99 13.59
CA ASP B 6 13.84 -10.20 12.50
C ASP B 6 13.00 -10.21 11.22
N TRP B 7 11.71 -10.35 11.33
CA TRP B 7 10.86 -10.41 10.10
C TRP B 7 10.96 -9.13 9.23
N ASN B 8 10.71 -7.98 9.77
CA ASN B 8 10.77 -6.75 8.92
C ASN B 8 12.11 -6.71 8.19
N LYS B 9 13.14 -7.17 8.84
CA LYS B 9 14.46 -7.18 8.18
C LYS B 9 14.35 -8.05 6.93
N ILE B 10 13.42 -8.97 6.92
CA ILE B 10 13.25 -9.84 5.71
C ILE B 10 13.10 -8.92 4.51
N LEU B 11 12.40 -7.83 4.70
CA LEU B 11 12.21 -6.87 3.58
C LEU B 11 13.55 -6.20 3.25
N SER B 12 14.31 -5.86 4.27
CA SER B 12 15.64 -5.18 4.04
C SER B 12 16.75 -6.02 4.68
N GLY C 1 -8.81 1.69 17.56
CA GLY C 1 -7.31 1.90 17.39
C GLY C 1 -6.53 0.94 16.55
N SER C 2 -7.15 -0.12 16.12
CA SER C 2 -6.44 -1.14 15.28
C SER C 2 -6.85 -0.97 13.81
N GLU C 3 -7.09 0.24 13.40
CA GLU C 3 -7.50 0.49 11.98
C GLU C 3 -6.42 0.06 10.99
N LEU C 4 -5.16 0.29 11.26
CA LEU C 4 -4.13 -0.12 10.28
C LEU C 4 -4.18 -1.64 10.08
N GLU C 5 -4.30 -2.39 11.13
CA GLU C 5 -4.35 -3.87 10.98
C GLU C 5 -5.58 -4.26 10.17
N THR C 6 -6.65 -3.53 10.31
CA THR C 6 -7.89 -3.85 9.56
C THR C 6 -7.63 -3.80 8.06
N ALA C 7 -6.96 -2.77 7.63
CA ALA C 7 -6.67 -2.59 6.18
C ALA C 7 -5.65 -3.62 5.67
N MET C 8 -4.78 -4.11 6.49
CA MET C 8 -3.79 -5.08 5.99
C MET C 8 -4.46 -6.43 5.70
N GLU C 9 -5.23 -6.90 6.61
CA GLU C 9 -5.89 -8.21 6.43
C GLU C 9 -6.96 -8.15 5.36
N THR C 10 -7.66 -7.04 5.22
CA THR C 10 -8.73 -7.01 4.19
C THR C 10 -8.12 -7.11 2.78
N LEU C 11 -7.20 -6.25 2.41
CA LEU C 11 -6.58 -6.35 1.05
C LEU C 11 -6.21 -7.81 0.79
N ILE C 12 -5.75 -8.50 1.80
CA ILE C 12 -5.40 -9.93 1.62
C ILE C 12 -6.65 -10.78 1.37
N ASN C 13 -7.75 -10.52 2.04
CA ASN C 13 -8.97 -11.36 1.82
C ASN C 13 -9.65 -11.08 0.46
N VAL C 14 -9.77 -9.85 0.05
CA VAL C 14 -10.44 -9.54 -1.25
C VAL C 14 -9.56 -9.99 -2.41
N PHE C 15 -8.29 -9.77 -2.27
CA PHE C 15 -7.34 -10.16 -3.36
C PHE C 15 -7.42 -11.68 -3.62
N HIS C 16 -7.52 -12.51 -2.61
CA HIS C 16 -7.59 -13.98 -2.89
C HIS C 16 -8.96 -14.36 -3.46
N ALA C 17 -9.97 -13.57 -3.21
CA ALA C 17 -11.34 -13.91 -3.73
C ALA C 17 -11.32 -13.99 -5.26
N HIS C 18 -10.86 -12.95 -5.92
CA HIS C 18 -10.84 -12.95 -7.42
C HIS C 18 -9.59 -13.67 -7.95
N SER C 19 -8.47 -13.46 -7.34
CA SER C 19 -7.19 -14.09 -7.80
C SER C 19 -7.27 -15.62 -7.85
N GLY C 20 -8.07 -16.25 -7.04
CA GLY C 20 -8.14 -17.74 -7.04
C GLY C 20 -9.26 -18.25 -7.95
N LYS C 21 -9.88 -17.40 -8.74
CA LYS C 21 -10.97 -17.87 -9.65
C LYS C 21 -10.65 -17.48 -11.10
N GLU C 22 -10.56 -16.21 -11.39
CA GLU C 22 -10.29 -15.79 -12.80
C GLU C 22 -8.78 -15.70 -13.06
N GLY C 23 -7.98 -16.32 -12.23
CA GLY C 23 -6.50 -16.27 -12.44
C GLY C 23 -5.85 -17.53 -11.87
N ASP C 24 -4.60 -17.46 -11.51
CA ASP C 24 -3.93 -18.65 -10.92
C ASP C 24 -4.18 -18.65 -9.41
N LYS C 25 -3.87 -19.72 -8.75
CA LYS C 25 -4.15 -19.80 -7.29
C LYS C 25 -3.47 -18.67 -6.51
N TYR C 26 -2.19 -18.42 -6.71
CA TYR C 26 -1.50 -17.34 -5.91
C TYR C 26 -0.95 -16.23 -6.82
N LYS C 27 -1.51 -16.05 -7.98
CA LYS C 27 -1.03 -14.96 -8.88
C LYS C 27 -2.22 -14.30 -9.55
N LEU C 28 -2.10 -13.03 -9.78
CA LEU C 28 -3.20 -12.23 -10.37
C LEU C 28 -3.04 -12.17 -11.90
N SER C 29 -4.09 -11.78 -12.59
CA SER C 29 -4.04 -11.68 -14.09
C SER C 29 -4.55 -10.32 -14.53
N LYS C 30 -4.20 -9.89 -15.73
CA LYS C 30 -4.68 -8.54 -16.19
C LYS C 30 -6.19 -8.34 -15.97
N LYS C 31 -7.02 -9.31 -16.19
CA LYS C 31 -8.47 -9.05 -16.00
C LYS C 31 -8.81 -9.00 -14.51
N GLU C 32 -8.00 -9.63 -13.71
CA GLU C 32 -8.27 -9.65 -12.25
C GLU C 32 -7.90 -8.31 -11.60
N LEU C 33 -6.79 -7.72 -11.94
CA LEU C 33 -6.43 -6.41 -11.30
C LEU C 33 -7.54 -5.39 -11.61
N LYS C 34 -7.93 -5.32 -12.86
CA LYS C 34 -8.99 -4.35 -13.27
C LYS C 34 -10.32 -4.62 -12.54
N ASP C 35 -10.69 -5.86 -12.37
CA ASP C 35 -11.99 -6.20 -11.72
C ASP C 35 -12.07 -5.79 -10.22
N LEU C 36 -11.07 -6.01 -9.41
CA LEU C 36 -11.24 -5.61 -7.97
C LEU C 36 -11.28 -4.09 -7.83
N LEU C 37 -10.45 -3.43 -8.57
CA LEU C 37 -10.33 -1.95 -8.50
C LEU C 37 -11.62 -1.23 -8.94
N GLN C 38 -12.12 -1.58 -10.10
CA GLN C 38 -13.34 -0.92 -10.65
C GLN C 38 -14.57 -1.23 -9.80
N THR C 39 -14.65 -2.43 -9.31
CA THR C 39 -15.86 -2.87 -8.56
C THR C 39 -16.15 -1.92 -7.40
N GLU C 40 -15.16 -1.54 -6.64
CA GLU C 40 -15.42 -0.66 -5.45
C GLU C 40 -15.08 0.80 -5.76
N LEU C 41 -14.38 1.07 -6.84
CA LEU C 41 -14.02 2.50 -7.16
C LEU C 41 -14.29 2.76 -8.65
N SER C 42 -15.44 2.38 -9.14
CA SER C 42 -15.75 2.60 -10.57
C SER C 42 -15.72 4.10 -10.90
N SER C 43 -16.38 4.90 -10.11
CA SER C 43 -16.42 6.37 -10.37
C SER C 43 -15.06 7.03 -10.15
N PHE C 44 -14.35 6.65 -9.12
CA PHE C 44 -13.03 7.30 -8.85
C PHE C 44 -11.90 6.68 -9.67
N LEU C 45 -11.04 5.92 -9.03
CA LEU C 45 -9.89 5.21 -9.72
C LEU C 45 -10.05 5.34 -11.27
N ASP C 46 -9.19 5.80 -12.14
CA ASP C 46 -9.62 5.79 -13.59
C ASP C 46 -9.21 4.46 -14.25
N VAL C 47 -10.14 3.59 -14.56
CA VAL C 47 -9.77 2.29 -15.23
C VAL C 47 -10.84 1.90 -16.26
N GLN C 48 -12.11 1.97 -15.91
CA GLN C 48 -13.16 1.56 -16.88
C GLN C 48 -13.41 2.66 -17.94
N LYS C 49 -13.54 3.88 -17.51
CA LYS C 49 -13.79 4.98 -18.51
C LYS C 49 -12.64 4.97 -19.50
N ASP C 50 -11.44 5.11 -19.03
CA ASP C 50 -10.26 5.09 -19.93
C ASP C 50 -9.67 3.69 -19.93
N ALA C 51 -10.12 2.84 -20.81
CA ALA C 51 -9.53 1.46 -20.86
C ALA C 51 -8.04 1.64 -21.06
N ASP C 52 -7.69 2.68 -21.77
CA ASP C 52 -6.27 3.03 -21.99
C ASP C 52 -5.61 3.27 -20.65
N ALA C 53 -6.33 3.88 -19.73
CA ALA C 53 -5.69 4.17 -18.41
C ALA C 53 -5.25 2.86 -17.75
N VAL C 54 -6.04 1.82 -17.83
CA VAL C 54 -5.59 0.54 -17.20
C VAL C 54 -4.31 0.07 -17.89
N ASP C 55 -4.20 0.30 -19.17
CA ASP C 55 -2.99 -0.17 -19.90
C ASP C 55 -1.73 0.56 -19.38
N LYS C 56 -1.84 1.84 -19.12
CA LYS C 56 -0.66 2.63 -18.64
C LYS C 56 -0.25 2.15 -17.24
N ILE C 57 -1.21 1.87 -16.42
CA ILE C 57 -0.94 1.40 -15.03
C ILE C 57 -0.36 -0.02 -15.04
N MET C 58 -1.04 -0.91 -15.67
CA MET C 58 -0.60 -2.32 -15.73
C MET C 58 0.78 -2.45 -16.40
N LYS C 59 1.01 -1.70 -17.42
CA LYS C 59 2.33 -1.81 -18.10
C LYS C 59 3.40 -1.41 -17.09
N GLU C 60 3.17 -0.35 -16.38
CA GLU C 60 4.13 0.09 -15.36
C GLU C 60 4.08 -0.92 -14.21
N LEU C 61 2.95 -1.54 -14.03
CA LEU C 61 2.79 -2.54 -12.94
C LEU C 61 3.51 -3.84 -13.31
N ASP C 62 3.40 -4.26 -14.54
CA ASP C 62 4.08 -5.51 -14.94
C ASP C 62 5.57 -5.23 -14.96
N GLU C 63 6.09 -4.88 -13.82
CA GLU C 63 7.53 -4.55 -13.72
C GLU C 63 8.33 -5.77 -14.16
N ASN C 64 7.89 -6.94 -13.77
CA ASN C 64 8.62 -8.14 -14.20
C ASN C 64 8.29 -8.34 -15.69
N GLY C 65 7.24 -7.72 -16.15
CA GLY C 65 6.84 -7.87 -17.57
C GLY C 65 6.23 -9.24 -17.76
N ASP C 66 5.50 -9.73 -16.78
CA ASP C 66 4.91 -11.11 -16.90
C ASP C 66 3.46 -11.08 -17.39
N GLY C 67 2.88 -9.91 -17.55
CA GLY C 67 1.46 -9.84 -18.02
C GLY C 67 0.51 -10.27 -16.89
N GLU C 68 1.02 -10.43 -15.69
CA GLU C 68 0.19 -10.83 -14.53
C GLU C 68 0.59 -9.91 -13.36
N VAL C 69 -0.03 -9.98 -12.21
CA VAL C 69 0.39 -9.06 -11.10
C VAL C 69 0.61 -9.84 -9.81
N ASP C 70 1.72 -9.62 -9.17
CA ASP C 70 2.00 -10.30 -7.88
C ASP C 70 1.57 -9.38 -6.74
N PHE C 71 1.39 -9.90 -5.57
CA PHE C 71 0.95 -9.04 -4.44
C PHE C 71 1.92 -7.86 -4.29
N GLN C 72 3.20 -8.06 -4.44
CA GLN C 72 4.15 -6.91 -4.31
C GLN C 72 3.90 -5.91 -5.45
N GLU C 73 3.42 -6.38 -6.57
CA GLU C 73 3.14 -5.51 -7.71
C GLU C 73 1.76 -4.87 -7.56
N PHE C 74 0.77 -5.66 -7.28
CA PHE C 74 -0.62 -5.16 -7.13
C PHE C 74 -0.72 -4.12 -6.00
N VAL C 75 -0.20 -4.43 -4.85
CA VAL C 75 -0.27 -3.50 -3.69
C VAL C 75 0.41 -2.17 -4.01
N VAL C 76 1.49 -2.21 -4.75
CA VAL C 76 2.17 -0.94 -5.11
C VAL C 76 1.17 -0.03 -5.85
N LEU C 77 0.24 -0.65 -6.54
CA LEU C 77 -0.78 0.11 -7.35
C LEU C 77 -1.75 0.91 -6.47
N VAL C 78 -2.46 0.23 -5.62
CA VAL C 78 -3.48 0.90 -4.74
C VAL C 78 -2.82 1.93 -3.83
N ALA C 79 -1.66 1.61 -3.37
CA ALA C 79 -0.91 2.53 -2.46
C ALA C 79 -0.49 3.81 -3.20
N ALA C 80 -0.04 3.70 -4.41
CA ALA C 80 0.45 4.92 -5.13
C ALA C 80 -0.70 5.81 -5.65
N LEU C 81 -1.87 5.29 -5.89
CA LEU C 81 -2.97 6.21 -6.40
C LEU C 81 -3.56 7.02 -5.22
N THR C 82 -3.98 6.34 -4.19
CA THR C 82 -4.56 7.05 -2.99
C THR C 82 -3.67 8.23 -2.58
N VAL C 83 -2.40 8.02 -2.39
CA VAL C 83 -1.49 9.16 -2.05
C VAL C 83 -1.66 10.28 -3.07
N ALA C 84 -1.77 9.94 -4.31
CA ALA C 84 -1.95 10.99 -5.36
C ALA C 84 -3.22 11.76 -5.06
N CYS C 85 -4.15 11.15 -4.39
CA CYS C 85 -5.42 11.87 -4.07
C CYS C 85 -5.15 12.94 -3.02
N ASN C 86 -4.35 12.63 -2.03
CA ASN C 86 -4.03 13.64 -0.98
C ASN C 86 -3.35 14.85 -1.60
N ASN C 87 -2.47 14.62 -2.55
CA ASN C 87 -1.75 15.75 -3.20
C ASN C 87 -2.75 16.69 -3.87
N PHE C 88 -3.77 16.16 -4.50
CA PHE C 88 -4.77 17.05 -5.18
C PHE C 88 -5.88 17.42 -4.20
N PHE C 89 -5.81 16.94 -2.99
CA PHE C 89 -6.85 17.28 -1.98
C PHE C 89 -6.52 18.63 -1.36
N TRP C 90 -5.31 19.10 -1.56
CA TRP C 90 -4.88 20.40 -0.96
C TRP C 90 -5.08 21.53 -1.99
N GLU C 91 -5.56 21.22 -3.16
CA GLU C 91 -5.76 22.30 -4.18
C GLU C 91 -6.75 23.33 -3.64
N ASN C 92 -7.79 22.90 -2.99
CA ASN C 92 -8.78 23.87 -2.41
C ASN C 92 -8.50 24.04 -0.93
N SER C 93 -7.52 23.34 -0.41
CA SER C 93 -7.15 23.42 1.04
C SER C 93 -8.39 23.72 1.90
N GLY D 1 -19.02 -5.27 0.52
CA GLY D 1 -18.25 -5.17 -0.80
C GLY D 1 -17.36 -4.00 -1.05
N SER D 2 -17.39 -3.02 -0.18
CA SER D 2 -16.54 -1.80 -0.36
C SER D 2 -15.34 -1.88 0.60
N GLU D 3 -14.84 -3.06 0.84
CA GLU D 3 -13.67 -3.21 1.76
C GLU D 3 -12.43 -2.48 1.24
N LEU D 4 -12.15 -2.50 -0.04
CA LEU D 4 -10.94 -1.80 -0.53
C LEU D 4 -11.04 -0.30 -0.22
N GLU D 5 -12.19 0.28 -0.43
CA GLU D 5 -12.34 1.73 -0.15
C GLU D 5 -12.14 1.99 1.34
N THR D 6 -12.55 1.07 2.16
CA THR D 6 -12.41 1.25 3.63
C THR D 6 -10.94 1.41 4.00
N ALA D 7 -10.11 0.58 3.45
CA ALA D 7 -8.65 0.62 3.76
C ALA D 7 -7.99 1.87 3.18
N MET D 8 -8.48 2.41 2.12
CA MET D 8 -7.81 3.61 1.53
C MET D 8 -8.04 4.82 2.42
N GLU D 9 -9.26 5.04 2.81
CA GLU D 9 -9.58 6.23 3.62
C GLU D 9 -9.02 6.08 5.04
N THR D 10 -8.96 4.90 5.59
CA THR D 10 -8.45 4.78 6.98
C THR D 10 -6.96 5.15 7.01
N LEU D 11 -6.10 4.53 6.23
CA LEU D 11 -4.65 4.90 6.24
C LEU D 11 -4.54 6.42 6.19
N ILE D 12 -5.39 7.06 5.44
CA ILE D 12 -5.36 8.54 5.37
C ILE D 12 -5.76 9.17 6.72
N ASN D 13 -6.73 8.63 7.40
CA ASN D 13 -7.16 9.25 8.70
C ASN D 13 -6.14 9.03 9.83
N VAL D 14 -5.61 7.84 9.96
CA VAL D 14 -4.64 7.57 11.06
C VAL D 14 -3.32 8.29 10.78
N PHE D 15 -2.91 8.30 9.56
CA PHE D 15 -1.63 8.98 9.20
C PHE D 15 -1.70 10.48 9.55
N HIS D 16 -2.80 11.15 9.33
CA HIS D 16 -2.84 12.61 9.69
C HIS D 16 -2.91 12.79 11.22
N ALA D 17 -3.39 11.82 11.93
CA ALA D 17 -3.51 11.95 13.41
C ALA D 17 -2.13 12.20 14.05
N HIS D 18 -1.18 11.35 13.78
CA HIS D 18 0.19 11.53 14.37
C HIS D 18 1.02 12.52 13.55
N SER D 19 0.94 12.45 12.25
CA SER D 19 1.74 13.36 11.37
C SER D 19 1.48 14.84 11.64
N GLY D 20 0.32 15.21 12.11
CA GLY D 20 0.03 16.66 12.34
C GLY D 20 0.33 17.05 13.79
N LYS D 21 0.95 16.20 14.57
CA LYS D 21 1.27 16.56 15.99
C LYS D 21 2.77 16.40 16.25
N GLU D 22 3.31 15.21 16.14
CA GLU D 22 4.77 15.02 16.42
C GLU D 22 5.59 15.23 15.15
N GLY D 23 5.05 15.90 14.17
CA GLY D 23 5.81 16.13 12.91
C GLY D 23 5.32 17.42 12.24
N ASP D 24 5.49 17.53 10.96
CA ASP D 24 5.00 18.76 10.24
C ASP D 24 3.54 18.54 9.86
N LYS D 25 2.88 19.57 9.43
CA LYS D 25 1.43 19.43 9.10
C LYS D 25 1.20 18.36 8.02
N TYR D 26 1.92 18.38 6.92
CA TYR D 26 1.65 17.35 5.84
C TYR D 26 2.88 16.47 5.59
N LYS D 27 3.75 16.32 6.55
CA LYS D 27 4.95 15.46 6.33
C LYS D 27 5.21 14.67 7.61
N LEU D 28 5.69 13.48 7.44
CA LEU D 28 5.94 12.57 8.58
C LEU D 28 7.40 12.70 9.06
N SER D 29 7.68 12.21 10.24
CA SER D 29 9.07 12.30 10.80
C SER D 29 9.53 10.93 11.28
N LYS D 30 10.81 10.71 11.40
CA LYS D 30 11.28 9.36 11.86
C LYS D 30 10.54 8.86 13.11
N LYS D 31 10.25 9.69 14.06
CA LYS D 31 9.56 9.14 15.28
C LYS D 31 8.10 8.86 14.95
N GLU D 32 7.57 9.53 13.97
CA GLU D 32 6.14 9.33 13.62
C GLU D 32 5.93 8.02 12.85
N LEU D 33 6.79 7.68 11.92
CA LEU D 33 6.57 6.40 11.18
C LEU D 33 6.60 5.24 12.19
N LYS D 34 7.60 5.24 13.04
CA LYS D 34 7.72 4.15 14.05
C LYS D 34 6.50 4.07 14.98
N ASP D 35 5.99 5.20 15.39
CA ASP D 35 4.83 5.21 16.36
C ASP D 35 3.52 4.64 15.76
N LEU D 36 3.14 4.93 14.55
CA LEU D 36 1.84 4.34 14.07
C LEU D 36 1.97 2.84 13.86
N LEU D 37 3.08 2.43 13.33
CA LEU D 37 3.33 1.00 13.02
C LEU D 37 3.36 0.12 14.28
N GLN D 38 4.15 0.50 15.24
CA GLN D 38 4.29 -0.30 16.49
C GLN D 38 2.99 -0.33 17.30
N THR D 39 2.31 0.78 17.31
CA THR D 39 1.07 0.89 18.14
C THR D 39 0.09 -0.22 17.82
N GLU D 40 -0.16 -0.49 16.56
CA GLU D 40 -1.17 -1.54 16.21
C GLU D 40 -0.50 -2.87 15.84
N LEU D 41 0.79 -2.88 15.63
CA LEU D 41 1.48 -4.17 15.26
C LEU D 41 2.77 -4.30 16.09
N SER D 42 2.70 -4.08 17.37
CA SER D 42 3.93 -4.20 18.21
C SER D 42 4.49 -5.62 18.13
N SER D 43 3.67 -6.61 18.30
CA SER D 43 4.15 -8.02 18.28
C SER D 43 4.59 -8.44 16.87
N PHE D 44 3.87 -8.05 15.85
CA PHE D 44 4.24 -8.49 14.48
C PHE D 44 5.30 -7.61 13.81
N LEU D 45 4.90 -6.61 13.06
CA LEU D 45 5.90 -5.77 12.28
C LEU D 45 7.21 -5.71 13.09
N ASP D 46 8.42 -5.91 12.60
CA ASP D 46 9.58 -5.81 13.56
C ASP D 46 10.11 -4.37 13.59
N VAL D 47 9.88 -3.66 14.67
CA VAL D 47 10.39 -2.25 14.75
C VAL D 47 10.84 -1.95 16.19
N GLN D 48 10.05 -2.29 17.19
CA GLN D 48 10.44 -1.99 18.59
C GLN D 48 11.50 -2.98 19.10
N LYS D 49 11.28 -4.25 18.91
CA LYS D 49 12.28 -5.25 19.40
C LYS D 49 13.62 -4.91 18.77
N ASP D 50 13.68 -4.89 17.47
CA ASP D 50 14.95 -4.55 16.79
C ASP D 50 14.93 -3.07 16.42
N ALA D 51 15.40 -2.22 17.30
CA ALA D 51 15.43 -0.77 16.95
C ALA D 51 16.23 -0.64 15.66
N ASP D 52 17.18 -1.51 15.51
CA ASP D 52 18.00 -1.56 14.28
C ASP D 52 17.06 -1.83 13.10
N ALA D 53 16.08 -2.66 13.29
CA ALA D 53 15.18 -2.99 12.14
C ALA D 53 14.52 -1.70 11.64
N VAL D 54 14.10 -0.82 12.50
CA VAL D 54 13.47 0.43 11.99
C VAL D 54 14.51 1.20 11.18
N ASP D 55 15.75 1.15 11.57
CA ASP D 55 16.79 1.92 10.83
C ASP D 55 16.94 1.37 9.40
N LYS D 56 16.90 0.07 9.23
CA LYS D 56 17.04 -0.53 7.87
C LYS D 56 15.86 -0.15 6.99
N ILE D 57 14.69 -0.15 7.56
CA ILE D 57 13.45 0.20 6.80
C ILE D 57 13.44 1.68 6.45
N MET D 58 13.60 2.50 7.43
CA MET D 58 13.57 3.97 7.23
C MET D 58 14.68 4.43 6.27
N LYS D 59 15.83 3.86 6.38
CA LYS D 59 16.93 4.29 5.47
C LYS D 59 16.49 3.98 4.05
N GLU D 60 15.97 2.82 3.85
CA GLU D 60 15.49 2.45 2.50
C GLU D 60 14.23 3.28 2.21
N LEU D 61 13.55 3.68 3.24
CA LEU D 61 12.31 4.50 3.06
C LEU D 61 12.69 5.94 2.70
N ASP D 62 13.68 6.47 3.37
CA ASP D 62 14.10 7.86 3.06
C ASP D 62 14.73 7.85 1.68
N GLU D 63 13.96 7.49 0.71
CA GLU D 63 14.48 7.42 -0.67
C GLU D 63 14.97 8.81 -1.06
N ASN D 64 14.25 9.81 -0.69
CA ASN D 64 14.71 11.18 -1.01
C ASN D 64 15.89 11.47 -0.10
N GLY D 65 16.00 10.73 0.98
CA GLY D 65 17.12 10.96 1.93
C GLY D 65 16.81 12.22 2.72
N ASP D 66 15.54 12.45 3.05
CA ASP D 66 15.18 13.70 3.79
C ASP D 66 15.07 13.46 5.31
N GLY D 67 15.19 12.23 5.75
CA GLY D 67 15.09 11.95 7.22
C GLY D 67 13.63 12.08 7.67
N GLU D 68 12.71 12.18 6.72
CA GLU D 68 11.26 12.29 7.06
C GLU D 68 10.54 11.34 6.10
N VAL D 69 9.24 11.15 6.21
CA VAL D 69 8.55 10.20 5.27
C VAL D 69 7.33 10.87 4.63
N ASP D 70 7.22 10.77 3.33
CA ASP D 70 6.05 11.34 2.62
C ASP D 70 5.01 10.23 2.44
N PHE D 71 3.79 10.57 2.18
CA PHE D 71 2.75 9.53 2.01
C PHE D 71 3.20 8.54 0.92
N GLN D 72 3.79 8.98 -0.14
CA GLN D 72 4.25 8.02 -1.18
C GLN D 72 5.37 7.13 -0.61
N GLU D 73 6.11 7.64 0.33
CA GLU D 73 7.19 6.85 0.95
C GLU D 73 6.62 5.95 2.05
N PHE D 74 5.85 6.52 2.92
CA PHE D 74 5.27 5.76 4.06
C PHE D 74 4.39 4.59 3.58
N VAL D 75 3.50 4.87 2.66
CA VAL D 75 2.59 3.80 2.14
C VAL D 75 3.38 2.67 1.50
N VAL D 76 4.45 2.99 0.83
CA VAL D 76 5.28 1.92 0.20
C VAL D 76 5.71 0.93 1.30
N LEU D 77 5.87 1.43 2.50
CA LEU D 77 6.35 0.61 3.66
C LEU D 77 5.31 -0.45 4.09
N VAL D 78 4.15 -0.02 4.46
CA VAL D 78 3.08 -0.96 4.94
C VAL D 78 2.70 -1.93 3.84
N ALA D 79 2.67 -1.48 2.64
CA ALA D 79 2.30 -2.34 1.49
C ALA D 79 3.37 -3.43 1.24
N ALA D 80 4.61 -3.09 1.34
CA ALA D 80 5.67 -4.11 1.05
C ALA D 80 5.86 -5.13 2.18
N LEU D 81 5.53 -4.82 3.42
CA LEU D 81 5.73 -5.85 4.50
C LEU D 81 4.58 -6.89 4.46
N THR D 82 3.37 -6.43 4.50
CA THR D 82 2.18 -7.34 4.44
C THR D 82 2.36 -8.40 3.33
N VAL D 83 2.65 -7.98 2.13
CA VAL D 83 2.89 -8.97 1.03
C VAL D 83 3.94 -9.98 1.47
N ALA D 84 4.97 -9.52 2.11
CA ALA D 84 6.03 -10.45 2.56
C ALA D 84 5.42 -11.48 3.52
N CYS D 85 4.34 -11.13 4.15
CA CYS D 85 3.69 -12.10 5.08
C CYS D 85 3.03 -13.22 4.27
N ASN D 86 2.39 -12.89 3.18
CA ASN D 86 1.74 -13.92 2.33
C ASN D 86 2.79 -14.91 1.84
N ASN D 87 3.94 -14.42 1.46
CA ASN D 87 5.01 -15.32 0.94
C ASN D 87 5.40 -16.34 2.00
N PHE D 88 5.48 -15.94 3.25
CA PHE D 88 5.87 -16.91 4.32
C PHE D 88 4.61 -17.59 4.87
N PHE D 89 3.46 -17.24 4.38
CA PHE D 89 2.21 -17.88 4.86
C PHE D 89 2.02 -19.21 4.13
N TRP D 90 2.75 -19.42 3.07
CA TRP D 90 2.61 -20.68 2.28
C TRP D 90 3.66 -21.71 2.74
N GLU D 91 4.48 -21.36 3.70
CA GLU D 91 5.51 -22.32 4.17
C GLU D 91 4.84 -23.58 4.71
N ASN D 92 3.76 -23.42 5.44
CA ASN D 92 3.03 -24.62 5.98
C ASN D 92 1.82 -24.91 5.11
N SER D 93 1.60 -24.10 4.09
CA SER D 93 0.45 -24.29 3.15
C SER D 93 -0.75 -24.89 3.88
N THR A 1 -10.66 18.47 -25.26
CA THR A 1 -11.89 17.81 -24.75
C THR A 1 -12.02 18.06 -23.25
N ARG A 2 -13.00 17.46 -22.61
CA ARG A 2 -13.19 17.66 -21.14
C ARG A 2 -12.57 16.49 -20.39
N THR A 3 -11.76 16.77 -19.40
CA THR A 3 -11.13 15.66 -18.61
C THR A 3 -12.02 15.35 -17.41
N LYS A 4 -12.85 14.36 -17.52
CA LYS A 4 -13.75 13.99 -16.39
C LYS A 4 -12.91 13.41 -15.24
N ILE A 5 -11.94 12.60 -15.56
CA ILE A 5 -11.10 11.99 -14.49
C ILE A 5 -9.79 11.46 -15.09
N ASP A 6 -8.70 12.18 -14.92
CA ASP A 6 -7.38 11.72 -15.48
C ASP A 6 -6.32 11.75 -14.37
N TRP A 7 -6.73 11.93 -13.15
CA TRP A 7 -5.75 12.00 -12.04
C TRP A 7 -4.94 10.68 -11.97
N ASN A 8 -5.55 9.55 -12.13
CA ASN A 8 -4.75 8.29 -12.05
C ASN A 8 -3.56 8.41 -13.00
N LYS A 9 -3.78 8.99 -14.14
CA LYS A 9 -2.67 9.16 -15.09
C LYS A 9 -1.57 9.93 -14.34
N ILE A 10 -1.94 10.65 -13.30
CA ILE A 10 -0.91 11.39 -12.49
C ILE A 10 0.16 10.38 -12.12
N LEU A 11 -0.28 9.19 -11.82
CA LEU A 11 0.68 8.11 -11.45
C LEU A 11 1.58 7.79 -12.64
N SER A 12 1.03 7.78 -13.82
CA SER A 12 1.87 7.48 -15.02
C SER A 12 2.75 8.69 -15.34
N THR B 1 22.41 -18.51 19.98
CA THR B 1 21.15 -17.74 20.10
C THR B 1 20.54 -17.54 18.71
N ARG B 2 19.23 -17.51 18.62
CA ARG B 2 18.55 -17.31 17.31
C ARG B 2 17.59 -16.13 17.42
N THR B 3 17.38 -15.40 16.36
CA THR B 3 16.46 -14.22 16.43
C THR B 3 15.01 -14.70 16.48
N LYS B 4 14.15 -13.89 17.03
CA LYS B 4 12.70 -14.29 17.14
C LYS B 4 11.93 -13.82 15.90
N ILE B 5 11.58 -12.57 15.85
CA ILE B 5 10.78 -12.06 14.68
C ILE B 5 11.71 -11.61 13.53
N ASP B 6 12.37 -10.48 13.66
CA ASP B 6 13.29 -9.99 12.57
C ASP B 6 12.64 -10.20 11.20
N TRP B 7 11.36 -10.42 11.18
CA TRP B 7 10.63 -10.64 9.89
C TRP B 7 10.78 -9.42 8.96
N ASN B 8 10.51 -8.25 9.42
CA ASN B 8 10.63 -7.08 8.50
C ASN B 8 12.01 -7.09 7.87
N LYS B 9 12.99 -7.57 8.57
CA LYS B 9 14.34 -7.62 7.98
C LYS B 9 14.22 -8.45 6.70
N ILE B 10 13.22 -9.31 6.65
CA ILE B 10 13.01 -10.12 5.41
C ILE B 10 12.88 -9.13 4.26
N LEU B 11 12.24 -8.02 4.52
CA LEU B 11 12.07 -6.99 3.45
C LEU B 11 13.43 -6.48 3.00
N SER B 12 14.33 -6.25 3.92
CA SER B 12 15.68 -5.74 3.54
C SER B 12 16.57 -6.93 3.13
N GLY C 1 -7.12 -6.57 14.11
CA GLY C 1 -8.29 -5.65 14.46
C GLY C 1 -8.04 -4.19 14.65
N SER C 2 -6.80 -3.79 14.70
CA SER C 2 -6.49 -2.35 14.89
C SER C 2 -6.67 -1.60 13.56
N GLU C 3 -6.88 -0.32 13.62
CA GLU C 3 -7.13 0.47 12.37
C GLU C 3 -6.20 0.02 11.24
N LEU C 4 -4.91 0.04 11.45
CA LEU C 4 -3.99 -0.39 10.36
C LEU C 4 -4.12 -1.89 10.13
N GLU C 5 -4.21 -2.67 11.15
CA GLU C 5 -4.30 -4.13 10.94
C GLU C 5 -5.55 -4.44 10.11
N THR C 6 -6.58 -3.68 10.32
CA THR C 6 -7.84 -3.91 9.57
C THR C 6 -7.59 -3.79 8.07
N ALA C 7 -6.95 -2.73 7.66
CA ALA C 7 -6.67 -2.49 6.20
C ALA C 7 -5.68 -3.51 5.63
N MET C 8 -4.80 -4.05 6.42
CA MET C 8 -3.83 -5.02 5.84
C MET C 8 -4.55 -6.32 5.48
N GLU C 9 -5.37 -6.80 6.36
CA GLU C 9 -6.06 -8.10 6.11
C GLU C 9 -7.11 -7.93 5.03
N THR C 10 -7.60 -6.76 4.84
CA THR C 10 -8.65 -6.58 3.82
C THR C 10 -8.04 -6.81 2.43
N LEU C 11 -7.02 -6.09 2.06
CA LEU C 11 -6.42 -6.34 0.72
C LEU C 11 -6.13 -7.84 0.57
N ILE C 12 -5.85 -8.51 1.66
CA ILE C 12 -5.60 -9.99 1.60
C ILE C 12 -6.92 -10.73 1.28
N ASN C 13 -8.02 -10.30 1.83
CA ASN C 13 -9.34 -10.98 1.58
C ASN C 13 -9.85 -10.77 0.15
N VAL C 14 -10.00 -9.55 -0.26
CA VAL C 14 -10.55 -9.25 -1.63
C VAL C 14 -9.68 -9.83 -2.74
N PHE C 15 -8.41 -9.58 -2.71
CA PHE C 15 -7.50 -10.11 -3.78
C PHE C 15 -7.57 -11.65 -3.80
N HIS C 16 -7.61 -12.29 -2.69
CA HIS C 16 -7.67 -13.79 -2.69
C HIS C 16 -8.93 -14.26 -3.45
N ALA C 17 -10.03 -13.58 -3.25
CA ALA C 17 -11.32 -13.98 -3.88
C ALA C 17 -11.27 -14.02 -5.42
N HIS C 18 -10.85 -12.95 -6.06
CA HIS C 18 -10.82 -12.95 -7.56
C HIS C 18 -9.60 -13.69 -8.11
N SER C 19 -8.46 -13.42 -7.54
CA SER C 19 -7.19 -14.02 -8.00
C SER C 19 -7.17 -15.56 -7.91
N GLY C 20 -7.91 -16.15 -7.02
CA GLY C 20 -7.87 -17.65 -6.89
C GLY C 20 -8.94 -18.30 -7.75
N LYS C 21 -9.65 -17.53 -8.53
CA LYS C 21 -10.72 -18.11 -9.39
C LYS C 21 -10.52 -17.69 -10.86
N GLU C 22 -10.55 -16.43 -11.14
CA GLU C 22 -10.38 -15.99 -12.55
C GLU C 22 -8.90 -15.95 -12.94
N GLY C 23 -8.03 -16.48 -12.13
CA GLY C 23 -6.58 -16.46 -12.48
C GLY C 23 -5.84 -17.65 -11.87
N ASP C 24 -4.60 -17.47 -11.51
CA ASP C 24 -3.81 -18.57 -10.89
C ASP C 24 -4.05 -18.57 -9.38
N LYS C 25 -3.68 -19.61 -8.72
CA LYS C 25 -3.93 -19.68 -7.25
C LYS C 25 -3.30 -18.47 -6.54
N TYR C 26 -2.04 -18.17 -6.77
CA TYR C 26 -1.40 -17.02 -6.04
C TYR C 26 -0.88 -15.95 -7.02
N LYS C 27 -1.41 -15.85 -8.21
CA LYS C 27 -0.92 -14.80 -9.16
C LYS C 27 -2.11 -14.17 -9.87
N LEU C 28 -1.96 -12.91 -10.17
CA LEU C 28 -3.06 -12.13 -10.82
C LEU C 28 -2.84 -12.06 -12.34
N SER C 29 -3.86 -11.70 -13.06
CA SER C 29 -3.77 -11.59 -14.55
C SER C 29 -4.34 -10.24 -15.00
N LYS C 30 -4.01 -9.79 -16.19
CA LYS C 30 -4.52 -8.47 -16.67
C LYS C 30 -6.03 -8.30 -16.41
N LYS C 31 -6.82 -9.28 -16.64
CA LYS C 31 -8.29 -9.09 -16.42
C LYS C 31 -8.61 -9.08 -14.92
N GLU C 32 -7.78 -9.71 -14.13
CA GLU C 32 -8.05 -9.73 -12.66
C GLU C 32 -7.67 -8.42 -11.99
N LEU C 33 -6.54 -7.83 -12.31
CA LEU C 33 -6.19 -6.53 -11.65
C LEU C 33 -7.35 -5.56 -11.92
N LYS C 34 -7.82 -5.56 -13.13
CA LYS C 34 -8.92 -4.63 -13.52
C LYS C 34 -10.17 -4.90 -12.68
N ASP C 35 -10.47 -6.13 -12.42
CA ASP C 35 -11.68 -6.49 -11.61
C ASP C 35 -11.56 -5.98 -10.16
N LEU C 36 -10.42 -6.07 -9.56
CA LEU C 36 -10.30 -5.61 -8.14
C LEU C 36 -10.61 -4.12 -8.00
N LEU C 37 -9.97 -3.32 -8.81
CA LEU C 37 -10.14 -1.85 -8.71
C LEU C 37 -11.52 -1.34 -9.16
N GLN C 38 -12.05 -1.90 -10.22
CA GLN C 38 -13.35 -1.41 -10.76
C GLN C 38 -14.54 -1.84 -9.89
N THR C 39 -14.50 -3.04 -9.41
CA THR C 39 -15.65 -3.57 -8.64
C THR C 39 -15.94 -2.71 -7.41
N GLU C 40 -14.92 -2.37 -6.66
CA GLU C 40 -15.15 -1.59 -5.39
C GLU C 40 -14.84 -0.10 -5.56
N LEU C 41 -14.14 0.29 -6.60
CA LEU C 41 -13.81 1.75 -6.80
C LEU C 41 -14.10 2.14 -8.24
N SER C 42 -15.27 1.80 -8.73
CA SER C 42 -15.62 2.15 -10.13
C SER C 42 -15.63 3.67 -10.31
N SER C 43 -16.29 4.37 -9.44
CA SER C 43 -16.37 5.86 -9.56
C SER C 43 -15.01 6.53 -9.41
N PHE C 44 -14.20 6.07 -8.49
CA PHE C 44 -12.86 6.73 -8.27
C PHE C 44 -11.77 6.10 -9.14
N LEU C 45 -10.93 5.24 -8.57
CA LEU C 45 -9.82 4.53 -9.34
C LEU C 45 -10.00 4.81 -10.86
N ASP C 46 -9.06 5.10 -11.72
CA ASP C 46 -9.50 5.25 -13.17
C ASP C 46 -9.43 3.89 -13.87
N VAL C 47 -10.55 3.36 -14.32
CA VAL C 47 -10.51 2.04 -15.03
C VAL C 47 -11.58 2.00 -16.14
N GLN C 48 -12.79 1.62 -15.81
CA GLN C 48 -13.85 1.52 -16.85
C GLN C 48 -14.10 2.87 -17.50
N LYS C 49 -14.10 3.92 -16.75
CA LYS C 49 -14.33 5.27 -17.36
C LYS C 49 -13.22 5.51 -18.35
N ASP C 50 -12.10 4.86 -18.17
CA ASP C 50 -10.97 5.01 -19.11
C ASP C 50 -10.24 3.66 -19.21
N ALA C 51 -10.65 2.83 -20.13
CA ALA C 51 -9.99 1.51 -20.28
C ALA C 51 -8.51 1.76 -20.51
N ASP C 52 -8.20 2.85 -21.12
CA ASP C 52 -6.79 3.25 -21.34
C ASP C 52 -6.11 3.37 -20.00
N ALA C 53 -6.78 3.90 -19.03
CA ALA C 53 -6.13 4.11 -17.72
C ALA C 53 -5.68 2.76 -17.14
N VAL C 54 -6.45 1.72 -17.28
CA VAL C 54 -6.00 0.40 -16.72
C VAL C 54 -4.70 -0.03 -17.39
N ASP C 55 -4.57 0.22 -18.67
CA ASP C 55 -3.35 -0.25 -19.39
C ASP C 55 -2.11 0.54 -18.93
N LYS C 56 -2.24 1.82 -18.70
CA LYS C 56 -1.07 2.63 -18.26
C LYS C 56 -0.63 2.16 -16.88
N ILE C 57 -1.58 1.86 -16.04
CA ILE C 57 -1.27 1.38 -14.66
C ILE C 57 -0.59 0.01 -14.70
N MET C 58 -1.17 -0.91 -15.39
CA MET C 58 -0.62 -2.28 -15.50
C MET C 58 0.77 -2.25 -16.14
N LYS C 59 1.00 -1.38 -17.08
CA LYS C 59 2.35 -1.32 -17.69
C LYS C 59 3.35 -1.01 -16.58
N GLU C 60 2.99 -0.07 -15.73
CA GLU C 60 3.89 0.28 -14.61
C GLU C 60 4.08 -0.94 -13.71
N LEU C 61 3.14 -1.84 -13.74
CA LEU C 61 3.24 -3.07 -12.87
C LEU C 61 3.89 -4.21 -13.66
N ASP C 62 3.81 -4.16 -14.96
CA ASP C 62 4.45 -5.24 -15.75
C ASP C 62 5.94 -4.97 -15.74
N GLU C 63 6.47 -4.65 -14.59
CA GLU C 63 7.91 -4.33 -14.51
C GLU C 63 8.71 -5.53 -14.98
N ASN C 64 8.31 -6.70 -14.57
CA ASN C 64 9.02 -7.91 -15.01
C ASN C 64 8.63 -8.15 -16.46
N GLY C 65 7.51 -7.60 -16.87
CA GLY C 65 7.04 -7.82 -18.25
C GLY C 65 6.45 -9.21 -18.35
N ASP C 66 5.75 -9.65 -17.32
CA ASP C 66 5.19 -11.05 -17.34
C ASP C 66 3.72 -11.06 -17.80
N GLY C 67 3.10 -9.90 -17.93
CA GLY C 67 1.67 -9.86 -18.36
C GLY C 67 0.74 -10.21 -17.19
N GLU C 68 1.27 -10.31 -15.98
CA GLU C 68 0.43 -10.65 -14.79
C GLU C 68 0.78 -9.68 -13.66
N VAL C 69 0.10 -9.72 -12.55
CA VAL C 69 0.44 -8.79 -11.42
C VAL C 69 0.62 -9.60 -10.14
N ASP C 70 1.71 -9.42 -9.47
CA ASP C 70 1.95 -10.17 -8.20
C ASP C 70 1.47 -9.30 -7.03
N PHE C 71 1.31 -9.88 -5.88
CA PHE C 71 0.82 -9.08 -4.71
C PHE C 71 1.76 -7.89 -4.48
N GLN C 72 3.02 -8.05 -4.76
CA GLN C 72 3.97 -6.91 -4.57
C GLN C 72 3.74 -5.85 -5.66
N GLU C 73 3.24 -6.28 -6.79
CA GLU C 73 2.98 -5.34 -7.91
C GLU C 73 1.62 -4.67 -7.73
N PHE C 74 0.62 -5.44 -7.43
CA PHE C 74 -0.75 -4.86 -7.25
C PHE C 74 -0.81 -3.96 -6.02
N VAL C 75 -0.22 -4.40 -4.94
CA VAL C 75 -0.26 -3.61 -3.67
C VAL C 75 0.44 -2.25 -3.86
N VAL C 76 1.50 -2.23 -4.60
CA VAL C 76 2.22 -0.95 -4.80
C VAL C 76 1.25 0.05 -5.47
N LEU C 77 0.39 -0.43 -6.34
CA LEU C 77 -0.57 0.48 -7.07
C LEU C 77 -1.66 1.06 -6.16
N VAL C 78 -2.36 0.24 -5.41
CA VAL C 78 -3.45 0.77 -4.53
C VAL C 78 -2.86 1.77 -3.54
N ALA C 79 -1.67 1.52 -3.10
CA ALA C 79 -0.97 2.43 -2.16
C ALA C 79 -0.63 3.76 -2.85
N ALA C 80 -0.21 3.69 -4.09
CA ALA C 80 0.19 4.93 -4.80
C ALA C 80 -1.01 5.78 -5.22
N LEU C 81 -2.18 5.22 -5.40
CA LEU C 81 -3.34 6.07 -5.83
C LEU C 81 -3.91 6.85 -4.62
N THR C 82 -4.08 6.19 -3.50
CA THR C 82 -4.60 6.88 -2.28
C THR C 82 -3.74 8.12 -1.98
N VAL C 83 -2.45 7.97 -1.95
CA VAL C 83 -1.55 9.14 -1.71
C VAL C 83 -1.76 10.20 -2.78
N ALA C 84 -1.89 9.79 -4.01
CA ALA C 84 -2.09 10.77 -5.11
C ALA C 84 -3.38 11.54 -4.86
N CYS C 85 -4.29 10.96 -4.12
CA CYS C 85 -5.57 11.65 -3.85
C CYS C 85 -5.35 12.80 -2.87
N ASN C 86 -4.66 12.56 -1.79
CA ASN C 86 -4.43 13.63 -0.79
C ASN C 86 -3.66 14.79 -1.44
N ASN C 87 -2.66 14.49 -2.22
CA ASN C 87 -1.85 15.56 -2.88
C ASN C 87 -2.71 16.37 -3.86
N PHE C 88 -3.56 15.70 -4.60
CA PHE C 88 -4.40 16.43 -5.60
C PHE C 88 -5.70 16.91 -4.96
N PHE C 89 -5.92 16.58 -3.71
CA PHE C 89 -7.17 17.03 -3.02
C PHE C 89 -6.93 18.40 -2.38
N TRP C 90 -5.69 18.73 -2.09
CA TRP C 90 -5.38 20.03 -1.46
C TRP C 90 -5.24 21.11 -2.54
N GLU C 91 -5.16 20.71 -3.78
CA GLU C 91 -5.02 21.73 -4.87
C GLU C 91 -6.34 22.49 -5.02
N ASN C 92 -7.44 21.79 -4.91
CA ASN C 92 -8.77 22.47 -5.04
C ASN C 92 -9.22 22.99 -3.67
N SER C 93 -8.49 22.64 -2.64
CA SER C 93 -8.86 23.12 -1.28
C SER C 93 -10.36 22.89 -1.04
N GLY D 1 -16.72 3.44 1.22
CA GLY D 1 -17.30 2.29 2.05
C GLY D 1 -17.12 0.89 1.58
N SER D 2 -16.61 0.70 0.40
CA SER D 2 -16.41 -0.67 -0.13
C SER D 2 -15.16 -1.28 0.51
N GLU D 3 -15.05 -2.58 0.53
CA GLU D 3 -13.88 -3.25 1.18
C GLU D 3 -12.58 -2.51 0.86
N LEU D 4 -12.26 -2.32 -0.40
CA LEU D 4 -10.98 -1.62 -0.73
C LEU D 4 -11.08 -0.15 -0.35
N GLU D 5 -12.20 0.47 -0.60
CA GLU D 5 -12.30 1.92 -0.26
C GLU D 5 -12.08 2.08 1.24
N THR D 6 -12.56 1.15 2.00
CA THR D 6 -12.42 1.24 3.47
C THR D 6 -10.93 1.34 3.85
N ALA D 7 -10.12 0.46 3.33
CA ALA D 7 -8.67 0.45 3.65
C ALA D 7 -7.94 1.69 3.12
N MET D 8 -8.40 2.28 2.05
CA MET D 8 -7.67 3.47 1.52
C MET D 8 -7.85 4.65 2.46
N GLU D 9 -9.06 4.88 2.90
CA GLU D 9 -9.34 6.04 3.76
C GLU D 9 -8.75 5.84 5.14
N THR D 10 -8.55 4.62 5.54
CA THR D 10 -8.00 4.37 6.89
C THR D 10 -6.56 4.88 6.93
N LEU D 11 -5.69 4.40 6.09
CA LEU D 11 -4.30 4.90 6.13
C LEU D 11 -4.32 6.44 6.10
N ILE D 12 -5.31 7.02 5.47
CA ILE D 12 -5.43 8.51 5.43
C ILE D 12 -5.79 9.05 6.84
N ASN D 13 -6.63 8.37 7.56
CA ASN D 13 -7.05 8.83 8.93
C ASN D 13 -5.92 8.70 9.96
N VAL D 14 -5.38 7.53 10.12
CA VAL D 14 -4.33 7.29 11.15
C VAL D 14 -3.08 8.15 10.89
N PHE D 15 -2.57 8.13 9.70
CA PHE D 15 -1.34 8.93 9.39
C PHE D 15 -1.61 10.43 9.63
N HIS D 16 -2.75 10.92 9.28
CA HIS D 16 -3.03 12.37 9.50
C HIS D 16 -2.94 12.70 11.01
N ALA D 17 -3.42 11.81 11.84
CA ALA D 17 -3.43 12.06 13.32
C ALA D 17 -2.02 12.28 13.92
N HIS D 18 -1.09 11.40 13.68
CA HIS D 18 0.28 11.57 14.29
C HIS D 18 1.11 12.57 13.48
N SER D 19 1.09 12.43 12.19
CA SER D 19 1.90 13.30 11.28
C SER D 19 1.55 14.80 11.41
N GLY D 20 0.35 15.15 11.77
CA GLY D 20 -0.02 16.60 11.84
C GLY D 20 0.23 17.15 13.24
N LYS D 21 0.78 16.36 14.12
CA LYS D 21 1.03 16.84 15.51
C LYS D 21 2.51 16.65 15.88
N GLU D 22 2.98 15.45 15.90
CA GLU D 22 4.41 15.21 16.29
C GLU D 22 5.35 15.47 15.11
N GLY D 23 4.85 16.05 14.04
CA GLY D 23 5.75 16.32 12.87
C GLY D 23 5.28 17.55 12.09
N ASP D 24 5.45 17.53 10.80
CA ASP D 24 5.02 18.68 9.96
C ASP D 24 3.57 18.45 9.54
N LYS D 25 2.92 19.46 9.04
CA LYS D 25 1.49 19.32 8.66
C LYS D 25 1.30 18.17 7.67
N TYR D 26 2.06 18.11 6.60
CA TYR D 26 1.87 17.02 5.59
C TYR D 26 3.14 16.18 5.40
N LYS D 27 4.03 16.13 6.37
CA LYS D 27 5.27 15.30 6.21
C LYS D 27 5.56 14.55 7.49
N LEU D 28 6.10 13.38 7.35
CA LEU D 28 6.40 12.50 8.53
C LEU D 28 7.87 12.66 8.95
N SER D 29 8.19 12.21 10.13
CA SER D 29 9.59 12.28 10.65
C SER D 29 10.01 10.92 11.20
N LYS D 30 11.30 10.69 11.34
CA LYS D 30 11.76 9.36 11.87
C LYS D 30 10.96 8.89 13.09
N LYS D 31 10.68 9.75 14.02
CA LYS D 31 9.95 9.29 15.23
C LYS D 31 8.48 9.04 14.89
N GLU D 32 7.97 9.70 13.89
CA GLU D 32 6.54 9.51 13.53
C GLU D 32 6.31 8.20 12.76
N LEU D 33 7.14 7.87 11.80
CA LEU D 33 6.91 6.58 11.08
C LEU D 33 6.87 5.46 12.11
N LYS D 34 7.80 5.53 13.05
CA LYS D 34 7.88 4.47 14.11
C LYS D 34 6.58 4.41 14.90
N ASP D 35 6.01 5.54 15.20
CA ASP D 35 4.74 5.58 16.00
C ASP D 35 3.57 4.93 15.25
N LEU D 36 3.45 5.15 13.96
CA LEU D 36 2.31 4.56 13.22
C LEU D 36 2.33 3.02 13.28
N LEU D 37 3.45 2.45 12.95
CA LEU D 37 3.57 0.96 12.90
C LEU D 37 3.51 0.28 14.28
N GLN D 38 4.16 0.86 15.25
CA GLN D 38 4.22 0.23 16.60
C GLN D 38 2.89 0.33 17.36
N THR D 39 2.26 1.45 17.26
CA THR D 39 1.02 1.68 18.04
C THR D 39 -0.05 0.65 17.69
N GLU D 40 -0.28 0.41 16.43
CA GLU D 40 -1.37 -0.55 16.02
C GLU D 40 -0.81 -1.93 15.64
N LEU D 41 0.47 -2.06 15.39
CA LEU D 41 1.03 -3.40 15.02
C LEU D 41 2.29 -3.68 15.84
N SER D 42 2.22 -3.48 17.12
CA SER D 42 3.40 -3.73 18.00
C SER D 42 3.83 -5.19 17.90
N SER D 43 2.90 -6.10 18.06
CA SER D 43 3.25 -7.55 18.02
C SER D 43 3.76 -7.98 16.64
N PHE D 44 3.17 -7.49 15.57
CA PHE D 44 3.62 -7.94 14.21
C PHE D 44 4.69 -7.04 13.61
N LEU D 45 4.35 -5.98 12.90
CA LEU D 45 5.40 -5.15 12.18
C LEU D 45 6.71 -5.22 12.99
N ASP D 46 7.91 -5.25 12.47
CA ASP D 46 9.08 -5.31 13.42
C ASP D 46 9.52 -3.89 13.78
N VAL D 47 9.38 -3.52 15.03
CA VAL D 47 9.81 -2.14 15.43
C VAL D 47 10.38 -2.16 16.86
N GLN D 48 9.54 -2.03 17.85
CA GLN D 48 10.05 -2.01 19.25
C GLN D 48 10.78 -3.31 19.59
N LYS D 49 10.28 -4.42 19.16
CA LYS D 49 10.98 -5.70 19.47
C LYS D 49 12.37 -5.62 18.85
N ASP D 50 12.51 -4.82 17.83
CA ASP D 50 13.84 -4.66 17.19
C ASP D 50 13.97 -3.20 16.73
N ALA D 51 14.49 -2.35 17.58
CA ALA D 51 14.64 -0.92 17.18
C ALA D 51 15.49 -0.88 15.91
N ASP D 52 16.35 -1.83 15.78
CA ASP D 52 17.18 -1.94 14.55
C ASP D 52 16.26 -2.10 13.35
N ALA D 53 15.21 -2.86 13.51
CA ALA D 53 14.31 -3.09 12.35
C ALA D 53 13.74 -1.77 11.85
N VAL D 54 13.36 -0.86 12.72
CA VAL D 54 12.80 0.43 12.23
C VAL D 54 13.84 1.16 11.38
N ASP D 55 15.09 1.09 11.77
CA ASP D 55 16.14 1.84 11.01
C ASP D 55 16.35 1.24 9.62
N LYS D 56 16.32 -0.07 9.51
CA LYS D 56 16.53 -0.70 8.17
C LYS D 56 15.36 -0.33 7.25
N ILE D 57 14.19 -0.30 7.78
CA ILE D 57 12.97 0.06 7.00
C ILE D 57 13.04 1.51 6.54
N MET D 58 13.27 2.39 7.47
CA MET D 58 13.34 3.85 7.17
C MET D 58 14.47 4.14 6.17
N LYS D 59 15.55 3.45 6.25
CA LYS D 59 16.65 3.69 5.28
C LYS D 59 16.10 3.43 3.88
N GLU D 60 15.35 2.36 3.75
CA GLU D 60 14.75 2.02 2.43
C GLU D 60 13.79 3.14 2.03
N LEU D 61 13.30 3.88 2.98
CA LEU D 61 12.35 5.00 2.67
C LEU D 61 13.10 6.31 2.55
N ASP D 62 14.25 6.41 3.14
CA ASP D 62 15.02 7.67 3.02
C ASP D 62 15.65 7.66 1.63
N GLU D 63 14.88 7.31 0.64
CA GLU D 63 15.43 7.23 -0.73
C GLU D 63 15.93 8.60 -1.13
N ASN D 64 15.21 9.61 -0.79
CA ASN D 64 15.67 10.98 -1.12
C ASN D 64 16.78 11.31 -0.14
N GLY D 65 16.81 10.63 0.98
CA GLY D 65 17.85 10.93 1.99
C GLY D 65 17.45 12.19 2.73
N ASP D 66 16.16 12.38 2.98
CA ASP D 66 15.73 13.66 3.66
C ASP D 66 15.56 13.46 5.18
N GLY D 67 15.63 12.24 5.65
CA GLY D 67 15.47 11.99 7.12
C GLY D 67 13.97 12.04 7.51
N GLU D 68 13.08 12.08 6.55
CA GLU D 68 11.62 12.15 6.86
C GLU D 68 10.92 11.11 5.96
N VAL D 69 9.62 10.91 6.11
CA VAL D 69 8.91 9.92 5.24
C VAL D 69 7.68 10.60 4.64
N ASP D 70 7.53 10.53 3.34
CA ASP D 70 6.36 11.16 2.69
C ASP D 70 5.26 10.09 2.54
N PHE D 71 4.05 10.49 2.28
CA PHE D 71 2.95 9.49 2.15
C PHE D 71 3.33 8.46 1.07
N GLN D 72 4.04 8.86 0.07
CA GLN D 72 4.45 7.89 -1.00
C GLN D 72 5.53 6.94 -0.45
N GLU D 73 6.28 7.40 0.52
CA GLU D 73 7.36 6.57 1.11
C GLU D 73 6.78 5.65 2.19
N PHE D 74 5.98 6.20 3.05
CA PHE D 74 5.39 5.39 4.15
C PHE D 74 4.41 4.35 3.59
N VAL D 75 3.58 4.76 2.65
CA VAL D 75 2.57 3.82 2.08
C VAL D 75 3.26 2.64 1.37
N VAL D 76 4.34 2.90 0.72
CA VAL D 76 5.05 1.79 0.02
C VAL D 76 5.44 0.71 1.05
N LEU D 77 5.80 1.14 2.24
CA LEU D 77 6.25 0.18 3.31
C LEU D 77 5.10 -0.69 3.85
N VAL D 78 4.01 -0.10 4.27
CA VAL D 78 2.87 -0.92 4.83
C VAL D 78 2.39 -1.91 3.77
N ALA D 79 2.43 -1.50 2.54
CA ALA D 79 2.01 -2.38 1.42
C ALA D 79 3.00 -3.54 1.26
N ALA D 80 4.26 -3.26 1.39
CA ALA D 80 5.29 -4.31 1.19
C ALA D 80 5.34 -5.31 2.35
N LEU D 81 4.94 -4.94 3.54
CA LEU D 81 5.04 -5.93 4.67
C LEU D 81 3.86 -6.92 4.60
N THR D 82 2.66 -6.44 4.36
CA THR D 82 1.48 -7.36 4.24
C THR D 82 1.77 -8.45 3.22
N VAL D 83 2.22 -8.08 2.05
CA VAL D 83 2.56 -9.10 1.02
C VAL D 83 3.63 -10.04 1.53
N ALA D 84 4.62 -9.52 2.21
CA ALA D 84 5.71 -10.38 2.74
C ALA D 84 5.12 -11.39 3.71
N CYS D 85 3.99 -11.07 4.27
CA CYS D 85 3.36 -12.01 5.25
C CYS D 85 2.77 -13.21 4.51
N ASN D 86 2.02 -12.97 3.48
CA ASN D 86 1.40 -14.10 2.72
C ASN D 86 2.50 -15.02 2.17
N ASN D 87 3.54 -14.46 1.63
CA ASN D 87 4.64 -15.30 1.06
C ASN D 87 5.34 -16.11 2.15
N PHE D 88 5.55 -15.52 3.29
CA PHE D 88 6.26 -16.26 4.40
C PHE D 88 5.25 -17.04 5.24
N PHE D 89 3.98 -16.90 4.95
CA PHE D 89 2.95 -17.64 5.75
C PHE D 89 2.72 -19.01 5.12
N TRP D 90 2.99 -19.13 3.85
CA TRP D 90 2.77 -20.44 3.16
C TRP D 90 3.99 -21.34 3.35
N GLU D 91 5.08 -20.79 3.84
CA GLU D 91 6.30 -21.62 4.06
C GLU D 91 6.05 -22.59 5.23
N ASN D 92 5.40 -22.12 6.25
CA ASN D 92 5.12 -22.98 7.43
C ASN D 92 3.80 -23.74 7.21
N SER D 93 3.09 -23.40 6.17
CA SER D 93 1.80 -24.09 5.88
C SER D 93 0.96 -24.15 7.16
N THR A 1 -11.05 17.94 -23.54
CA THR A 1 -11.16 16.69 -22.73
C THR A 1 -12.16 16.91 -21.60
N ARG A 2 -13.17 16.08 -21.51
CA ARG A 2 -14.19 16.24 -20.43
C ARG A 2 -14.85 14.89 -20.18
N THR A 3 -15.49 14.73 -19.06
CA THR A 3 -16.15 13.44 -18.71
C THR A 3 -15.11 12.33 -18.59
N LYS A 4 -13.92 12.52 -19.13
CA LYS A 4 -12.86 11.46 -19.06
C LYS A 4 -11.86 11.82 -17.95
N ILE A 5 -11.51 10.86 -17.14
CA ILE A 5 -10.53 11.11 -16.04
C ILE A 5 -9.21 10.38 -16.37
N ASP A 6 -8.11 11.11 -16.34
CA ASP A 6 -6.78 10.50 -16.64
C ASP A 6 -5.84 10.72 -15.45
N TRP A 7 -6.41 10.94 -14.28
CA TRP A 7 -5.58 11.18 -13.08
C TRP A 7 -4.64 9.97 -12.84
N ASN A 8 -5.17 8.78 -12.83
CA ASN A 8 -4.27 7.60 -12.61
C ASN A 8 -3.10 7.69 -13.59
N LYS A 9 -3.33 8.19 -14.77
CA LYS A 9 -2.21 8.33 -15.73
C LYS A 9 -1.11 9.15 -15.02
N ILE A 10 -1.50 9.99 -14.07
CA ILE A 10 -0.49 10.79 -13.31
C ILE A 10 0.52 9.79 -12.77
N LEU A 11 0.04 8.64 -12.45
CA LEU A 11 0.93 7.58 -11.93
C LEU A 11 1.92 7.21 -13.03
N SER A 12 1.43 7.01 -14.22
CA SER A 12 2.34 6.66 -15.35
C SER A 12 3.17 7.88 -15.75
N THR B 1 23.15 -15.46 22.78
CA THR B 1 22.53 -15.74 21.46
C THR B 1 21.55 -14.62 21.10
N ARG B 2 21.18 -14.52 19.85
CA ARG B 2 20.23 -13.45 19.42
C ARG B 2 18.83 -14.05 19.30
N THR B 3 17.86 -13.38 19.87
CA THR B 3 16.45 -13.88 19.83
C THR B 3 15.53 -12.72 19.48
N LYS B 4 15.55 -12.30 18.24
CA LYS B 4 14.68 -11.15 17.81
C LYS B 4 14.12 -11.42 16.41
N ILE B 5 13.04 -10.78 16.06
CA ILE B 5 12.43 -10.99 14.72
C ILE B 5 13.08 -10.02 13.72
N ASP B 6 13.69 -10.55 12.68
CA ASP B 6 14.40 -9.72 11.66
C ASP B 6 13.66 -9.80 10.31
N TRP B 7 12.41 -10.14 10.32
CA TRP B 7 11.64 -10.25 9.04
C TRP B 7 11.66 -8.92 8.27
N ASN B 8 11.37 -7.82 8.91
CA ASN B 8 11.39 -6.52 8.17
C ASN B 8 12.71 -6.43 7.40
N LYS B 9 13.76 -6.88 8.01
CA LYS B 9 15.07 -6.82 7.34
C LYS B 9 14.94 -7.59 6.01
N ILE B 10 14.00 -8.50 5.93
CA ILE B 10 13.79 -9.25 4.65
C ILE B 10 13.59 -8.21 3.56
N LEU B 11 12.90 -7.16 3.88
CA LEU B 11 12.68 -6.09 2.86
C LEU B 11 14.04 -5.44 2.54
N SER B 12 14.85 -5.24 3.55
CA SER B 12 16.20 -4.63 3.31
C SER B 12 17.12 -4.96 4.51
N GLY C 1 -10.34 -5.09 14.68
CA GLY C 1 -8.90 -4.70 14.29
C GLY C 1 -8.49 -3.26 14.34
N SER C 2 -7.21 -2.98 14.29
CA SER C 2 -6.78 -1.55 14.33
C SER C 2 -6.91 -0.95 12.93
N GLU C 3 -6.96 0.34 12.83
CA GLU C 3 -7.14 0.98 11.50
C GLU C 3 -6.09 0.45 10.52
N LEU C 4 -4.86 0.39 10.94
CA LEU C 4 -3.78 -0.11 10.03
C LEU C 4 -3.95 -1.61 9.80
N GLU C 5 -4.29 -2.35 10.82
CA GLU C 5 -4.46 -3.80 10.62
C GLU C 5 -5.68 -4.05 9.74
N THR C 6 -6.62 -3.15 9.77
CA THR C 6 -7.83 -3.33 8.93
C THR C 6 -7.44 -3.41 7.45
N ALA C 7 -6.56 -2.53 7.04
CA ALA C 7 -6.12 -2.47 5.62
C ALA C 7 -5.26 -3.68 5.23
N MET C 8 -4.50 -4.25 6.12
CA MET C 8 -3.64 -5.40 5.73
C MET C 8 -4.51 -6.62 5.44
N GLU C 9 -5.37 -6.95 6.33
CA GLU C 9 -6.22 -8.15 6.17
C GLU C 9 -7.27 -7.96 5.08
N THR C 10 -7.77 -6.78 4.87
CA THR C 10 -8.82 -6.63 3.83
C THR C 10 -8.20 -6.90 2.46
N LEU C 11 -7.15 -6.23 2.10
CA LEU C 11 -6.53 -6.48 0.77
C LEU C 11 -6.30 -7.98 0.59
N ILE C 12 -5.89 -8.64 1.62
CA ILE C 12 -5.63 -10.11 1.50
C ILE C 12 -6.93 -10.89 1.23
N ASN C 13 -8.06 -10.54 1.82
CA ASN C 13 -9.31 -11.35 1.57
C ASN C 13 -9.98 -11.00 0.23
N VAL C 14 -10.07 -9.74 -0.13
CA VAL C 14 -10.72 -9.38 -1.42
C VAL C 14 -9.96 -10.07 -2.55
N PHE C 15 -8.67 -10.10 -2.44
CA PHE C 15 -7.83 -10.75 -3.48
C PHE C 15 -8.20 -12.25 -3.57
N HIS C 16 -8.47 -12.90 -2.48
CA HIS C 16 -8.86 -14.34 -2.56
C HIS C 16 -10.17 -14.50 -3.35
N ALA C 17 -11.07 -13.58 -3.20
CA ALA C 17 -12.39 -13.68 -3.89
C ALA C 17 -12.28 -13.76 -5.42
N HIS C 18 -11.67 -12.79 -6.05
CA HIS C 18 -11.58 -12.82 -7.55
C HIS C 18 -10.40 -13.66 -8.04
N SER C 19 -9.29 -13.56 -7.37
CA SER C 19 -8.07 -14.31 -7.80
C SER C 19 -8.29 -15.83 -7.87
N GLY C 20 -9.18 -16.38 -7.07
CA GLY C 20 -9.38 -17.88 -7.09
C GLY C 20 -10.60 -18.26 -7.93
N LYS C 21 -11.08 -17.37 -8.75
CA LYS C 21 -12.26 -17.71 -9.61
C LYS C 21 -11.92 -17.43 -11.07
N GLU C 22 -11.69 -16.20 -11.41
CA GLU C 22 -11.40 -15.85 -12.82
C GLU C 22 -9.89 -15.88 -13.13
N GLY C 23 -9.10 -16.53 -12.31
CA GLY C 23 -7.63 -16.56 -12.58
C GLY C 23 -7.02 -17.82 -11.97
N ASP C 24 -5.73 -17.78 -11.68
CA ASP C 24 -5.07 -18.95 -11.07
C ASP C 24 -5.39 -18.92 -9.58
N LYS C 25 -5.31 -20.03 -8.92
CA LYS C 25 -5.68 -20.05 -7.48
C LYS C 25 -4.86 -19.06 -6.66
N TYR C 26 -3.54 -19.05 -6.76
CA TYR C 26 -2.72 -18.10 -5.92
C TYR C 26 -2.12 -16.99 -6.78
N LYS C 27 -2.67 -16.71 -7.93
CA LYS C 27 -2.13 -15.62 -8.79
C LYS C 27 -3.27 -14.85 -9.45
N LEU C 28 -3.03 -13.59 -9.66
CA LEU C 28 -4.04 -12.71 -10.29
C LEU C 28 -3.81 -12.68 -11.81
N SER C 29 -4.76 -12.18 -12.56
CA SER C 29 -4.61 -12.12 -14.04
C SER C 29 -4.97 -10.73 -14.55
N LYS C 30 -4.59 -10.39 -15.77
CA LYS C 30 -4.93 -9.04 -16.29
C LYS C 30 -6.42 -8.70 -16.11
N LYS C 31 -7.31 -9.62 -16.31
CA LYS C 31 -8.75 -9.28 -16.15
C LYS C 31 -9.10 -9.19 -14.66
N GLU C 32 -8.44 -9.93 -13.83
CA GLU C 32 -8.78 -9.89 -12.39
C GLU C 32 -8.33 -8.55 -11.73
N LEU C 33 -7.17 -8.03 -12.07
CA LEU C 33 -6.76 -6.72 -11.46
C LEU C 33 -7.78 -5.67 -11.88
N LYS C 34 -8.21 -5.78 -13.12
CA LYS C 34 -9.22 -4.85 -13.71
C LYS C 34 -10.54 -4.92 -12.94
N ASP C 35 -10.92 -6.09 -12.54
CA ASP C 35 -12.21 -6.29 -11.82
C ASP C 35 -12.17 -5.80 -10.37
N LEU C 36 -11.20 -6.18 -9.57
CA LEU C 36 -11.23 -5.70 -8.15
C LEU C 36 -11.14 -4.18 -8.12
N LEU C 37 -10.33 -3.65 -8.96
CA LEU C 37 -10.14 -2.18 -9.01
C LEU C 37 -11.40 -1.52 -9.60
N GLN C 38 -11.99 -2.17 -10.57
CA GLN C 38 -13.20 -1.62 -11.24
C GLN C 38 -14.43 -1.79 -10.35
N THR C 39 -14.54 -2.92 -9.69
CA THR C 39 -15.75 -3.22 -8.89
C THR C 39 -16.00 -2.19 -7.78
N GLU C 40 -15.00 -1.88 -6.99
CA GLU C 40 -15.22 -0.93 -5.85
C GLU C 40 -14.71 0.47 -6.18
N LEU C 41 -13.77 0.59 -7.08
CA LEU C 41 -13.23 1.94 -7.45
C LEU C 41 -13.53 2.18 -8.92
N SER C 42 -14.64 1.65 -9.39
CA SER C 42 -15.03 1.82 -10.81
C SER C 42 -14.99 3.30 -11.20
N SER C 43 -15.82 4.08 -10.56
CA SER C 43 -15.91 5.54 -10.86
C SER C 43 -14.66 6.32 -10.40
N PHE C 44 -13.91 5.85 -9.45
CA PHE C 44 -12.72 6.66 -8.98
C PHE C 44 -11.53 6.43 -9.92
N LEU C 45 -10.56 5.65 -9.44
CA LEU C 45 -9.35 5.18 -10.24
C LEU C 45 -9.63 5.40 -11.76
N ASP C 46 -8.70 5.62 -12.65
CA ASP C 46 -9.09 5.67 -14.10
C ASP C 46 -8.98 4.25 -14.67
N VAL C 47 -10.07 3.50 -14.71
CA VAL C 47 -10.04 2.09 -15.25
C VAL C 47 -11.11 1.93 -16.34
N GLN C 48 -12.37 1.94 -15.97
CA GLN C 48 -13.43 1.76 -16.99
C GLN C 48 -13.53 2.94 -17.96
N LYS C 49 -13.51 4.15 -17.45
CA LYS C 49 -13.63 5.32 -18.37
C LYS C 49 -12.45 5.26 -19.34
N ASP C 50 -11.27 5.12 -18.84
CA ASP C 50 -10.08 5.02 -19.73
C ASP C 50 -9.68 3.54 -19.82
N ALA C 51 -10.13 2.83 -20.82
CA ALA C 51 -9.74 1.40 -20.94
C ALA C 51 -8.23 1.35 -21.07
N ASP C 52 -7.70 2.31 -21.76
CA ASP C 52 -6.25 2.44 -21.93
C ASP C 52 -5.61 2.58 -20.56
N ALA C 53 -6.24 3.30 -19.69
CA ALA C 53 -5.63 3.50 -18.35
C ALA C 53 -5.34 2.12 -17.74
N VAL C 54 -6.17 1.14 -17.95
CA VAL C 54 -5.82 -0.20 -17.38
C VAL C 54 -4.47 -0.66 -17.98
N ASP C 55 -4.27 -0.40 -19.26
CA ASP C 55 -3.00 -0.84 -19.95
C ASP C 55 -1.76 -0.09 -19.42
N LYS C 56 -1.85 1.19 -19.15
CA LYS C 56 -0.64 1.92 -18.67
C LYS C 56 -0.27 1.42 -17.28
N ILE C 57 -1.26 1.19 -16.48
CA ILE C 57 -1.04 0.70 -15.08
C ILE C 57 -0.50 -0.75 -15.11
N MET C 58 -1.14 -1.60 -15.84
CA MET C 58 -0.71 -3.03 -15.92
C MET C 58 0.72 -3.12 -16.45
N LYS C 59 1.03 -2.36 -17.44
CA LYS C 59 2.40 -2.41 -17.98
C LYS C 59 3.37 -2.01 -16.88
N GLU C 60 3.03 -0.96 -16.20
CA GLU C 60 3.89 -0.49 -15.09
C GLU C 60 4.00 -1.62 -14.08
N LEU C 61 3.01 -2.46 -14.04
CA LEU C 61 3.01 -3.59 -13.08
C LEU C 61 3.59 -4.85 -13.73
N ASP C 62 3.63 -4.91 -15.04
CA ASP C 62 4.20 -6.12 -15.68
C ASP C 62 5.70 -6.05 -15.53
N GLU C 63 6.15 -5.69 -14.36
CA GLU C 63 7.62 -5.58 -14.16
C GLU C 63 8.26 -6.93 -14.39
N ASN C 64 7.66 -7.96 -13.88
CA ASN C 64 8.22 -9.30 -14.11
C ASN C 64 7.87 -9.70 -15.54
N GLY C 65 6.96 -8.99 -16.15
CA GLY C 65 6.58 -9.33 -17.55
C GLY C 65 5.84 -10.64 -17.53
N ASP C 66 5.12 -10.92 -16.46
CA ASP C 66 4.40 -12.24 -16.38
C ASP C 66 2.97 -12.12 -16.92
N GLY C 67 2.51 -10.91 -17.19
CA GLY C 67 1.11 -10.73 -17.70
C GLY C 67 0.11 -11.06 -16.59
N GLU C 68 0.59 -11.13 -15.36
CA GLU C 68 -0.31 -11.44 -14.22
C GLU C 68 0.10 -10.53 -13.04
N VAL C 69 -0.59 -10.57 -11.94
CA VAL C 69 -0.19 -9.71 -10.76
C VAL C 69 -0.24 -10.59 -9.51
N ASP C 70 0.83 -10.70 -8.77
CA ASP C 70 0.81 -11.61 -7.58
C ASP C 70 0.67 -10.81 -6.28
N PHE C 71 1.02 -9.55 -6.27
CA PHE C 71 0.86 -8.72 -5.02
C PHE C 71 1.78 -7.49 -5.09
N GLN C 72 3.04 -7.66 -4.78
CA GLN C 72 4.01 -6.50 -4.77
C GLN C 72 3.70 -5.55 -5.92
N GLU C 73 3.08 -6.04 -6.95
CA GLU C 73 2.74 -5.18 -8.08
C GLU C 73 1.44 -4.43 -7.78
N PHE C 74 0.47 -5.14 -7.31
CA PHE C 74 -0.85 -4.52 -7.01
C PHE C 74 -0.78 -3.51 -5.86
N VAL C 75 -0.30 -3.91 -4.71
CA VAL C 75 -0.25 -2.99 -3.53
C VAL C 75 0.60 -1.76 -3.87
N VAL C 76 1.59 -1.91 -4.69
CA VAL C 76 2.41 -0.73 -5.08
C VAL C 76 1.52 0.29 -5.83
N LEU C 77 0.61 -0.19 -6.65
CA LEU C 77 -0.26 0.74 -7.47
C LEU C 77 -1.28 1.49 -6.61
N VAL C 78 -2.12 0.79 -5.89
CA VAL C 78 -3.17 1.46 -5.04
C VAL C 78 -2.48 2.35 -4.02
N ALA C 79 -1.41 1.87 -3.47
CA ALA C 79 -0.65 2.66 -2.47
C ALA C 79 -0.17 3.96 -3.09
N ALA C 80 0.29 3.88 -4.29
CA ALA C 80 0.83 5.09 -4.98
C ALA C 80 -0.27 6.07 -5.44
N LEU C 81 -1.50 5.66 -5.67
CA LEU C 81 -2.51 6.67 -6.15
C LEU C 81 -3.10 7.45 -4.96
N THR C 82 -3.48 6.75 -3.92
CA THR C 82 -4.04 7.44 -2.72
C THR C 82 -3.08 8.49 -2.19
N VAL C 83 -1.81 8.21 -2.15
CA VAL C 83 -0.85 9.27 -1.70
C VAL C 83 -0.97 10.47 -2.64
N ALA C 84 -1.08 10.22 -3.92
CA ALA C 84 -1.20 11.33 -4.90
C ALA C 84 -2.50 12.11 -4.63
N CYS C 85 -3.47 11.46 -4.04
CA CYS C 85 -4.75 12.17 -3.76
C CYS C 85 -4.55 13.11 -2.57
N ASN C 86 -3.77 12.68 -1.61
CA ASN C 86 -3.48 13.53 -0.42
C ASN C 86 -2.82 14.82 -0.90
N ASN C 87 -1.92 14.73 -1.85
CA ASN C 87 -1.23 15.95 -2.35
C ASN C 87 -2.23 16.95 -2.91
N PHE C 88 -3.23 16.49 -3.60
CA PHE C 88 -4.25 17.43 -4.19
C PHE C 88 -5.40 17.61 -3.20
N PHE C 89 -5.34 16.96 -2.08
CA PHE C 89 -6.41 17.10 -1.08
C PHE C 89 -6.17 18.36 -0.24
N TRP C 90 -5.03 18.97 -0.40
CA TRP C 90 -4.73 20.19 0.40
C TRP C 90 -5.64 21.34 -0.05
N GLU C 91 -6.19 21.26 -1.22
CA GLU C 91 -7.09 22.34 -1.70
C GLU C 91 -8.28 22.44 -0.74
N ASN C 92 -8.79 21.32 -0.29
CA ASN C 92 -9.94 21.34 0.65
C ASN C 92 -9.43 21.42 2.09
N SER C 93 -8.14 21.30 2.25
CA SER C 93 -7.55 21.39 3.62
C SER C 93 -8.03 20.19 4.45
N GLY D 1 -18.18 1.55 3.75
CA GLY D 1 -17.20 1.45 2.59
C GLY D 1 -16.83 0.11 2.05
N SER D 2 -16.26 0.07 0.87
CA SER D 2 -15.86 -1.24 0.30
C SER D 2 -14.56 -1.70 0.93
N GLU D 3 -14.28 -2.97 0.87
CA GLU D 3 -13.04 -3.49 1.50
C GLU D 3 -11.84 -2.68 1.03
N LEU D 4 -11.73 -2.44 -0.25
CA LEU D 4 -10.58 -1.67 -0.78
C LEU D 4 -10.71 -0.20 -0.37
N GLU D 5 -11.87 0.36 -0.39
CA GLU D 5 -12.02 1.78 0.02
C GLU D 5 -11.74 1.90 1.52
N THR D 6 -11.97 0.84 2.24
CA THR D 6 -11.74 0.88 3.71
C THR D 6 -10.27 1.20 3.97
N ALA D 7 -9.40 0.54 3.25
CA ALA D 7 -7.94 0.74 3.45
C ALA D 7 -7.46 2.11 2.98
N MET D 8 -8.06 2.69 1.99
CA MET D 8 -7.57 4.01 1.51
C MET D 8 -7.85 5.10 2.53
N GLU D 9 -9.06 5.15 2.99
CA GLU D 9 -9.45 6.20 3.95
C GLU D 9 -8.84 5.96 5.33
N THR D 10 -8.68 4.73 5.76
CA THR D 10 -8.12 4.51 7.12
C THR D 10 -6.67 5.03 7.16
N LEU D 11 -5.82 4.61 6.28
CA LEU D 11 -4.42 5.11 6.29
C LEU D 11 -4.42 6.62 6.33
N ILE D 12 -5.30 7.24 5.61
CA ILE D 12 -5.34 8.72 5.60
C ILE D 12 -5.73 9.29 6.98
N ASN D 13 -6.66 8.70 7.70
CA ASN D 13 -7.06 9.30 9.04
C ASN D 13 -6.04 8.99 10.15
N VAL D 14 -5.54 7.79 10.24
CA VAL D 14 -4.59 7.45 11.33
C VAL D 14 -3.39 8.39 11.20
N PHE D 15 -2.97 8.61 10.00
CA PHE D 15 -1.82 9.51 9.74
C PHE D 15 -2.14 10.91 10.28
N HIS D 16 -3.35 11.37 10.14
CA HIS D 16 -3.69 12.72 10.69
C HIS D 16 -3.52 12.73 12.22
N ALA D 17 -3.85 11.65 12.87
CA ALA D 17 -3.78 11.61 14.37
C ALA D 17 -2.36 11.89 14.92
N HIS D 18 -1.38 11.12 14.52
CA HIS D 18 0.00 11.33 15.07
C HIS D 18 0.76 12.42 14.30
N SER D 19 0.63 12.45 13.02
CA SER D 19 1.36 13.46 12.18
C SER D 19 1.06 14.90 12.59
N GLY D 20 -0.11 15.18 13.13
CA GLY D 20 -0.45 16.60 13.49
C GLY D 20 -0.22 16.86 14.95
N LYS D 21 0.48 15.99 15.64
CA LYS D 21 0.76 16.22 17.09
C LYS D 21 2.26 16.17 17.36
N GLU D 22 2.86 15.04 17.14
CA GLU D 22 4.33 14.90 17.43
C GLU D 22 5.18 15.22 16.19
N GLY D 23 4.64 15.91 15.23
CA GLY D 23 5.45 16.24 14.01
C GLY D 23 4.93 17.51 13.35
N ASP D 24 5.21 17.66 12.08
CA ASP D 24 4.71 18.87 11.37
C ASP D 24 3.24 18.63 11.04
N LYS D 25 2.50 19.66 10.82
CA LYS D 25 1.04 19.46 10.57
C LYS D 25 0.79 18.53 9.36
N TYR D 26 1.39 18.77 8.21
CA TYR D 26 1.11 17.89 7.02
C TYR D 26 2.32 17.00 6.69
N LYS D 27 3.19 16.77 7.64
CA LYS D 27 4.37 15.89 7.36
C LYS D 27 4.64 15.01 8.56
N LEU D 28 5.14 13.84 8.30
CA LEU D 28 5.47 12.87 9.38
C LEU D 28 6.94 13.06 9.80
N SER D 29 7.34 12.48 10.90
CA SER D 29 8.75 12.62 11.38
C SER D 29 9.30 11.24 11.75
N LYS D 30 10.61 11.12 11.87
CA LYS D 30 11.18 9.78 12.24
C LYS D 30 10.49 9.18 13.47
N LYS D 31 10.15 9.94 14.46
CA LYS D 31 9.51 9.33 15.65
C LYS D 31 8.04 9.01 15.35
N GLU D 32 7.42 9.78 14.50
CA GLU D 32 5.98 9.50 14.19
C GLU D 32 5.82 8.21 13.37
N LEU D 33 6.66 7.96 12.40
CA LEU D 33 6.52 6.68 11.62
C LEU D 33 6.68 5.52 12.61
N LYS D 34 7.60 5.67 13.52
CA LYS D 34 7.90 4.64 14.55
C LYS D 34 6.69 4.38 15.43
N ASP D 35 5.96 5.41 15.75
CA ASP D 35 4.76 5.30 16.63
C ASP D 35 3.56 4.64 15.94
N LEU D 36 3.14 5.10 14.79
CA LEU D 36 1.94 4.46 14.16
C LEU D 36 2.22 2.99 13.89
N LEU D 37 3.39 2.71 13.42
CA LEU D 37 3.75 1.31 13.11
C LEU D 37 3.89 0.52 14.40
N GLN D 38 4.42 1.16 15.41
CA GLN D 38 4.63 0.48 16.72
C GLN D 38 3.33 0.34 17.50
N THR D 39 2.51 1.35 17.45
CA THR D 39 1.27 1.34 18.25
C THR D 39 0.35 0.17 17.88
N GLU D 40 0.07 -0.05 16.61
CA GLU D 40 -0.88 -1.15 16.23
C GLU D 40 -0.12 -2.39 15.74
N LEU D 41 1.07 -2.23 15.23
CA LEU D 41 1.86 -3.42 14.74
C LEU D 41 3.10 -3.56 15.62
N SER D 42 2.99 -3.14 16.86
CA SER D 42 4.13 -3.24 17.81
C SER D 42 4.74 -4.64 17.77
N SER D 43 3.97 -5.62 18.14
CA SER D 43 4.47 -7.01 18.18
C SER D 43 4.69 -7.60 16.78
N PHE D 44 4.04 -7.10 15.76
CA PHE D 44 4.22 -7.73 14.41
C PHE D 44 5.48 -7.23 13.69
N LEU D 45 5.31 -6.20 12.89
CA LEU D 45 6.44 -5.62 12.08
C LEU D 45 7.72 -5.65 12.95
N ASP D 46 8.91 -5.60 12.43
CA ASP D 46 10.09 -5.57 13.37
C ASP D 46 10.40 -4.11 13.69
N VAL D 47 9.89 -3.57 14.78
CA VAL D 47 10.15 -2.14 15.13
C VAL D 47 10.69 -2.04 16.56
N GLN D 48 9.86 -2.32 17.54
CA GLN D 48 10.32 -2.19 18.95
C GLN D 48 11.37 -3.25 19.32
N LYS D 49 11.16 -4.48 18.93
CA LYS D 49 12.14 -5.56 19.26
C LYS D 49 13.47 -5.19 18.62
N ASP D 50 13.44 -4.90 17.34
CA ASP D 50 14.70 -4.49 16.65
C ASP D 50 14.68 -2.96 16.51
N ALA D 51 15.29 -2.25 17.42
CA ALA D 51 15.30 -0.77 17.30
C ALA D 51 16.02 -0.43 16.00
N ASP D 52 17.01 -1.20 15.69
CA ASP D 52 17.76 -1.04 14.43
C ASP D 52 16.79 -1.21 13.28
N ALA D 53 15.89 -2.14 13.38
CA ALA D 53 14.95 -2.36 12.25
C ALA D 53 14.30 -1.02 11.89
N VAL D 54 13.97 -0.19 12.84
CA VAL D 54 13.34 1.10 12.45
C VAL D 54 14.35 1.84 11.55
N ASP D 55 15.61 1.78 11.87
CA ASP D 55 16.66 2.50 11.07
C ASP D 55 16.80 1.93 9.65
N LYS D 56 16.77 0.64 9.47
CA LYS D 56 16.94 0.09 8.09
C LYS D 56 15.72 0.50 7.25
N ILE D 57 14.57 0.46 7.82
CA ILE D 57 13.32 0.82 7.11
C ILE D 57 13.29 2.33 6.79
N MET D 58 13.56 3.14 7.76
CA MET D 58 13.54 4.61 7.57
C MET D 58 14.57 5.03 6.52
N LYS D 59 15.72 4.45 6.54
CA LYS D 59 16.75 4.81 5.54
C LYS D 59 16.20 4.46 4.17
N GLU D 60 15.64 3.30 4.06
CA GLU D 60 15.06 2.86 2.78
C GLU D 60 13.97 3.87 2.39
N LEU D 61 13.43 4.52 3.36
CA LEU D 61 12.35 5.54 3.11
C LEU D 61 12.96 6.93 3.02
N ASP D 62 14.15 7.13 3.53
CA ASP D 62 14.74 8.49 3.43
C ASP D 62 15.20 8.69 1.99
N GLU D 63 14.39 8.27 1.07
CA GLU D 63 14.79 8.41 -0.35
C GLU D 63 15.03 9.87 -0.68
N ASN D 64 14.15 10.72 -0.23
CA ASN D 64 14.34 12.16 -0.49
C ASN D 64 15.44 12.64 0.45
N GLY D 65 15.74 11.86 1.46
CA GLY D 65 16.79 12.27 2.42
C GLY D 65 16.25 13.42 3.25
N ASP D 66 14.96 13.46 3.48
CA ASP D 66 14.38 14.60 4.26
C ASP D 66 14.33 14.27 5.75
N GLY D 67 14.59 13.05 6.12
CA GLY D 67 14.53 12.67 7.57
C GLY D 67 13.08 12.70 8.04
N GLU D 68 12.14 12.70 7.12
CA GLU D 68 10.70 12.73 7.49
C GLU D 68 9.97 11.79 6.53
N VAL D 69 8.69 11.55 6.71
CA VAL D 69 7.94 10.66 5.76
C VAL D 69 6.65 11.40 5.39
N ASP D 70 6.38 11.61 4.12
CA ASP D 70 5.14 12.38 3.74
C ASP D 70 4.04 11.43 3.24
N PHE D 71 4.40 10.26 2.75
CA PHE D 71 3.35 9.28 2.27
C PHE D 71 3.98 8.24 1.34
N GLN D 72 4.18 8.59 0.08
CA GLN D 72 4.74 7.62 -0.92
C GLN D 72 5.83 6.78 -0.27
N GLU D 73 6.43 7.26 0.77
CA GLU D 73 7.47 6.47 1.45
C GLU D 73 6.82 5.47 2.40
N PHE D 74 5.86 5.94 3.15
CA PHE D 74 5.19 5.07 4.14
C PHE D 74 4.35 3.96 3.48
N VAL D 75 3.45 4.31 2.61
CA VAL D 75 2.58 3.28 1.98
C VAL D 75 3.43 2.28 1.22
N VAL D 76 4.55 2.70 0.70
CA VAL D 76 5.42 1.71 0.00
C VAL D 76 5.91 0.65 1.00
N LEU D 77 6.23 1.05 2.21
CA LEU D 77 6.77 0.08 3.23
C LEU D 77 5.70 -0.91 3.70
N VAL D 78 4.61 -0.44 4.24
CA VAL D 78 3.56 -1.38 4.75
C VAL D 78 3.06 -2.26 3.59
N ALA D 79 2.89 -1.66 2.46
CA ALA D 79 2.44 -2.41 1.26
C ALA D 79 3.41 -3.52 0.92
N ALA D 80 4.68 -3.24 1.04
CA ALA D 80 5.71 -4.26 0.69
C ALA D 80 5.86 -5.36 1.76
N LEU D 81 5.51 -5.15 3.01
CA LEU D 81 5.72 -6.27 4.00
C LEU D 81 4.55 -7.25 3.94
N THR D 82 3.35 -6.75 3.93
CA THR D 82 2.16 -7.63 3.87
C THR D 82 2.24 -8.57 2.65
N VAL D 83 2.66 -8.09 1.53
CA VAL D 83 2.82 -8.98 0.35
C VAL D 83 3.83 -10.08 0.70
N ALA D 84 4.87 -9.71 1.39
CA ALA D 84 5.92 -10.70 1.76
C ALA D 84 5.32 -11.73 2.73
N CYS D 85 4.29 -11.35 3.44
CA CYS D 85 3.66 -12.30 4.38
C CYS D 85 2.82 -13.31 3.61
N ASN D 86 2.18 -12.87 2.56
CA ASN D 86 1.36 -13.77 1.71
C ASN D 86 2.27 -14.88 1.15
N ASN D 87 3.45 -14.52 0.76
CA ASN D 87 4.40 -15.51 0.17
C ASN D 87 4.69 -16.62 1.20
N PHE D 88 4.86 -16.28 2.45
CA PHE D 88 5.14 -17.32 3.50
C PHE D 88 3.83 -17.81 4.11
N PHE D 89 2.73 -17.30 3.65
CA PHE D 89 1.42 -17.73 4.19
C PHE D 89 0.97 -19.01 3.47
N TRP D 90 1.66 -19.38 2.44
CA TRP D 90 1.28 -20.61 1.69
C TRP D 90 1.54 -21.84 2.57
N GLU D 91 2.38 -21.74 3.57
CA GLU D 91 2.64 -22.91 4.46
C GLU D 91 1.33 -23.34 5.11
N ASN D 92 0.52 -22.39 5.53
CA ASN D 92 -0.79 -22.72 6.18
C ASN D 92 -1.86 -22.85 5.09
N SER D 93 -1.52 -22.52 3.86
CA SER D 93 -2.51 -22.65 2.76
C SER D 93 -3.66 -21.65 2.98
N THR A 1 -8.27 12.23 -23.28
CA THR A 1 -9.18 13.41 -23.29
C THR A 1 -9.47 13.85 -21.86
N ARG A 2 -9.88 15.08 -21.67
CA ARG A 2 -10.19 15.55 -20.30
C ARG A 2 -11.41 14.81 -19.76
N THR A 3 -12.19 14.23 -20.62
CA THR A 3 -13.40 13.49 -20.18
C THR A 3 -13.01 12.10 -19.67
N LYS A 4 -13.94 11.41 -19.05
CA LYS A 4 -13.64 10.05 -18.53
C LYS A 4 -12.44 10.12 -17.58
N ILE A 5 -12.31 11.21 -16.87
CA ILE A 5 -11.18 11.40 -15.89
C ILE A 5 -9.84 10.96 -16.50
N ASP A 6 -8.76 11.24 -15.83
CA ASP A 6 -7.41 10.86 -16.34
C ASP A 6 -6.44 10.85 -15.17
N TRP A 7 -6.97 10.90 -13.99
CA TRP A 7 -6.13 10.97 -12.77
C TRP A 7 -5.19 9.76 -12.62
N ASN A 8 -5.68 8.55 -12.74
CA ASN A 8 -4.75 7.39 -12.56
C ASN A 8 -3.56 7.57 -13.50
N LYS A 9 -3.78 8.16 -14.65
CA LYS A 9 -2.66 8.39 -15.57
C LYS A 9 -1.68 9.34 -14.88
N ILE A 10 -2.18 10.15 -13.96
CA ILE A 10 -1.28 11.09 -13.23
C ILE A 10 -0.09 10.27 -12.71
N LEU A 11 -0.35 9.07 -12.31
CA LEU A 11 0.77 8.19 -11.83
C LEU A 11 1.63 7.82 -13.03
N SER A 12 1.02 7.54 -14.15
CA SER A 12 1.79 7.18 -15.37
C SER A 12 2.33 8.44 -16.04
N THR B 1 18.63 -14.68 21.34
CA THR B 1 18.74 -16.11 21.75
C THR B 1 17.70 -16.94 20.97
N ARG B 2 16.44 -16.61 21.11
CA ARG B 2 15.37 -17.37 20.40
C ARG B 2 14.92 -16.59 19.14
N THR B 3 15.62 -15.55 18.79
CA THR B 3 15.24 -14.76 17.57
C THR B 3 13.82 -14.21 17.76
N LYS B 4 13.70 -13.06 18.34
CA LYS B 4 12.36 -12.47 18.59
C LYS B 4 11.65 -12.18 17.26
N ILE B 5 12.29 -11.48 16.39
CA ILE B 5 11.66 -11.14 15.09
C ILE B 5 12.71 -10.46 14.19
N ASP B 6 12.78 -10.86 12.96
CA ASP B 6 13.77 -10.25 12.01
C ASP B 6 13.13 -10.21 10.62
N TRP B 7 11.87 -10.53 10.59
CA TRP B 7 11.09 -10.57 9.32
C TRP B 7 11.09 -9.21 8.59
N ASN B 8 10.77 -8.13 9.25
CA ASN B 8 10.74 -6.82 8.53
C ASN B 8 12.07 -6.65 7.79
N LYS B 9 13.13 -7.07 8.40
CA LYS B 9 14.45 -6.97 7.75
C LYS B 9 14.38 -7.80 6.46
N ILE B 10 13.48 -8.77 6.39
CA ILE B 10 13.34 -9.59 5.15
C ILE B 10 13.24 -8.61 3.99
N LEU B 11 12.52 -7.54 4.20
CA LEU B 11 12.40 -6.51 3.15
C LEU B 11 13.78 -5.91 2.93
N SER B 12 14.48 -5.64 3.99
CA SER B 12 15.84 -5.04 3.85
C SER B 12 16.81 -6.13 3.36
N GLY C 1 -6.78 3.04 18.32
CA GLY C 1 -7.29 1.69 17.78
C GLY C 1 -6.50 0.96 16.76
N SER C 2 -6.80 -0.29 16.54
CA SER C 2 -6.06 -1.09 15.53
C SER C 2 -6.68 -0.87 14.15
N GLU C 3 -7.16 0.33 13.91
CA GLU C 3 -7.80 0.61 12.60
C GLU C 3 -6.80 0.38 11.46
N LEU C 4 -5.56 0.77 11.64
CA LEU C 4 -4.56 0.56 10.55
C LEU C 4 -4.46 -0.95 10.25
N GLU C 5 -4.49 -1.77 11.26
CA GLU C 5 -4.41 -3.24 11.03
C GLU C 5 -5.59 -3.67 10.17
N THR C 6 -6.72 -3.07 10.38
CA THR C 6 -7.92 -3.45 9.60
C THR C 6 -7.62 -3.38 8.10
N ALA C 7 -6.99 -2.31 7.66
CA ALA C 7 -6.68 -2.12 6.22
C ALA C 7 -5.72 -3.18 5.68
N MET C 8 -4.83 -3.68 6.48
CA MET C 8 -3.86 -4.68 5.96
C MET C 8 -4.55 -5.98 5.63
N GLU C 9 -5.32 -6.47 6.55
CA GLU C 9 -5.97 -7.78 6.35
C GLU C 9 -7.03 -7.69 5.25
N THR C 10 -7.61 -6.54 5.09
CA THR C 10 -8.65 -6.42 4.03
C THR C 10 -8.01 -6.68 2.66
N LEU C 11 -6.99 -5.96 2.25
CA LEU C 11 -6.40 -6.24 0.91
C LEU C 11 -6.12 -7.74 0.78
N ILE C 12 -5.65 -8.36 1.81
CA ILE C 12 -5.38 -9.82 1.74
C ILE C 12 -6.71 -10.60 1.58
N ASN C 13 -7.79 -10.04 2.04
CA ASN C 13 -9.13 -10.71 1.93
C ASN C 13 -9.72 -10.62 0.51
N VAL C 14 -9.82 -9.43 -0.01
CA VAL C 14 -10.41 -9.22 -1.36
C VAL C 14 -9.56 -9.88 -2.44
N PHE C 15 -8.28 -9.65 -2.43
CA PHE C 15 -7.39 -10.26 -3.47
C PHE C 15 -7.50 -11.78 -3.41
N HIS C 16 -7.52 -12.37 -2.26
CA HIS C 16 -7.63 -13.85 -2.21
C HIS C 16 -8.95 -14.28 -2.86
N ALA C 17 -10.00 -13.55 -2.62
CA ALA C 17 -11.35 -13.90 -3.17
C ALA C 17 -11.40 -13.94 -4.71
N HIS C 18 -11.02 -12.89 -5.37
CA HIS C 18 -11.09 -12.88 -6.87
C HIS C 18 -9.87 -13.55 -7.50
N SER C 19 -8.72 -13.31 -6.97
CA SER C 19 -7.46 -13.90 -7.54
C SER C 19 -7.56 -15.42 -7.71
N GLY C 20 -8.33 -16.10 -6.89
CA GLY C 20 -8.42 -17.59 -7.01
C GLY C 20 -9.73 -18.03 -7.66
N LYS C 21 -10.47 -17.12 -8.24
CA LYS C 21 -11.76 -17.50 -8.92
C LYS C 21 -11.76 -16.96 -10.34
N GLU C 22 -11.95 -15.69 -10.51
CA GLU C 22 -11.97 -15.11 -11.88
C GLU C 22 -10.61 -15.26 -12.55
N GLY C 23 -9.75 -16.09 -12.02
CA GLY C 23 -8.42 -16.24 -12.66
C GLY C 23 -7.65 -17.40 -12.02
N ASP C 24 -6.49 -17.68 -12.57
CA ASP C 24 -5.64 -18.80 -12.09
C ASP C 24 -5.73 -18.95 -10.56
N LYS C 25 -5.33 -20.08 -10.06
CA LYS C 25 -5.43 -20.35 -8.60
C LYS C 25 -4.78 -19.24 -7.77
N TYR C 26 -3.56 -18.85 -8.08
CA TYR C 26 -2.89 -17.79 -7.24
C TYR C 26 -2.26 -16.68 -8.10
N LYS C 27 -2.91 -16.27 -9.17
CA LYS C 27 -2.33 -15.18 -10.03
C LYS C 27 -3.42 -14.19 -10.43
N LEU C 28 -3.09 -12.94 -10.48
CA LEU C 28 -4.06 -11.87 -10.84
C LEU C 28 -3.91 -11.56 -12.33
N SER C 29 -4.80 -12.06 -13.12
CA SER C 29 -4.72 -11.76 -14.57
C SER C 29 -5.13 -10.32 -14.80
N LYS C 30 -4.71 -9.73 -15.88
CA LYS C 30 -5.12 -8.33 -16.15
C LYS C 30 -6.64 -8.20 -15.93
N LYS C 31 -7.37 -9.24 -16.18
CA LYS C 31 -8.86 -9.18 -15.97
C LYS C 31 -9.14 -9.25 -14.47
N GLU C 32 -8.35 -10.00 -13.75
CA GLU C 32 -8.56 -10.06 -12.28
C GLU C 32 -8.35 -8.65 -11.75
N LEU C 33 -7.38 -7.97 -12.27
CA LEU C 33 -7.12 -6.56 -11.83
C LEU C 33 -8.35 -5.71 -12.10
N LYS C 34 -8.86 -5.80 -13.29
CA LYS C 34 -10.00 -4.95 -13.65
C LYS C 34 -11.10 -5.06 -12.62
N ASP C 35 -11.44 -6.24 -12.22
CA ASP C 35 -12.52 -6.41 -11.22
C ASP C 35 -12.09 -5.94 -9.82
N LEU C 36 -10.81 -5.98 -9.49
CA LEU C 36 -10.40 -5.55 -8.12
C LEU C 36 -10.60 -4.03 -7.97
N LEU C 37 -9.99 -3.28 -8.82
CA LEU C 37 -10.10 -1.79 -8.74
C LEU C 37 -11.51 -1.33 -9.11
N GLN C 38 -12.09 -1.95 -10.10
CA GLN C 38 -13.45 -1.55 -10.59
C GLN C 38 -14.57 -1.89 -9.59
N THR C 39 -14.48 -3.02 -8.96
CA THR C 39 -15.59 -3.46 -8.06
C THR C 39 -15.82 -2.46 -6.92
N GLU C 40 -14.79 -2.07 -6.21
CA GLU C 40 -14.99 -1.14 -5.05
C GLU C 40 -14.65 0.30 -5.41
N LEU C 41 -13.92 0.53 -6.48
CA LEU C 41 -13.55 1.94 -6.84
C LEU C 41 -13.85 2.20 -8.33
N SER C 42 -15.02 1.88 -8.78
CA SER C 42 -15.35 2.11 -10.22
C SER C 42 -15.31 3.61 -10.54
N SER C 43 -15.97 4.40 -9.72
CA SER C 43 -16.04 5.87 -9.97
C SER C 43 -14.68 6.56 -9.79
N PHE C 44 -13.91 6.20 -8.80
CA PHE C 44 -12.61 6.88 -8.59
C PHE C 44 -11.49 6.25 -9.42
N LEU C 45 -10.59 5.51 -8.80
CA LEU C 45 -9.46 4.79 -9.52
C LEU C 45 -9.69 4.90 -11.06
N ASP C 46 -8.82 5.27 -11.96
CA ASP C 46 -9.29 5.23 -13.41
C ASP C 46 -8.98 3.85 -14.02
N VAL C 47 -9.97 3.04 -14.30
CA VAL C 47 -9.69 1.70 -14.90
C VAL C 47 -10.78 1.29 -15.89
N GLN C 48 -12.03 1.56 -15.57
CA GLN C 48 -13.14 1.15 -16.48
C GLN C 48 -13.53 2.27 -17.45
N LYS C 49 -13.46 3.50 -17.02
CA LYS C 49 -13.83 4.61 -17.93
C LYS C 49 -12.80 4.74 -19.05
N ASP C 50 -11.59 4.33 -18.82
CA ASP C 50 -10.57 4.37 -19.91
C ASP C 50 -9.72 3.11 -19.83
N ALA C 51 -10.16 2.06 -20.47
CA ALA C 51 -9.40 0.78 -20.44
C ALA C 51 -7.95 1.09 -20.80
N ASP C 52 -7.73 2.15 -21.51
CA ASP C 52 -6.34 2.55 -21.86
C ASP C 52 -5.60 2.81 -20.54
N ALA C 53 -6.27 3.42 -19.61
CA ALA C 53 -5.60 3.71 -18.31
C ALA C 53 -5.14 2.39 -17.69
N VAL C 54 -5.94 1.37 -17.77
CA VAL C 54 -5.54 0.07 -17.19
C VAL C 54 -4.27 -0.44 -17.90
N ASP C 55 -4.12 -0.18 -19.16
CA ASP C 55 -2.93 -0.70 -19.89
C ASP C 55 -1.65 0.00 -19.43
N LYS C 56 -1.72 1.29 -19.21
CA LYS C 56 -0.50 2.05 -18.77
C LYS C 56 -0.13 1.67 -17.34
N ILE C 57 -1.12 1.51 -16.52
CA ILE C 57 -0.90 1.14 -15.10
C ILE C 57 -0.33 -0.28 -15.00
N MET C 58 -1.02 -1.22 -15.54
CA MET C 58 -0.56 -2.63 -15.49
C MET C 58 0.80 -2.77 -16.17
N LYS C 59 1.05 -2.00 -17.18
CA LYS C 59 2.39 -2.10 -17.84
C LYS C 59 3.44 -1.76 -16.78
N GLU C 60 3.17 -0.76 -15.98
CA GLU C 60 4.14 -0.37 -14.94
C GLU C 60 4.22 -1.50 -13.91
N LEU C 61 3.17 -2.26 -13.78
CA LEU C 61 3.18 -3.40 -12.81
C LEU C 61 3.77 -4.64 -13.49
N ASP C 62 3.59 -4.76 -14.76
CA ASP C 62 4.15 -5.93 -15.48
C ASP C 62 5.66 -5.73 -15.58
N GLU C 63 6.25 -5.37 -14.46
CA GLU C 63 7.72 -5.12 -14.47
C GLU C 63 8.44 -6.38 -14.90
N ASN C 64 7.98 -7.50 -14.43
CA ASN C 64 8.61 -8.78 -14.83
C ASN C 64 8.17 -9.04 -16.25
N GLY C 65 7.04 -8.49 -16.62
CA GLY C 65 6.53 -8.71 -18.00
C GLY C 65 5.85 -10.07 -18.03
N ASP C 66 5.14 -10.43 -16.96
CA ASP C 66 4.51 -11.81 -16.93
C ASP C 66 3.04 -11.78 -17.39
N GLY C 67 2.45 -10.61 -17.54
CA GLY C 67 1.01 -10.54 -18.00
C GLY C 67 0.05 -10.64 -16.81
N GLU C 68 0.55 -10.80 -15.60
CA GLU C 68 -0.35 -10.88 -14.41
C GLU C 68 0.33 -10.15 -13.24
N VAL C 69 -0.37 -10.00 -12.16
CA VAL C 69 0.17 -9.29 -10.96
C VAL C 69 0.04 -10.23 -9.76
N ASP C 70 1.08 -10.42 -9.00
CA ASP C 70 1.02 -11.40 -7.84
C ASP C 70 0.94 -10.71 -6.48
N PHE C 71 1.21 -9.42 -6.41
CA PHE C 71 1.08 -8.64 -5.11
C PHE C 71 2.04 -7.44 -5.09
N GLN C 72 3.27 -7.63 -4.66
CA GLN C 72 4.23 -6.48 -4.57
C GLN C 72 4.04 -5.51 -5.73
N GLU C 73 3.50 -5.98 -6.80
CA GLU C 73 3.23 -5.10 -7.94
C GLU C 73 1.89 -4.38 -7.68
N PHE C 74 0.89 -5.14 -7.32
CA PHE C 74 -0.47 -4.56 -7.06
C PHE C 74 -0.45 -3.59 -5.86
N VAL C 75 0.11 -3.99 -4.75
CA VAL C 75 0.13 -3.10 -3.56
C VAL C 75 0.84 -1.79 -3.92
N VAL C 76 1.85 -1.86 -4.74
CA VAL C 76 2.54 -0.59 -5.14
C VAL C 76 1.54 0.35 -5.82
N LEU C 77 0.66 -0.17 -6.65
CA LEU C 77 -0.33 0.69 -7.38
C LEU C 77 -1.33 1.36 -6.42
N VAL C 78 -1.98 0.59 -5.58
CA VAL C 78 -2.98 1.20 -4.64
C VAL C 78 -2.28 2.22 -3.76
N ALA C 79 -1.10 1.91 -3.35
CA ALA C 79 -0.29 2.80 -2.50
C ALA C 79 -0.04 4.15 -3.18
N ALA C 80 0.37 4.08 -4.40
CA ALA C 80 0.74 5.30 -5.17
C ALA C 80 -0.47 6.16 -5.59
N LEU C 81 -1.66 5.63 -5.73
CA LEU C 81 -2.80 6.53 -6.15
C LEU C 81 -3.33 7.31 -4.93
N THR C 82 -3.60 6.62 -3.85
CA THR C 82 -4.11 7.31 -2.62
C THR C 82 -3.23 8.52 -2.27
N VAL C 83 -1.94 8.34 -2.28
CA VAL C 83 -1.02 9.49 -1.98
C VAL C 83 -1.23 10.61 -3.02
N ALA C 84 -1.41 10.26 -4.25
CA ALA C 84 -1.62 11.27 -5.32
C ALA C 84 -2.90 12.04 -5.03
N CYS C 85 -3.81 11.45 -4.31
CA CYS C 85 -5.09 12.14 -4.01
C CYS C 85 -4.87 13.25 -2.99
N ASN C 86 -4.19 12.97 -1.92
CA ASN C 86 -3.95 14.03 -0.89
C ASN C 86 -3.15 15.18 -1.50
N ASN C 87 -2.17 14.87 -2.29
CA ASN C 87 -1.34 15.94 -2.93
C ASN C 87 -2.20 16.81 -3.84
N PHE C 88 -3.10 16.21 -4.57
CA PHE C 88 -3.96 17.00 -5.50
C PHE C 88 -5.12 17.62 -4.73
N PHE C 89 -5.33 17.22 -3.51
CA PHE C 89 -6.43 17.80 -2.71
C PHE C 89 -5.98 19.14 -2.15
N TRP C 90 -4.73 19.25 -1.83
CA TRP C 90 -4.21 20.53 -1.26
C TRP C 90 -4.02 21.57 -2.36
N GLU C 91 -3.90 21.17 -3.59
CA GLU C 91 -3.72 22.17 -4.68
C GLU C 91 -4.94 23.11 -4.70
N ASN C 92 -6.11 22.56 -4.50
CA ASN C 92 -7.34 23.40 -4.50
C ASN C 92 -7.51 24.02 -3.11
N SER C 93 -6.64 23.70 -2.20
CA SER C 93 -6.75 24.25 -0.82
C SER C 93 -8.14 23.97 -0.26
N GLY D 1 -18.67 -6.23 -1.81
CA GLY D 1 -18.63 -4.93 -0.99
C GLY D 1 -17.52 -3.97 -1.21
N SER D 2 -17.67 -2.77 -0.69
CA SER D 2 -16.60 -1.74 -0.86
C SER D 2 -15.57 -1.93 0.26
N GLU D 3 -15.32 -3.14 0.65
CA GLU D 3 -14.33 -3.39 1.73
C GLU D 3 -12.95 -2.86 1.33
N LEU D 4 -12.56 -3.03 0.10
CA LEU D 4 -11.22 -2.53 -0.33
C LEU D 4 -11.17 -1.01 -0.12
N GLU D 5 -12.23 -0.32 -0.42
CA GLU D 5 -12.26 1.16 -0.23
C GLU D 5 -12.03 1.47 1.25
N THR D 6 -12.55 0.66 2.11
CA THR D 6 -12.38 0.89 3.57
C THR D 6 -10.89 1.05 3.90
N ALA D 7 -10.07 0.17 3.39
CA ALA D 7 -8.61 0.19 3.68
C ALA D 7 -7.92 1.47 3.17
N MET D 8 -8.39 2.02 2.10
CA MET D 8 -7.72 3.23 1.54
C MET D 8 -7.92 4.42 2.46
N GLU D 9 -9.14 4.66 2.83
CA GLU D 9 -9.44 5.84 3.66
C GLU D 9 -8.85 5.69 5.05
N THR D 10 -8.73 4.48 5.51
CA THR D 10 -8.16 4.28 6.88
C THR D 10 -6.72 4.82 6.90
N LEU D 11 -5.84 4.34 6.07
CA LEU D 11 -4.44 4.88 6.11
C LEU D 11 -4.47 6.40 6.09
N ILE D 12 -5.33 6.98 5.32
CA ILE D 12 -5.41 8.47 5.27
C ILE D 12 -5.93 9.01 6.62
N ASN D 13 -6.66 8.21 7.35
CA ASN D 13 -7.20 8.65 8.68
C ASN D 13 -6.13 8.60 9.79
N VAL D 14 -5.49 7.48 9.95
CA VAL D 14 -4.47 7.32 11.02
C VAL D 14 -3.27 8.24 10.78
N PHE D 15 -2.74 8.25 9.59
CA PHE D 15 -1.57 9.11 9.29
C PHE D 15 -1.93 10.58 9.54
N HIS D 16 -3.08 11.02 9.15
CA HIS D 16 -3.44 12.44 9.40
C HIS D 16 -3.43 12.71 10.92
N ALA D 17 -3.93 11.77 11.68
CA ALA D 17 -4.03 11.94 13.17
C ALA D 17 -2.66 12.14 13.85
N HIS D 18 -1.73 11.25 13.66
CA HIS D 18 -0.40 11.40 14.35
C HIS D 18 0.53 12.35 13.59
N SER D 19 0.55 12.26 12.29
CA SER D 19 1.46 13.11 11.47
C SER D 19 1.30 14.60 11.80
N GLY D 20 0.13 15.04 12.25
CA GLY D 20 -0.06 16.50 12.54
C GLY D 20 -0.05 16.77 14.05
N LYS D 21 0.33 15.81 14.85
CA LYS D 21 0.38 16.03 16.34
C LYS D 21 1.76 15.67 16.86
N GLU D 22 2.05 14.41 16.95
CA GLU D 22 3.38 14.00 17.48
C GLU D 22 4.49 14.46 16.55
N GLY D 23 4.21 15.36 15.65
CA GLY D 23 5.28 15.82 14.73
C GLY D 23 4.81 17.02 13.90
N ASP D 24 5.71 17.55 13.11
CA ASP D 24 5.39 18.76 12.28
C ASP D 24 3.96 18.70 11.75
N LYS D 25 3.47 19.83 11.30
CA LYS D 25 2.06 19.90 10.83
C LYS D 25 1.77 18.84 9.77
N TYR D 26 2.58 18.71 8.75
CA TYR D 26 2.27 17.70 7.68
C TYR D 26 3.50 16.84 7.34
N LYS D 27 4.28 16.44 8.31
CA LYS D 27 5.48 15.57 8.00
C LYS D 27 5.58 14.46 9.06
N LEU D 28 5.99 13.30 8.62
CA LEU D 28 6.11 12.11 9.53
C LEU D 28 7.57 12.01 9.97
N SER D 29 7.85 12.42 11.16
CA SER D 29 9.24 12.32 11.66
C SER D 29 9.53 10.86 11.94
N LYS D 30 10.79 10.48 11.95
CA LYS D 30 11.12 9.06 12.27
C LYS D 30 10.34 8.64 13.53
N LYS D 31 10.10 9.55 14.42
CA LYS D 31 9.34 9.20 15.67
C LYS D 31 7.86 9.06 15.30
N GLU D 32 7.39 9.85 14.37
CA GLU D 32 5.97 9.71 13.96
C GLU D 32 5.81 8.31 13.40
N LEU D 33 6.78 7.86 12.66
CA LEU D 33 6.74 6.49 12.08
C LEU D 33 6.66 5.47 13.20
N LYS D 34 7.51 5.60 14.16
CA LYS D 34 7.55 4.61 15.24
C LYS D 34 6.16 4.41 15.83
N ASP D 35 5.46 5.45 16.10
CA ASP D 35 4.09 5.31 16.69
C ASP D 35 3.09 4.77 15.66
N LEU D 36 3.29 5.01 14.38
CA LEU D 36 2.28 4.50 13.39
C LEU D 36 2.33 2.97 13.33
N LEU D 37 3.48 2.43 13.04
CA LEU D 37 3.62 0.95 12.93
C LEU D 37 3.47 0.29 14.30
N GLN D 38 4.04 0.90 15.30
CA GLN D 38 4.02 0.33 16.69
C GLN D 38 2.62 0.34 17.32
N THR D 39 1.89 1.39 17.12
CA THR D 39 0.56 1.52 17.79
C THR D 39 -0.38 0.38 17.41
N GLU D 40 -0.55 0.11 16.14
CA GLU D 40 -1.52 -0.96 15.74
C GLU D 40 -0.80 -2.28 15.41
N LEU D 41 0.49 -2.26 15.17
CA LEU D 41 1.22 -3.54 14.83
C LEU D 41 2.48 -3.66 15.67
N SER D 42 2.37 -3.51 16.95
CA SER D 42 3.59 -3.64 17.82
C SER D 42 4.15 -5.06 17.75
N SER D 43 3.30 -6.03 17.91
CA SER D 43 3.75 -7.45 17.90
C SER D 43 4.24 -7.90 16.52
N PHE D 44 3.59 -7.50 15.46
CA PHE D 44 4.02 -7.99 14.10
C PHE D 44 5.08 -7.11 13.47
N LEU D 45 4.72 -6.12 12.68
CA LEU D 45 5.74 -5.30 11.93
C LEU D 45 7.02 -5.21 12.80
N ASP D 46 8.25 -5.34 12.35
CA ASP D 46 9.38 -5.23 13.34
C ASP D 46 9.82 -3.76 13.45
N VAL D 47 9.54 -3.11 14.55
CA VAL D 47 9.95 -1.68 14.70
C VAL D 47 10.35 -1.37 16.14
N GLN D 48 9.63 -1.89 17.10
CA GLN D 48 9.94 -1.59 18.53
C GLN D 48 10.85 -2.65 19.15
N LYS D 49 10.71 -3.89 18.77
CA LYS D 49 11.58 -4.94 19.35
C LYS D 49 13.01 -4.76 18.87
N ASP D 50 13.21 -4.17 17.73
CA ASP D 50 14.61 -3.91 17.26
C ASP D 50 14.64 -2.53 16.61
N ALA D 51 14.87 -1.50 17.39
CA ALA D 51 14.91 -0.13 16.83
C ALA D 51 15.85 -0.13 15.64
N ASP D 52 16.77 -1.05 15.62
CA ASP D 52 17.69 -1.16 14.46
C ASP D 52 16.84 -1.43 13.22
N ALA D 53 15.84 -2.24 13.36
CA ALA D 53 15.00 -2.55 12.18
C ALA D 53 14.39 -1.24 11.67
N VAL D 54 13.96 -0.39 12.55
CA VAL D 54 13.36 0.90 12.09
C VAL D 54 14.40 1.69 11.30
N ASP D 55 15.65 1.61 11.66
CA ASP D 55 16.68 2.42 10.95
C ASP D 55 16.89 1.91 9.52
N LYS D 56 16.90 0.62 9.33
CA LYS D 56 17.11 0.04 7.97
C LYS D 56 15.89 0.32 7.08
N ILE D 57 14.74 0.20 7.65
CA ILE D 57 13.48 0.44 6.90
C ILE D 57 13.35 1.92 6.51
N MET D 58 13.42 2.78 7.48
CA MET D 58 13.30 4.23 7.21
C MET D 58 14.42 4.68 6.27
N LYS D 59 15.57 4.09 6.37
CA LYS D 59 16.67 4.50 5.47
C LYS D 59 16.19 4.23 4.03
N GLU D 60 15.53 3.13 3.83
CA GLU D 60 15.03 2.80 2.46
C GLU D 60 13.93 3.79 2.11
N LEU D 61 13.29 4.36 3.10
CA LEU D 61 12.22 5.36 2.82
C LEU D 61 12.84 6.74 2.71
N ASP D 62 13.90 6.97 3.41
CA ASP D 62 14.56 8.30 3.34
C ASP D 62 15.27 8.38 1.99
N GLU D 63 14.57 8.01 0.95
CA GLU D 63 15.18 8.02 -0.39
C GLU D 63 15.63 9.44 -0.72
N ASN D 64 14.83 10.40 -0.37
CA ASN D 64 15.22 11.80 -0.63
C ASN D 64 16.29 12.14 0.39
N GLY D 65 16.28 11.45 1.51
CA GLY D 65 17.28 11.73 2.56
C GLY D 65 16.80 12.94 3.34
N ASP D 66 15.50 13.04 3.59
CA ASP D 66 14.98 14.27 4.30
C ASP D 66 14.82 14.03 5.82
N GLY D 67 14.94 12.80 6.27
CA GLY D 67 14.80 12.52 7.75
C GLY D 67 13.32 12.31 8.14
N GLU D 68 12.40 12.43 7.20
CA GLU D 68 10.97 12.21 7.53
C GLU D 68 10.30 11.48 6.36
N VAL D 69 9.07 11.10 6.52
CA VAL D 69 8.33 10.36 5.46
C VAL D 69 7.03 11.13 5.19
N ASP D 70 6.71 11.42 3.94
CA ASP D 70 5.47 12.22 3.64
C ASP D 70 4.33 11.37 3.08
N PHE D 71 4.60 10.16 2.65
CA PHE D 71 3.51 9.23 2.13
C PHE D 71 4.08 8.23 1.13
N GLN D 72 4.15 8.58 -0.14
CA GLN D 72 4.64 7.63 -1.19
C GLN D 72 5.78 6.77 -0.65
N GLU D 73 6.45 7.26 0.34
CA GLU D 73 7.53 6.47 0.95
C GLU D 73 6.91 5.51 1.96
N PHE D 74 6.06 6.02 2.82
CA PHE D 74 5.38 5.19 3.86
C PHE D 74 4.48 4.11 3.24
N VAL D 75 3.62 4.47 2.32
CA VAL D 75 2.72 3.47 1.70
C VAL D 75 3.54 2.36 1.06
N VAL D 76 4.68 2.69 0.50
CA VAL D 76 5.53 1.63 -0.11
C VAL D 76 5.91 0.60 0.97
N LEU D 77 6.23 1.04 2.16
CA LEU D 77 6.64 0.10 3.26
C LEU D 77 5.50 -0.83 3.69
N VAL D 78 4.35 -0.30 4.01
CA VAL D 78 3.22 -1.16 4.45
C VAL D 78 2.88 -2.14 3.34
N ALA D 79 2.93 -1.66 2.14
CA ALA D 79 2.62 -2.50 0.95
C ALA D 79 3.58 -3.69 0.85
N ALA D 80 4.83 -3.42 1.00
CA ALA D 80 5.88 -4.45 0.84
C ALA D 80 5.94 -5.45 2.00
N LEU D 81 5.50 -5.14 3.20
CA LEU D 81 5.60 -6.17 4.29
C LEU D 81 4.43 -7.16 4.19
N THR D 82 3.22 -6.67 4.07
CA THR D 82 2.03 -7.57 3.93
C THR D 82 2.27 -8.63 2.85
N VAL D 83 2.75 -8.23 1.70
CA VAL D 83 3.05 -9.22 0.62
C VAL D 83 4.09 -10.24 1.11
N ALA D 84 5.07 -9.78 1.81
CA ALA D 84 6.14 -10.70 2.31
C ALA D 84 5.52 -11.72 3.28
N CYS D 85 4.40 -11.38 3.86
CA CYS D 85 3.75 -12.31 4.82
C CYS D 85 3.11 -13.47 4.08
N ASN D 86 2.36 -13.19 3.04
CA ASN D 86 1.70 -14.29 2.28
C ASN D 86 2.77 -15.22 1.67
N ASN D 87 3.83 -14.65 1.15
CA ASN D 87 4.91 -15.47 0.53
C ASN D 87 5.55 -16.38 1.59
N PHE D 88 5.74 -15.88 2.77
CA PHE D 88 6.39 -16.70 3.84
C PHE D 88 5.35 -17.60 4.50
N PHE D 89 4.10 -17.37 4.24
CA PHE D 89 3.04 -18.23 4.83
C PHE D 89 2.95 -19.52 4.04
N TRP D 90 3.17 -19.44 2.76
CA TRP D 90 3.08 -20.65 1.89
C TRP D 90 4.33 -21.52 2.07
N GLU D 91 5.42 -20.96 2.51
CA GLU D 91 6.64 -21.79 2.69
C GLU D 91 6.35 -22.92 3.69
N ASN D 92 5.62 -22.62 4.72
CA ASN D 92 5.29 -23.66 5.73
C ASN D 92 4.07 -24.45 5.24
N SER D 93 3.54 -24.09 4.12
CA SER D 93 2.35 -24.80 3.58
C SER D 93 1.25 -24.84 4.64
N THR A 1 -12.75 11.12 -26.63
CA THR A 1 -13.28 12.51 -26.67
C THR A 1 -12.85 13.26 -25.40
N ARG A 2 -13.69 13.28 -24.40
CA ARG A 2 -13.34 13.99 -23.12
C ARG A 2 -12.86 12.97 -22.08
N THR A 3 -11.74 13.20 -21.46
CA THR A 3 -11.24 12.24 -20.43
C THR A 3 -11.89 12.56 -19.08
N LYS A 4 -12.58 11.61 -18.50
CA LYS A 4 -13.25 11.88 -17.20
C LYS A 4 -12.18 12.14 -16.13
N ILE A 5 -11.22 11.26 -16.01
CA ILE A 5 -10.15 11.44 -14.98
C ILE A 5 -8.81 10.94 -15.56
N ASP A 6 -7.77 11.72 -15.46
CA ASP A 6 -6.43 11.30 -16.00
C ASP A 6 -5.37 11.35 -14.89
N TRP A 7 -5.81 11.55 -13.68
CA TRP A 7 -4.85 11.64 -12.54
C TRP A 7 -4.05 10.32 -12.42
N ASN A 8 -4.72 9.21 -12.44
CA ASN A 8 -3.99 7.91 -12.32
C ASN A 8 -2.78 7.90 -13.24
N LYS A 9 -2.93 8.43 -14.41
CA LYS A 9 -1.80 8.46 -15.34
C LYS A 9 -0.67 9.23 -14.67
N ILE A 10 -1.01 10.09 -13.74
CA ILE A 10 0.05 10.84 -12.99
C ILE A 10 1.06 9.81 -12.52
N LEU A 11 0.57 8.66 -12.16
CA LEU A 11 1.49 7.56 -11.72
C LEU A 11 2.31 7.10 -12.91
N SER A 12 1.68 6.95 -14.05
CA SER A 12 2.43 6.50 -15.26
C SER A 12 3.17 7.69 -15.87
N THR B 1 16.74 -13.48 23.09
CA THR B 1 17.88 -12.93 22.30
C THR B 1 17.64 -11.44 22.03
N ARG B 2 18.59 -10.78 21.43
CA ARG B 2 18.43 -9.33 21.14
C ARG B 2 17.53 -9.14 19.93
N THR B 3 17.21 -10.21 19.24
CA THR B 3 16.32 -10.10 18.03
C THR B 3 15.27 -11.21 18.08
N LYS B 4 14.05 -10.91 17.68
CA LYS B 4 12.96 -11.94 17.71
C LYS B 4 12.41 -12.14 16.29
N ILE B 5 12.25 -11.07 15.54
CA ILE B 5 11.72 -11.19 14.14
C ILE B 5 12.62 -10.37 13.21
N ASP B 6 13.04 -10.93 12.11
CA ASP B 6 13.93 -10.19 11.15
C ASP B 6 13.34 -10.27 9.74
N TRP B 7 12.11 -10.69 9.64
CA TRP B 7 11.47 -10.78 8.30
C TRP B 7 11.44 -9.39 7.65
N ASN B 8 11.03 -8.39 8.37
CA ASN B 8 10.99 -7.02 7.79
C ASN B 8 12.31 -6.73 7.10
N LYS B 9 13.38 -7.17 7.68
CA LYS B 9 14.70 -6.93 7.07
C LYS B 9 14.68 -7.58 5.69
N ILE B 10 13.82 -8.56 5.50
CA ILE B 10 13.69 -9.20 4.15
C ILE B 10 13.54 -8.07 3.15
N LEU B 11 12.88 -7.03 3.57
CA LEU B 11 12.68 -5.86 2.69
C LEU B 11 14.02 -5.15 2.51
N SER B 12 14.80 -5.06 3.56
CA SER B 12 16.12 -4.37 3.44
C SER B 12 16.93 -5.01 2.31
N GLY C 1 -5.59 2.03 18.37
CA GLY C 1 -6.51 1.53 17.25
C GLY C 1 -6.01 0.49 16.31
N SER C 2 -6.80 -0.53 16.08
CA SER C 2 -6.37 -1.62 15.16
C SER C 2 -6.79 -1.30 13.73
N GLU C 3 -7.06 -0.05 13.44
CA GLU C 3 -7.50 0.32 12.07
C GLU C 3 -6.42 -0.07 11.04
N LEU C 4 -5.17 0.13 11.36
CA LEU C 4 -4.12 -0.25 10.36
C LEU C 4 -4.19 -1.75 10.09
N GLU C 5 -4.33 -2.54 11.13
CA GLU C 5 -4.42 -4.01 10.91
C GLU C 5 -5.61 -4.31 10.02
N THR C 6 -6.68 -3.58 10.20
CA THR C 6 -7.91 -3.80 9.39
C THR C 6 -7.58 -3.71 7.90
N ALA C 7 -6.91 -2.65 7.52
CA ALA C 7 -6.55 -2.40 6.09
C ALA C 7 -5.60 -3.47 5.52
N MET C 8 -4.75 -4.02 6.32
CA MET C 8 -3.78 -5.02 5.77
C MET C 8 -4.52 -6.30 5.41
N GLU C 9 -5.34 -6.77 6.29
CA GLU C 9 -6.06 -8.04 6.05
C GLU C 9 -7.10 -7.87 4.95
N THR C 10 -7.57 -6.68 4.75
CA THR C 10 -8.61 -6.47 3.70
C THR C 10 -8.00 -6.69 2.31
N LEU C 11 -6.98 -5.97 1.93
CA LEU C 11 -6.39 -6.17 0.58
C LEU C 11 -6.07 -7.64 0.39
N ILE C 12 -5.57 -8.29 1.40
CA ILE C 12 -5.23 -9.72 1.26
C ILE C 12 -6.48 -10.61 1.04
N ASN C 13 -7.58 -10.36 1.71
CA ASN C 13 -8.78 -11.27 1.53
C ASN C 13 -9.62 -10.94 0.28
N VAL C 14 -9.97 -9.70 0.06
CA VAL C 14 -10.81 -9.36 -1.13
C VAL C 14 -10.04 -9.78 -2.38
N PHE C 15 -8.76 -9.58 -2.35
CA PHE C 15 -7.92 -10.00 -3.51
C PHE C 15 -8.07 -11.51 -3.70
N HIS C 16 -8.16 -12.26 -2.65
CA HIS C 16 -8.32 -13.75 -2.79
C HIS C 16 -9.70 -14.07 -3.43
N ALA C 17 -10.69 -13.27 -3.16
CA ALA C 17 -12.06 -13.54 -3.71
C ALA C 17 -12.08 -13.58 -5.25
N HIS C 18 -11.62 -12.55 -5.90
CA HIS C 18 -11.65 -12.52 -7.40
C HIS C 18 -10.45 -13.29 -7.98
N SER C 19 -9.36 -13.26 -7.30
CA SER C 19 -8.12 -13.91 -7.81
C SER C 19 -8.25 -15.42 -8.04
N GLY C 20 -9.03 -16.15 -7.26
CA GLY C 20 -9.13 -17.65 -7.48
C GLY C 20 -10.54 -18.09 -7.87
N LYS C 21 -11.39 -17.19 -8.28
CA LYS C 21 -12.80 -17.60 -8.68
C LYS C 21 -13.08 -17.08 -10.09
N GLU C 22 -12.09 -16.61 -10.77
CA GLU C 22 -12.31 -16.11 -12.14
C GLU C 22 -10.96 -16.06 -12.84
N GLY C 23 -10.05 -16.91 -12.44
CA GLY C 23 -8.71 -16.89 -13.08
C GLY C 23 -7.73 -17.81 -12.37
N ASP C 24 -6.47 -17.56 -12.52
CA ASP C 24 -5.42 -18.39 -11.87
C ASP C 24 -5.63 -18.39 -10.36
N LYS C 25 -5.37 -19.48 -9.71
CA LYS C 25 -5.63 -19.56 -8.24
C LYS C 25 -4.91 -18.45 -7.46
N TYR C 26 -3.64 -18.23 -7.66
CA TYR C 26 -2.91 -17.17 -6.87
C TYR C 26 -2.34 -16.08 -7.78
N LYS C 27 -2.89 -15.89 -8.96
CA LYS C 27 -2.37 -14.82 -9.88
C LYS C 27 -3.55 -14.01 -10.44
N LEU C 28 -3.34 -12.72 -10.59
CA LEU C 28 -4.41 -11.82 -11.10
C LEU C 28 -4.25 -11.70 -12.62
N SER C 29 -5.12 -12.26 -13.38
CA SER C 29 -5.01 -12.12 -14.85
C SER C 29 -5.39 -10.69 -15.24
N LYS C 30 -4.95 -10.23 -16.38
CA LYS C 30 -5.31 -8.84 -16.81
C LYS C 30 -6.79 -8.57 -16.52
N LYS C 31 -7.64 -9.54 -16.60
CA LYS C 31 -9.09 -9.28 -16.31
C LYS C 31 -9.34 -9.36 -14.80
N GLU C 32 -8.53 -10.09 -14.07
CA GLU C 32 -8.78 -10.17 -12.60
C GLU C 32 -8.45 -8.82 -11.94
N LEU C 33 -7.39 -8.17 -12.36
CA LEU C 33 -7.06 -6.84 -11.75
C LEU C 33 -8.15 -5.84 -12.12
N LYS C 34 -8.60 -5.91 -13.35
CA LYS C 34 -9.63 -4.93 -13.84
C LYS C 34 -10.97 -5.03 -13.10
N ASP C 35 -11.47 -6.21 -12.86
CA ASP C 35 -12.79 -6.36 -12.16
C ASP C 35 -12.66 -6.05 -10.67
N LEU C 36 -11.58 -6.42 -10.08
CA LEU C 36 -11.39 -6.15 -8.63
C LEU C 36 -11.43 -4.64 -8.38
N LEU C 37 -10.67 -3.90 -9.14
CA LEU C 37 -10.63 -2.41 -8.98
C LEU C 37 -11.92 -1.74 -9.48
N GLN C 38 -12.43 -2.22 -10.57
CA GLN C 38 -13.65 -1.63 -11.21
C GLN C 38 -14.92 -1.88 -10.37
N THR C 39 -15.05 -3.06 -9.86
CA THR C 39 -16.30 -3.42 -9.12
C THR C 39 -16.53 -2.52 -7.90
N GLU C 40 -15.54 -2.28 -7.08
CA GLU C 40 -15.78 -1.46 -5.85
C GLU C 40 -15.30 -0.02 -6.03
N LEU C 41 -14.45 0.26 -6.98
CA LEU C 41 -13.97 1.67 -7.18
C LEU C 41 -14.16 2.07 -8.64
N SER C 42 -15.32 1.83 -9.17
CA SER C 42 -15.59 2.19 -10.59
C SER C 42 -15.44 3.70 -10.81
N SER C 43 -15.90 4.50 -9.88
CA SER C 43 -15.83 5.98 -10.05
C SER C 43 -14.43 6.53 -9.72
N PHE C 44 -13.79 6.06 -8.69
CA PHE C 44 -12.45 6.60 -8.34
C PHE C 44 -11.36 5.95 -9.19
N LEU C 45 -10.58 5.05 -8.61
CA LEU C 45 -9.50 4.28 -9.35
C LEU C 45 -9.60 4.53 -10.87
N ASP C 46 -8.61 4.55 -11.68
CA ASP C 46 -8.90 4.67 -13.16
C ASP C 46 -9.04 3.30 -13.80
N VAL C 47 -10.14 3.02 -14.47
CA VAL C 47 -10.27 1.71 -15.15
C VAL C 47 -11.25 1.81 -16.32
N GLN C 48 -12.50 1.56 -16.07
CA GLN C 48 -13.50 1.60 -17.17
C GLN C 48 -13.59 2.99 -17.81
N LYS C 49 -13.61 4.01 -17.02
CA LYS C 49 -13.72 5.39 -17.59
C LYS C 49 -12.55 5.62 -18.53
N ASP C 50 -11.55 4.80 -18.40
CA ASP C 50 -10.36 4.93 -19.29
C ASP C 50 -9.71 3.55 -19.43
N ALA C 51 -10.12 2.79 -20.40
CA ALA C 51 -9.54 1.42 -20.59
C ALA C 51 -8.03 1.54 -20.82
N ASP C 52 -7.63 2.53 -21.56
CA ASP C 52 -6.17 2.74 -21.78
C ASP C 52 -5.51 2.87 -20.43
N ALA C 53 -6.15 3.53 -19.51
CA ALA C 53 -5.52 3.73 -18.18
C ALA C 53 -5.22 2.39 -17.51
N VAL C 54 -6.09 1.42 -17.61
CA VAL C 54 -5.79 0.11 -16.95
C VAL C 54 -4.51 -0.46 -17.56
N ASP C 55 -4.32 -0.27 -18.84
CA ASP C 55 -3.12 -0.83 -19.52
C ASP C 55 -1.84 -0.15 -19.00
N LYS C 56 -1.88 1.14 -18.77
CA LYS C 56 -0.67 1.85 -18.28
C LYS C 56 -0.28 1.35 -16.90
N ILE C 57 -1.26 1.13 -16.06
CA ILE C 57 -1.00 0.65 -14.68
C ILE C 57 -0.48 -0.79 -14.67
N MET C 58 -1.16 -1.69 -15.32
CA MET C 58 -0.73 -3.10 -15.35
C MET C 58 0.65 -3.23 -16.00
N LYS C 59 0.92 -2.43 -16.99
CA LYS C 59 2.25 -2.51 -17.64
C LYS C 59 3.31 -2.24 -16.59
N GLU C 60 3.12 -1.20 -15.82
CA GLU C 60 4.11 -0.88 -14.76
C GLU C 60 4.20 -2.08 -13.83
N LEU C 61 3.19 -2.91 -13.82
CA LEU C 61 3.19 -4.11 -12.93
C LEU C 61 3.70 -5.33 -13.67
N ASP C 62 3.58 -5.38 -14.97
CA ASP C 62 4.09 -6.56 -15.70
C ASP C 62 5.61 -6.47 -15.70
N GLU C 63 6.15 -6.21 -14.54
CA GLU C 63 7.62 -6.06 -14.44
C GLU C 63 8.29 -7.35 -14.88
N ASN C 64 7.75 -8.45 -14.49
CA ASN C 64 8.34 -9.75 -14.91
C ASN C 64 7.93 -9.97 -16.35
N GLY C 65 6.85 -9.33 -16.77
CA GLY C 65 6.37 -9.53 -18.16
C GLY C 65 5.64 -10.87 -18.19
N ASP C 66 4.89 -11.17 -17.15
CA ASP C 66 4.20 -12.52 -17.12
C ASP C 66 2.75 -12.42 -17.64
N GLY C 67 2.24 -11.24 -17.84
CA GLY C 67 0.83 -11.09 -18.35
C GLY C 67 -0.18 -11.04 -17.19
N GLU C 68 0.29 -11.10 -15.96
CA GLU C 68 -0.64 -11.05 -14.79
C GLU C 68 -0.02 -10.18 -13.69
N VAL C 69 -0.76 -9.91 -12.66
CA VAL C 69 -0.24 -9.09 -11.54
C VAL C 69 -0.10 -9.98 -10.31
N ASP C 70 1.04 -9.95 -9.66
CA ASP C 70 1.24 -10.78 -8.44
C ASP C 70 0.95 -9.93 -7.21
N PHE C 71 0.50 -10.53 -6.15
CA PHE C 71 0.16 -9.74 -4.93
C PHE C 71 1.27 -8.73 -4.62
N GLN C 72 2.50 -9.03 -4.93
CA GLN C 72 3.58 -8.05 -4.66
C GLN C 72 3.48 -6.90 -5.67
N GLU C 73 2.90 -7.19 -6.80
CA GLU C 73 2.72 -6.16 -7.85
C GLU C 73 1.46 -5.35 -7.60
N PHE C 74 0.42 -6.00 -7.18
CA PHE C 74 -0.88 -5.31 -6.94
C PHE C 74 -0.79 -4.36 -5.73
N VAL C 75 -0.25 -4.82 -4.64
CA VAL C 75 -0.14 -3.96 -3.44
C VAL C 75 0.69 -2.73 -3.76
N VAL C 76 1.74 -2.88 -4.52
CA VAL C 76 2.55 -1.69 -4.87
C VAL C 76 1.64 -0.66 -5.58
N LEU C 77 0.73 -1.12 -6.39
CA LEU C 77 -0.16 -0.18 -7.16
C LEU C 77 -1.18 0.56 -6.26
N VAL C 78 -1.98 -0.12 -5.50
CA VAL C 78 -2.99 0.60 -4.64
C VAL C 78 -2.28 1.60 -3.75
N ALA C 79 -1.11 1.26 -3.32
CA ALA C 79 -0.31 2.18 -2.46
C ALA C 79 0.13 3.39 -3.29
N ALA C 80 0.48 3.18 -4.53
CA ALA C 80 0.97 4.28 -5.38
C ALA C 80 -0.14 5.21 -5.92
N LEU C 81 -1.38 4.76 -6.05
CA LEU C 81 -2.44 5.70 -6.56
C LEU C 81 -3.03 6.51 -5.40
N THR C 82 -3.27 5.90 -4.27
CA THR C 82 -3.80 6.65 -3.10
C THR C 82 -2.86 7.82 -2.76
N VAL C 83 -1.57 7.59 -2.78
CA VAL C 83 -0.59 8.69 -2.51
C VAL C 83 -0.78 9.80 -3.54
N ALA C 84 -1.00 9.42 -4.77
CA ALA C 84 -1.19 10.43 -5.84
C ALA C 84 -2.42 11.28 -5.51
N CYS C 85 -3.34 10.72 -4.77
CA CYS C 85 -4.56 11.47 -4.39
C CYS C 85 -4.20 12.57 -3.39
N ASN C 86 -3.33 12.31 -2.47
CA ASN C 86 -2.94 13.35 -1.49
C ASN C 86 -2.34 14.55 -2.23
N ASN C 87 -1.54 14.28 -3.22
CA ASN C 87 -0.93 15.39 -4.01
C ASN C 87 -2.03 16.21 -4.68
N PHE C 88 -3.03 15.55 -5.18
CA PHE C 88 -4.15 16.26 -5.88
C PHE C 88 -5.22 16.67 -4.86
N PHE C 89 -5.03 16.36 -3.61
CA PHE C 89 -6.04 16.75 -2.59
C PHE C 89 -5.77 18.18 -2.13
N TRP C 90 -4.52 18.55 -2.02
CA TRP C 90 -4.16 19.92 -1.55
C TRP C 90 -4.06 20.90 -2.72
N GLU C 91 -4.23 20.45 -3.94
CA GLU C 91 -4.11 21.41 -5.08
C GLU C 91 -5.17 22.50 -4.92
N ASN C 92 -6.35 22.14 -4.50
CA ASN C 92 -7.42 23.18 -4.30
C ASN C 92 -7.36 23.67 -2.86
N SER C 93 -6.30 24.32 -2.50
CA SER C 93 -6.18 24.82 -1.10
C SER C 93 -7.32 25.80 -0.80
N GLY D 1 -18.41 -5.12 -2.83
CA GLY D 1 -17.87 -4.65 -1.48
C GLY D 1 -17.00 -3.43 -1.41
N SER D 2 -17.28 -2.55 -0.49
CA SER D 2 -16.46 -1.30 -0.39
C SER D 2 -15.28 -1.53 0.56
N GLU D 3 -14.91 -2.76 0.77
CA GLU D 3 -13.78 -3.04 1.70
C GLU D 3 -12.50 -2.36 1.19
N LEU D 4 -12.25 -2.37 -0.09
CA LEU D 4 -11.02 -1.71 -0.58
C LEU D 4 -11.07 -0.21 -0.24
N GLU D 5 -12.19 0.41 -0.44
CA GLU D 5 -12.29 1.86 -0.11
C GLU D 5 -12.02 2.04 1.38
N THR D 6 -12.47 1.12 2.18
CA THR D 6 -12.26 1.21 3.65
C THR D 6 -10.77 1.36 3.96
N ALA D 7 -9.97 0.49 3.39
CA ALA D 7 -8.50 0.48 3.64
C ALA D 7 -7.80 1.74 3.13
N MET D 8 -8.28 2.34 2.09
CA MET D 8 -7.59 3.56 1.57
C MET D 8 -7.77 4.72 2.53
N GLU D 9 -8.97 4.93 2.96
CA GLU D 9 -9.27 6.08 3.85
C GLU D 9 -8.64 5.86 5.22
N THR D 10 -8.44 4.63 5.60
CA THR D 10 -7.86 4.37 6.94
C THR D 10 -6.40 4.85 6.99
N LEU D 11 -5.55 4.36 6.15
CA LEU D 11 -4.13 4.82 6.19
C LEU D 11 -4.09 6.33 6.15
N ILE D 12 -4.92 6.93 5.36
CA ILE D 12 -4.91 8.41 5.27
C ILE D 12 -5.36 9.09 6.59
N ASN D 13 -6.36 8.58 7.28
CA ASN D 13 -6.83 9.27 8.53
C ASN D 13 -5.97 8.95 9.78
N VAL D 14 -5.68 7.70 10.05
CA VAL D 14 -4.87 7.37 11.26
C VAL D 14 -3.52 8.05 11.13
N PHE D 15 -3.01 8.07 9.95
CA PHE D 15 -1.71 8.76 9.71
C PHE D 15 -1.87 10.25 10.10
N HIS D 16 -2.99 10.84 9.83
CA HIS D 16 -3.19 12.27 10.21
C HIS D 16 -3.21 12.43 11.74
N ALA D 17 -3.70 11.44 12.45
CA ALA D 17 -3.79 11.53 13.94
C ALA D 17 -2.41 11.74 14.61
N HIS D 18 -1.47 10.89 14.34
CA HIS D 18 -0.11 11.02 14.97
C HIS D 18 0.76 12.05 14.23
N SER D 19 0.57 12.14 12.95
CA SER D 19 1.40 13.05 12.10
C SER D 19 1.29 14.53 12.51
N GLY D 20 0.15 15.02 12.97
CA GLY D 20 0.04 16.48 13.31
C GLY D 20 -0.24 16.72 14.80
N LYS D 21 -0.05 15.74 15.64
CA LYS D 21 -0.30 15.93 17.12
C LYS D 21 0.94 15.53 17.91
N GLU D 22 2.03 15.34 17.23
CA GLU D 22 3.28 14.96 17.95
C GLU D 22 4.44 15.24 17.01
N GLY D 23 4.29 16.18 16.12
CA GLY D 23 5.40 16.47 15.18
C GLY D 23 4.97 17.47 14.10
N ASP D 24 5.66 17.45 12.99
CA ASP D 24 5.33 18.38 11.87
C ASP D 24 3.88 18.16 11.44
N LYS D 25 3.20 19.21 11.06
CA LYS D 25 1.76 19.06 10.70
C LYS D 25 1.54 18.02 9.59
N TYR D 26 2.26 18.06 8.49
CA TYR D 26 2.02 17.05 7.39
C TYR D 26 3.26 16.18 7.14
N LYS D 27 4.14 16.04 8.10
CA LYS D 27 5.35 15.18 7.89
C LYS D 27 5.55 14.25 9.09
N LEU D 28 5.98 13.05 8.82
CA LEU D 28 6.19 12.04 9.89
C LEU D 28 7.65 12.13 10.37
N SER D 29 7.89 12.61 11.54
CA SER D 29 9.29 12.66 12.02
C SER D 29 9.74 11.25 12.36
N LYS D 30 11.03 11.00 12.39
CA LYS D 30 11.53 9.63 12.74
C LYS D 30 10.73 9.06 13.92
N LYS D 31 10.30 9.89 14.83
CA LYS D 31 9.52 9.33 15.99
C LYS D 31 8.04 9.19 15.60
N GLU D 32 7.56 9.96 14.66
CA GLU D 32 6.12 9.83 14.28
C GLU D 32 5.90 8.49 13.55
N LEU D 33 6.80 8.09 12.70
CA LEU D 33 6.63 6.78 12.00
C LEU D 33 6.70 5.65 13.02
N LYS D 34 7.61 5.79 13.95
CA LYS D 34 7.84 4.71 14.96
C LYS D 34 6.63 4.49 15.88
N ASP D 35 6.00 5.51 16.36
CA ASP D 35 4.83 5.35 17.28
C ASP D 35 3.59 4.89 16.52
N LEU D 36 3.41 5.38 15.33
CA LEU D 36 2.23 4.99 14.52
C LEU D 36 2.25 3.47 14.28
N LEU D 37 3.37 2.97 13.84
CA LEU D 37 3.51 1.50 13.57
C LEU D 37 3.57 0.68 14.86
N GLN D 38 4.27 1.18 15.83
CA GLN D 38 4.47 0.46 17.13
C GLN D 38 3.17 0.38 17.95
N THR D 39 2.45 1.46 17.99
CA THR D 39 1.23 1.51 18.85
C THR D 39 0.21 0.44 18.46
N GLU D 40 -0.11 0.29 17.19
CA GLU D 40 -1.17 -0.69 16.81
C GLU D 40 -0.56 -2.00 16.29
N LEU D 41 0.68 -2.01 15.88
CA LEU D 41 1.29 -3.28 15.37
C LEU D 41 2.61 -3.54 16.09
N SER D 42 2.60 -3.44 17.39
CA SER D 42 3.84 -3.68 18.19
C SER D 42 4.36 -5.10 17.97
N SER D 43 3.47 -6.07 17.92
CA SER D 43 3.92 -7.49 17.75
C SER D 43 4.27 -7.82 16.29
N PHE D 44 3.51 -7.35 15.35
CA PHE D 44 3.82 -7.70 13.92
C PHE D 44 4.89 -6.79 13.31
N LEU D 45 4.50 -5.71 12.67
CA LEU D 45 5.49 -4.82 11.95
C LEU D 45 6.83 -4.84 12.71
N ASP D 46 7.97 -4.61 12.13
CA ASP D 46 9.20 -4.63 12.96
C ASP D 46 9.50 -3.24 13.51
N VAL D 47 9.62 -3.09 14.79
CA VAL D 47 9.95 -1.74 15.33
C VAL D 47 10.64 -1.88 16.69
N GLN D 48 9.88 -1.88 17.75
CA GLN D 48 10.47 -1.98 19.11
C GLN D 48 11.28 -3.28 19.29
N LYS D 49 10.74 -4.37 18.87
CA LYS D 49 11.45 -5.67 19.04
C LYS D 49 12.79 -5.58 18.34
N ASP D 50 12.93 -4.62 17.48
CA ASP D 50 14.22 -4.44 16.77
C ASP D 50 14.35 -2.96 16.39
N ALA D 51 14.94 -2.17 17.25
CA ALA D 51 15.09 -0.71 16.96
C ALA D 51 15.91 -0.54 15.69
N ASP D 52 16.91 -1.35 15.50
CA ASP D 52 17.73 -1.27 14.26
C ASP D 52 16.78 -1.44 13.08
N ALA D 53 15.83 -2.30 13.21
CA ALA D 53 14.91 -2.55 12.07
C ALA D 53 14.19 -1.25 11.68
N VAL D 54 13.75 -0.45 12.61
CA VAL D 54 13.05 0.81 12.21
C VAL D 54 14.00 1.66 11.38
N ASP D 55 15.26 1.65 11.71
CA ASP D 55 16.24 2.49 10.97
C ASP D 55 16.39 1.99 9.53
N LYS D 56 16.41 0.70 9.32
CA LYS D 56 16.57 0.16 7.94
C LYS D 56 15.38 0.55 7.07
N ILE D 57 14.21 0.51 7.64
CA ILE D 57 12.96 0.86 6.89
C ILE D 57 12.91 2.37 6.57
N MET D 58 13.07 3.19 7.57
CA MET D 58 13.02 4.66 7.35
C MET D 58 14.12 5.10 6.39
N LYS D 59 15.26 4.48 6.45
CA LYS D 59 16.36 4.87 5.54
C LYS D 59 15.88 4.67 4.10
N GLU D 60 15.30 3.53 3.84
CA GLU D 60 14.78 3.26 2.47
C GLU D 60 13.74 4.34 2.14
N LEU D 61 13.21 4.98 3.15
CA LEU D 61 12.20 6.05 2.92
C LEU D 61 12.84 7.43 2.91
N ASP D 62 13.95 7.59 3.55
CA ASP D 62 14.61 8.92 3.53
C ASP D 62 15.21 9.10 2.15
N GLU D 63 14.44 8.80 1.15
CA GLU D 63 14.95 8.90 -0.24
C GLU D 63 15.38 10.33 -0.52
N ASN D 64 14.61 11.28 -0.06
CA ASN D 64 15.00 12.69 -0.28
C ASN D 64 16.11 13.00 0.73
N GLY D 65 16.17 12.24 1.79
CA GLY D 65 17.20 12.51 2.83
C GLY D 65 16.71 13.69 3.65
N ASP D 66 15.42 13.75 3.93
CA ASP D 66 14.88 14.93 4.69
C ASP D 66 14.81 14.64 6.20
N GLY D 67 14.99 13.41 6.61
CA GLY D 67 14.93 13.09 8.09
C GLY D 67 13.48 12.73 8.51
N GLU D 68 12.55 12.71 7.58
CA GLU D 68 11.15 12.38 7.94
C GLU D 68 10.55 11.51 6.82
N VAL D 69 9.37 11.00 7.02
CA VAL D 69 8.70 10.15 6.01
C VAL D 69 7.49 10.91 5.46
N ASP D 70 7.37 11.00 4.17
CA ASP D 70 6.20 11.71 3.58
C ASP D 70 5.12 10.68 3.24
N PHE D 71 3.88 11.07 3.26
CA PHE D 71 2.78 10.10 2.96
C PHE D 71 3.12 9.26 1.73
N GLN D 72 3.83 9.81 0.79
CA GLN D 72 4.18 9.01 -0.42
C GLN D 72 5.26 7.98 -0.03
N GLU D 73 6.00 8.30 0.99
CA GLU D 73 7.07 7.39 1.46
C GLU D 73 6.48 6.33 2.41
N PHE D 74 5.58 6.74 3.25
CA PHE D 74 4.98 5.81 4.24
C PHE D 74 4.09 4.76 3.56
N VAL D 75 3.24 5.18 2.67
CA VAL D 75 2.34 4.22 1.97
C VAL D 75 3.18 3.20 1.21
N VAL D 76 4.25 3.63 0.60
CA VAL D 76 5.09 2.64 -0.12
C VAL D 76 5.56 1.56 0.87
N LEU D 77 5.85 1.93 2.09
CA LEU D 77 6.36 0.96 3.11
C LEU D 77 5.29 -0.05 3.56
N VAL D 78 4.16 0.39 4.06
CA VAL D 78 3.12 -0.59 4.53
C VAL D 78 2.77 -1.55 3.40
N ALA D 79 2.78 -1.06 2.20
CA ALA D 79 2.49 -1.92 1.02
C ALA D 79 3.62 -2.94 0.84
N ALA D 80 4.84 -2.52 1.06
CA ALA D 80 5.99 -3.42 0.84
C ALA D 80 6.20 -4.46 1.97
N LEU D 81 5.75 -4.23 3.18
CA LEU D 81 5.97 -5.28 4.25
C LEU D 81 4.83 -6.30 4.20
N THR D 82 3.62 -5.88 4.02
CA THR D 82 2.48 -6.84 3.94
C THR D 82 2.75 -7.86 2.81
N VAL D 83 3.23 -7.39 1.68
CA VAL D 83 3.56 -8.34 0.56
C VAL D 83 4.62 -9.33 1.03
N ALA D 84 5.58 -8.86 1.78
CA ALA D 84 6.65 -9.76 2.29
C ALA D 84 6.01 -10.84 3.16
N CYS D 85 4.90 -10.54 3.74
CA CYS D 85 4.21 -11.53 4.62
C CYS D 85 3.65 -12.66 3.75
N ASN D 86 3.10 -12.35 2.61
CA ASN D 86 2.54 -13.42 1.73
C ASN D 86 3.67 -14.39 1.37
N ASN D 87 4.84 -13.88 1.07
CA ASN D 87 5.98 -14.77 0.72
C ASN D 87 6.30 -15.69 1.90
N PHE D 88 6.24 -15.16 3.10
CA PHE D 88 6.56 -15.97 4.31
C PHE D 88 5.29 -16.69 4.81
N PHE D 89 4.17 -16.49 4.15
CA PHE D 89 2.93 -17.17 4.60
C PHE D 89 2.88 -18.56 4.00
N TRP D 90 3.34 -18.72 2.79
CA TRP D 90 3.30 -20.05 2.13
C TRP D 90 4.57 -20.85 2.40
N GLU D 91 5.53 -20.31 3.10
CA GLU D 91 6.76 -21.09 3.37
C GLU D 91 6.40 -22.37 4.12
N ASN D 92 5.50 -22.27 5.06
CA ASN D 92 5.09 -23.49 5.83
C ASN D 92 3.89 -24.13 5.12
N SER D 93 4.08 -24.62 3.93
CA SER D 93 2.96 -25.25 3.19
C SER D 93 2.42 -26.44 3.99
#